data_8SAR
#
_entry.id   8SAR
#
_cell.length_a   1.00
_cell.length_b   1.00
_cell.length_c   1.00
_cell.angle_alpha   90.00
_cell.angle_beta   90.00
_cell.angle_gamma   90.00
#
_symmetry.space_group_name_H-M   'P 1'
#
loop_
_entity.id
_entity.type
_entity.pdbx_description
1 polymer 'CH848.10.17 gp120'
2 polymer 'CH848.10.17 gp41'
3 polymer 'DH270.6 variable heavy chain'
4 polymer 'DH270.6 variable light chain'
5 branched alpha-D-mannopyranose-(1-2)-alpha-D-mannopyranose-(1-3)-beta-D-mannopyranose-(1-4)-2-acetamido-2-deoxy-beta-D-glucopyranose-(1-4)-2-acetamido-2-deoxy-beta-D-glucopyranose
6 branched alpha-D-mannopyranose-(1-2)-alpha-D-mannopyranose-(1-2)-alpha-D-mannopyranose-(1-3)-[alpha-D-mannopyranose-(1-2)-alpha-D-mannopyranose-(1-3)-[alpha-D-mannopyranose-(1-2)-alpha-D-mannopyranose-(1-6)]alpha-D-mannopyranose-(1-6)]beta-D-mannopyranose-(1-4)-2-acetamido-2-deoxy-beta-D-glucopyranose-(1-4)-2-acetamido-2-deoxy-beta-D-glucopyranose
7 branched 2-acetamido-2-deoxy-beta-D-glucopyranose-(1-4)-2-acetamido-2-deoxy-beta-D-glucopyranose
8 branched beta-D-mannopyranose-(1-4)-2-acetamido-2-deoxy-beta-D-glucopyranose-(1-4)-2-acetamido-2-deoxy-beta-D-glucopyranose
9 branched alpha-D-mannopyranose-(1-2)-alpha-D-mannopyranose-(1-2)-alpha-D-mannopyranose-(1-3)-[alpha-D-mannopyranose-(1-2)-alpha-D-mannopyranose-(1-6)-[alpha-D-mannopyranose-(1-3)]alpha-D-mannopyranose-(1-6)]beta-D-mannopyranose-(1-4)-2-acetamido-2-deoxy-beta-D-glucopyranose-(1-4)-2-acetamido-2-deoxy-beta-D-glucopyranose
10 non-polymer 2-acetamido-2-deoxy-beta-D-glucopyranose
#
loop_
_entity_poly.entity_id
_entity_poly.type
_entity_poly.pdbx_seq_one_letter_code
_entity_poly.pdbx_strand_id
1 'polypeptide(L)'
;AENLWVTVYYGVPVWKEAKTTLFCASDARAYEKEVHNVWATHACVPTDPSPQELVLGNVTENFNMWKNDMVDQMHEDIIS
LWDQSLKPCVKLTPLCVTLICSNATVKNGTVEEMKNCSFNTTTEIRDKEKKEYALFYKPDIVPLSETNNTSEYRLINCNT
SACTQACPKVTFEPIPIHYCAPAGYAILKCNDETFNGTGPCSNVSTVQCTHGIRPVVSTQLLLNGSLAEKEIVIRSENLT
NNAKIIIVHLHTPVEIVCTRPNNNTRKSVRIGPGQTFYATGDIIGDIKQAHCNISEEKWNDTLQKVGIELQKHFPNKTIK
YNQSAGGDMEITTHSFNCGGEFFYCNTSNLFNGTYNGTYISTNSSANSTSTITLQCRIKQIINMWQGVGRCMYAPPIAGN
ITCRSNITGLLLTRDGGTNSNETETFRPAGGDMRDNWRSELYKYKVVKIEPLGVAPTRCKRRV
;
A,F,K
2 'polypeptide(L)'
;AVGIGAVFLGFLGAAGSTMGAASMTLTVQARNLLSGTVWGIKQLQARVLAVERYLRDQQLLGIWGCSGKLICCTNVPWNS
SWSNRNLSEIWDNMTWLQWDKEISNYTQIIYGLLEESQNQQEKNEQDLLALD
;
B,G,L
3 'polypeptide(L)'
;QVQLVQSGAQMKNPGASVKVSCAPSGYTFTDFYIHWLRQAPGQGLQWMGWMNPQTGRTNTARNFQGRVTMTRDTSIGTAY
MELRSLTSDDTAIYYCTTGGWISLYYDSSYYPNFDHWGQGTLLTVSS
;
C,H,M
4 'polypeptide(L)'
;QSALTQPASVSGSPGQSITISCTGTKYDVGSHDLVSWYQQYPGKVPKYMIYEVNKRPSGVSNRFSGSKSGNTASLTISGL
RAEDEADYYCCSFGGSATVVCGGGTKVTVL
;
D,I,N
#
loop_
_chem_comp.id
_chem_comp.type
_chem_comp.name
_chem_comp.formula
BMA D-saccharide, beta linking beta-D-mannopyranose 'C6 H12 O6'
MAN D-saccharide, alpha linking alpha-D-mannopyranose 'C6 H12 O6'
NAG D-saccharide, beta linking 2-acetamido-2-deoxy-beta-D-glucopyranose 'C8 H15 N O6'
#
# COMPACT_ATOMS: atom_id res chain seq x y z
N GLU A 2 30.00 12.05 62.90
CA GLU A 2 29.08 11.21 62.17
C GLU A 2 29.63 10.85 60.79
N ASN A 3 29.05 9.81 60.19
CA ASN A 3 29.38 9.44 58.82
C ASN A 3 28.47 10.18 57.85
N LEU A 4 28.47 9.75 56.59
CA LEU A 4 27.52 10.26 55.61
C LEU A 4 26.63 9.12 55.15
N TRP A 5 25.45 9.47 54.64
CA TRP A 5 24.48 8.47 54.22
C TRP A 5 23.95 8.81 52.83
N VAL A 6 23.63 7.75 52.08
CA VAL A 6 23.25 7.89 50.68
C VAL A 6 21.87 8.54 50.59
N THR A 7 21.68 9.41 49.61
CA THR A 7 20.43 10.13 49.42
C THR A 7 20.19 10.30 47.92
N VAL A 8 18.97 10.01 47.48
CA VAL A 8 18.62 10.14 46.07
C VAL A 8 17.97 11.49 45.82
N TYR A 9 18.15 11.99 44.61
CA TYR A 9 17.57 13.24 44.15
C TYR A 9 16.92 13.00 42.80
N TYR A 10 15.70 13.48 42.63
CA TYR A 10 14.98 13.30 41.39
C TYR A 10 14.78 14.66 40.73
N GLY A 11 14.98 14.71 39.41
CA GLY A 11 14.95 15.97 38.69
C GLY A 11 16.30 16.62 38.55
N VAL A 12 17.37 15.84 38.44
CA VAL A 12 18.73 16.34 38.45
C VAL A 12 19.18 16.68 37.03
N PRO A 13 19.85 17.83 36.81
CA PRO A 13 20.35 18.13 35.46
C PRO A 13 21.60 17.35 35.07
N VAL A 14 21.41 16.13 34.58
CA VAL A 14 22.51 15.29 34.12
C VAL A 14 22.21 14.84 32.70
N TRP A 15 23.16 15.06 31.80
CA TRP A 15 22.99 14.76 30.39
C TRP A 15 23.75 13.52 29.98
N LYS A 16 23.24 12.84 28.95
CA LYS A 16 23.93 11.77 28.25
C LYS A 16 23.77 12.00 26.75
N GLU A 17 24.64 11.40 25.95
CA GLU A 17 24.54 11.53 24.51
C GLU A 17 24.04 10.22 23.90
N ALA A 18 22.96 10.30 23.12
CA ALA A 18 22.40 9.10 22.52
C ALA A 18 21.62 9.48 21.27
N LYS A 19 21.39 8.48 20.42
CA LYS A 19 20.55 8.66 19.25
C LYS A 19 19.08 8.65 19.66
N THR A 20 18.26 9.39 18.92
CA THR A 20 16.86 9.52 19.27
C THR A 20 16.04 9.84 18.02
N THR A 21 14.72 9.70 18.15
CA THR A 21 13.82 10.01 17.07
C THR A 21 13.10 11.34 17.34
N LEU A 22 13.26 12.28 16.39
CA LEU A 22 12.78 13.63 16.56
C LEU A 22 11.65 13.90 15.59
N PHE A 23 10.85 14.92 15.88
CA PHE A 23 9.72 15.27 15.02
C PHE A 23 9.84 16.70 14.49
N CYS A 24 9.04 16.98 13.47
CA CYS A 24 9.05 18.24 12.76
C CYS A 24 7.88 19.11 13.21
N ALA A 25 8.12 20.40 13.28
CA ALA A 25 7.09 21.42 13.46
C ALA A 25 7.19 22.40 12.31
N SER A 26 6.05 22.91 11.87
CA SER A 26 6.01 23.87 10.78
C SER A 26 5.50 25.20 11.30
N ASP A 27 5.76 26.26 10.55
CA ASP A 27 5.25 27.58 10.86
C ASP A 27 3.73 27.56 10.79
N ALA A 28 3.08 28.23 11.75
CA ALA A 28 1.64 28.07 11.94
C ALA A 28 0.83 28.65 10.79
N ARG A 29 1.37 29.67 10.11
CA ARG A 29 0.68 30.25 8.97
C ARG A 29 0.57 29.27 7.81
N ALA A 30 1.52 28.33 7.71
CA ALA A 30 1.44 27.27 6.72
C ALA A 30 0.33 26.26 7.03
N TYR A 31 -0.27 26.32 8.22
CA TYR A 31 -1.47 25.54 8.49
C TYR A 31 -2.73 26.20 7.95
N GLU A 32 -2.63 27.40 7.35
CA GLU A 32 -3.74 27.92 6.57
C GLU A 32 -3.96 27.12 5.29
N LYS A 33 -2.92 26.46 4.80
CA LYS A 33 -3.00 25.73 3.54
C LYS A 33 -3.76 24.42 3.72
N GLU A 34 -4.19 23.86 2.60
CA GLU A 34 -5.14 22.74 2.59
C GLU A 34 -4.46 21.44 3.00
N VAL A 35 -5.28 20.45 3.34
CA VAL A 35 -4.76 19.13 3.65
C VAL A 35 -4.34 18.44 2.38
N HIS A 36 -3.33 17.56 2.48
CA HIS A 36 -2.66 16.87 1.37
C HIS A 36 -2.09 17.84 0.33
N ASN A 37 -1.69 19.04 0.75
CA ASN A 37 -1.07 20.01 -0.14
C ASN A 37 0.45 19.98 0.04
N VAL A 38 0.90 20.41 1.22
CA VAL A 38 2.33 20.59 1.50
C VAL A 38 2.54 19.88 2.84
N TRP A 39 3.80 19.60 3.19
CA TRP A 39 4.16 18.76 4.33
C TRP A 39 3.71 19.30 5.67
N ALA A 40 3.32 20.58 5.72
CA ALA A 40 3.09 21.29 6.99
C ALA A 40 1.92 20.70 7.77
N THR A 41 0.72 20.72 7.19
CA THR A 41 -0.41 20.10 7.86
C THR A 41 -0.55 18.62 7.51
N HIS A 42 0.22 18.14 6.53
CA HIS A 42 0.14 16.75 6.12
C HIS A 42 0.83 15.83 7.12
N ALA A 43 1.98 16.24 7.65
CA ALA A 43 2.77 15.35 8.50
C ALA A 43 3.16 15.98 9.83
N CYS A 44 3.49 17.27 9.83
CA CYS A 44 4.12 17.88 11.00
C CYS A 44 3.06 18.29 12.03
N VAL A 45 3.49 19.10 13.00
CA VAL A 45 2.68 19.57 14.12
C VAL A 45 2.68 21.10 14.03
N PRO A 46 1.62 21.80 14.46
CA PRO A 46 1.73 23.26 14.57
C PRO A 46 2.72 23.66 15.67
N THR A 47 3.51 24.68 15.39
CA THR A 47 4.43 25.16 16.40
C THR A 47 3.79 26.28 17.21
N ASP A 48 4.41 26.58 18.34
CA ASP A 48 4.02 27.70 19.19
C ASP A 48 5.24 28.12 19.99
N PRO A 49 5.80 29.30 19.74
CA PRO A 49 7.04 29.70 20.43
C PRO A 49 6.84 30.18 21.86
N SER A 50 6.07 29.45 22.67
CA SER A 50 6.06 29.69 24.11
C SER A 50 7.30 29.14 24.82
N PRO A 51 7.81 27.87 24.56
CA PRO A 51 9.12 27.53 25.11
C PRO A 51 10.27 28.13 24.31
N GLN A 52 10.63 29.36 24.65
CA GLN A 52 11.69 30.08 23.96
C GLN A 52 13.06 29.49 24.30
N GLU A 53 14.10 30.15 23.79
CA GLU A 53 15.47 29.83 24.16
C GLU A 53 15.69 30.14 25.63
N LEU A 54 16.46 29.30 26.31
CA LEU A 54 16.89 29.57 27.67
C LEU A 54 18.40 29.44 27.74
N VAL A 55 19.09 30.52 28.10
CA VAL A 55 20.54 30.50 28.21
C VAL A 55 20.95 29.67 29.42
N LEU A 56 22.16 29.13 29.39
CA LEU A 56 22.70 28.38 30.51
C LEU A 56 23.91 29.10 31.07
N GLY A 57 24.33 28.73 32.26
CA GLY A 57 25.34 29.47 32.98
C GLY A 57 26.73 28.92 32.82
N ASN A 58 27.21 28.19 33.83
CA ASN A 58 28.59 27.74 33.90
C ASN A 58 28.79 26.41 33.18
N VAL A 59 27.94 26.07 32.22
CA VAL A 59 28.03 24.80 31.52
C VAL A 59 29.19 24.83 30.54
N THR A 60 29.58 23.64 30.07
CA THR A 60 30.66 23.51 29.08
C THR A 60 30.45 22.18 28.35
N GLU A 61 30.26 22.25 27.04
CA GLU A 61 29.93 21.07 26.26
C GLU A 61 30.73 21.07 24.97
N ASN A 62 31.18 19.88 24.56
CA ASN A 62 31.98 19.69 23.37
C ASN A 62 31.06 19.26 22.22
N PHE A 63 31.08 20.02 21.14
CA PHE A 63 30.30 19.72 19.95
C PHE A 63 31.17 19.07 18.88
N ASN A 64 30.50 18.38 17.96
CA ASN A 64 31.14 17.69 16.84
C ASN A 64 30.16 17.72 15.68
N MET A 65 30.54 18.33 14.56
CA MET A 65 29.57 18.55 13.49
C MET A 65 29.45 17.32 12.60
N TRP A 66 30.57 16.71 12.23
CA TRP A 66 30.56 15.61 11.30
C TRP A 66 30.17 14.28 11.92
N LYS A 67 30.03 14.22 13.24
CA LYS A 67 29.50 13.03 13.90
C LYS A 67 28.04 13.20 14.29
N ASN A 68 27.38 14.23 13.79
CA ASN A 68 26.03 14.54 14.24
C ASN A 68 25.02 13.60 13.59
N ASP A 69 24.10 13.07 14.40
CA ASP A 69 23.12 12.11 13.89
C ASP A 69 21.86 12.82 13.42
N MET A 70 21.74 14.11 13.70
CA MET A 70 20.57 14.88 13.29
C MET A 70 20.43 14.96 11.77
N VAL A 71 21.53 15.21 11.06
CA VAL A 71 21.47 15.27 9.61
C VAL A 71 21.26 13.89 9.00
N ASP A 72 21.82 12.85 9.64
CA ASP A 72 21.67 11.50 9.15
C ASP A 72 20.26 10.96 9.37
N GLN A 73 19.52 11.55 10.31
CA GLN A 73 18.09 11.26 10.46
C GLN A 73 17.24 12.17 9.58
N MET A 74 17.69 13.39 9.33
CA MET A 74 16.98 14.32 8.45
C MET A 74 16.96 13.82 7.01
N HIS A 75 18.07 13.21 6.56
CA HIS A 75 18.14 12.70 5.20
C HIS A 75 17.15 11.56 4.97
N GLU A 76 17.03 10.66 5.95
CA GLU A 76 16.05 9.58 5.85
C GLU A 76 14.62 10.09 6.00
N ASP A 77 14.40 11.11 6.84
CA ASP A 77 13.07 11.71 6.94
C ASP A 77 12.64 12.34 5.61
N ILE A 78 13.58 13.05 4.96
CA ILE A 78 13.30 13.69 3.67
C ILE A 78 13.04 12.63 2.59
N ILE A 79 13.86 11.58 2.57
CA ILE A 79 13.72 10.57 1.52
C ILE A 79 12.40 9.79 1.69
N SER A 80 11.98 9.53 2.94
CA SER A 80 10.73 8.81 3.14
C SER A 80 9.51 9.67 2.87
N LEU A 81 9.52 10.94 3.30
CA LEU A 81 8.38 11.82 3.04
C LEU A 81 8.25 12.12 1.56
N TRP A 82 9.37 12.28 0.87
CA TRP A 82 9.31 12.62 -0.54
C TRP A 82 9.00 11.39 -1.39
N ASP A 83 9.31 10.20 -0.89
CA ASP A 83 8.84 8.98 -1.54
C ASP A 83 7.34 8.79 -1.33
N GLN A 84 6.84 9.18 -0.15
CA GLN A 84 5.42 9.05 0.11
C GLN A 84 4.60 10.04 -0.72
N SER A 85 5.15 11.22 -1.00
CA SER A 85 4.37 12.27 -1.67
C SER A 85 4.11 12.00 -3.16
N LEU A 86 4.75 11.00 -3.76
CA LEU A 86 4.56 10.74 -5.19
C LEU A 86 3.56 9.65 -5.50
N LYS A 87 2.95 9.04 -4.48
CA LYS A 87 2.10 7.86 -4.71
C LYS A 87 0.78 8.12 -5.47
N PRO A 88 -0.04 9.14 -5.19
CA PRO A 88 -1.31 9.26 -5.95
C PRO A 88 -1.13 9.73 -7.39
N CYS A 89 0.05 10.20 -7.78
CA CYS A 89 0.25 10.76 -9.10
C CYS A 89 0.31 9.67 -10.17
N VAL A 90 0.34 10.13 -11.43
CA VAL A 90 0.36 9.22 -12.56
C VAL A 90 1.71 8.53 -12.64
N LYS A 91 1.71 7.24 -12.98
CA LYS A 91 2.93 6.45 -13.02
C LYS A 91 3.53 6.43 -14.43
N LEU A 92 3.09 7.37 -15.28
CA LEU A 92 3.30 7.35 -16.73
C LEU A 92 2.94 5.96 -17.28
N THR A 93 3.90 5.34 -18.01
CA THR A 93 4.12 4.00 -18.60
C THR A 93 3.77 3.92 -20.10
N PRO A 94 2.60 4.38 -20.61
CA PRO A 94 2.43 4.33 -22.07
C PRO A 94 3.24 5.35 -22.84
N LEU A 95 3.96 6.25 -22.15
CA LEU A 95 4.73 7.27 -22.82
C LEU A 95 6.11 6.77 -23.25
N CYS A 96 6.45 5.51 -22.95
CA CYS A 96 7.73 4.91 -23.33
C CYS A 96 7.81 4.51 -24.79
N VAL A 97 6.89 4.97 -25.65
CA VAL A 97 6.82 4.56 -27.04
C VAL A 97 7.97 5.14 -27.86
N THR A 98 8.14 4.64 -29.08
CA THR A 98 9.11 5.19 -30.00
C THR A 98 8.69 6.59 -30.42
N LEU A 99 9.58 7.55 -30.24
CA LEU A 99 9.30 8.92 -30.63
C LEU A 99 9.91 9.21 -32.00
N ILE A 100 9.17 9.95 -32.82
CA ILE A 100 9.64 10.41 -34.12
C ILE A 100 9.84 11.91 -34.02
N CYS A 101 11.10 12.34 -34.10
CA CYS A 101 11.45 13.73 -33.85
C CYS A 101 12.01 14.35 -35.12
N SER A 102 11.40 15.44 -35.55
CA SER A 102 11.79 16.16 -36.74
C SER A 102 12.71 17.33 -36.37
N ASN A 103 12.94 18.21 -37.35
CA ASN A 103 13.65 19.46 -37.10
C ASN A 103 12.85 20.37 -36.18
N ALA A 104 13.56 21.27 -35.49
CA ALA A 104 12.97 22.10 -34.45
C ALA A 104 12.51 23.45 -35.02
N THR A 105 11.53 23.37 -35.92
CA THR A 105 11.00 24.55 -36.61
C THR A 105 9.90 25.17 -35.75
N VAL A 106 10.29 26.03 -34.82
CA VAL A 106 9.32 26.63 -33.91
C VAL A 106 8.53 27.75 -34.60
N LYS A 107 9.21 28.70 -35.26
CA LYS A 107 8.60 29.77 -36.04
C LYS A 107 9.49 30.00 -37.28
N ASN A 108 9.91 28.88 -37.89
CA ASN A 108 11.05 28.69 -38.79
C ASN A 108 12.38 28.95 -38.05
N GLY A 109 13.47 28.42 -38.57
CA GLY A 109 14.68 28.43 -37.80
C GLY A 109 14.70 27.21 -36.89
N THR A 110 15.72 27.14 -36.05
CA THR A 110 15.93 26.01 -35.16
C THR A 110 16.12 26.48 -33.74
N VAL A 111 15.33 25.93 -32.82
CA VAL A 111 15.60 26.07 -31.38
C VAL A 111 16.55 24.93 -31.02
N GLU A 112 17.67 25.29 -30.40
CA GLU A 112 18.78 24.36 -30.28
C GLU A 112 18.59 23.41 -29.11
N GLU A 113 17.65 23.71 -28.21
CA GLU A 113 17.47 22.88 -27.03
C GLU A 113 16.23 22.00 -27.11
N MET A 114 15.21 22.40 -27.85
CA MET A 114 13.90 21.75 -27.79
C MET A 114 13.63 21.00 -29.09
N LYS A 115 13.45 19.69 -28.99
CA LYS A 115 13.09 18.89 -30.15
C LYS A 115 11.58 18.67 -30.22
N ASN A 116 11.03 18.85 -31.41
CA ASN A 116 9.61 18.60 -31.68
C ASN A 116 9.43 17.13 -32.04
N CYS A 117 8.71 16.38 -31.21
CA CYS A 117 8.53 14.97 -31.39
C CYS A 117 7.04 14.65 -31.41
N SER A 118 6.68 13.58 -32.12
CA SER A 118 5.31 13.11 -32.18
C SER A 118 5.27 11.61 -31.93
N PHE A 119 4.21 11.17 -31.26
CA PHE A 119 4.13 9.80 -30.80
C PHE A 119 2.69 9.34 -30.74
N ASN A 120 2.50 8.03 -30.78
CA ASN A 120 1.17 7.44 -30.73
C ASN A 120 0.76 7.21 -29.28
N THR A 121 -0.36 7.80 -28.89
CA THR A 121 -0.91 7.72 -27.55
C THR A 121 -2.05 6.72 -27.53
N THR A 122 -1.93 5.71 -26.68
CA THR A 122 -3.06 4.84 -26.36
C THR A 122 -4.04 5.65 -25.53
N THR A 123 -5.18 5.98 -26.12
CA THR A 123 -6.12 6.89 -25.48
C THR A 123 -6.87 6.19 -24.37
N GLU A 124 -7.82 6.93 -23.76
CA GLU A 124 -8.55 6.42 -22.62
C GLU A 124 -9.55 5.33 -23.00
N ILE A 125 -9.84 5.19 -24.29
CA ILE A 125 -10.75 4.16 -24.78
C ILE A 125 -9.99 2.89 -25.14
N ARG A 126 -8.68 3.04 -25.40
CA ARG A 126 -7.62 2.04 -25.60
C ARG A 126 -7.69 1.38 -26.98
N ASP A 127 -8.79 1.59 -27.72
CA ASP A 127 -8.88 1.07 -29.07
C ASP A 127 -9.06 2.17 -30.11
N LYS A 128 -8.78 3.42 -29.73
CA LYS A 128 -8.82 4.57 -30.62
C LYS A 128 -7.58 5.42 -30.44
N GLU A 129 -6.41 4.77 -30.46
CA GLU A 129 -5.13 5.43 -30.23
C GLU A 129 -4.85 6.47 -31.30
N LYS A 130 -4.26 7.59 -30.89
CA LYS A 130 -4.17 8.75 -31.76
C LYS A 130 -2.78 9.36 -31.73
N LYS A 131 -2.45 10.13 -32.77
CA LYS A 131 -1.18 10.82 -32.82
C LYS A 131 -1.22 12.07 -31.94
N GLU A 132 -0.10 12.33 -31.26
CA GLU A 132 0.04 13.55 -30.48
C GLU A 132 1.45 14.07 -30.69
N TYR A 133 1.67 15.35 -30.36
CA TYR A 133 2.98 15.96 -30.50
C TYR A 133 3.32 16.77 -29.26
N ALA A 134 4.61 16.81 -28.94
CA ALA A 134 5.11 17.55 -27.78
C ALA A 134 6.55 17.95 -28.04
N LEU A 135 7.01 18.95 -27.28
CA LEU A 135 8.38 19.41 -27.36
C LEU A 135 9.15 18.96 -26.12
N PHE A 136 10.32 18.37 -26.33
CA PHE A 136 11.12 17.84 -25.24
C PHE A 136 12.50 18.47 -25.22
N TYR A 137 13.14 18.41 -24.06
CA TYR A 137 14.54 18.82 -23.94
C TYR A 137 15.46 17.66 -24.32
N LYS A 138 16.53 18.00 -25.02
CA LYS A 138 17.53 17.04 -25.50
C LYS A 138 18.28 16.24 -24.42
N PRO A 139 18.43 16.72 -23.18
CA PRO A 139 18.80 15.76 -22.11
C PRO A 139 17.77 14.67 -21.84
N ASP A 140 16.49 14.88 -22.15
CA ASP A 140 15.50 13.84 -21.91
C ASP A 140 15.30 12.91 -23.11
N ILE A 141 16.01 13.15 -24.21
CA ILE A 141 15.80 12.42 -25.45
C ILE A 141 17.07 11.68 -25.83
N VAL A 142 16.93 10.37 -26.06
CA VAL A 142 18.05 9.52 -26.46
C VAL A 142 17.74 8.96 -27.85
N PRO A 143 18.73 8.82 -28.73
CA PRO A 143 18.52 8.00 -29.94
C PRO A 143 18.18 6.57 -29.58
N LEU A 144 17.30 5.97 -30.38
CA LEU A 144 16.68 4.70 -30.01
C LEU A 144 17.66 3.54 -30.12
N SER A 145 18.43 3.48 -31.20
CA SER A 145 19.32 2.36 -31.41
C SER A 145 20.61 2.85 -32.07
N GLU A 146 21.68 2.09 -31.85
CA GLU A 146 22.94 2.36 -32.53
C GLU A 146 22.89 1.90 -33.99
N THR A 147 21.96 1.01 -34.33
CA THR A 147 21.69 0.69 -35.73
C THR A 147 21.09 1.89 -36.42
N ASN A 148 21.43 2.09 -37.70
CA ASN A 148 21.21 3.36 -38.35
C ASN A 148 19.74 3.55 -38.73
N ASN A 149 19.04 4.33 -37.90
CA ASN A 149 17.76 4.94 -38.25
C ASN A 149 17.61 6.21 -37.43
N THR A 150 18.00 7.35 -38.00
CA THR A 150 18.33 8.53 -37.19
C THR A 150 17.11 9.33 -36.76
N SER A 151 15.94 9.12 -37.35
CA SER A 151 14.75 9.89 -36.99
C SER A 151 13.87 9.16 -36.00
N GLU A 152 14.45 8.30 -35.15
CA GLU A 152 13.71 7.48 -34.21
C GLU A 152 14.31 7.67 -32.83
N TYR A 153 13.50 8.08 -31.86
CA TYR A 153 14.03 8.49 -30.56
C TYR A 153 13.21 7.87 -29.44
N ARG A 154 13.73 8.03 -28.22
CA ARG A 154 13.17 7.45 -27.02
C ARG A 154 13.37 8.41 -25.86
N LEU A 155 12.55 8.25 -24.82
CA LEU A 155 12.83 8.91 -23.55
C LEU A 155 14.05 8.27 -22.91
N ILE A 156 14.73 9.02 -22.04
CA ILE A 156 15.94 8.52 -21.40
C ILE A 156 15.60 7.42 -20.40
N ASN A 157 14.35 7.35 -19.96
CA ASN A 157 13.88 6.34 -19.04
C ASN A 157 13.56 5.03 -19.75
N CYS A 158 12.81 4.17 -19.05
CA CYS A 158 12.18 2.94 -19.50
C CYS A 158 13.19 1.82 -19.75
N ASN A 159 14.48 2.13 -19.77
CA ASN A 159 15.51 1.11 -19.75
C ASN A 159 16.10 0.93 -18.37
N THR A 160 15.75 1.80 -17.44
CA THR A 160 16.19 1.71 -16.06
C THR A 160 15.04 1.66 -15.08
N SER A 161 13.99 2.47 -15.29
CA SER A 161 12.84 2.46 -14.38
C SER A 161 11.60 2.97 -15.10
N ALA A 162 10.45 2.55 -14.58
CA ALA A 162 9.16 3.06 -15.03
C ALA A 162 8.92 4.36 -14.29
N CYS A 163 8.77 5.45 -15.02
CA CYS A 163 9.11 6.74 -14.46
C CYS A 163 7.84 7.50 -14.09
N THR A 164 7.94 8.62 -13.37
CA THR A 164 6.73 9.25 -12.81
C THR A 164 6.75 10.77 -12.91
N GLN A 165 5.54 11.32 -13.02
CA GLN A 165 5.31 12.76 -13.03
C GLN A 165 4.85 13.23 -11.67
N ALA A 166 5.44 14.31 -11.16
CA ALA A 166 4.98 14.91 -9.91
C ALA A 166 3.63 15.61 -10.13
N CYS A 167 2.77 15.55 -9.11
CA CYS A 167 1.44 16.13 -9.19
C CYS A 167 1.52 17.66 -9.22
N PRO A 168 0.90 18.34 -10.18
CA PRO A 168 0.98 19.80 -10.23
C PRO A 168 -0.05 20.49 -9.34
N LYS A 169 -0.18 20.04 -8.10
CA LYS A 169 -0.90 20.81 -7.08
C LYS A 169 -0.23 20.71 -5.72
N VAL A 170 0.84 19.92 -5.60
CA VAL A 170 1.80 20.09 -4.51
C VAL A 170 2.83 21.07 -5.04
N THR A 171 3.59 21.69 -4.16
CA THR A 171 4.60 22.64 -4.63
C THR A 171 5.95 22.22 -4.11
N PHE A 172 6.98 22.87 -4.65
CA PHE A 172 8.37 22.60 -4.29
C PHE A 172 8.95 23.68 -3.39
N GLU A 173 8.09 24.45 -2.73
CA GLU A 173 8.53 25.57 -1.91
C GLU A 173 9.26 25.07 -0.67
N PRO A 174 10.45 25.59 -0.37
CA PRO A 174 11.20 25.17 0.82
C PRO A 174 10.62 25.75 2.11
N ILE A 175 9.62 25.07 2.65
CA ILE A 175 8.98 25.45 3.90
C ILE A 175 9.97 25.32 5.05
N PRO A 176 10.12 26.36 5.89
CA PRO A 176 11.02 26.26 7.05
C PRO A 176 10.47 25.26 8.06
N ILE A 177 11.29 24.27 8.38
CA ILE A 177 10.90 23.14 9.20
C ILE A 177 11.77 23.12 10.45
N HIS A 178 11.14 23.14 11.62
CA HIS A 178 11.82 23.10 12.90
C HIS A 178 11.88 21.65 13.36
N TYR A 179 13.01 21.24 13.93
CA TYR A 179 13.06 19.95 14.63
C TYR A 179 12.99 20.15 16.14
N CYS A 180 12.13 19.36 16.78
CA CYS A 180 11.83 19.56 18.18
C CYS A 180 12.17 18.28 18.94
N ALA A 181 12.45 18.45 20.23
CA ALA A 181 12.82 17.30 21.06
C ALA A 181 11.59 16.63 21.62
N PRO A 182 11.56 15.30 21.73
CA PRO A 182 10.40 14.62 22.32
C PRO A 182 10.38 14.74 23.84
N ALA A 183 9.47 14.00 24.48
CA ALA A 183 9.40 13.98 25.94
C ALA A 183 10.68 13.39 26.54
N GLY A 184 11.18 14.06 27.57
CA GLY A 184 12.39 13.60 28.23
C GLY A 184 13.67 13.84 27.46
N TYR A 185 13.74 14.91 26.69
CA TYR A 185 14.92 15.23 25.90
C TYR A 185 15.04 16.74 25.78
N ALA A 186 16.20 17.20 25.34
CA ALA A 186 16.40 18.62 25.14
C ALA A 186 17.44 18.84 24.04
N ILE A 187 17.43 20.04 23.47
CA ILE A 187 18.33 20.43 22.39
C ILE A 187 19.26 21.52 22.90
N LEU A 188 20.56 21.25 22.86
CA LEU A 188 21.59 22.23 23.17
C LEU A 188 22.02 22.94 21.90
N LYS A 189 22.17 24.26 22.00
CA LYS A 189 22.58 25.12 20.90
C LYS A 189 23.80 25.93 21.33
N CYS A 190 24.82 25.94 20.50
CA CYS A 190 26.04 26.68 20.79
C CYS A 190 25.95 28.09 20.22
N ASN A 191 26.04 29.09 21.09
CA ASN A 191 25.93 30.48 20.67
C ASN A 191 27.27 31.12 20.33
N ASP A 192 28.37 30.37 20.41
CA ASP A 192 29.65 30.88 19.97
C ASP A 192 29.70 30.90 18.45
N GLU A 193 29.85 32.10 17.87
CA GLU A 193 30.02 32.21 16.43
C GLU A 193 31.44 31.88 16.00
N THR A 194 32.37 31.80 16.94
CA THR A 194 33.77 31.47 16.65
C THR A 194 34.01 29.96 16.61
N PHE A 195 32.96 29.16 16.68
CA PHE A 195 33.03 27.70 16.68
C PHE A 195 33.55 27.18 15.34
N ASN A 196 34.66 26.45 15.37
CA ASN A 196 35.34 26.03 14.13
C ASN A 196 35.19 24.55 13.83
N GLY A 197 34.09 23.93 14.25
CA GLY A 197 33.72 22.61 13.79
C GLY A 197 33.73 21.52 14.85
N THR A 198 34.76 21.49 15.69
CA THR A 198 34.84 20.53 16.79
C THR A 198 35.27 21.28 18.05
N GLY A 199 34.91 20.73 19.20
CA GLY A 199 35.50 21.19 20.44
C GLY A 199 34.53 21.89 21.37
N PRO A 200 35.06 22.60 22.37
CA PRO A 200 34.20 23.17 23.41
C PRO A 200 33.40 24.37 22.93
N CYS A 201 32.26 24.59 23.59
CA CYS A 201 31.46 25.79 23.43
C CYS A 201 31.02 26.27 24.80
N SER A 202 31.12 27.57 25.03
CA SER A 202 30.81 28.15 26.33
C SER A 202 29.44 28.81 26.38
N ASN A 203 29.12 29.69 25.43
CA ASN A 203 27.79 30.28 25.37
C ASN A 203 26.82 29.24 24.84
N VAL A 204 26.09 28.59 25.74
CA VAL A 204 25.23 27.46 25.41
C VAL A 204 23.81 27.79 25.87
N SER A 205 22.85 27.56 24.98
CA SER A 205 21.45 27.67 25.37
C SER A 205 20.75 26.34 25.13
N THR A 206 19.56 26.21 25.70
CA THR A 206 18.69 25.09 25.42
C THR A 206 17.42 25.59 24.75
N VAL A 207 16.93 24.81 23.78
CA VAL A 207 15.74 25.15 23.01
C VAL A 207 14.83 23.95 22.96
N GLN A 208 13.54 24.19 22.75
CA GLN A 208 12.60 23.09 22.59
C GLN A 208 12.33 22.78 21.12
N CYS A 209 12.56 23.75 20.24
CA CYS A 209 12.47 23.55 18.79
C CYS A 209 13.61 24.34 18.15
N THR A 210 14.15 23.80 17.05
CA THR A 210 15.32 24.41 16.44
C THR A 210 14.95 25.60 15.57
N HIS A 211 15.99 26.20 14.98
CA HIS A 211 15.81 27.21 13.95
C HIS A 211 15.17 26.57 12.73
N GLY A 212 14.36 27.35 12.00
CA GLY A 212 13.73 26.89 10.78
C GLY A 212 14.70 26.49 9.70
N ILE A 213 14.70 25.21 9.37
CA ILE A 213 15.63 24.67 8.39
C ILE A 213 14.98 24.72 7.01
N ARG A 214 15.69 25.26 6.03
CA ARG A 214 15.20 25.27 4.66
C ARG A 214 15.84 24.12 3.92
N PRO A 215 15.11 23.06 3.59
CA PRO A 215 15.69 21.89 2.92
C PRO A 215 15.88 22.08 1.42
N VAL A 216 16.72 23.05 1.05
CA VAL A 216 16.96 23.34 -0.36
C VAL A 216 18.04 22.41 -0.88
N VAL A 217 17.73 21.67 -1.95
CA VAL A 217 18.72 20.81 -2.58
C VAL A 217 19.53 21.61 -3.57
N SER A 218 20.84 21.64 -3.38
CA SER A 218 21.71 22.45 -4.23
C SER A 218 23.09 21.83 -4.29
N THR A 219 23.82 22.17 -5.35
CA THR A 219 25.20 21.74 -5.54
C THR A 219 26.02 22.95 -5.95
N GLN A 220 27.27 23.00 -5.44
CA GLN A 220 28.33 23.97 -5.72
C GLN A 220 28.07 25.36 -5.13
N LEU A 221 26.87 25.58 -4.60
CA LEU A 221 26.48 26.81 -3.93
C LEU A 221 25.36 26.47 -2.96
N LEU A 222 25.21 27.28 -1.93
CA LEU A 222 24.12 27.11 -0.98
C LEU A 222 23.16 28.27 -1.11
N LEU A 223 21.87 27.96 -1.26
CA LEU A 223 20.80 28.92 -1.43
C LEU A 223 20.37 29.51 -0.10
N ASN A 224 19.12 30.02 -0.05
CA ASN A 224 18.52 30.60 1.15
C ASN A 224 18.78 29.80 2.42
N GLY A 225 19.41 30.47 3.38
CA GLY A 225 19.79 29.83 4.62
C GLY A 225 20.34 30.88 5.56
N SER A 226 20.76 30.40 6.73
CA SER A 226 21.25 31.29 7.78
C SER A 226 22.61 31.88 7.39
N LEU A 227 22.95 32.97 8.04
CA LEU A 227 24.19 33.70 7.78
C LEU A 227 25.10 33.60 8.99
N ALA A 228 26.40 33.56 8.73
CA ALA A 228 27.37 33.56 9.83
C ALA A 228 27.36 34.90 10.56
N GLU A 229 27.59 34.84 11.86
CA GLU A 229 27.37 35.99 12.72
C GLU A 229 28.53 36.98 12.75
N LYS A 230 29.76 36.55 12.44
CA LYS A 230 30.87 37.49 12.46
C LYS A 230 31.61 37.60 11.13
N GLU A 231 32.02 36.47 10.56
CA GLU A 231 32.85 36.50 9.36
C GLU A 231 32.70 35.17 8.62
N ILE A 232 33.47 35.03 7.55
CA ILE A 232 33.47 33.81 6.74
C ILE A 232 34.14 32.70 7.53
N VAL A 233 33.46 31.55 7.62
CA VAL A 233 33.90 30.44 8.46
C VAL A 233 34.25 29.27 7.56
N ILE A 234 35.42 28.68 7.78
CA ILE A 234 35.84 27.49 7.06
C ILE A 234 35.62 26.27 7.95
N ARG A 235 34.95 25.25 7.40
CA ARG A 235 34.66 24.03 8.15
C ARG A 235 35.14 22.84 7.35
N SER A 236 36.10 22.09 7.90
CA SER A 236 36.51 20.82 7.32
C SER A 236 36.93 19.90 8.45
N GLU A 237 36.51 18.64 8.36
CA GLU A 237 36.76 17.69 9.44
C GLU A 237 38.26 17.40 9.57
N ASN A 238 38.93 17.21 8.44
CA ASN A 238 40.38 17.30 8.38
C ASN A 238 40.66 18.25 7.22
N LEU A 239 41.16 19.46 7.55
CA LEU A 239 41.43 20.45 6.52
C LEU A 239 42.55 20.01 5.59
N THR A 240 43.50 19.23 6.11
CA THR A 240 44.60 18.73 5.31
C THR A 240 44.16 17.67 4.31
N ASN A 241 43.02 17.03 4.54
CA ASN A 241 42.55 15.93 3.69
C ASN A 241 41.98 16.51 2.41
N ASN A 242 42.55 16.12 1.27
CA ASN A 242 42.10 16.64 -0.02
C ASN A 242 40.80 16.03 -0.49
N ALA A 243 40.40 14.89 0.05
CA ALA A 243 39.17 14.24 -0.39
C ALA A 243 37.95 14.71 0.40
N LYS A 244 38.15 15.57 1.39
CA LYS A 244 37.08 15.97 2.31
C LYS A 244 36.49 17.29 1.85
N ILE A 245 35.16 17.36 1.80
CA ILE A 245 34.46 18.54 1.29
C ILE A 245 34.55 19.65 2.33
N ILE A 246 35.13 20.78 1.94
CA ILE A 246 35.43 21.86 2.88
C ILE A 246 34.36 22.94 2.66
N ILE A 247 33.49 23.09 3.66
CA ILE A 247 32.34 23.98 3.54
C ILE A 247 32.75 25.39 3.96
N VAL A 248 32.24 26.38 3.22
CA VAL A 248 32.52 27.79 3.50
C VAL A 248 31.20 28.48 3.80
N HIS A 249 31.13 29.14 4.95
CA HIS A 249 29.94 29.87 5.37
C HIS A 249 30.23 31.36 5.30
N LEU A 250 29.28 32.13 4.79
CA LEU A 250 29.50 33.54 4.52
C LEU A 250 28.84 34.44 5.56
N HIS A 251 29.43 35.61 5.76
CA HIS A 251 28.82 36.69 6.54
C HIS A 251 28.03 37.61 5.63
N THR A 252 28.68 38.17 4.62
CA THR A 252 28.00 39.05 3.70
C THR A 252 27.32 38.23 2.61
N PRO A 253 26.00 38.33 2.46
CA PRO A 253 25.31 37.51 1.47
C PRO A 253 25.51 38.05 0.07
N VAL A 254 25.33 37.17 -0.91
CA VAL A 254 25.34 37.57 -2.32
C VAL A 254 23.92 37.47 -2.82
N GLU A 255 23.53 38.36 -3.73
CA GLU A 255 22.19 38.30 -4.31
C GLU A 255 22.26 37.77 -5.74
N ILE A 256 21.53 36.69 -5.99
CA ILE A 256 21.44 36.08 -7.31
C ILE A 256 20.00 36.18 -7.78
N VAL A 257 19.81 36.51 -9.05
CA VAL A 257 18.46 36.63 -9.61
C VAL A 257 18.51 36.18 -11.07
N CYS A 258 17.60 35.26 -11.42
CA CYS A 258 17.55 34.77 -12.79
C CYS A 258 16.18 34.21 -13.12
N THR A 259 16.11 33.58 -14.29
CA THR A 259 14.85 33.35 -14.95
C THR A 259 15.01 32.33 -16.05
N ARG A 260 13.88 31.99 -16.67
CA ARG A 260 13.81 31.31 -17.95
C ARG A 260 13.09 32.26 -18.90
N PRO A 261 13.81 33.05 -19.69
CA PRO A 261 13.18 34.08 -20.52
C PRO A 261 12.61 33.56 -21.83
N ASN A 262 11.84 32.48 -21.75
CA ASN A 262 11.27 31.84 -22.93
C ASN A 262 9.80 31.58 -22.63
N ASN A 263 8.92 32.22 -23.39
CA ASN A 263 7.49 32.19 -23.08
C ASN A 263 6.89 30.84 -23.46
N ASN A 264 6.97 29.93 -22.49
CA ASN A 264 6.51 28.56 -22.70
C ASN A 264 4.99 28.47 -22.61
N THR A 265 4.44 27.35 -23.06
CA THR A 265 3.01 27.07 -23.02
C THR A 265 2.77 25.62 -22.61
N ARG A 266 1.78 25.39 -21.77
CA ARG A 266 1.49 24.05 -21.29
C ARG A 266 0.49 23.35 -22.22
N LYS A 267 0.77 22.09 -22.53
CA LYS A 267 -0.12 21.24 -23.30
C LYS A 267 -0.59 20.08 -22.43
N SER A 268 -1.85 19.68 -22.59
CA SER A 268 -2.43 18.58 -21.84
C SER A 268 -2.75 17.41 -22.76
N VAL A 269 -2.24 16.23 -22.42
CA VAL A 269 -2.54 15.00 -23.12
C VAL A 269 -3.22 14.07 -22.12
N ARG A 270 -4.16 13.26 -22.59
CA ARG A 270 -4.75 12.23 -21.75
C ARG A 270 -4.07 10.90 -22.01
N ILE A 271 -3.50 10.31 -20.95
CA ILE A 271 -2.75 9.06 -21.05
C ILE A 271 -3.54 8.04 -20.25
N GLY A 272 -4.29 7.18 -20.94
CA GLY A 272 -5.09 6.16 -20.29
C GLY A 272 -6.33 6.73 -19.64
N PRO A 273 -7.01 5.91 -18.83
CA PRO A 273 -8.28 6.35 -18.23
C PRO A 273 -8.07 7.36 -17.11
N GLY A 274 -8.78 8.48 -17.20
CA GLY A 274 -8.81 9.45 -16.12
C GLY A 274 -7.58 10.34 -15.99
N GLN A 275 -6.43 9.72 -15.72
CA GLN A 275 -5.21 10.46 -15.45
C GLN A 275 -4.67 11.14 -16.70
N THR A 276 -4.04 12.29 -16.52
CA THR A 276 -3.53 13.10 -17.62
C THR A 276 -2.03 13.29 -17.48
N PHE A 277 -1.46 13.95 -18.46
CA PHE A 277 -0.03 14.24 -18.52
C PHE A 277 0.17 15.62 -19.14
N TYR A 278 1.15 16.36 -18.63
CA TYR A 278 1.40 17.73 -19.06
C TYR A 278 2.75 17.82 -19.74
N ALA A 279 2.79 18.49 -20.89
CA ALA A 279 4.01 18.59 -21.67
C ALA A 279 4.17 20.02 -22.18
N THR A 280 5.27 20.24 -22.89
CA THR A 280 5.57 21.55 -23.45
C THR A 280 5.06 21.61 -24.88
N GLY A 281 4.16 22.55 -25.15
CA GLY A 281 3.60 22.70 -26.48
C GLY A 281 4.37 23.68 -27.32
N ILE A 283 6.17 27.28 -28.33
CA ILE A 283 6.94 28.33 -27.67
C ILE A 283 6.64 29.63 -28.38
N ILE A 284 6.01 30.56 -27.68
CA ILE A 284 5.54 31.81 -28.26
C ILE A 284 6.62 32.87 -28.11
N GLY A 285 6.87 33.61 -29.18
CA GLY A 285 7.89 34.64 -29.16
C GLY A 285 9.24 34.10 -29.58
N ASP A 286 10.23 34.96 -29.47
CA ASP A 286 11.59 34.62 -29.86
C ASP A 286 12.25 33.71 -28.83
N ILE A 287 13.29 33.01 -29.26
CA ILE A 287 14.00 32.07 -28.39
C ILE A 287 15.13 32.80 -27.69
N LYS A 288 15.20 32.66 -26.36
CA LYS A 288 16.24 33.28 -25.56
C LYS A 288 16.88 32.23 -24.68
N GLN A 289 18.10 32.53 -24.24
CA GLN A 289 18.91 31.57 -23.50
C GLN A 289 18.65 31.66 -22.00
N ALA A 290 18.47 30.51 -21.36
CA ALA A 290 18.40 30.44 -19.91
C ALA A 290 19.78 30.76 -19.33
N HIS A 291 19.81 31.62 -18.32
CA HIS A 291 21.07 32.15 -17.80
C HIS A 291 20.85 32.59 -16.36
N CYS A 292 21.96 32.77 -15.64
CA CYS A 292 21.89 33.38 -14.31
C CYS A 292 22.99 34.42 -14.10
N ASN A 293 22.69 35.38 -13.22
CA ASN A 293 23.46 36.60 -13.07
C ASN A 293 23.97 36.77 -11.65
N ILE A 294 25.23 37.15 -11.51
CA ILE A 294 25.81 37.55 -10.22
C ILE A 294 26.59 38.84 -10.45
N SER A 295 26.42 39.82 -9.57
CA SER A 295 27.20 41.05 -9.67
C SER A 295 28.69 40.75 -9.46
N GLU A 296 29.53 41.33 -10.33
CA GLU A 296 30.92 40.89 -10.45
C GLU A 296 31.76 41.35 -9.27
N GLU A 297 31.58 42.59 -8.82
CA GLU A 297 32.42 43.14 -7.77
C GLU A 297 32.16 42.46 -6.43
N LYS A 298 30.89 42.12 -6.16
CA LYS A 298 30.56 41.41 -4.93
C LYS A 298 31.13 40.00 -4.95
N TRP A 299 31.13 39.35 -6.11
CA TRP A 299 31.69 38.00 -6.21
C TRP A 299 33.20 38.02 -6.04
N ASN A 300 33.88 39.01 -6.63
CA ASN A 300 35.33 39.11 -6.45
C ASN A 300 35.69 39.47 -5.02
N ASP A 301 34.90 40.33 -4.38
CA ASP A 301 35.09 40.65 -2.96
C ASP A 301 34.90 39.43 -2.08
N THR A 302 33.87 38.63 -2.38
CA THR A 302 33.58 37.42 -1.61
C THR A 302 34.71 36.40 -1.75
N LEU A 303 35.21 36.21 -2.98
CA LEU A 303 36.27 35.23 -3.16
C LEU A 303 37.59 35.71 -2.59
N GLN A 304 37.83 37.04 -2.57
CA GLN A 304 39.02 37.54 -1.90
C GLN A 304 38.93 37.37 -0.38
N LYS A 305 37.74 37.54 0.20
CA LYS A 305 37.60 37.32 1.64
C LYS A 305 37.70 35.83 1.99
N VAL A 306 37.21 34.96 1.10
CA VAL A 306 37.41 33.51 1.27
C VAL A 306 38.89 33.17 1.18
N GLY A 307 39.62 33.87 0.29
CA GLY A 307 41.06 33.70 0.23
C GLY A 307 41.76 34.17 1.49
N ILE A 308 41.25 35.24 2.11
CA ILE A 308 41.79 35.71 3.39
C ILE A 308 41.60 34.65 4.47
N GLU A 309 40.39 34.06 4.52
CA GLU A 309 40.13 33.03 5.54
C GLU A 309 40.89 31.74 5.23
N LEU A 310 41.18 31.47 3.96
CA LEU A 310 42.04 30.35 3.61
C LEU A 310 43.48 30.64 4.01
N GLN A 311 43.93 31.89 3.92
CA GLN A 311 45.24 32.28 4.39
C GLN A 311 45.33 32.30 5.92
N LYS A 312 44.20 32.28 6.62
CA LYS A 312 44.22 32.02 8.04
C LYS A 312 44.57 30.57 8.38
N HIS A 313 44.61 29.67 7.40
CA HIS A 313 45.09 28.31 7.63
C HIS A 313 46.24 27.89 6.72
N PHE A 314 46.55 28.66 5.68
CA PHE A 314 47.68 28.37 4.81
C PHE A 314 48.61 29.57 4.80
N PRO A 315 49.90 29.40 5.16
CA PRO A 315 50.74 30.53 5.62
C PRO A 315 51.06 31.61 4.59
N ASN A 316 51.69 31.24 3.49
CA ASN A 316 52.26 32.20 2.55
C ASN A 316 51.82 31.95 1.11
N LYS A 317 51.09 30.88 0.85
CA LYS A 317 50.64 30.58 -0.49
C LYS A 317 49.48 31.48 -0.89
N THR A 318 49.29 31.62 -2.20
CA THR A 318 48.11 32.29 -2.72
C THR A 318 46.97 31.29 -2.88
N ILE A 319 45.86 31.74 -3.46
CA ILE A 319 44.68 30.91 -3.64
C ILE A 319 44.22 31.03 -5.09
N LYS A 320 44.07 29.88 -5.75
CA LYS A 320 43.63 29.82 -7.13
C LYS A 320 42.41 28.91 -7.21
N TYR A 321 41.60 29.11 -8.25
CA TYR A 321 40.41 28.29 -8.45
C TYR A 321 40.36 27.83 -9.90
N ASN A 322 39.59 26.76 -10.12
CA ASN A 322 39.29 26.25 -11.45
C ASN A 322 37.82 25.85 -11.50
N GLN A 323 37.41 25.28 -12.62
CA GLN A 323 36.10 24.69 -12.73
C GLN A 323 36.14 23.25 -12.24
N SER A 324 34.97 22.61 -12.24
CA SER A 324 34.88 21.21 -11.84
C SER A 324 35.50 20.30 -12.89
N ALA A 325 35.89 19.09 -12.49
CA ALA A 325 36.72 18.23 -13.33
C ALA A 325 35.88 17.46 -14.36
N GLY A 326 35.30 18.21 -15.29
CA GLY A 326 34.56 17.63 -16.38
C GLY A 326 33.17 17.16 -15.97
N GLY A 327 33.12 16.04 -15.25
CA GLY A 327 31.98 15.42 -14.61
C GLY A 327 30.78 15.18 -15.51
N ASP A 328 29.65 14.89 -14.86
CA ASP A 328 28.37 14.80 -15.53
C ASP A 328 27.48 15.92 -15.00
N MET A 329 26.31 16.08 -15.61
CA MET A 329 25.52 17.29 -15.47
C MET A 329 25.01 17.50 -14.05
N GLU A 330 24.69 16.41 -13.35
CA GLU A 330 24.24 16.57 -11.97
C GLU A 330 25.41 16.83 -11.02
N ILE A 331 26.64 16.64 -11.47
CA ILE A 331 27.80 16.81 -10.59
C ILE A 331 28.55 18.10 -10.90
N THR A 332 28.75 18.42 -12.17
CA THR A 332 29.62 19.51 -12.57
C THR A 332 28.94 20.87 -12.67
N THR A 333 27.62 20.92 -12.57
CA THR A 333 26.89 22.16 -12.75
C THR A 333 26.08 22.49 -11.50
N HIS A 334 25.93 23.80 -11.25
CA HIS A 334 25.08 24.30 -10.18
C HIS A 334 23.65 23.91 -10.46
N SER A 335 23.14 22.93 -9.73
CA SER A 335 21.85 22.33 -9.97
C SER A 335 20.89 22.81 -8.89
N PHE A 336 19.92 23.64 -9.28
CA PHE A 336 19.02 24.19 -8.28
C PHE A 336 17.62 24.32 -8.85
N ASN A 337 16.65 24.28 -7.94
CA ASN A 337 15.24 24.41 -8.30
C ASN A 337 14.85 25.87 -8.37
N CYS A 338 13.93 26.18 -9.28
CA CYS A 338 13.46 27.55 -9.48
C CYS A 338 11.99 27.47 -9.90
N GLY A 339 11.09 27.64 -8.94
CA GLY A 339 9.67 27.73 -9.20
C GLY A 339 9.03 26.45 -9.71
N GLY A 340 9.73 25.32 -9.55
CA GLY A 340 9.33 24.06 -10.14
C GLY A 340 10.23 23.60 -11.25
N GLU A 341 10.94 24.50 -11.93
CA GLU A 341 11.90 24.08 -12.95
C GLU A 341 13.22 23.68 -12.31
N PHE A 342 14.00 22.91 -13.06
CA PHE A 342 15.33 22.49 -12.63
C PHE A 342 16.36 23.17 -13.52
N PHE A 343 17.30 23.87 -12.91
CA PHE A 343 18.33 24.59 -13.64
C PHE A 343 19.68 23.95 -13.37
N TYR A 344 20.50 23.86 -14.42
CA TYR A 344 21.86 23.34 -14.33
C TYR A 344 22.75 24.40 -14.98
N CYS A 345 23.57 25.07 -14.17
CA CYS A 345 24.32 26.23 -14.63
C CYS A 345 25.81 25.95 -14.62
N ASN A 346 26.50 26.33 -15.68
CA ASN A 346 27.93 26.13 -15.81
C ASN A 346 28.66 27.18 -14.96
N THR A 347 29.45 26.72 -13.98
CA THR A 347 30.00 27.58 -12.94
C THR A 347 31.40 28.10 -13.24
N SER A 348 31.93 27.82 -14.44
CA SER A 348 33.34 28.12 -14.74
C SER A 348 33.61 29.62 -14.69
N ASN A 349 32.68 30.42 -15.20
CA ASN A 349 32.79 31.88 -15.17
C ASN A 349 32.79 32.43 -13.74
N LEU A 350 32.30 31.67 -12.76
CA LEU A 350 32.39 32.12 -11.38
C LEU A 350 33.81 32.04 -10.84
N PHE A 351 34.62 31.11 -11.33
CA PHE A 351 35.89 30.84 -10.68
C PHE A 351 37.08 30.95 -11.62
N ASN A 352 37.00 31.81 -12.64
CA ASN A 352 38.14 32.16 -13.46
C ASN A 352 38.84 33.36 -12.85
N GLY A 353 39.39 33.19 -11.65
CA GLY A 353 40.01 34.29 -10.93
C GLY A 353 41.06 33.78 -9.97
N THR A 354 41.81 34.72 -9.40
CA THR A 354 42.92 34.43 -8.53
C THR A 354 42.95 35.46 -7.41
N TYR A 355 43.27 35.00 -6.19
CA TYR A 355 43.58 35.89 -5.08
C TYR A 355 45.06 35.73 -4.77
N ASN A 356 45.82 36.82 -4.91
CA ASN A 356 47.29 36.82 -4.84
C ASN A 356 47.83 36.88 -3.43
N GLY A 357 47.01 36.74 -2.39
CA GLY A 357 47.50 36.84 -1.03
C GLY A 357 47.57 38.25 -0.49
N THR A 358 47.35 39.26 -1.33
CA THR A 358 47.33 40.65 -0.89
C THR A 358 45.95 41.20 -1.24
N TYR A 359 45.21 41.66 -0.23
CA TYR A 359 43.84 42.09 -0.45
C TYR A 359 43.81 43.46 -1.14
N ILE A 360 42.99 43.55 -2.17
CA ILE A 360 42.87 44.74 -3.02
C ILE A 360 41.49 45.34 -2.77
N SER A 361 41.44 46.67 -2.66
CA SER A 361 40.22 47.45 -2.48
C SER A 361 39.18 47.13 -3.54
N THR A 362 38.05 46.56 -3.11
CA THR A 362 37.10 45.96 -4.01
C THR A 362 36.12 46.95 -4.62
N ASN A 363 36.14 48.21 -4.21
CA ASN A 363 35.24 49.15 -4.88
C ASN A 363 35.87 49.52 -6.22
N SER A 364 36.97 50.28 -6.16
CA SER A 364 37.86 50.67 -7.27
C SER A 364 37.11 50.93 -8.58
N SER A 365 36.11 51.83 -8.48
CA SER A 365 34.88 51.78 -9.27
C SER A 365 35.08 51.80 -10.78
N ALA A 366 34.81 50.66 -11.42
CA ALA A 366 34.75 50.59 -12.87
C ALA A 366 33.29 50.63 -13.34
N ASN A 367 32.48 49.69 -12.85
CA ASN A 367 31.03 49.71 -13.06
C ASN A 367 30.37 48.88 -11.97
N SER A 368 29.39 49.48 -11.29
CA SER A 368 28.63 48.72 -10.29
C SER A 368 27.63 47.78 -10.96
N THR A 369 27.31 48.03 -12.23
CA THR A 369 26.37 47.21 -12.98
C THR A 369 27.05 46.09 -13.77
N SER A 370 28.35 45.89 -13.57
CA SER A 370 29.03 44.78 -14.24
C SER A 370 28.66 43.46 -13.58
N THR A 371 28.26 42.50 -14.41
CA THR A 371 27.77 41.20 -13.95
C THR A 371 28.56 40.08 -14.62
N ILE A 372 28.68 38.97 -13.90
CA ILE A 372 29.10 37.70 -14.49
C ILE A 372 27.85 36.87 -14.76
N THR A 373 27.87 36.17 -15.90
CA THR A 373 26.69 35.52 -16.45
C THR A 373 27.02 34.06 -16.70
N LEU A 374 26.14 33.17 -16.23
CA LEU A 374 26.29 31.74 -16.36
C LEU A 374 25.25 31.24 -17.34
N GLN A 375 25.68 30.51 -18.36
CA GLN A 375 24.72 29.83 -19.22
C GLN A 375 24.15 28.63 -18.48
N CYS A 376 22.84 28.42 -18.63
CA CYS A 376 22.16 27.36 -17.90
C CYS A 376 21.28 26.56 -18.84
N ARG A 377 21.07 25.30 -18.47
CA ARG A 377 20.21 24.38 -19.22
C ARG A 377 19.16 23.81 -18.29
N ILE A 378 18.09 23.28 -18.88
CA ILE A 378 16.92 22.83 -18.13
C ILE A 378 16.60 21.39 -18.51
N LYS A 379 16.46 20.53 -17.50
CA LYS A 379 16.01 19.16 -17.68
C LYS A 379 14.59 19.01 -17.14
N GLN A 380 13.82 18.12 -17.76
CA GLN A 380 12.52 17.75 -17.21
C GLN A 380 12.56 16.42 -16.49
N ILE A 381 13.15 15.39 -17.10
CA ILE A 381 13.31 14.09 -16.44
C ILE A 381 14.42 14.25 -15.41
N ILE A 382 14.11 13.99 -14.15
CA ILE A 382 15.02 14.26 -13.05
C ILE A 382 15.36 12.95 -12.36
N ASN A 383 16.62 12.51 -12.49
CA ASN A 383 17.12 11.36 -11.75
C ASN A 383 17.60 11.85 -10.38
N MET A 384 16.62 12.01 -9.49
CA MET A 384 16.78 12.96 -8.39
C MET A 384 17.63 12.36 -7.28
N TRP A 385 17.23 11.20 -6.76
CA TRP A 385 17.99 10.52 -5.73
C TRP A 385 17.99 9.02 -6.02
N GLN A 386 19.07 8.34 -5.61
CA GLN A 386 19.18 6.90 -5.76
C GLN A 386 18.45 6.18 -4.62
N GLY A 387 17.15 5.93 -4.81
CA GLY A 387 16.38 5.26 -3.78
C GLY A 387 15.07 5.95 -3.48
N VAL A 388 14.72 6.95 -4.28
CA VAL A 388 13.53 7.76 -4.05
C VAL A 388 12.41 7.22 -4.93
N GLY A 389 12.62 6.07 -5.56
CA GLY A 389 11.75 5.77 -6.67
C GLY A 389 12.27 6.64 -7.80
N ARG A 390 13.40 6.23 -8.35
CA ARG A 390 14.48 7.06 -8.87
C ARG A 390 14.16 8.09 -9.94
N CYS A 391 12.91 8.23 -10.37
CA CYS A 391 12.51 9.36 -11.20
C CYS A 391 11.79 10.46 -10.47
N MET A 392 11.69 11.58 -11.18
CA MET A 392 10.59 12.51 -11.13
C MET A 392 10.54 13.19 -12.48
N TYR A 393 9.35 13.34 -13.04
CA TYR A 393 9.14 14.19 -14.20
C TYR A 393 8.53 15.49 -13.73
N ALA A 394 9.25 16.59 -13.95
CA ALA A 394 8.76 17.90 -13.58
C ALA A 394 7.86 18.43 -14.69
N PRO A 395 6.59 18.70 -14.43
CA PRO A 395 5.74 19.27 -15.47
C PRO A 395 6.13 20.70 -15.76
N PRO A 396 5.98 21.15 -16.99
CA PRO A 396 6.36 22.53 -17.33
C PRO A 396 5.34 23.53 -16.79
N ILE A 397 5.80 24.76 -16.62
CA ILE A 397 4.99 25.83 -16.04
C ILE A 397 4.91 26.98 -17.04
N ALA A 398 3.72 27.53 -17.19
CA ALA A 398 3.46 28.50 -18.25
C ALA A 398 4.11 29.84 -17.93
N GLY A 399 4.50 30.54 -19.00
CA GLY A 399 5.09 31.86 -18.87
C GLY A 399 6.55 31.81 -18.44
N ASN A 400 7.18 32.96 -18.35
CA ASN A 400 8.58 33.02 -17.93
C ASN A 400 8.64 32.90 -16.42
N ILE A 401 9.30 31.85 -15.92
CA ILE A 401 9.48 31.72 -14.49
C ILE A 401 10.68 32.57 -14.07
N THR A 402 10.56 33.23 -12.92
CA THR A 402 11.63 34.05 -12.38
C THR A 402 11.85 33.69 -10.92
N CYS A 403 13.09 33.78 -10.47
CA CYS A 403 13.41 33.54 -9.07
C CYS A 403 14.63 34.35 -8.66
N ARG A 404 14.75 34.58 -7.35
CA ARG A 404 15.73 35.48 -6.77
C ARG A 404 16.03 34.99 -5.36
N SER A 405 17.31 34.95 -5.01
CA SER A 405 17.71 34.34 -3.76
C SER A 405 19.04 34.91 -3.29
N ASN A 406 19.48 34.41 -2.13
CA ASN A 406 20.74 34.81 -1.50
C ASN A 406 21.69 33.63 -1.48
N ILE A 407 22.90 33.84 -2.02
CA ILE A 407 24.00 32.90 -1.84
C ILE A 407 24.64 33.15 -0.48
N THR A 408 24.68 32.10 0.35
CA THR A 408 25.28 32.17 1.68
C THR A 408 26.36 31.14 1.93
N GLY A 409 26.56 30.17 1.04
CA GLY A 409 27.53 29.12 1.32
C GLY A 409 28.13 28.54 0.08
N LEU A 410 29.33 27.96 0.24
CA LEU A 410 30.08 27.37 -0.85
C LEU A 410 30.48 25.94 -0.49
N LEU A 411 30.63 25.11 -1.51
CA LEU A 411 31.17 23.76 -1.36
C LEU A 411 32.42 23.64 -2.22
N LEU A 412 33.51 23.19 -1.61
CA LEU A 412 34.82 23.17 -2.25
C LEU A 412 35.51 21.84 -2.03
N THR A 413 36.41 21.51 -2.96
CA THR A 413 37.33 20.38 -2.84
C THR A 413 38.71 20.85 -3.29
N ARG A 414 39.71 20.65 -2.45
CA ARG A 414 41.08 21.05 -2.76
C ARG A 414 41.63 20.15 -3.86
N ASP A 415 42.05 20.75 -4.97
CA ASP A 415 42.77 20.01 -6.00
C ASP A 415 44.12 19.59 -5.44
N GLY A 416 44.60 18.42 -5.88
CA GLY A 416 45.71 17.71 -5.26
C GLY A 416 47.01 18.46 -5.10
N GLY A 417 47.50 18.52 -3.85
CA GLY A 417 48.69 19.28 -3.55
C GLY A 417 49.93 18.56 -4.02
N THR A 418 50.58 19.08 -5.06
CA THR A 418 51.74 18.44 -5.65
C THR A 418 52.75 19.51 -6.03
N ASN A 419 54.01 19.08 -6.16
CA ASN A 419 55.18 19.87 -6.55
C ASN A 419 55.47 21.03 -5.61
N SER A 420 54.99 20.97 -4.37
CA SER A 420 55.03 22.07 -3.38
C SER A 420 54.46 23.36 -3.97
N ASN A 421 53.28 23.25 -4.57
CA ASN A 421 52.68 24.35 -5.33
C ASN A 421 52.27 25.49 -4.40
N GLU A 422 52.50 26.72 -4.86
CA GLU A 422 52.24 27.92 -4.08
C GLU A 422 50.82 28.45 -4.21
N THR A 423 49.91 27.66 -4.78
CA THR A 423 48.50 28.01 -4.71
C THR A 423 47.67 26.98 -3.97
N GLU A 424 47.91 25.69 -4.22
CA GLU A 424 47.06 24.56 -3.81
C GLU A 424 45.62 24.84 -4.22
N THR A 425 45.39 24.85 -5.53
CA THR A 425 44.16 25.39 -6.09
C THR A 425 42.95 24.54 -5.72
N PHE A 426 41.76 25.11 -5.91
CA PHE A 426 40.52 24.52 -5.46
C PHE A 426 39.56 24.35 -6.63
N ARG A 427 38.61 23.43 -6.46
CA ARG A 427 37.51 23.21 -7.38
C ARG A 427 36.20 23.24 -6.62
N PRO A 428 35.11 23.62 -7.25
CA PRO A 428 33.80 23.47 -6.61
C PRO A 428 33.41 22.01 -6.49
N ALA A 429 32.57 21.72 -5.50
CA ALA A 429 32.27 20.35 -5.13
C ALA A 429 30.76 20.14 -5.08
N GLY A 430 30.38 18.88 -4.88
CA GLY A 430 28.99 18.51 -4.77
C GLY A 430 28.87 17.02 -4.55
N GLY A 431 27.64 16.54 -4.60
CA GLY A 431 27.40 15.12 -4.40
C GLY A 431 26.38 14.82 -3.32
N ASP A 432 26.85 14.23 -2.23
CA ASP A 432 26.00 13.88 -1.09
C ASP A 432 25.41 15.13 -0.46
N MET A 433 24.08 15.26 -0.54
CA MET A 433 23.35 16.47 -0.21
C MET A 433 23.37 16.82 1.28
N ARG A 434 23.80 15.85 2.11
CA ARG A 434 23.83 15.95 3.56
C ARG A 434 24.63 17.15 4.04
N ASP A 435 25.75 17.43 3.38
CA ASP A 435 26.60 18.56 3.77
C ASP A 435 25.93 19.92 3.51
N ASN A 436 24.87 19.96 2.70
CA ASN A 436 24.03 21.14 2.69
C ASN A 436 23.33 21.32 4.03
N TRP A 437 22.65 20.26 4.49
CA TRP A 437 21.92 20.35 5.76
C TRP A 437 22.89 20.40 6.94
N ARG A 438 24.07 19.80 6.78
CA ARG A 438 25.09 19.91 7.82
C ARG A 438 25.68 21.31 7.87
N SER A 439 25.47 22.12 6.82
CA SER A 439 25.83 23.52 6.91
C SER A 439 24.83 24.32 7.74
N GLU A 440 23.65 23.76 8.02
CA GLU A 440 22.61 24.50 8.73
C GLU A 440 22.27 23.89 10.09
N LEU A 441 22.40 22.57 10.26
CA LEU A 441 22.11 21.92 11.53
C LEU A 441 23.32 21.86 12.44
N TYR A 442 24.28 22.77 12.29
CA TYR A 442 25.59 22.58 12.91
C TYR A 442 25.64 23.03 14.37
N LYS A 443 24.73 23.89 14.80
CA LYS A 443 24.79 24.41 16.15
C LYS A 443 24.18 23.48 17.18
N TYR A 444 23.58 22.37 16.77
CA TYR A 444 22.63 21.65 17.61
C TYR A 444 23.15 20.29 18.03
N LYS A 445 22.79 19.91 19.26
CA LYS A 445 22.96 18.55 19.75
C LYS A 445 21.73 18.20 20.57
N VAL A 446 21.45 16.90 20.68
CA VAL A 446 20.35 16.40 21.50
C VAL A 446 20.94 15.70 22.72
N VAL A 447 20.27 15.82 23.86
CA VAL A 447 20.75 15.22 25.10
C VAL A 447 19.66 14.35 25.71
N LYS A 448 20.03 13.13 26.09
CA LYS A 448 19.20 12.29 26.94
C LYS A 448 19.25 12.81 28.37
N ILE A 449 18.09 13.02 28.97
CA ILE A 449 18.04 13.53 30.33
C ILE A 449 18.12 12.37 31.30
N GLU A 450 19.04 12.47 32.26
CA GLU A 450 19.23 11.46 33.31
C GLU A 450 18.73 12.06 34.61
N PRO A 451 17.45 11.82 34.96
CA PRO A 451 16.83 12.63 36.01
C PRO A 451 17.07 12.13 37.43
N LEU A 452 17.86 11.09 37.63
CA LEU A 452 18.02 10.49 38.95
C LEU A 452 19.49 10.53 39.36
N GLY A 453 19.76 11.10 40.53
CA GLY A 453 21.13 11.24 41.02
C GLY A 453 21.26 10.81 42.46
N VAL A 454 22.50 10.57 42.87
CA VAL A 454 22.84 10.03 44.17
C VAL A 454 23.94 10.88 44.80
N ALA A 455 23.73 11.32 46.04
CA ALA A 455 24.71 12.12 46.75
C ALA A 455 24.77 11.70 48.21
N PRO A 456 25.92 11.85 48.87
CA PRO A 456 25.96 11.65 50.31
C PRO A 456 25.53 12.89 51.06
N THR A 457 24.73 12.68 52.11
CA THR A 457 24.11 13.74 52.88
C THR A 457 24.11 13.26 54.33
N ARG A 458 24.06 14.21 55.27
CA ARG A 458 24.00 13.90 56.69
C ARG A 458 22.61 13.48 57.15
N CYS A 459 21.70 13.21 56.22
CA CYS A 459 20.34 12.81 56.50
C CYS A 459 20.27 11.31 56.78
N LYS A 460 19.47 10.93 57.76
CA LYS A 460 19.23 9.53 58.08
C LYS A 460 17.73 9.32 58.28
N ARG A 461 17.19 8.27 57.66
CA ARG A 461 15.77 7.97 57.77
C ARG A 461 15.42 7.52 59.19
N ARG A 462 14.33 8.05 59.72
CA ARG A 462 13.93 7.81 61.10
C ARG A 462 12.79 6.79 61.16
N VAL A 463 12.95 5.79 62.02
CA VAL A 463 11.92 4.78 62.20
C VAL A 463 10.92 5.23 63.25
N LEU B 9 12.99 28.33 36.24
CA LEU B 9 14.20 27.80 35.60
C LEU B 9 13.93 26.78 34.50
N GLY B 10 12.70 26.31 34.35
CA GLY B 10 12.35 25.56 33.17
C GLY B 10 12.92 24.15 33.17
N PHE B 11 13.21 23.66 31.97
CA PHE B 11 13.59 22.27 31.81
C PHE B 11 15.05 22.00 32.13
N LEU B 12 15.96 22.92 31.80
CA LEU B 12 17.36 22.67 32.07
C LEU B 12 18.13 23.90 32.54
N GLY B 13 17.47 24.91 33.10
CA GLY B 13 18.18 26.12 33.50
C GLY B 13 19.01 25.96 34.76
N ALA B 14 18.82 24.85 35.47
CA ALA B 14 19.56 24.60 36.70
C ALA B 14 20.99 24.12 36.45
N ALA B 15 21.34 23.78 35.22
CA ALA B 15 22.66 23.23 34.94
C ALA B 15 23.73 24.31 35.08
N GLY B 16 24.83 23.95 35.73
CA GLY B 16 25.89 24.90 35.98
C GLY B 16 25.79 25.52 37.35
N SER B 17 24.58 25.55 37.91
CA SER B 17 24.41 26.00 39.28
C SER B 17 24.95 24.94 40.24
N THR B 18 25.31 25.38 41.45
CA THR B 18 26.00 24.51 42.38
C THR B 18 25.06 23.47 42.99
N MET B 19 25.63 22.65 43.86
CA MET B 19 24.87 21.60 44.54
C MET B 19 23.79 22.17 45.45
N GLY B 20 24.13 23.23 46.18
CA GLY B 20 23.15 23.85 47.07
C GLY B 20 22.16 24.71 46.32
N ALA B 21 22.57 25.22 45.16
CA ALA B 21 21.65 25.98 44.33
C ALA B 21 20.64 25.06 43.63
N ALA B 22 21.08 23.87 43.24
CA ALA B 22 20.24 22.91 42.55
C ALA B 22 19.66 21.85 43.49
N SER B 23 19.80 22.05 44.80
CA SER B 23 19.05 21.23 45.75
C SER B 23 17.56 21.53 45.63
N MET B 24 17.22 22.79 45.35
CA MET B 24 15.90 23.20 44.91
C MET B 24 15.75 22.97 43.42
N THR B 25 14.76 23.61 42.79
CA THR B 25 14.38 23.66 41.37
C THR B 25 14.35 22.30 40.68
N LEU B 26 14.02 21.23 41.39
CA LEU B 26 13.90 19.91 40.76
C LEU B 26 12.60 19.81 39.97
N THR B 27 11.53 20.41 40.48
CA THR B 27 10.18 20.10 40.00
C THR B 27 9.90 20.69 38.63
N VAL B 28 10.38 21.90 38.38
CA VAL B 28 10.12 22.54 37.09
C VAL B 28 10.95 21.88 35.99
N GLN B 29 12.02 21.18 36.37
CA GLN B 29 12.74 20.34 35.42
C GLN B 29 12.01 19.03 35.20
N ALA B 30 11.60 18.37 36.27
CA ALA B 30 11.10 17.00 36.16
C ALA B 30 9.63 16.95 35.77
N ARG B 31 8.95 18.09 35.74
CA ARG B 31 7.54 18.14 35.38
C ARG B 31 7.32 18.08 33.87
N ASN B 32 8.36 18.33 33.07
CA ASN B 32 8.26 18.38 31.62
C ASN B 32 8.73 17.10 30.96
N LEU B 33 8.41 15.94 31.53
CA LEU B 33 8.89 14.66 31.03
C LEU B 33 7.85 13.88 30.22
N LEU B 34 6.69 14.46 29.89
CA LEU B 34 5.62 13.67 29.26
C LEU B 34 4.92 14.51 28.20
N SER B 35 5.01 14.08 26.93
CA SER B 35 4.35 14.70 25.79
C SER B 35 4.38 13.78 24.58
N GLY B 36 3.86 14.25 23.44
CA GLY B 36 3.91 13.47 22.21
C GLY B 36 3.06 14.09 21.13
N THR B 37 3.33 13.69 19.89
CA THR B 37 2.62 14.20 18.72
C THR B 37 2.79 13.23 17.55
N VAL B 38 2.46 13.73 16.33
CA VAL B 38 2.33 12.90 15.13
C VAL B 38 3.30 13.35 14.04
N TRP B 39 4.10 12.42 13.55
CA TRP B 39 4.67 12.48 12.21
C TRP B 39 4.58 11.08 11.62
N GLY B 40 4.36 10.10 12.48
CA GLY B 40 4.28 8.71 12.06
C GLY B 40 4.25 7.81 13.26
N ILE B 41 4.37 6.51 12.97
CA ILE B 41 4.38 5.49 14.02
C ILE B 41 5.66 5.54 14.85
N LYS B 42 6.75 6.03 14.26
CA LYS B 42 8.02 6.14 14.96
C LYS B 42 7.93 7.13 16.13
N GLN B 43 7.20 8.24 15.93
CA GLN B 43 7.02 9.20 17.01
C GLN B 43 6.16 8.63 18.13
N LEU B 44 5.19 7.80 17.78
CA LEU B 44 4.41 7.10 18.81
C LEU B 44 5.28 6.11 19.58
N GLN B 45 6.22 5.47 18.88
CA GLN B 45 7.16 4.56 19.52
C GLN B 45 8.07 5.30 20.50
N ALA B 46 8.59 6.46 20.09
CA ALA B 46 9.39 7.27 20.99
C ALA B 46 8.57 7.83 22.15
N ARG B 47 7.29 8.11 21.90
CA ARG B 47 6.40 8.62 22.96
C ARG B 47 6.15 7.57 24.03
N VAL B 48 5.84 6.34 23.62
CA VAL B 48 5.62 5.30 24.62
C VAL B 48 6.94 4.87 25.26
N LEU B 49 8.07 5.06 24.57
CA LEU B 49 9.37 4.83 25.20
C LEU B 49 9.63 5.86 26.30
N ALA B 50 9.27 7.13 26.06
CA ALA B 50 9.43 8.16 27.09
C ALA B 50 8.51 7.90 28.29
N VAL B 51 7.28 7.46 28.01
CA VAL B 51 6.34 7.12 29.09
C VAL B 51 6.88 5.94 29.90
N GLU B 52 7.45 4.94 29.21
CA GLU B 52 8.08 3.80 29.86
C GLU B 52 9.26 4.20 30.72
N ARG B 53 10.09 5.13 30.23
CA ARG B 53 11.26 5.57 30.98
C ARG B 53 10.86 6.30 32.27
N TYR B 54 9.86 7.20 32.16
CA TYR B 54 9.38 7.90 33.35
C TYR B 54 8.74 6.93 34.34
N LEU B 55 7.97 5.97 33.83
CA LEU B 55 7.32 5.00 34.71
C LEU B 55 8.32 4.07 35.37
N ARG B 56 9.41 3.72 34.67
CA ARG B 56 10.46 2.92 35.27
C ARG B 56 11.18 3.68 36.37
N ASP B 57 11.47 4.96 36.14
CA ASP B 57 12.15 5.74 37.18
C ASP B 57 11.25 5.97 38.39
N GLN B 58 9.95 6.13 38.16
CA GLN B 58 9.01 6.20 39.27
C GLN B 58 8.93 4.88 40.03
N GLN B 59 9.06 3.76 39.31
CA GLN B 59 9.08 2.45 39.97
C GLN B 59 10.33 2.29 40.84
N LEU B 60 11.50 2.67 40.32
CA LEU B 60 12.74 2.59 41.08
C LEU B 60 12.71 3.52 42.29
N LEU B 61 12.03 4.65 42.19
CA LEU B 61 11.81 5.45 43.39
C LEU B 61 10.80 4.80 44.33
N GLY B 62 9.85 4.03 43.81
CA GLY B 62 8.88 3.38 44.64
C GLY B 62 9.38 2.17 45.39
N ILE B 63 10.49 1.58 44.92
CA ILE B 63 11.06 0.42 45.61
C ILE B 63 11.64 0.83 46.96
N TRP B 64 12.35 1.95 47.00
CA TRP B 64 13.16 2.35 48.15
C TRP B 64 12.38 3.09 49.22
N GLY B 65 11.06 3.17 49.11
CA GLY B 65 10.27 3.92 50.07
C GLY B 65 10.32 5.42 49.88
N CYS B 66 10.86 5.90 48.77
CA CYS B 66 10.89 7.34 48.53
C CYS B 66 9.55 7.85 48.06
N SER B 67 9.11 7.40 46.87
CA SER B 67 7.78 7.63 46.29
C SER B 67 7.42 9.10 46.15
N GLY B 68 8.41 9.97 45.98
CA GLY B 68 8.16 11.39 45.84
C GLY B 68 9.38 12.13 45.36
N LYS B 69 9.22 13.43 45.19
CA LYS B 69 10.23 14.37 44.71
C LYS B 69 11.16 14.84 45.84
N LEU B 70 10.80 14.37 47.03
CA LEU B 70 11.41 14.81 48.28
C LEU B 70 12.86 14.36 48.38
N ILE B 71 13.57 14.91 49.35
CA ILE B 71 14.97 14.60 49.52
C ILE B 71 15.01 13.29 50.30
N CYS B 72 14.93 12.17 49.59
CA CYS B 72 14.74 10.88 50.21
C CYS B 72 16.06 10.30 50.69
N CYS B 73 16.33 10.40 51.99
CA CYS B 73 17.54 9.82 52.55
C CYS B 73 17.22 8.47 53.18
N THR B 74 18.07 7.49 52.90
CA THR B 74 17.99 6.17 53.52
C THR B 74 18.99 6.12 54.67
N ASN B 75 19.31 4.97 55.24
CA ASN B 75 20.19 4.91 56.40
C ASN B 75 21.51 4.17 56.15
N VAL B 76 21.77 3.81 54.90
CA VAL B 76 23.03 3.11 54.57
C VAL B 76 24.19 4.09 54.66
N PRO B 77 25.27 3.76 55.37
CA PRO B 77 26.41 4.68 55.46
C PRO B 77 27.15 4.78 54.14
N TRP B 78 27.68 5.98 53.88
CA TRP B 78 28.47 6.22 52.68
C TRP B 78 29.85 5.57 52.81
N ASN B 79 30.33 5.00 51.72
CA ASN B 79 31.67 4.42 51.66
C ASN B 79 32.61 5.42 51.00
N SER B 80 33.84 5.49 51.49
CA SER B 80 34.77 6.52 51.06
C SER B 80 35.27 6.29 49.63
N SER B 81 35.19 5.04 49.15
CA SER B 81 35.68 4.73 47.81
C SER B 81 34.79 5.27 46.71
N TRP B 82 33.59 5.73 47.03
CA TRP B 82 32.69 6.28 46.02
C TRP B 82 32.97 7.74 45.70
N SER B 83 33.42 8.54 46.67
CA SER B 83 33.69 9.94 46.38
C SER B 83 35.11 10.36 46.72
N ASN B 84 35.60 9.93 47.90
CA ASN B 84 36.81 10.41 48.56
C ASN B 84 36.82 11.94 48.68
N ARG B 85 35.66 12.53 48.94
CA ARG B 85 35.56 13.98 48.97
C ARG B 85 35.10 14.50 50.32
N ASN B 86 35.58 15.68 50.68
CA ASN B 86 35.10 16.38 51.86
C ASN B 86 33.69 16.89 51.63
N LEU B 87 33.01 17.22 52.73
CA LEU B 87 31.65 17.77 52.65
C LEU B 87 31.67 19.14 51.96
N SER B 88 32.67 19.96 52.30
CA SER B 88 32.89 21.20 51.56
C SER B 88 33.31 20.92 50.13
N GLU B 89 34.06 19.84 49.89
CA GLU B 89 34.50 19.47 48.55
C GLU B 89 33.34 19.04 47.65
N ILE B 90 32.20 18.64 48.23
CA ILE B 90 31.02 18.28 47.48
C ILE B 90 30.05 19.45 47.35
N TRP B 91 29.71 20.09 48.47
CA TRP B 91 28.49 20.90 48.45
C TRP B 91 28.71 22.31 47.91
N ASP B 92 29.72 23.03 48.38
CA ASP B 92 29.79 24.45 48.07
C ASP B 92 30.37 24.75 46.69
N ASN B 93 30.99 23.78 46.04
CA ASN B 93 31.77 24.05 44.84
C ASN B 93 31.26 23.31 43.62
N MET B 94 30.89 22.04 43.78
CA MET B 94 30.61 21.16 42.65
C MET B 94 29.29 21.53 42.00
N THR B 95 29.13 21.10 40.75
CA THR B 95 27.79 21.01 40.18
C THR B 95 27.55 19.55 39.82
N TRP B 96 26.30 19.25 39.45
CA TRP B 96 25.82 17.88 39.43
C TRP B 96 26.44 17.06 38.31
N LEU B 97 26.83 17.72 37.22
CA LEU B 97 27.34 17.01 36.04
C LEU B 97 28.70 16.38 36.29
N GLN B 98 29.65 17.16 36.81
CA GLN B 98 30.95 16.60 37.13
C GLN B 98 30.95 15.85 38.46
N TRP B 99 29.85 15.91 39.22
CA TRP B 99 29.68 14.93 40.28
C TRP B 99 29.29 13.58 39.69
N ASP B 100 28.40 13.58 38.68
CA ASP B 100 28.01 12.35 38.01
C ASP B 100 29.18 11.71 37.28
N LYS B 101 30.07 12.54 36.72
CA LYS B 101 31.28 12.07 36.05
C LYS B 101 32.24 11.32 36.98
N GLU B 102 32.07 11.43 38.30
CA GLU B 102 32.76 10.59 39.26
C GLU B 102 31.90 9.42 39.74
N ILE B 103 30.64 9.68 40.10
CA ILE B 103 29.90 8.69 40.88
C ILE B 103 29.30 7.62 39.96
N SER B 104 29.22 7.87 38.65
CA SER B 104 28.40 7.05 37.75
C SER B 104 28.91 5.64 37.55
N ASN B 105 30.12 5.33 38.02
CA ASN B 105 30.65 3.99 37.86
C ASN B 105 30.10 3.02 38.90
N TYR B 106 29.43 3.51 39.93
CA TYR B 106 28.96 2.70 41.04
C TYR B 106 27.45 2.56 41.08
N THR B 107 26.77 2.75 39.94
CA THR B 107 25.31 2.63 39.89
C THR B 107 24.87 1.21 40.20
N GLN B 108 25.59 0.21 39.69
CA GLN B 108 25.19 -1.18 39.86
C GLN B 108 25.33 -1.66 41.30
N ILE B 109 25.96 -0.89 42.19
CA ILE B 109 25.96 -1.26 43.59
C ILE B 109 25.09 -0.30 44.41
N ILE B 110 24.96 0.97 44.00
CA ILE B 110 24.10 1.89 44.77
C ILE B 110 22.62 1.56 44.58
N TYR B 111 22.21 1.29 43.34
CA TYR B 111 20.84 0.90 43.07
C TYR B 111 20.49 -0.50 43.58
N GLY B 112 21.46 -1.26 44.07
CA GLY B 112 21.18 -2.46 44.84
C GLY B 112 21.19 -2.21 46.34
N LEU B 113 22.06 -1.29 46.78
CA LEU B 113 22.17 -0.99 48.21
C LEU B 113 20.93 -0.30 48.75
N LEU B 114 20.23 0.47 47.93
CA LEU B 114 18.97 1.02 48.45
C LEU B 114 17.86 -0.02 48.51
N GLU B 115 17.87 -1.03 47.63
CA GLU B 115 16.97 -2.15 47.83
C GLU B 115 17.34 -2.95 49.06
N GLU B 116 18.63 -2.99 49.39
CA GLU B 116 19.07 -3.58 50.66
C GLU B 116 18.67 -2.72 51.85
N SER B 117 18.54 -1.41 51.64
CA SER B 117 17.97 -0.54 52.67
C SER B 117 16.48 -0.77 52.86
N GLN B 118 15.78 -1.19 51.80
CA GLN B 118 14.39 -1.59 51.99
C GLN B 118 14.26 -3.03 52.49
N ASN B 119 15.33 -3.82 52.44
CA ASN B 119 15.37 -5.03 53.24
C ASN B 119 15.33 -4.70 54.73
N GLN B 120 16.13 -3.73 55.16
CA GLN B 120 16.37 -3.59 56.58
C GLN B 120 15.33 -2.76 57.31
N GLN B 121 14.13 -2.60 56.74
CA GLN B 121 13.11 -1.79 57.40
C GLN B 121 11.71 -2.39 57.36
N GLU B 122 11.49 -3.44 56.57
CA GLU B 122 10.11 -3.77 56.22
C GLU B 122 9.50 -4.77 57.19
N LYS B 123 10.11 -5.96 57.34
CA LYS B 123 9.50 -7.01 58.16
C LYS B 123 9.54 -6.63 59.63
N ASN B 124 10.52 -5.83 60.04
CA ASN B 124 10.53 -5.26 61.38
C ASN B 124 9.35 -4.33 61.61
N GLU B 125 9.00 -3.53 60.60
CA GLU B 125 7.83 -2.68 60.69
C GLU B 125 6.54 -3.49 60.69
N GLN B 126 6.53 -4.61 59.96
CA GLN B 126 5.36 -5.49 59.94
C GLN B 126 5.16 -6.16 61.30
N ASP B 127 6.25 -6.59 61.93
CA ASP B 127 6.15 -7.18 63.26
C ASP B 127 5.80 -6.14 64.31
N LEU B 128 6.26 -4.90 64.13
CA LEU B 128 5.82 -3.85 65.05
C LEU B 128 4.43 -3.33 64.72
N LEU B 129 3.85 -3.78 63.61
CA LEU B 129 2.46 -3.51 63.29
C LEU B 129 1.57 -4.70 63.62
N ALA B 130 2.15 -5.86 63.95
CA ALA B 130 1.37 -7.06 64.24
C ALA B 130 1.60 -7.61 65.64
N LEU B 131 2.87 -7.75 66.03
CA LEU B 131 3.21 -8.36 67.31
C LEU B 131 3.08 -7.41 68.48
N ASP B 132 2.90 -6.11 68.22
CA ASP B 132 2.67 -5.15 69.30
C ASP B 132 1.19 -5.13 69.69
N GLN C 1 22.03 59.74 -38.15
CA GLN C 1 21.80 58.33 -37.88
C GLN C 1 21.80 57.52 -39.17
N VAL C 2 20.84 56.59 -39.29
CA VAL C 2 20.85 55.58 -40.33
C VAL C 2 19.56 55.64 -41.14
N GLN C 3 19.54 54.92 -42.25
CA GLN C 3 18.44 54.97 -43.21
C GLN C 3 18.33 53.66 -43.97
N LEU C 4 17.09 53.26 -44.22
CA LEU C 4 16.77 52.10 -45.04
C LEU C 4 16.29 52.59 -46.40
N VAL C 5 16.37 51.71 -47.41
CA VAL C 5 15.76 51.94 -48.71
C VAL C 5 14.95 50.72 -49.09
N GLN C 6 13.90 50.94 -49.88
CA GLN C 6 13.02 49.88 -50.34
C GLN C 6 12.87 49.92 -51.85
N SER C 7 11.93 49.11 -52.35
CA SER C 7 11.69 49.00 -53.78
C SER C 7 11.03 50.28 -54.31
N GLY C 8 11.15 50.50 -55.61
CA GLY C 8 10.60 51.72 -56.20
C GLY C 8 9.10 51.71 -56.31
N ALA C 9 8.55 50.74 -57.03
CA ALA C 9 7.10 50.64 -57.22
C ALA C 9 6.73 49.19 -57.42
N GLN C 10 5.46 48.86 -57.12
CA GLN C 10 4.90 47.54 -57.37
C GLN C 10 3.47 47.67 -57.88
N MET C 11 3.32 47.76 -59.21
CA MET C 11 2.01 47.60 -59.81
C MET C 11 1.86 46.15 -60.29
N LYS C 12 0.72 45.54 -59.96
CA LYS C 12 0.57 44.11 -60.15
C LYS C 12 -0.88 43.80 -60.54
N ASN C 13 -1.20 42.52 -60.52
CA ASN C 13 -2.50 41.94 -60.79
C ASN C 13 -2.73 40.84 -59.76
N PRO C 14 -4.00 40.46 -59.49
CA PRO C 14 -4.25 39.45 -58.44
C PRO C 14 -3.65 38.09 -58.75
N GLY C 15 -3.16 37.43 -57.69
CA GLY C 15 -2.60 36.10 -57.79
C GLY C 15 -1.16 36.03 -58.26
N ALA C 16 -0.37 37.09 -58.09
CA ALA C 16 0.96 37.10 -58.69
C ALA C 16 2.08 37.00 -57.65
N SER C 17 1.80 37.43 -56.40
CA SER C 17 2.69 37.50 -55.24
C SER C 17 3.78 38.55 -55.40
N VAL C 18 4.19 39.20 -54.31
CA VAL C 18 4.96 40.43 -54.38
C VAL C 18 6.19 40.33 -53.49
N LYS C 19 7.36 40.64 -54.04
CA LYS C 19 8.60 40.69 -53.26
C LYS C 19 9.02 42.14 -53.03
N VAL C 20 9.33 42.46 -51.78
CA VAL C 20 9.74 43.80 -51.35
C VAL C 20 11.10 43.67 -50.68
N SER C 21 12.02 44.58 -51.04
CA SER C 21 13.36 44.62 -50.47
C SER C 21 13.47 45.71 -49.42
N CYS C 22 14.49 45.58 -48.56
CA CYS C 22 14.76 46.57 -47.52
C CYS C 22 16.25 46.55 -47.22
N ALA C 23 16.99 47.45 -47.86
CA ALA C 23 18.44 47.50 -47.70
C ALA C 23 18.83 48.57 -46.69
N PRO C 24 19.49 48.21 -45.60
CA PRO C 24 19.92 49.23 -44.63
C PRO C 24 21.21 49.92 -45.06
N SER C 25 21.48 51.05 -44.41
CA SER C 25 22.76 51.71 -44.58
C SER C 25 23.14 52.40 -43.28
N GLY C 26 24.44 52.50 -43.02
CA GLY C 26 24.96 53.17 -41.84
C GLY C 26 25.19 52.28 -40.64
N TYR C 27 24.41 51.20 -40.48
CA TYR C 27 24.53 50.32 -39.33
C TYR C 27 24.51 48.87 -39.79
N THR C 28 25.05 48.00 -38.95
CA THR C 28 25.13 46.57 -39.25
C THR C 28 23.74 45.97 -39.22
N PHE C 29 23.40 45.24 -40.30
CA PHE C 29 22.05 44.75 -40.52
C PHE C 29 21.64 43.72 -39.46
N THR C 30 22.58 42.89 -39.02
CA THR C 30 22.27 41.80 -38.11
C THR C 30 22.49 42.30 -36.67
N ASP C 31 21.75 43.35 -36.32
CA ASP C 31 21.85 43.93 -34.99
C ASP C 31 20.47 44.15 -34.39
N PHE C 32 19.50 44.57 -35.22
CA PHE C 32 18.18 44.95 -34.73
C PHE C 32 17.10 44.05 -35.36
N TYR C 33 15.97 43.93 -34.66
CA TYR C 33 14.79 43.33 -35.25
C TYR C 33 14.27 44.20 -36.40
N ILE C 34 13.70 43.57 -37.40
CA ILE C 34 13.14 44.27 -38.56
C ILE C 34 11.64 44.05 -38.57
N HIS C 35 10.87 45.14 -38.49
CA HIS C 35 9.42 45.04 -38.53
C HIS C 35 8.89 45.50 -39.87
N TRP C 36 7.69 45.04 -40.19
CA TRP C 36 7.05 45.33 -41.47
C TRP C 36 5.62 45.76 -41.22
N LEU C 37 5.21 46.86 -41.87
CA LEU C 37 3.95 47.53 -41.62
C LEU C 37 3.24 47.81 -42.94
N ARG C 38 1.92 47.93 -42.87
CA ARG C 38 1.08 48.17 -44.04
C ARG C 38 0.11 49.31 -43.75
N GLN C 39 -0.02 50.25 -44.70
CA GLN C 39 -0.90 51.41 -44.52
C GLN C 39 -1.73 51.57 -45.79
N ALA C 40 -3.04 51.32 -45.68
CA ALA C 40 -3.96 51.54 -46.78
C ALA C 40 -4.23 53.03 -46.95
N PRO C 41 -4.62 53.47 -48.15
CA PRO C 41 -5.02 54.87 -48.33
C PRO C 41 -6.35 55.18 -47.65
N GLY C 42 -6.32 55.97 -46.58
CA GLY C 42 -7.53 56.30 -45.87
C GLY C 42 -7.93 55.32 -44.80
N GLN C 43 -7.00 54.45 -44.38
CA GLN C 43 -7.26 53.50 -43.29
C GLN C 43 -6.02 53.49 -42.41
N GLY C 44 -6.21 53.09 -41.15
CA GLY C 44 -5.12 53.13 -40.19
C GLY C 44 -4.05 52.08 -40.46
N LEU C 45 -3.00 52.14 -39.64
CA LEU C 45 -1.86 51.26 -39.81
C LEU C 45 -2.20 49.82 -39.48
N GLN C 46 -1.71 48.91 -40.32
CA GLN C 46 -1.78 47.49 -40.06
C GLN C 46 -0.38 46.94 -39.85
N TRP C 47 -0.21 46.15 -38.80
CA TRP C 47 1.08 45.57 -38.49
C TRP C 47 1.18 44.21 -39.15
N MET C 48 2.28 43.98 -39.87
CA MET C 48 2.37 42.84 -40.76
C MET C 48 3.38 41.80 -40.30
N GLY C 49 4.50 42.18 -39.69
CA GLY C 49 5.37 41.17 -39.14
C GLY C 49 6.60 41.72 -38.48
N TRP C 50 7.37 40.80 -37.89
CA TRP C 50 8.71 41.07 -37.38
C TRP C 50 9.63 39.92 -37.74
N MET C 51 10.92 40.22 -37.83
CA MET C 51 11.94 39.25 -38.20
C MET C 51 13.19 39.48 -37.38
N ASN C 52 13.76 38.39 -36.86
CA ASN C 52 15.07 38.38 -36.22
C ASN C 52 16.09 37.97 -37.27
N PRO C 53 16.93 38.88 -37.76
CA PRO C 53 17.90 38.49 -38.79
C PRO C 53 19.06 37.65 -38.26
N GLN C 54 19.28 37.64 -36.95
CA GLN C 54 20.32 36.79 -36.37
C GLN C 54 19.95 35.32 -36.46
N THR C 55 18.68 35.00 -36.20
CA THR C 55 18.23 33.62 -36.09
C THR C 55 17.28 33.18 -37.19
N GLY C 56 16.67 34.11 -37.91
CA GLY C 56 15.76 33.77 -38.98
C GLY C 56 14.32 33.52 -38.56
N ARG C 57 14.00 33.69 -37.29
CA ARG C 57 12.64 33.46 -36.81
C ARG C 57 11.73 34.60 -37.24
N THR C 58 10.43 34.32 -37.30
CA THR C 58 9.46 35.33 -37.68
C THR C 58 8.10 35.01 -37.07
N ASN C 59 7.26 36.03 -37.01
CA ASN C 59 5.88 35.87 -36.54
C ASN C 59 5.04 36.98 -37.13
N THR C 60 3.84 36.61 -37.60
CA THR C 60 2.91 37.57 -38.19
C THR C 60 1.60 37.50 -37.43
N ALA C 61 0.70 38.43 -37.75
CA ALA C 61 -0.60 38.47 -37.09
C ALA C 61 -1.49 37.35 -37.61
N ARG C 62 -2.60 37.12 -36.91
CA ARG C 62 -3.50 36.03 -37.26
C ARG C 62 -4.25 36.32 -38.56
N ASN C 63 -4.48 37.59 -38.88
CA ASN C 63 -5.16 37.93 -40.12
C ASN C 63 -4.25 37.91 -41.33
N PHE C 64 -2.94 37.81 -41.15
CA PHE C 64 -1.99 37.70 -42.24
C PHE C 64 -1.33 36.33 -42.31
N GLN C 65 -1.91 35.31 -41.69
CA GLN C 65 -1.26 34.01 -41.63
C GLN C 65 -1.35 33.30 -42.97
N GLY C 66 -0.20 32.85 -43.47
CA GLY C 66 -0.15 32.14 -44.73
C GLY C 66 0.07 33.03 -45.94
N ARG C 67 -0.54 34.22 -45.92
CA ARG C 67 -0.38 35.16 -47.02
C ARG C 67 0.99 35.81 -47.00
N VAL C 68 1.57 35.95 -45.81
CA VAL C 68 2.80 36.72 -45.62
C VAL C 68 3.95 35.79 -45.32
N THR C 69 5.05 35.93 -46.08
CA THR C 69 6.26 35.20 -45.83
C THR C 69 7.42 36.17 -45.87
N MET C 70 8.49 35.88 -45.12
CA MET C 70 9.58 36.84 -45.01
C MET C 70 10.90 36.13 -44.73
N THR C 71 11.95 36.63 -45.38
CA THR C 71 13.27 36.02 -45.31
C THR C 71 14.34 37.11 -45.17
N ARG C 72 15.58 36.68 -45.10
CA ARG C 72 16.71 37.54 -44.77
C ARG C 72 17.84 37.32 -45.77
N ASP C 73 18.83 38.20 -45.72
CA ASP C 73 20.06 38.04 -46.49
C ASP C 73 21.26 38.29 -45.60
N THR C 74 22.31 37.49 -45.77
CA THR C 74 23.53 37.61 -45.01
C THR C 74 24.69 38.18 -45.83
N SER C 75 24.72 37.89 -47.14
CA SER C 75 25.83 38.28 -48.01
C SER C 75 25.93 39.79 -48.15
N ILE C 76 24.82 40.45 -48.49
CA ILE C 76 24.79 41.91 -48.56
C ILE C 76 24.02 42.42 -47.37
N GLY C 77 22.89 41.77 -47.08
CA GLY C 77 22.06 42.16 -45.95
C GLY C 77 20.83 42.93 -46.37
N THR C 78 19.70 42.24 -46.45
CA THR C 78 18.41 42.89 -46.70
C THR C 78 17.30 42.00 -46.18
N ALA C 79 16.11 42.57 -46.08
CA ALA C 79 14.92 41.88 -45.62
C ALA C 79 13.96 41.70 -46.79
N TYR C 80 13.52 40.47 -47.01
CA TYR C 80 12.66 40.14 -48.15
C TYR C 80 11.25 39.88 -47.65
N MET C 81 10.29 40.60 -48.22
CA MET C 81 8.87 40.30 -48.08
C MET C 81 8.33 39.61 -49.32
N GLU C 82 7.59 38.53 -49.12
CA GLU C 82 6.83 37.88 -50.18
C GLU C 82 5.38 37.79 -49.72
N LEU C 83 4.51 38.57 -50.36
CA LEU C 83 3.09 38.58 -50.05
C LEU C 83 2.35 37.72 -51.05
N ARG C 84 1.56 36.77 -50.54
CA ARG C 84 0.91 35.75 -51.33
C ARG C 84 -0.61 35.86 -51.22
N SER C 85 -1.28 35.31 -52.24
CA SER C 85 -2.75 35.19 -52.32
C SER C 85 -3.42 36.56 -52.21
N LEU C 86 -2.80 37.55 -52.83
CA LEU C 86 -3.23 38.94 -52.68
C LEU C 86 -4.39 39.25 -53.62
N THR C 87 -5.16 40.27 -53.25
CA THR C 87 -6.28 40.75 -54.05
C THR C 87 -6.14 42.25 -54.23
N SER C 88 -7.21 42.88 -54.73
CA SER C 88 -7.18 44.29 -55.06
C SER C 88 -7.08 45.19 -53.83
N ASP C 89 -7.53 44.68 -52.67
CA ASP C 89 -7.58 45.50 -51.46
C ASP C 89 -6.21 45.73 -50.84
N ASP C 90 -5.18 45.05 -51.33
CA ASP C 90 -3.82 45.25 -50.82
C ASP C 90 -3.11 46.42 -51.47
N THR C 91 -3.82 47.22 -52.28
CA THR C 91 -3.29 48.44 -52.85
C THR C 91 -3.02 49.41 -51.71
N ALA C 92 -1.76 49.58 -51.34
CA ALA C 92 -1.41 50.24 -50.09
C ALA C 92 0.08 50.59 -50.11
N ILE C 93 0.51 51.29 -49.07
CA ILE C 93 1.94 51.56 -48.89
C ILE C 93 2.49 50.55 -47.90
N TYR C 94 3.72 50.10 -48.15
CA TYR C 94 4.36 49.07 -47.35
C TYR C 94 5.67 49.61 -46.79
N TYR C 95 5.87 49.43 -45.49
CA TYR C 95 6.95 50.06 -44.75
C TYR C 95 7.83 49.03 -44.07
N CYS C 96 9.14 49.24 -44.15
CA CYS C 96 10.13 48.47 -43.43
C CYS C 96 10.75 49.33 -42.34
N THR C 97 10.72 48.85 -41.10
CA THR C 97 11.18 49.64 -39.96
C THR C 97 12.21 48.86 -39.17
N THR C 98 13.06 49.59 -38.46
CA THR C 98 14.04 49.04 -37.54
C THR C 98 13.44 48.96 -36.14
N GLY C 99 13.42 47.75 -35.56
CA GLY C 99 12.78 47.54 -34.28
C GLY C 99 13.69 47.68 -33.08
N GLY C 100 13.55 46.79 -32.10
CA GLY C 100 14.35 46.82 -30.90
C GLY C 100 15.71 46.15 -31.08
N TRP C 101 16.45 46.07 -29.98
CA TRP C 101 17.80 45.56 -29.99
C TRP C 101 17.82 44.07 -29.62
N ILE C 102 18.61 43.30 -30.37
CA ILE C 102 18.64 41.85 -30.22
C ILE C 102 19.61 41.49 -29.11
N SER C 103 19.10 40.96 -28.01
CA SER C 103 19.92 40.43 -26.93
C SER C 103 19.54 38.98 -26.67
N LEU C 104 20.52 38.21 -26.20
CA LEU C 104 20.30 36.77 -26.04
C LEU C 104 19.67 36.41 -24.70
N TYR C 105 19.47 37.39 -23.82
CA TYR C 105 19.04 37.10 -22.46
C TYR C 105 17.60 37.51 -22.16
N TYR C 106 16.97 38.29 -23.02
CA TYR C 106 15.58 38.67 -22.82
C TYR C 106 14.93 38.96 -24.16
N ASP C 107 13.63 38.74 -24.23
CA ASP C 107 12.88 38.94 -25.47
C ASP C 107 12.68 40.43 -25.70
N SER C 108 12.96 40.88 -26.93
CA SER C 108 12.77 42.26 -27.33
C SER C 108 12.11 42.39 -28.69
N SER C 109 11.37 41.37 -29.12
CA SER C 109 10.74 41.40 -30.44
C SER C 109 9.53 42.33 -30.45
N TYR C 110 8.68 42.24 -29.43
CA TYR C 110 7.40 42.93 -29.46
C TYR C 110 7.48 44.37 -28.99
N TYR C 111 8.68 44.93 -28.86
CA TYR C 111 8.82 46.34 -28.55
C TYR C 111 8.47 47.14 -29.79
N PRO C 112 7.48 48.02 -29.76
CA PRO C 112 7.12 48.78 -30.97
C PRO C 112 7.95 50.04 -31.14
N ASN C 113 9.27 49.92 -30.99
CA ASN C 113 10.16 51.07 -31.03
C ASN C 113 10.74 51.21 -32.43
N PHE C 114 9.89 51.63 -33.35
CA PHE C 114 10.30 51.77 -34.76
C PHE C 114 11.12 53.06 -34.90
N ASP C 115 12.43 52.91 -34.71
CA ASP C 115 13.31 54.08 -34.71
C ASP C 115 13.48 54.67 -36.09
N HIS C 116 13.74 53.83 -37.09
CA HIS C 116 14.10 54.30 -38.42
C HIS C 116 13.18 53.68 -39.46
N TRP C 117 12.81 54.47 -40.45
CA TRP C 117 11.79 54.09 -41.41
C TRP C 117 12.35 54.17 -42.82
N GLY C 118 11.96 53.20 -43.64
CA GLY C 118 12.26 53.28 -45.06
C GLY C 118 11.28 54.19 -45.78
N GLN C 119 11.53 54.41 -47.07
CA GLN C 119 10.61 55.23 -47.85
C GLN C 119 9.37 54.48 -48.28
N GLY C 120 9.34 53.15 -48.10
CA GLY C 120 8.16 52.37 -48.41
C GLY C 120 8.02 52.10 -49.89
N THR C 121 6.99 51.32 -50.21
CA THR C 121 6.65 51.04 -51.60
C THR C 121 5.14 51.08 -51.78
N LEU C 122 4.71 51.27 -53.01
CA LEU C 122 3.30 51.30 -53.37
C LEU C 122 2.94 50.00 -54.07
N LEU C 123 1.92 49.32 -53.56
CA LEU C 123 1.37 48.15 -54.23
C LEU C 123 0.00 48.50 -54.79
N THR C 124 -0.11 48.47 -56.11
CA THR C 124 -1.33 48.82 -56.82
C THR C 124 -1.86 47.59 -57.54
N VAL C 125 -2.96 47.03 -57.05
CA VAL C 125 -3.59 45.85 -57.62
C VAL C 125 -5.04 46.18 -57.92
N SER C 126 -5.45 45.97 -59.17
CA SER C 126 -6.81 46.25 -59.59
C SER C 126 -7.21 45.41 -60.79
N GLN D 1 -10.69 42.88 -37.73
CA GLN D 1 -9.79 42.89 -36.58
C GLN D 1 -10.13 44.08 -35.69
N SER D 2 -9.64 44.05 -34.45
CA SER D 2 -9.94 45.11 -33.48
C SER D 2 -9.24 46.40 -33.87
N ALA D 3 -7.90 46.35 -33.97
CA ALA D 3 -7.03 47.50 -34.28
C ALA D 3 -7.26 48.66 -33.32
N LEU D 4 -7.45 48.33 -32.03
CA LEU D 4 -7.66 49.25 -30.91
C LEU D 4 -8.88 50.15 -31.08
N THR D 5 -9.03 51.10 -30.17
CA THR D 5 -10.06 52.13 -30.28
C THR D 5 -9.37 53.49 -30.32
N GLN D 6 -9.68 54.27 -31.36
CA GLN D 6 -9.02 55.55 -31.55
C GLN D 6 -10.01 56.51 -32.18
N PRO D 7 -10.14 57.73 -31.67
CA PRO D 7 -11.08 58.70 -32.25
C PRO D 7 -10.65 59.18 -33.62
N ALA D 8 -11.65 59.64 -34.39
CA ALA D 8 -11.41 60.07 -35.76
C ALA D 8 -10.60 61.37 -35.80
N SER D 9 -10.93 62.32 -34.93
CA SER D 9 -10.29 63.63 -35.00
C SER D 9 -10.29 64.27 -33.62
N VAL D 10 -9.47 65.31 -33.48
CA VAL D 10 -9.39 66.12 -32.28
C VAL D 10 -9.48 67.58 -32.71
N SER D 11 -9.93 68.44 -31.80
CA SER D 11 -10.06 69.86 -32.08
C SER D 11 -9.36 70.65 -30.99
N GLY D 12 -9.12 71.92 -31.26
CA GLY D 12 -8.50 72.80 -30.29
C GLY D 12 -8.18 74.14 -30.90
N SER D 13 -7.48 74.94 -30.10
CA SER D 13 -7.02 76.27 -30.50
C SER D 13 -5.57 76.38 -30.06
N PRO D 14 -4.79 77.29 -30.68
CA PRO D 14 -3.40 77.49 -30.24
C PRO D 14 -3.28 77.96 -28.80
N GLY D 15 -2.26 77.45 -28.12
CA GLY D 15 -2.07 77.68 -26.71
C GLY D 15 -2.65 76.62 -25.79
N GLN D 16 -3.58 75.80 -26.28
CA GLN D 16 -4.23 74.82 -25.42
C GLN D 16 -3.47 73.50 -25.39
N SER D 17 -3.59 72.79 -24.28
CA SER D 17 -3.09 71.43 -24.17
C SER D 17 -4.20 70.43 -24.50
N ILE D 18 -3.89 69.48 -25.38
CA ILE D 18 -4.87 68.48 -25.82
C ILE D 18 -4.29 67.10 -25.56
N THR D 19 -5.09 66.08 -25.81
CA THR D 19 -4.65 64.69 -25.71
C THR D 19 -5.10 63.91 -26.94
N ILE D 20 -4.22 63.07 -27.47
CA ILE D 20 -4.57 62.11 -28.50
C ILE D 20 -4.78 60.77 -27.80
N SER D 21 -5.98 60.22 -27.92
CA SER D 21 -6.38 59.10 -27.07
C SER D 21 -6.38 57.78 -27.85
N CYS D 22 -6.13 56.70 -27.11
CA CYS D 22 -6.20 55.34 -27.61
C CYS D 22 -6.67 54.43 -26.48
N THR D 23 -7.48 53.43 -26.80
CA THR D 23 -8.08 52.57 -25.79
C THR D 23 -8.13 51.15 -26.37
N GLY D 24 -7.90 50.17 -25.51
CA GLY D 24 -8.00 48.79 -25.93
C GLY D 24 -8.18 47.86 -24.76
N THR D 25 -7.91 46.59 -25.00
CA THR D 25 -8.03 45.57 -23.96
C THR D 25 -6.89 45.69 -22.96
N LYS D 26 -7.02 44.95 -21.85
CA LYS D 26 -6.00 45.05 -20.80
C LYS D 26 -4.73 44.32 -21.19
N TYR D 27 -4.81 43.39 -22.14
CA TYR D 27 -3.59 42.74 -22.63
C TYR D 27 -2.81 43.69 -23.52
N ASP D 28 -3.50 44.35 -24.43
CA ASP D 28 -2.85 45.12 -25.48
C ASP D 28 -2.33 46.46 -25.03
N VAL D 29 -2.96 47.09 -24.03
CA VAL D 29 -2.57 48.44 -23.63
C VAL D 29 -2.05 48.41 -22.20
N GLY D 30 -2.58 47.51 -21.38
CA GLY D 30 -2.35 47.59 -19.96
C GLY D 30 -1.45 46.53 -19.34
N SER D 31 -1.35 45.36 -19.99
CA SER D 31 -0.50 44.30 -19.44
C SER D 31 0.98 44.66 -19.55
N HIS D 32 1.34 45.48 -20.51
CA HIS D 32 2.69 46.03 -20.62
C HIS D 32 2.58 47.50 -20.97
N ASP D 33 3.54 48.28 -20.51
CA ASP D 33 3.53 49.72 -20.76
C ASP D 33 4.25 50.08 -22.05
N LEU D 34 4.37 49.11 -22.95
CA LEU D 34 5.09 49.28 -24.22
C LEU D 34 4.14 49.92 -25.23
N VAL D 35 3.97 51.23 -25.09
CA VAL D 35 3.08 52.03 -25.92
C VAL D 35 3.91 53.08 -26.65
N SER D 36 3.78 53.11 -27.98
CA SER D 36 4.53 54.04 -28.80
C SER D 36 3.56 54.85 -29.66
N TRP D 37 4.03 56.00 -30.11
CA TRP D 37 3.20 56.95 -30.84
C TRP D 37 3.93 57.40 -32.09
N TYR D 38 3.19 57.55 -33.19
CA TYR D 38 3.78 57.88 -34.47
C TYR D 38 2.97 58.97 -35.15
N GLN D 39 3.66 59.85 -35.86
CA GLN D 39 3.06 61.02 -36.47
C GLN D 39 3.31 61.04 -37.97
N GLN D 40 2.27 61.41 -38.73
CA GLN D 40 2.32 61.31 -40.19
C GLN D 40 1.82 62.62 -40.79
N TYR D 41 2.74 63.39 -41.37
CA TYR D 41 2.38 64.44 -42.31
C TYR D 41 1.79 63.82 -43.56
N PRO D 42 0.93 64.56 -44.28
CA PRO D 42 0.38 64.04 -45.55
C PRO D 42 1.45 63.88 -46.61
N GLY D 43 1.64 62.63 -47.06
CA GLY D 43 2.65 62.34 -48.05
C GLY D 43 4.01 62.00 -47.51
N LYS D 44 4.15 61.86 -46.20
CA LYS D 44 5.44 61.55 -45.58
C LYS D 44 5.37 60.22 -44.85
N VAL D 45 6.53 59.76 -44.38
CA VAL D 45 6.63 58.53 -43.60
C VAL D 45 6.11 58.80 -42.20
N PRO D 46 5.63 57.79 -41.49
CA PRO D 46 5.27 58.00 -40.08
C PRO D 46 6.51 58.25 -39.23
N LYS D 47 6.45 59.28 -38.40
CA LYS D 47 7.61 59.78 -37.68
C LYS D 47 7.55 59.32 -36.23
N TYR D 48 8.71 58.96 -35.69
CA TYR D 48 8.81 58.35 -34.37
C TYR D 48 8.99 59.41 -33.29
N MET D 49 8.02 59.49 -32.37
CA MET D 49 8.01 60.58 -31.40
C MET D 49 7.86 60.18 -29.93
N ILE D 50 7.20 59.06 -29.63
CA ILE D 50 7.05 58.61 -28.23
C ILE D 50 7.26 57.11 -28.18
N TYR D 51 8.14 56.66 -27.27
CA TYR D 51 8.31 55.24 -26.99
C TYR D 51 8.25 55.01 -25.49
N GLU D 52 7.87 53.77 -25.14
CA GLU D 52 7.75 53.28 -23.76
C GLU D 52 6.88 54.24 -22.95
N VAL D 53 5.67 54.43 -23.48
CA VAL D 53 4.55 55.28 -23.02
C VAL D 53 4.91 56.75 -22.77
N ASN D 54 6.05 57.07 -22.15
CA ASN D 54 6.29 58.46 -21.79
C ASN D 54 7.73 58.92 -21.95
N LYS D 55 8.45 58.42 -22.95
CA LYS D 55 9.85 58.79 -23.16
C LYS D 55 10.04 59.36 -24.56
N ARG D 56 11.09 60.18 -24.72
CA ARG D 56 11.29 60.89 -25.96
C ARG D 56 12.59 60.49 -26.64
N PRO D 57 12.58 60.35 -27.96
CA PRO D 57 13.80 60.02 -28.71
C PRO D 57 14.71 61.21 -28.95
N SER D 58 15.71 61.00 -29.80
CA SER D 58 16.70 62.01 -30.16
C SER D 58 16.07 63.24 -30.82
N GLY D 59 16.25 64.39 -30.18
CA GLY D 59 15.91 65.66 -30.78
C GLY D 59 14.44 66.05 -30.68
N VAL D 60 13.63 65.17 -30.09
CA VAL D 60 12.20 65.44 -29.99
C VAL D 60 11.96 66.47 -28.90
N SER D 61 11.12 67.47 -29.21
CA SER D 61 10.81 68.54 -28.27
C SER D 61 10.10 68.00 -27.03
N ASN D 62 10.40 68.60 -25.88
CA ASN D 62 9.82 68.18 -24.63
C ASN D 62 8.39 68.67 -24.40
N ARG D 63 7.84 69.44 -25.34
CA ARG D 63 6.43 69.78 -25.29
C ARG D 63 5.57 68.54 -25.46
N PHE D 64 6.03 67.60 -26.29
CA PHE D 64 5.38 66.31 -26.46
C PHE D 64 5.53 65.48 -25.18
N SER D 65 4.46 64.78 -24.79
CA SER D 65 4.52 63.94 -23.60
C SER D 65 3.45 62.86 -23.69
N GLY D 66 3.68 61.76 -22.96
CA GLY D 66 2.74 60.66 -22.96
C GLY D 66 1.99 60.52 -21.63
N SER D 67 1.00 59.64 -21.64
CA SER D 67 0.23 59.31 -20.45
C SER D 67 -0.47 57.96 -20.66
N LYS D 68 -0.85 57.34 -19.55
CA LYS D 68 -1.57 56.07 -19.57
C LYS D 68 -2.25 55.86 -18.23
N SER D 69 -3.51 55.42 -18.29
CA SER D 69 -4.25 55.09 -17.08
C SER D 69 -5.06 53.83 -17.37
N GLY D 70 -4.62 52.70 -16.81
CA GLY D 70 -5.33 51.45 -17.00
C GLY D 70 -5.18 50.88 -18.39
N ASN D 71 -6.27 50.85 -19.15
CA ASN D 71 -6.27 50.31 -20.51
C ASN D 71 -6.43 51.39 -21.57
N THR D 72 -6.08 52.64 -21.26
CA THR D 72 -6.07 53.72 -22.23
C THR D 72 -4.76 54.49 -22.14
N ALA D 73 -4.48 55.25 -23.18
CA ALA D 73 -3.29 56.09 -23.24
C ALA D 73 -3.62 57.34 -24.03
N SER D 74 -2.80 58.37 -23.84
CA SER D 74 -2.98 59.62 -24.55
C SER D 74 -1.65 60.33 -24.69
N LEU D 75 -1.26 60.59 -25.94
CA LEU D 75 -0.18 61.52 -26.22
C LEU D 75 -0.64 62.92 -25.85
N THR D 76 -0.03 63.48 -24.81
CA THR D 76 -0.47 64.74 -24.21
C THR D 76 0.35 65.87 -24.81
N ILE D 77 -0.33 66.82 -25.43
CA ILE D 77 0.27 67.87 -26.21
C ILE D 77 0.13 69.17 -25.44
N SER D 78 1.25 69.81 -25.15
CA SER D 78 1.22 71.05 -24.40
C SER D 78 1.46 72.23 -25.33
N GLY D 79 0.54 73.19 -25.32
CA GLY D 79 0.73 74.39 -26.11
C GLY D 79 0.67 74.18 -27.61
N LEU D 80 -0.53 73.95 -28.15
CA LEU D 80 -0.72 73.82 -29.59
C LEU D 80 -0.26 75.05 -30.34
N ARG D 81 0.30 74.81 -31.51
CA ARG D 81 0.51 75.78 -32.58
C ARG D 81 0.16 75.10 -33.88
N ALA D 82 0.25 75.84 -34.98
CA ALA D 82 -0.21 75.37 -36.28
C ALA D 82 0.67 74.27 -36.88
N GLU D 83 1.83 73.99 -36.28
CA GLU D 83 2.76 73.01 -36.85
C GLU D 83 2.39 71.58 -36.52
N ASP D 84 1.34 71.37 -35.72
CA ASP D 84 0.92 70.02 -35.33
C ASP D 84 -0.07 69.40 -36.30
N GLU D 85 -0.35 70.04 -37.44
CA GLU D 85 -1.31 69.52 -38.40
C GLU D 85 -0.80 68.25 -39.08
N ALA D 86 -1.35 67.11 -38.65
CA ALA D 86 -0.90 65.80 -39.11
C ALA D 86 -1.96 64.78 -38.73
N ASP D 87 -1.72 63.54 -39.13
CA ASP D 87 -2.44 62.38 -38.64
C ASP D 87 -1.59 61.68 -37.58
N TYR D 88 -2.26 61.11 -36.58
CA TYR D 88 -1.53 60.52 -35.46
C TYR D 88 -1.97 59.08 -35.27
N TYR D 89 -1.04 58.24 -34.84
CA TYR D 89 -1.29 56.82 -34.65
C TYR D 89 -0.65 56.38 -33.35
N CYS D 90 -1.30 55.43 -32.69
CA CYS D 90 -0.67 54.73 -31.57
C CYS D 90 -0.42 53.28 -31.96
N CYS D 91 0.64 52.71 -31.39
CA CYS D 91 0.90 51.29 -31.50
C CYS D 91 1.28 50.78 -30.12
N SER D 92 1.06 49.49 -29.91
CA SER D 92 1.27 48.90 -28.60
C SER D 92 1.53 47.42 -28.76
N PHE D 93 1.89 46.80 -27.64
CA PHE D 93 2.13 45.36 -27.58
C PHE D 93 0.87 44.59 -27.91
N GLY D 94 0.99 43.63 -28.81
CA GLY D 94 -0.17 42.90 -29.31
C GLY D 94 -0.59 41.79 -28.38
N GLY D 95 -1.37 40.86 -28.92
CA GLY D 95 -1.89 39.77 -28.12
C GLY D 95 -0.86 38.75 -27.69
N SER D 96 -0.35 37.94 -28.63
CA SER D 96 0.59 36.90 -28.24
C SER D 96 2.02 37.43 -28.18
N ALA D 97 2.60 37.75 -29.33
CA ALA D 97 3.94 38.30 -29.37
C ALA D 97 4.02 39.37 -30.45
N THR D 98 2.94 40.11 -30.65
CA THR D 98 2.78 40.94 -31.83
C THR D 98 2.75 42.41 -31.44
N VAL D 99 2.51 43.25 -32.44
CA VAL D 99 2.28 44.68 -32.27
C VAL D 99 0.95 45.00 -32.92
N VAL D 100 0.15 45.84 -32.27
CA VAL D 100 -1.14 46.24 -32.80
C VAL D 100 -1.19 47.77 -32.85
N CYS D 101 -1.90 48.32 -33.83
CA CYS D 101 -1.95 49.75 -34.02
C CYS D 101 -3.38 50.23 -34.23
N GLY D 102 -3.61 51.53 -33.98
CA GLY D 102 -4.94 52.10 -33.99
C GLY D 102 -5.40 52.56 -35.36
N GLY D 103 -6.51 53.30 -35.36
CA GLY D 103 -7.20 53.71 -36.57
C GLY D 103 -6.90 55.10 -37.09
N GLY D 104 -6.19 55.94 -36.34
CA GLY D 104 -5.80 57.25 -36.81
C GLY D 104 -6.64 58.41 -36.29
N THR D 105 -5.98 59.45 -35.80
CA THR D 105 -6.64 60.66 -35.29
C THR D 105 -6.05 61.87 -35.98
N LYS D 106 -6.91 62.68 -36.61
CA LYS D 106 -6.46 63.89 -37.29
C LYS D 106 -6.41 65.06 -36.33
N VAL D 107 -5.28 65.75 -36.30
CA VAL D 107 -5.19 66.99 -35.52
C VAL D 107 -5.75 68.14 -36.34
N THR D 108 -6.75 68.83 -35.78
CA THR D 108 -7.40 69.95 -36.45
C THR D 108 -7.34 71.13 -35.50
N VAL D 109 -6.40 72.05 -35.75
CA VAL D 109 -6.38 73.32 -35.04
C VAL D 109 -7.28 74.28 -35.81
N LEU D 110 -7.87 75.24 -35.10
CA LEU D 110 -8.94 76.04 -35.68
C LEU D 110 -8.53 77.50 -35.86
N GLU E 2 -6.88 -13.62 69.11
CA GLU E 2 -7.12 -12.64 68.05
C GLU E 2 -7.68 -13.30 66.80
N ASN E 3 -8.26 -12.50 65.93
CA ASN E 3 -8.66 -12.97 64.61
C ASN E 3 -7.51 -12.80 63.63
N LEU E 4 -7.79 -12.92 62.34
CA LEU E 4 -6.81 -12.61 61.30
C LEU E 4 -7.36 -11.51 60.41
N TRP E 5 -6.47 -10.85 59.69
CA TRP E 5 -6.84 -9.70 58.88
C TRP E 5 -6.24 -9.81 57.49
N VAL E 6 -6.98 -9.27 56.52
CA VAL E 6 -6.61 -9.38 55.12
C VAL E 6 -5.37 -8.54 54.85
N THR E 7 -4.47 -9.05 54.02
CA THR E 7 -3.23 -8.35 53.67
C THR E 7 -2.94 -8.61 52.20
N VAL E 8 -2.66 -7.55 51.46
CA VAL E 8 -2.33 -7.67 50.04
C VAL E 8 -0.83 -7.85 49.90
N TYR E 9 -0.44 -8.61 48.90
CA TYR E 9 0.94 -8.87 48.56
C TYR E 9 1.11 -8.60 47.08
N TYR E 10 2.18 -7.92 46.70
CA TYR E 10 2.40 -7.58 45.31
C TYR E 10 3.75 -8.14 44.89
N GLY E 11 3.80 -8.66 43.66
CA GLY E 11 4.95 -9.43 43.23
C GLY E 11 4.84 -10.91 43.49
N VAL E 12 3.62 -11.42 43.63
CA VAL E 12 3.36 -12.82 43.96
C VAL E 12 3.49 -13.71 42.72
N PRO E 13 4.17 -14.86 42.81
CA PRO E 13 4.27 -15.79 41.66
C PRO E 13 3.03 -16.64 41.42
N VAL E 14 2.06 -16.07 40.70
CA VAL E 14 0.82 -16.74 40.36
C VAL E 14 0.65 -16.66 38.84
N TRP E 15 0.43 -17.82 38.21
CA TRP E 15 0.33 -17.88 36.76
C TRP E 15 -1.12 -18.00 36.32
N LYS E 16 -1.38 -17.54 35.09
CA LYS E 16 -2.64 -17.76 34.41
C LYS E 16 -2.36 -18.20 32.99
N GLU E 17 -3.30 -18.92 32.39
CA GLU E 17 -3.14 -19.31 30.99
C GLU E 17 -3.92 -18.34 30.09
N ALA E 18 -3.25 -17.81 29.07
CA ALA E 18 -3.88 -16.83 28.21
C ALA E 18 -3.22 -16.80 26.84
N LYS E 19 -3.92 -16.17 25.91
CA LYS E 19 -3.38 -15.94 24.57
C LYS E 19 -2.71 -14.58 24.52
N THR E 20 -1.61 -14.47 23.77
CA THR E 20 -0.87 -13.22 23.72
C THR E 20 -0.09 -13.13 22.42
N THR E 21 0.37 -11.91 22.12
CA THR E 21 1.22 -11.71 20.95
C THR E 21 2.69 -11.72 21.35
N LEU E 22 3.45 -12.60 20.73
CA LEU E 22 4.85 -12.82 21.08
C LEU E 22 5.72 -12.34 19.94
N PHE E 23 6.82 -11.66 20.28
CA PHE E 23 7.70 -11.11 19.26
C PHE E 23 8.92 -11.99 19.02
N CYS E 24 9.61 -11.70 17.92
CA CYS E 24 10.74 -12.49 17.43
C CYS E 24 12.05 -11.81 17.77
N ALA E 25 13.08 -12.63 17.96
CA ALA E 25 14.46 -12.19 18.08
C ALA E 25 15.32 -13.03 17.16
N SER E 26 16.37 -12.42 16.63
CA SER E 26 17.27 -13.10 15.72
C SER E 26 18.66 -13.17 16.32
N ASP E 27 19.48 -14.08 15.80
CA ASP E 27 20.87 -14.18 16.23
C ASP E 27 21.62 -12.93 15.81
N ALA E 28 22.52 -12.47 16.68
CA ALA E 28 23.13 -11.15 16.52
C ALA E 28 24.07 -11.09 15.34
N ARG E 29 24.69 -12.22 14.98
CA ARG E 29 25.60 -12.26 13.84
C ARG E 29 24.87 -12.03 12.53
N ALA E 30 23.59 -12.42 12.47
CA ALA E 30 22.75 -12.13 11.31
C ALA E 30 22.42 -10.64 11.20
N TYR E 31 22.72 -9.84 12.22
CA TYR E 31 22.61 -8.40 12.11
C TYR E 31 23.84 -7.76 11.47
N GLU E 32 24.86 -8.56 11.10
CA GLU E 32 25.90 -8.05 10.21
C GLU E 32 25.37 -7.82 8.81
N LYS E 33 24.27 -8.49 8.43
CA LYS E 33 23.77 -8.45 7.08
C LYS E 33 23.04 -7.14 6.81
N GLU E 34 22.81 -6.87 5.53
CA GLU E 34 22.34 -5.57 5.08
C GLU E 34 20.86 -5.38 5.40
N VAL E 35 20.41 -4.13 5.33
CA VAL E 35 19.01 -3.83 5.59
C VAL E 35 18.17 -4.25 4.38
N HIS E 36 16.90 -4.62 4.65
CA HIS E 36 15.96 -5.19 3.68
C HIS E 36 16.50 -6.45 2.99
N ASN E 37 17.29 -7.26 3.69
CA ASN E 37 17.85 -8.49 3.12
C ASN E 37 17.04 -9.69 3.59
N VAL E 38 17.14 -10.00 4.88
CA VAL E 38 16.56 -11.22 5.45
C VAL E 38 15.83 -10.69 6.68
N TRP E 39 14.85 -11.46 7.22
CA TRP E 39 13.97 -11.10 8.32
C TRP E 39 14.65 -10.58 9.59
N ALA E 40 15.93 -10.91 9.76
CA ALA E 40 16.71 -10.65 10.98
C ALA E 40 16.78 -9.17 11.34
N THR E 41 17.42 -8.35 10.49
CA THR E 41 17.45 -6.92 10.76
C THR E 41 16.24 -6.22 10.19
N HIS E 42 15.43 -6.94 9.39
CA HIS E 42 14.23 -6.36 8.80
C HIS E 42 13.15 -6.12 9.83
N ALA E 43 12.89 -7.09 10.70
CA ALA E 43 11.80 -6.94 11.65
C ALA E 43 12.19 -7.21 13.11
N CYS E 44 13.02 -8.23 13.34
CA CYS E 44 13.18 -8.73 14.71
C CYS E 44 14.08 -7.83 15.55
N VAL E 45 14.09 -8.10 16.84
CA VAL E 45 14.93 -7.39 17.82
C VAL E 45 16.22 -8.17 18.00
N PRO E 46 17.37 -7.50 18.14
CA PRO E 46 18.63 -8.21 18.44
C PRO E 46 18.58 -8.88 19.80
N THR E 47 18.99 -10.15 19.84
CA THR E 47 18.92 -10.90 21.09
C THR E 47 20.17 -10.66 21.93
N ASP E 48 20.11 -11.16 23.16
CA ASP E 48 21.24 -11.18 24.08
C ASP E 48 21.00 -12.29 25.08
N PRO E 49 21.91 -13.25 25.22
CA PRO E 49 21.68 -14.37 26.14
C PRO E 49 21.92 -14.07 27.62
N SER E 50 21.98 -12.79 27.99
CA SER E 50 22.12 -12.43 29.41
C SER E 50 20.95 -12.89 30.28
N PRO E 51 19.63 -12.75 29.89
CA PRO E 51 18.60 -13.45 30.67
C PRO E 51 18.51 -14.93 30.33
N GLN E 52 19.34 -15.73 31.00
CA GLN E 52 19.45 -17.16 30.69
C GLN E 52 18.22 -17.93 31.20
N GLU E 53 18.29 -19.25 31.05
CA GLU E 53 17.29 -20.13 31.64
C GLU E 53 17.37 -20.05 33.15
N LEU E 54 16.23 -20.24 33.82
CA LEU E 54 16.20 -20.35 35.27
C LEU E 54 15.33 -21.54 35.65
N VAL E 55 15.93 -22.52 36.32
CA VAL E 55 15.19 -23.70 36.75
C VAL E 55 14.25 -23.33 37.88
N LEU E 56 13.18 -24.10 38.04
CA LEU E 56 12.22 -23.90 39.12
C LEU E 56 12.25 -25.10 40.04
N GLY E 57 11.65 -24.95 41.21
CA GLY E 57 11.78 -25.96 42.25
C GLY E 57 10.64 -26.94 42.30
N ASN E 58 9.72 -26.75 43.25
CA ASN E 58 8.67 -27.71 43.55
C ASN E 58 7.45 -27.52 42.67
N VAL E 59 7.61 -26.86 41.52
CA VAL E 59 6.47 -26.58 40.63
C VAL E 59 6.05 -27.85 39.91
N THR E 60 4.85 -27.82 39.32
CA THR E 60 4.33 -28.93 38.54
C THR E 60 3.29 -28.37 37.58
N GLU E 61 3.52 -28.50 36.28
CA GLU E 61 2.68 -27.83 35.31
C GLU E 61 2.21 -28.80 34.25
N ASN E 62 0.94 -28.70 33.89
CA ASN E 62 0.33 -29.57 32.88
C ASN E 62 0.46 -28.91 31.51
N PHE E 63 1.19 -29.57 30.62
CA PHE E 63 1.36 -29.09 29.26
C PHE E 63 0.40 -29.79 28.31
N ASN E 64 0.12 -29.11 27.19
CA ASN E 64 -0.69 -29.65 26.11
C ASN E 64 -0.04 -29.19 24.82
N MET E 65 0.23 -30.12 23.91
CA MET E 65 1.02 -29.79 22.73
C MET E 65 0.12 -29.37 21.57
N TRP E 66 -0.95 -30.13 21.35
CA TRP E 66 -1.86 -29.86 20.24
C TRP E 66 -2.82 -28.72 20.52
N LYS E 67 -2.87 -28.23 21.76
CA LYS E 67 -3.64 -27.04 22.07
C LYS E 67 -2.77 -25.80 22.18
N ASN E 68 -1.52 -25.86 21.73
CA ASN E 68 -0.62 -24.73 21.86
C ASN E 68 -0.99 -23.63 20.86
N ASP E 69 -1.10 -22.41 21.36
CA ASP E 69 -1.50 -21.29 20.51
C ASP E 69 -0.28 -20.65 19.84
N MET E 70 0.92 -21.04 20.26
CA MET E 70 2.14 -20.44 19.73
C MET E 70 2.36 -20.81 18.26
N VAL E 71 2.10 -22.08 17.91
CA VAL E 71 2.25 -22.49 16.51
C VAL E 71 1.15 -21.89 15.65
N ASP E 72 -0.07 -21.77 16.20
CA ASP E 72 -1.17 -21.16 15.47
C ASP E 72 -1.02 -19.67 15.32
N GLN E 73 -0.15 -19.04 16.11
CA GLN E 73 0.26 -17.66 15.85
C GLN E 73 1.46 -17.57 14.92
N MET E 74 2.42 -18.51 15.02
CA MET E 74 3.64 -18.43 14.21
C MET E 74 3.32 -18.70 12.74
N HIS E 75 2.28 -19.50 12.49
CA HIS E 75 1.83 -19.75 11.12
C HIS E 75 1.38 -18.45 10.45
N GLU E 76 0.57 -17.65 11.16
CA GLU E 76 0.12 -16.38 10.60
C GLU E 76 1.24 -15.34 10.54
N ASP E 77 2.19 -15.40 11.48
CA ASP E 77 3.36 -14.53 11.40
C ASP E 77 4.20 -14.84 10.16
N ILE E 78 4.42 -16.12 9.87
CA ILE E 78 5.17 -16.54 8.69
C ILE E 78 4.43 -16.14 7.42
N ILE E 79 3.11 -16.32 7.41
CA ILE E 79 2.29 -15.95 6.26
C ILE E 79 2.39 -14.45 5.97
N SER E 80 2.21 -13.62 7.00
CA SER E 80 2.22 -12.17 6.81
C SER E 80 3.61 -11.65 6.45
N LEU E 81 4.66 -12.17 7.09
CA LEU E 81 6.01 -11.73 6.78
C LEU E 81 6.44 -12.14 5.36
N TRP E 82 6.06 -13.36 4.95
CA TRP E 82 6.48 -13.84 3.65
C TRP E 82 5.67 -13.18 2.54
N ASP E 83 4.43 -12.78 2.85
CA ASP E 83 3.64 -12.01 1.90
C ASP E 83 4.17 -10.58 1.78
N GLN E 84 4.66 -10.02 2.89
CA GLN E 84 5.26 -8.69 2.82
C GLN E 84 6.57 -8.69 2.05
N SER E 85 7.32 -9.81 2.10
CA SER E 85 8.61 -9.86 1.45
C SER E 85 8.55 -9.92 -0.08
N LEU E 86 7.37 -10.11 -0.69
CA LEU E 86 7.27 -10.22 -2.13
C LEU E 86 6.83 -8.94 -2.84
N LYS E 87 6.55 -7.87 -2.10
CA LYS E 87 5.97 -6.68 -2.71
C LYS E 87 6.87 -5.90 -3.69
N PRO E 88 8.16 -5.60 -3.43
CA PRO E 88 8.92 -4.81 -4.41
C PRO E 88 9.29 -5.56 -5.67
N CYS E 89 9.11 -6.87 -5.73
CA CYS E 89 9.56 -7.66 -6.86
C CYS E 89 8.63 -7.49 -8.05
N VAL E 90 9.05 -8.07 -9.18
CA VAL E 90 8.30 -7.96 -10.42
C VAL E 90 7.01 -8.75 -10.31
N LYS E 91 5.92 -8.23 -10.89
CA LYS E 91 4.61 -8.84 -10.78
C LYS E 91 4.40 -9.79 -11.96
N LEU E 92 5.45 -9.99 -12.78
CA LEU E 92 5.37 -10.54 -14.13
C LEU E 92 4.29 -9.81 -14.92
N THR E 93 3.43 -10.59 -15.61
CA THR E 93 2.15 -10.52 -16.37
C THR E 93 2.25 -10.35 -17.89
N PRO E 94 3.31 -9.83 -18.53
CA PRO E 94 3.42 -10.06 -19.98
C PRO E 94 3.89 -11.45 -20.34
N LEU E 95 4.28 -12.27 -19.36
CA LEU E 95 4.83 -13.58 -19.64
C LEU E 95 3.74 -14.64 -19.85
N CYS E 96 2.47 -14.27 -19.69
CA CYS E 96 1.34 -15.19 -19.87
C CYS E 96 1.02 -15.49 -21.33
N VAL E 97 1.92 -15.21 -22.27
CA VAL E 97 1.67 -15.34 -23.70
C VAL E 97 1.56 -16.79 -24.13
N THR E 98 1.11 -17.00 -25.37
CA THR E 98 1.16 -18.33 -25.96
C THR E 98 2.60 -18.74 -26.19
N LEU E 99 2.98 -19.89 -25.66
CA LEU E 99 4.33 -20.38 -25.87
C LEU E 99 4.36 -21.42 -26.98
N ILE E 100 5.39 -21.34 -27.82
CA ILE E 100 5.62 -22.29 -28.90
C ILE E 100 6.84 -23.12 -28.51
N CYS E 101 6.63 -24.41 -28.26
CA CYS E 101 7.68 -25.26 -27.73
C CYS E 101 7.98 -26.38 -28.71
N SER E 102 9.24 -26.48 -29.11
CA SER E 102 9.70 -27.50 -30.03
C SER E 102 10.21 -28.72 -29.26
N ASN E 103 10.92 -29.59 -29.96
CA ASN E 103 11.59 -30.72 -29.31
C ASN E 103 12.74 -30.21 -28.45
N ALA E 104 13.13 -31.03 -27.47
CA ALA E 104 14.12 -30.64 -26.47
C ALA E 104 15.53 -31.05 -26.88
N THR E 105 16.00 -30.45 -27.96
CA THR E 105 17.31 -30.76 -28.53
C THR E 105 18.36 -29.85 -27.88
N VAL E 106 18.86 -30.28 -26.73
CA VAL E 106 19.86 -29.49 -26.02
C VAL E 106 21.25 -29.62 -26.67
N LYS E 107 21.69 -30.85 -26.93
CA LYS E 107 22.97 -31.10 -27.60
C LYS E 107 22.79 -32.31 -28.52
N ASN E 108 21.68 -32.32 -29.27
CA ASN E 108 20.93 -33.50 -29.73
C ASN E 108 20.40 -34.37 -28.60
N GLY E 109 19.62 -35.38 -28.97
CA GLY E 109 18.89 -36.14 -27.99
C GLY E 109 17.72 -35.34 -27.48
N THR E 110 17.13 -35.85 -26.40
CA THR E 110 16.01 -35.19 -25.75
C THR E 110 16.24 -35.16 -24.25
N VAL E 111 16.21 -33.96 -23.67
CA VAL E 111 16.14 -33.83 -22.22
C VAL E 111 14.67 -34.00 -21.86
N GLU E 112 14.41 -34.98 -20.98
CA GLU E 112 13.04 -35.47 -20.81
C GLU E 112 12.24 -34.58 -19.87
N GLU E 113 12.91 -33.66 -19.17
CA GLU E 113 12.22 -32.85 -18.18
C GLU E 113 11.96 -31.42 -18.67
N MET E 114 12.83 -30.87 -19.52
CA MET E 114 12.80 -29.44 -19.84
C MET E 114 12.44 -29.25 -21.31
N LYS E 115 11.47 -28.38 -21.56
CA LYS E 115 11.07 -28.05 -22.92
C LYS E 115 11.66 -26.71 -23.35
N ASN E 116 12.18 -26.66 -24.57
CA ASN E 116 12.69 -25.42 -25.17
C ASN E 116 11.52 -24.68 -25.81
N CYS E 117 11.20 -23.50 -25.29
CA CYS E 117 10.05 -22.74 -25.74
C CYS E 117 10.52 -21.35 -26.15
N SER E 118 9.78 -20.73 -27.07
CA SER E 118 10.07 -19.38 -27.53
C SER E 118 8.77 -18.58 -27.55
N PHE E 119 8.89 -17.29 -27.22
CA PHE E 119 7.70 -16.48 -27.06
C PHE E 119 8.02 -15.02 -27.40
N ASN E 120 6.96 -14.27 -27.70
CA ASN E 120 7.10 -12.86 -28.04
C ASN E 120 7.05 -12.02 -26.77
N THR E 121 8.09 -11.24 -26.54
CA THR E 121 8.24 -10.39 -25.37
C THR E 121 7.93 -8.96 -25.76
N THR E 122 6.96 -8.36 -25.09
CA THR E 122 6.73 -6.92 -25.17
C THR E 122 7.88 -6.25 -24.43
N THR E 123 8.76 -5.60 -25.19
CA THR E 123 9.98 -5.06 -24.62
C THR E 123 9.68 -3.77 -23.83
N GLU E 124 10.77 -3.16 -23.33
CA GLU E 124 10.65 -1.99 -22.48
C GLU E 124 10.21 -0.75 -23.26
N ILE E 125 10.28 -0.80 -24.58
CA ILE E 125 9.86 0.31 -25.44
C ILE E 125 8.40 0.16 -25.84
N ARG E 126 7.89 -1.09 -25.77
CA ARG E 126 6.51 -1.56 -25.90
C ARG E 126 6.04 -1.57 -27.36
N ASP E 127 6.79 -0.95 -28.27
CA ASP E 127 6.44 -1.00 -29.68
C ASP E 127 7.54 -1.63 -30.52
N LYS E 128 8.48 -2.34 -29.89
CA LYS E 128 9.53 -3.07 -30.57
C LYS E 128 9.65 -4.47 -29.98
N GLU E 129 8.51 -5.16 -29.85
CA GLU E 129 8.45 -6.48 -29.23
C GLU E 129 9.27 -7.49 -30.03
N LYS E 130 9.92 -8.40 -29.31
CA LYS E 130 10.93 -9.25 -29.95
C LYS E 130 10.77 -10.69 -29.51
N LYS E 131 11.32 -11.60 -30.29
CA LYS E 131 11.30 -13.01 -29.96
C LYS E 131 12.36 -13.32 -28.91
N GLU E 132 12.02 -14.20 -27.97
CA GLU E 132 12.96 -14.68 -26.98
C GLU E 132 12.74 -16.17 -26.78
N TYR E 133 13.72 -16.85 -26.19
CA TYR E 133 13.60 -18.28 -25.93
C TYR E 133 14.10 -18.60 -24.54
N ALA E 134 13.48 -19.62 -23.94
CA ALA E 134 13.84 -20.06 -22.60
C ALA E 134 13.49 -21.54 -22.46
N LEU E 135 14.09 -22.19 -21.47
CA LEU E 135 13.81 -23.58 -21.17
C LEU E 135 12.99 -23.67 -19.89
N PHE E 136 11.88 -24.40 -19.95
CA PHE E 136 10.96 -24.50 -18.84
C PHE E 136 10.80 -25.95 -18.38
N TYR E 137 10.39 -26.12 -17.14
CA TYR E 137 10.04 -27.44 -16.64
C TYR E 137 8.61 -27.81 -17.03
N LYS E 138 8.43 -29.08 -17.39
CA LYS E 138 7.14 -29.63 -17.78
C LYS E 138 6.04 -29.61 -16.71
N PRO E 139 6.33 -29.60 -15.40
CA PRO E 139 5.29 -29.17 -14.44
C PRO E 139 4.83 -27.73 -14.59
N ASP E 140 5.63 -26.84 -15.17
CA ASP E 140 5.20 -25.46 -15.33
C ASP E 140 4.55 -25.20 -16.68
N ILE E 141 4.41 -26.21 -17.52
CA ILE E 141 3.96 -26.05 -18.90
C ILE E 141 2.68 -26.85 -19.10
N VAL E 142 1.64 -26.17 -19.60
CA VAL E 142 0.34 -26.79 -19.85
C VAL E 142 0.03 -26.66 -21.34
N PRO E 143 -0.52 -27.69 -21.99
CA PRO E 143 -1.04 -27.52 -23.35
C PRO E 143 -2.18 -26.51 -23.39
N LEU E 144 -2.20 -25.70 -24.44
CA LEU E 144 -3.14 -24.59 -24.51
C LEU E 144 -4.56 -25.07 -24.82
N SER E 145 -4.69 -26.02 -25.75
CA SER E 145 -6.00 -26.54 -26.13
C SER E 145 -5.92 -28.06 -26.22
N GLU E 146 -7.09 -28.69 -26.16
CA GLU E 146 -7.17 -30.14 -26.23
C GLU E 146 -7.08 -30.67 -27.65
N THR E 147 -7.04 -29.78 -28.65
CA THR E 147 -6.91 -30.20 -30.04
C THR E 147 -5.49 -30.67 -30.34
N ASN E 148 -5.26 -31.03 -31.60
CA ASN E 148 -3.99 -31.62 -32.01
C ASN E 148 -2.94 -30.57 -32.39
N ASN E 149 -3.17 -29.31 -32.00
CA ASN E 149 -2.15 -28.28 -32.12
C ASN E 149 -1.13 -28.34 -30.98
N THR E 150 -0.42 -29.46 -30.83
CA THR E 150 0.39 -29.76 -29.65
C THR E 150 1.72 -29.04 -29.62
N SER E 151 1.96 -28.04 -30.45
CA SER E 151 3.16 -27.21 -30.35
C SER E 151 2.86 -25.84 -29.75
N GLU E 152 1.70 -25.68 -29.13
CA GLU E 152 1.25 -24.41 -28.57
C GLU E 152 1.01 -24.62 -27.08
N TYR E 153 1.68 -23.83 -26.24
CA TYR E 153 1.68 -24.09 -24.81
C TYR E 153 1.48 -22.81 -24.02
N ARG E 154 1.31 -22.98 -22.71
CA ARG E 154 1.03 -21.90 -21.78
C ARG E 154 1.72 -22.20 -20.46
N LEU E 155 1.94 -21.14 -19.67
CA LEU E 155 2.32 -21.35 -18.28
C LEU E 155 1.15 -21.90 -17.50
N ILE E 156 1.43 -22.59 -16.39
CA ILE E 156 0.38 -23.22 -15.60
C ILE E 156 -0.46 -22.15 -14.89
N ASN E 157 0.08 -20.94 -14.74
CA ASN E 157 -0.64 -19.83 -14.16
C ASN E 157 -1.54 -19.13 -15.17
N CYS E 158 -1.96 -17.94 -14.79
CA CYS E 158 -2.71 -16.93 -15.55
C CYS E 158 -4.17 -17.33 -15.77
N ASN E 159 -4.53 -18.57 -15.46
CA ASN E 159 -5.94 -18.95 -15.40
C ASN E 159 -6.42 -19.07 -13.96
N THR E 160 -5.50 -19.01 -13.02
CA THR E 160 -5.74 -19.07 -11.58
C THR E 160 -5.28 -17.79 -10.89
N SER E 161 -4.05 -17.33 -11.16
CA SER E 161 -3.56 -16.07 -10.62
C SER E 161 -2.41 -15.56 -11.49
N ALA E 162 -2.19 -14.25 -11.45
CA ALA E 162 -1.02 -13.63 -12.03
C ALA E 162 0.01 -13.41 -10.93
N CYS E 163 1.04 -14.24 -10.92
CA CYS E 163 1.95 -14.25 -9.79
C CYS E 163 3.34 -13.74 -10.14
N THR E 164 4.27 -13.92 -9.21
CA THR E 164 5.43 -13.07 -9.09
C THR E 164 6.70 -13.88 -9.06
N GLN E 165 7.80 -13.21 -9.39
CA GLN E 165 9.12 -13.78 -9.23
C GLN E 165 9.69 -13.32 -7.90
N ALA E 166 10.28 -14.25 -7.14
CA ALA E 166 10.97 -13.88 -5.91
C ALA E 166 12.24 -13.10 -6.26
N CYS E 167 12.52 -12.05 -5.49
CA CYS E 167 13.67 -11.21 -5.75
C CYS E 167 14.97 -11.96 -5.48
N PRO E 168 15.89 -12.02 -6.43
CA PRO E 168 17.12 -12.79 -6.22
C PRO E 168 18.19 -12.01 -5.47
N LYS E 169 17.81 -11.36 -4.38
CA LYS E 169 18.78 -10.83 -3.43
C LYS E 169 18.29 -10.99 -2.00
N VAL E 170 17.08 -11.49 -1.78
CA VAL E 170 16.71 -12.09 -0.51
C VAL E 170 17.10 -13.55 -0.64
N THR E 171 17.27 -14.25 0.48
CA THR E 171 17.59 -15.66 0.40
C THR E 171 16.58 -16.45 1.22
N PHE E 172 16.58 -17.76 1.00
CA PHE E 172 15.62 -18.65 1.63
C PHE E 172 16.25 -19.46 2.75
N GLU E 173 17.34 -18.96 3.33
CA GLU E 173 18.04 -19.66 4.38
C GLU E 173 17.19 -19.71 5.66
N PRO E 174 17.04 -20.86 6.30
CA PRO E 174 16.26 -20.95 7.54
C PRO E 174 17.01 -20.40 8.74
N ILE E 175 16.91 -19.08 8.92
CA ILE E 175 17.52 -18.38 10.05
C ILE E 175 16.86 -18.84 11.34
N PRO E 176 17.65 -19.22 12.36
CA PRO E 176 17.07 -19.59 13.65
C PRO E 176 16.45 -18.38 14.33
N ILE E 177 15.17 -18.51 14.68
CA ILE E 177 14.37 -17.39 15.17
C ILE E 177 13.89 -17.74 16.57
N HIS E 178 14.24 -16.90 17.54
CA HIS E 178 13.84 -17.09 18.93
C HIS E 178 12.56 -16.34 19.18
N TYR E 179 11.72 -16.86 20.06
CA TYR E 179 10.51 -16.16 20.46
C TYR E 179 10.57 -15.73 21.91
N CYS E 180 10.17 -14.48 22.15
CA CYS E 180 10.35 -13.90 23.47
C CYS E 180 9.01 -13.39 23.96
N ALA E 181 8.77 -13.56 25.25
CA ALA E 181 7.53 -13.02 25.80
C ALA E 181 7.70 -11.54 26.10
N PRO E 182 6.69 -10.72 25.88
CA PRO E 182 6.77 -9.31 26.26
C PRO E 182 6.60 -9.16 27.76
N ALA E 183 6.49 -7.90 28.19
CA ALA E 183 6.33 -7.61 29.60
C ALA E 183 4.98 -8.09 30.11
N GLY E 184 5.00 -8.73 31.28
CA GLY E 184 3.80 -9.23 31.90
C GLY E 184 3.54 -10.71 31.70
N TYR E 185 4.28 -11.37 30.82
CA TYR E 185 4.12 -12.80 30.58
C TYR E 185 5.46 -13.50 30.78
N ALA E 186 5.42 -14.83 30.67
CA ALA E 186 6.64 -15.62 30.80
C ALA E 186 6.50 -16.90 30.00
N ILE E 187 7.65 -17.49 29.67
CA ILE E 187 7.73 -18.72 28.90
C ILE E 187 8.21 -19.84 29.82
N LEU E 188 7.35 -20.85 30.00
CA LEU E 188 7.69 -22.07 30.72
C LEU E 188 8.12 -23.14 29.74
N LYS E 189 9.19 -23.85 30.12
CA LYS E 189 9.78 -24.92 29.31
C LYS E 189 9.85 -26.18 30.15
N CYS E 190 9.39 -27.29 29.57
CA CYS E 190 9.42 -28.58 30.26
C CYS E 190 10.71 -29.31 29.93
N ASN E 191 11.54 -29.56 30.94
CA ASN E 191 12.83 -30.20 30.75
C ASN E 191 12.75 -31.72 30.85
N ASP E 192 11.57 -32.28 31.06
CA ASP E 192 11.41 -33.72 31.00
C ASP E 192 11.46 -34.20 29.56
N GLU E 193 12.38 -35.13 29.27
CA GLU E 193 12.46 -35.72 27.94
C GLU E 193 11.49 -36.89 27.77
N THR E 194 10.86 -37.34 28.86
CA THR E 194 9.88 -38.41 28.79
C THR E 194 8.48 -37.91 28.49
N PHE E 195 8.33 -36.63 28.15
CA PHE E 195 7.05 -36.00 27.89
C PHE E 195 6.41 -36.55 26.61
N ASN E 196 5.21 -37.12 26.72
CA ASN E 196 4.58 -37.82 25.61
C ASN E 196 3.40 -37.06 25.01
N GLY E 197 3.43 -35.74 25.06
CA GLY E 197 2.47 -34.92 24.35
C GLY E 197 1.48 -34.17 25.22
N THR E 198 0.92 -34.81 26.23
CA THR E 198 0.00 -34.15 27.16
C THR E 198 0.39 -34.54 28.59
N GLY E 199 0.01 -33.70 29.53
CA GLY E 199 0.04 -34.10 30.92
C GLY E 199 1.06 -33.36 31.77
N PRO E 200 1.35 -33.90 32.96
CA PRO E 200 2.19 -33.18 33.91
C PRO E 200 3.67 -33.17 33.54
N CYS E 201 4.35 -32.13 34.00
CA CYS E 201 5.80 -31.99 33.89
C CYS E 201 6.31 -31.38 35.19
N SER E 202 7.46 -31.89 35.65
CA SER E 202 8.05 -31.48 36.92
C SER E 202 9.35 -30.71 36.76
N ASN E 203 10.27 -31.19 35.93
CA ASN E 203 11.49 -30.44 35.64
C ASN E 203 11.12 -29.28 34.71
N VAL E 204 10.86 -28.12 35.31
CA VAL E 204 10.34 -26.95 34.60
C VAL E 204 11.31 -25.80 34.78
N SER E 205 11.64 -25.12 33.69
CA SER E 205 12.41 -23.89 33.75
C SER E 205 11.59 -22.77 33.15
N THR E 206 12.03 -21.54 33.41
CA THR E 206 11.50 -20.35 32.77
C THR E 206 12.59 -19.72 31.91
N VAL E 207 12.18 -19.23 30.73
CA VAL E 207 13.12 -18.66 29.76
C VAL E 207 12.57 -17.33 29.26
N GLN E 208 13.47 -16.38 29.05
CA GLN E 208 13.06 -15.11 28.46
C GLN E 208 12.87 -15.24 26.96
N CYS E 209 13.67 -16.06 26.30
CA CYS E 209 13.55 -16.28 24.87
C CYS E 209 13.73 -17.76 24.60
N THR E 210 13.04 -18.27 23.57
CA THR E 210 13.00 -19.70 23.35
C THR E 210 14.25 -20.18 22.61
N HIS E 211 14.28 -21.49 22.36
CA HIS E 211 15.27 -22.11 21.49
C HIS E 211 15.06 -21.60 20.07
N GLY E 212 16.14 -21.47 19.31
CA GLY E 212 16.05 -21.06 17.92
C GLY E 212 15.31 -22.04 17.04
N ILE E 213 14.17 -21.61 16.52
CA ILE E 213 13.36 -22.44 15.65
C ILE E 213 13.79 -22.24 14.21
N ARG E 214 13.96 -23.35 13.48
CA ARG E 214 14.27 -23.28 12.07
C ARG E 214 12.96 -23.49 11.31
N PRO E 215 12.40 -22.45 10.67
CA PRO E 215 11.12 -22.59 9.97
C PRO E 215 11.24 -23.25 8.59
N VAL E 216 11.67 -24.51 8.58
CA VAL E 216 11.85 -25.23 7.32
C VAL E 216 10.52 -25.84 6.91
N VAL E 217 10.07 -25.50 5.70
CA VAL E 217 8.85 -26.10 5.17
C VAL E 217 9.21 -27.43 4.52
N SER E 218 8.57 -28.51 4.99
CA SER E 218 8.89 -29.83 4.49
C SER E 218 7.68 -30.74 4.66
N THR E 219 7.67 -31.80 3.86
CA THR E 219 6.64 -32.82 3.90
C THR E 219 7.30 -34.19 3.88
N GLN E 220 6.71 -35.13 4.63
CA GLN E 220 7.06 -36.55 4.77
C GLN E 220 8.36 -36.81 5.52
N LEU E 221 9.13 -35.76 5.79
CA LEU E 221 10.36 -35.81 6.57
C LEU E 221 10.58 -34.44 7.18
N LEU E 222 11.26 -34.40 8.31
CA LEU E 222 11.62 -33.15 8.96
C LEU E 222 13.11 -32.94 8.80
N LEU E 223 13.48 -31.74 8.32
CA LEU E 223 14.85 -31.34 8.07
C LEU E 223 15.53 -30.89 9.37
N ASN E 224 16.59 -30.08 9.23
CA ASN E 224 17.34 -29.51 10.34
C ASN E 224 16.45 -28.99 11.46
N GLY E 225 16.63 -29.56 12.64
CA GLY E 225 15.81 -29.25 13.80
C GLY E 225 16.37 -29.91 15.04
N SER E 226 15.74 -29.67 16.19
CA SER E 226 16.26 -30.18 17.45
C SER E 226 16.08 -31.69 17.54
N LEU E 227 17.04 -32.33 18.21
CA LEU E 227 17.03 -33.77 18.34
C LEU E 227 16.41 -34.15 19.68
N ALA E 228 15.90 -35.38 19.75
CA ALA E 228 15.38 -35.90 21.01
C ALA E 228 16.52 -36.19 21.97
N GLU E 229 16.20 -36.20 23.26
CA GLU E 229 17.22 -36.29 24.30
C GLU E 229 17.54 -37.72 24.74
N LYS E 230 16.58 -38.63 24.67
CA LYS E 230 16.87 -40.00 25.10
C LYS E 230 16.65 -41.03 23.99
N GLU E 231 15.48 -41.01 23.36
CA GLU E 231 15.13 -42.04 22.39
C GLU E 231 14.06 -41.51 21.43
N ILE E 232 13.58 -42.39 20.58
CA ILE E 232 12.56 -42.04 19.60
C ILE E 232 11.22 -41.85 20.30
N VAL E 233 10.57 -40.71 20.07
CA VAL E 233 9.34 -40.33 20.75
C VAL E 233 8.20 -40.36 19.74
N ILE E 234 7.09 -40.97 20.13
CA ILE E 234 5.88 -41.04 19.31
C ILE E 234 4.85 -40.08 19.89
N ARG E 235 4.34 -39.18 19.05
CA ARG E 235 3.42 -38.13 19.49
C ARG E 235 2.16 -38.19 18.64
N SER E 236 1.02 -38.44 19.27
CA SER E 236 -0.26 -38.35 18.59
C SER E 236 -1.30 -37.91 19.62
N GLU E 237 -2.18 -37.01 19.20
CA GLU E 237 -3.22 -36.49 20.09
C GLU E 237 -4.18 -37.60 20.50
N ASN E 238 -4.57 -38.43 19.56
CA ASN E 238 -5.21 -39.71 19.84
C ASN E 238 -4.52 -40.72 18.95
N LEU E 239 -3.72 -41.61 19.56
CA LEU E 239 -2.95 -42.58 18.77
C LEU E 239 -3.84 -43.58 18.07
N THR E 240 -5.00 -43.89 18.65
CA THR E 240 -5.94 -44.81 18.03
C THR E 240 -6.63 -44.20 16.81
N ASN E 241 -6.64 -42.87 16.69
CA ASN E 241 -7.33 -42.19 15.60
C ASN E 241 -6.50 -42.33 14.33
N ASN E 242 -7.10 -42.91 13.29
CA ASN E 242 -6.40 -43.14 12.04
C ASN E 242 -6.26 -41.88 11.19
N ALA E 243 -7.06 -40.85 11.46
CA ALA E 243 -6.97 -39.63 10.67
C ALA E 243 -6.00 -38.63 11.24
N LYS E 244 -5.38 -38.93 12.38
CA LYS E 244 -4.54 -37.98 13.10
C LYS E 244 -3.08 -38.21 12.73
N ILE E 245 -2.37 -37.14 12.41
CA ILE E 245 -0.97 -37.22 11.97
C ILE E 245 -0.11 -37.57 13.19
N ILE E 246 0.58 -38.70 13.11
CA ILE E 246 1.34 -39.22 14.26
C ILE E 246 2.81 -38.90 14.01
N ILE E 247 3.33 -37.94 14.76
CA ILE E 247 4.68 -37.43 14.55
C ILE E 247 5.68 -38.31 15.27
N VAL E 248 6.82 -38.55 14.63
CA VAL E 248 7.91 -39.37 15.18
C VAL E 248 9.13 -38.48 15.31
N HIS E 249 9.70 -38.42 16.51
CA HIS E 249 10.90 -37.63 16.77
C HIS E 249 12.07 -38.57 17.03
N LEU E 250 13.22 -38.27 16.43
CA LEU E 250 14.35 -39.18 16.46
C LEU E 250 15.43 -38.71 17.44
N HIS E 251 16.10 -39.69 18.05
CA HIS E 251 17.31 -39.44 18.82
C HIS E 251 18.54 -39.45 17.93
N THR E 252 18.72 -40.54 17.19
CA THR E 252 19.86 -40.66 16.30
C THR E 252 19.55 -40.02 14.95
N PRO E 253 20.30 -39.01 14.53
CA PRO E 253 19.99 -38.32 13.28
C PRO E 253 20.40 -39.14 12.08
N VAL E 254 19.80 -38.84 10.94
CA VAL E 254 20.18 -39.46 9.67
C VAL E 254 20.79 -38.37 8.80
N GLU E 255 21.85 -38.68 8.07
CA GLU E 255 22.48 -37.69 7.21
C GLU E 255 22.04 -37.89 5.77
N ILE E 256 21.44 -36.86 5.19
CA ILE E 256 21.00 -36.87 3.80
C ILE E 256 21.82 -35.82 3.05
N VAL E 257 22.25 -36.16 1.84
CA VAL E 257 23.03 -35.25 1.01
C VAL E 257 22.66 -35.44 -0.44
N CYS E 258 22.34 -34.35 -1.13
CA CYS E 258 21.97 -34.44 -2.53
C CYS E 258 22.20 -33.11 -3.24
N THR E 259 21.72 -33.05 -4.48
CA THR E 259 22.27 -32.14 -5.46
C THR E 259 21.35 -32.09 -6.68
N ARG E 260 21.67 -31.17 -7.58
CA ARG E 260 21.12 -31.13 -8.92
C ARG E 260 22.33 -31.21 -9.85
N PRO E 261 22.70 -32.40 -10.30
CA PRO E 261 23.95 -32.57 -11.06
C PRO E 261 23.81 -32.23 -12.55
N ASN E 262 23.26 -31.05 -12.82
CA ASN E 262 23.06 -30.60 -14.20
C ASN E 262 23.51 -29.16 -14.27
N ASN E 263 24.53 -28.89 -15.07
CA ASN E 263 25.19 -27.59 -15.09
C ASN E 263 24.31 -26.56 -15.81
N ASN E 264 23.42 -25.95 -15.04
CA ASN E 264 22.46 -25.01 -15.56
C ASN E 264 23.12 -23.66 -15.84
N THR E 265 22.43 -22.80 -16.58
CA THR E 265 22.89 -21.47 -16.92
C THR E 265 21.74 -20.49 -16.81
N ARG E 266 21.99 -19.32 -16.21
CA ARG E 266 20.95 -18.32 -16.04
C ARG E 266 20.88 -17.40 -17.26
N LYS E 267 19.67 -17.13 -17.73
CA LYS E 267 19.40 -16.20 -18.81
C LYS E 267 18.60 -15.02 -18.29
N SER E 268 18.91 -13.83 -18.79
CA SER E 268 18.22 -12.61 -18.37
C SER E 268 17.38 -12.06 -19.53
N VAL E 269 16.10 -11.81 -19.26
CA VAL E 269 15.17 -11.26 -20.23
C VAL E 269 14.60 -9.98 -19.60
N ARG E 270 14.48 -8.93 -20.40
CA ARG E 270 13.86 -7.70 -19.94
C ARG E 270 12.37 -7.74 -20.23
N ILE E 271 11.56 -7.65 -19.18
CA ILE E 271 10.12 -7.71 -19.28
C ILE E 271 9.60 -6.35 -18.82
N GLY E 272 9.17 -5.53 -19.78
CA GLY E 272 8.64 -4.23 -19.47
C GLY E 272 9.73 -3.23 -19.09
N PRO E 273 9.32 -2.04 -18.63
CA PRO E 273 10.30 -1.01 -18.31
C PRO E 273 11.03 -1.27 -17.01
N GLY E 274 12.36 -1.28 -17.09
CA GLY E 274 13.20 -1.26 -15.90
C GLY E 274 13.45 -2.58 -15.21
N GLN E 275 12.43 -3.44 -15.15
CA GLN E 275 12.48 -4.67 -14.37
C GLN E 275 12.80 -5.85 -15.27
N THR E 276 13.51 -6.85 -14.72
CA THR E 276 13.96 -7.98 -15.50
C THR E 276 13.30 -9.26 -15.01
N PHE E 277 13.66 -10.36 -15.67
CA PHE E 277 13.16 -11.69 -15.36
C PHE E 277 14.25 -12.69 -15.70
N TYR E 278 14.39 -13.72 -14.86
CA TYR E 278 15.46 -14.69 -14.99
C TYR E 278 14.89 -16.06 -15.33
N ALA E 279 15.48 -16.71 -16.33
CA ALA E 279 14.99 -18.00 -16.80
C ALA E 279 16.16 -18.94 -17.01
N THR E 280 15.84 -20.16 -17.43
CA THR E 280 16.85 -21.18 -17.67
C THR E 280 17.25 -21.18 -19.13
N GLY E 281 18.53 -20.94 -19.41
CA GLY E 281 19.00 -20.91 -20.77
C GLY E 281 19.51 -22.25 -21.24
N ASP E 282 20.74 -22.28 -21.72
CA ASP E 282 21.32 -23.52 -22.23
C ASP E 282 21.76 -24.40 -21.07
N ILE E 283 21.98 -25.68 -21.36
CA ILE E 283 22.55 -26.62 -20.40
C ILE E 283 23.90 -27.06 -20.94
N ILE E 284 24.93 -26.84 -20.16
CA ILE E 284 26.27 -27.19 -20.59
C ILE E 284 26.64 -28.55 -20.01
N GLY E 285 27.12 -29.44 -20.86
CA GLY E 285 27.46 -30.78 -20.43
C GLY E 285 26.30 -31.74 -20.61
N ASP E 286 26.55 -32.98 -20.18
CA ASP E 286 25.58 -34.05 -20.33
C ASP E 286 24.44 -33.89 -19.33
N ILE E 287 23.31 -34.53 -19.63
CA ILE E 287 22.13 -34.45 -18.79
C ILE E 287 22.18 -35.56 -17.75
N LYS E 288 22.01 -35.17 -16.48
CA LYS E 288 21.95 -36.12 -15.39
C LYS E 288 20.69 -35.87 -14.59
N GLN E 289 20.31 -36.85 -13.76
CA GLN E 289 19.03 -36.80 -13.07
C GLN E 289 19.19 -36.29 -11.64
N ALA E 290 18.24 -35.47 -11.21
CA ALA E 290 18.16 -35.04 -9.83
C ALA E 290 17.73 -36.21 -8.96
N HIS E 291 18.45 -36.43 -7.86
CA HIS E 291 18.27 -37.60 -7.02
C HIS E 291 18.73 -37.26 -5.61
N CYS E 292 18.23 -38.01 -4.63
CA CYS E 292 18.72 -37.87 -3.26
C CYS E 292 19.05 -39.20 -2.61
N ASN E 293 20.05 -39.16 -1.73
CA ASN E 293 20.72 -40.35 -1.21
C ASN E 293 20.58 -40.44 0.29
N ILE E 294 20.25 -41.65 0.78
CA ILE E 294 20.26 -41.95 2.20
C ILE E 294 21.00 -43.28 2.39
N SER E 295 21.89 -43.35 3.37
CA SER E 295 22.57 -44.61 3.65
C SER E 295 21.58 -45.67 4.12
N GLU E 296 21.73 -46.89 3.59
CA GLU E 296 20.67 -47.90 3.72
C GLU E 296 20.62 -48.49 5.12
N GLU E 297 21.78 -48.77 5.72
CA GLU E 297 21.81 -49.45 7.01
C GLU E 297 21.28 -48.54 8.11
N LYS E 298 21.56 -47.23 8.03
CA LYS E 298 21.04 -46.29 9.01
C LYS E 298 19.53 -46.12 8.87
N TRP E 299 19.03 -46.14 7.64
CA TRP E 299 17.59 -46.02 7.42
C TRP E 299 16.85 -47.25 7.93
N ASN E 300 17.40 -48.45 7.68
CA ASN E 300 16.75 -49.66 8.18
C ASN E 300 16.84 -49.75 9.70
N ASP E 301 17.95 -49.30 10.28
CA ASP E 301 18.09 -49.23 11.73
C ASP E 301 17.07 -48.26 12.33
N THR E 302 16.90 -47.10 11.69
CA THR E 302 15.95 -46.09 12.17
C THR E 302 14.52 -46.61 12.10
N LEU E 303 14.16 -47.29 11.01
CA LEU E 303 12.79 -47.78 10.89
C LEU E 303 12.54 -48.96 11.82
N GLN E 304 13.55 -49.78 12.10
CA GLN E 304 13.37 -50.83 13.10
C GLN E 304 13.22 -50.25 14.50
N LYS E 305 13.94 -49.17 14.82
CA LYS E 305 13.76 -48.55 16.13
C LYS E 305 12.40 -47.85 16.25
N VAL E 306 11.92 -47.26 15.15
CA VAL E 306 10.57 -46.71 15.13
C VAL E 306 9.54 -47.82 15.30
N GLY E 307 9.81 -49.00 14.72
CA GLY E 307 8.94 -50.14 14.94
C GLY E 307 8.96 -50.63 16.39
N ILE E 308 10.12 -50.54 17.04
CA ILE E 308 10.22 -50.86 18.46
C ILE E 308 9.34 -49.92 19.28
N GLU E 309 9.44 -48.62 19.00
CA GLU E 309 8.63 -47.65 19.74
C GLU E 309 7.16 -47.76 19.39
N LEU E 310 6.83 -48.23 18.19
CA LEU E 310 5.44 -48.51 17.85
C LEU E 310 4.94 -49.73 18.60
N GLN E 311 5.82 -50.72 18.80
CA GLN E 311 5.48 -51.89 19.61
C GLN E 311 5.40 -51.58 21.09
N LYS E 312 5.92 -50.43 21.52
CA LYS E 312 5.62 -49.94 22.86
C LYS E 312 4.18 -49.46 23.03
N HIS E 313 3.43 -49.32 21.94
CA HIS E 313 2.01 -49.01 22.03
C HIS E 313 1.09 -50.00 21.32
N PHE E 314 1.64 -50.91 20.52
CA PHE E 314 0.85 -51.98 19.91
C PHE E 314 1.46 -53.32 20.31
N PRO E 315 0.66 -54.24 20.89
CA PRO E 315 1.22 -55.31 21.72
C PRO E 315 2.07 -56.36 21.00
N ASN E 316 1.52 -57.01 19.98
CA ASN E 316 2.15 -58.16 19.37
C ASN E 316 2.18 -58.09 17.84
N LYS E 317 1.57 -57.07 17.25
CA LYS E 317 1.55 -56.92 15.81
C LYS E 317 2.91 -56.46 15.31
N THR E 318 3.18 -56.75 14.04
CA THR E 318 4.36 -56.22 13.36
C THR E 318 4.05 -54.84 12.80
N ILE E 319 5.03 -54.25 12.11
CA ILE E 319 4.90 -52.92 11.53
C ILE E 319 5.29 -52.99 10.07
N LYS E 320 4.41 -52.49 9.21
CA LYS E 320 4.61 -52.49 7.76
C LYS E 320 4.41 -51.07 7.26
N TYR E 321 5.02 -50.76 6.11
CA TYR E 321 4.87 -49.45 5.50
C TYR E 321 4.56 -49.60 4.01
N ASN E 322 4.00 -48.53 3.45
CA ASN E 322 3.78 -48.42 2.02
C ASN E 322 4.17 -47.02 1.59
N GLN E 323 3.89 -46.71 0.32
CA GLN E 323 4.04 -45.34 -0.15
C GLN E 323 2.74 -44.57 0.07
N SER E 324 2.76 -43.29 -0.28
CA SER E 324 1.58 -42.45 -0.16
C SER E 324 0.52 -42.82 -1.19
N ALA E 325 -0.73 -42.45 -0.94
CA ALA E 325 -1.87 -42.95 -1.72
C ALA E 325 -2.06 -42.17 -3.01
N GLY E 326 -1.08 -42.29 -3.90
CA GLY E 326 -1.16 -41.68 -5.22
C GLY E 326 -0.87 -40.20 -5.20
N GLY E 327 -1.82 -39.42 -4.69
CA GLY E 327 -1.78 -37.99 -4.42
C GLY E 327 -1.36 -37.13 -5.61
N ASP E 328 -1.04 -35.88 -5.28
CA ASP E 328 -0.47 -34.95 -6.24
C ASP E 328 0.92 -34.56 -5.76
N MET E 329 1.57 -33.66 -6.50
CA MET E 329 3.00 -33.40 -6.37
C MET E 329 3.37 -32.84 -4.99
N GLU E 330 2.54 -31.95 -4.45
CA GLU E 330 2.87 -31.35 -3.16
C GLU E 330 2.46 -32.23 -2.00
N ILE E 331 1.77 -33.34 -2.27
CA ILE E 331 1.27 -34.19 -1.18
C ILE E 331 2.03 -35.51 -1.12
N THR E 332 2.28 -36.15 -2.25
CA THR E 332 2.81 -37.50 -2.27
C THR E 332 4.33 -37.58 -2.27
N THR E 333 5.02 -36.46 -2.39
CA THR E 333 6.47 -36.46 -2.52
C THR E 333 7.11 -35.59 -1.44
N HIS E 334 8.30 -36.00 -1.02
CA HIS E 334 9.12 -35.23 -0.09
C HIS E 334 9.47 -33.91 -0.77
N SER E 335 8.83 -32.84 -0.34
CA SER E 335 8.94 -31.54 -0.98
C SER E 335 9.76 -30.64 -0.09
N PHE E 336 10.97 -30.30 -0.54
CA PHE E 336 11.80 -29.46 0.31
C PHE E 336 12.54 -28.45 -0.55
N ASN E 337 13.30 -27.61 0.13
CA ASN E 337 14.03 -26.52 -0.50
C ASN E 337 15.52 -26.78 -0.41
N CYS E 338 16.23 -26.53 -1.51
CA CYS E 338 17.68 -26.75 -1.57
C CYS E 338 18.28 -25.56 -2.31
N GLY E 339 18.85 -24.63 -1.53
CA GLY E 339 19.57 -23.49 -2.07
C GLY E 339 18.74 -22.45 -2.78
N GLY E 340 17.42 -22.59 -2.81
CA GLY E 340 16.59 -21.74 -3.63
C GLY E 340 15.75 -22.56 -4.59
N GLU E 341 16.23 -23.74 -4.96
CA GLU E 341 15.44 -24.62 -5.80
C GLU E 341 14.49 -25.46 -4.96
N PHE E 342 13.48 -26.02 -5.62
CA PHE E 342 12.46 -26.82 -4.97
C PHE E 342 12.54 -28.24 -5.48
N PHE E 343 12.71 -29.19 -4.56
CA PHE E 343 12.84 -30.60 -4.91
C PHE E 343 11.59 -31.35 -4.46
N TYR E 344 11.16 -32.29 -5.29
CA TYR E 344 10.02 -33.16 -5.00
C TYR E 344 10.50 -34.59 -5.24
N CYS E 345 10.72 -35.34 -4.16
CA CYS E 345 11.37 -36.64 -4.25
C CYS E 345 10.38 -37.76 -3.96
N ASN E 346 10.42 -38.82 -4.76
CA ASN E 346 9.54 -39.97 -4.59
C ASN E 346 10.04 -40.82 -3.44
N THR E 347 9.20 -40.99 -2.41
CA THR E 347 9.61 -41.57 -1.14
C THR E 347 9.42 -43.07 -1.05
N SER E 348 8.95 -43.71 -2.12
CA SER E 348 8.52 -45.12 -2.08
C SER E 348 9.68 -46.04 -1.72
N ASN E 349 10.86 -45.78 -2.29
CA ASN E 349 12.05 -46.56 -2.01
C ASN E 349 12.49 -46.46 -0.55
N LEU E 350 12.06 -45.42 0.17
CA LEU E 350 12.37 -45.33 1.59
C LEU E 350 11.56 -46.31 2.42
N PHE E 351 10.36 -46.69 1.96
CA PHE E 351 9.46 -47.45 2.81
C PHE E 351 9.00 -48.76 2.20
N ASN E 352 9.83 -49.37 1.35
CA ASN E 352 9.58 -50.72 0.86
C ASN E 352 10.25 -51.71 1.81
N GLY E 353 9.79 -51.76 3.05
CA GLY E 353 10.39 -52.61 4.05
C GLY E 353 9.41 -52.95 5.14
N THR E 354 9.82 -53.86 6.01
CA THR E 354 8.97 -54.39 7.08
C THR E 354 9.82 -54.60 8.32
N TYR E 355 9.24 -54.29 9.48
CA TYR E 355 9.81 -54.69 10.77
C TYR E 355 8.97 -55.83 11.31
N ASN E 356 9.62 -56.93 11.65
CA ASN E 356 8.94 -58.20 11.93
C ASN E 356 8.56 -58.34 13.40
N GLY E 357 8.82 -57.30 14.19
CA GLY E 357 8.57 -57.38 15.61
C GLY E 357 9.72 -57.92 16.42
N THR E 358 10.75 -58.47 15.77
CA THR E 358 11.94 -58.96 16.45
C THR E 358 13.12 -58.15 15.90
N TYR E 359 13.85 -57.48 16.78
CA TYR E 359 14.91 -56.59 16.33
C TYR E 359 16.13 -57.39 15.89
N ILE E 360 16.66 -57.02 14.72
CA ILE E 360 17.78 -57.68 14.09
C ILE E 360 18.98 -56.74 14.16
N SER E 361 20.17 -57.32 14.42
CA SER E 361 21.43 -56.59 14.49
C SER E 361 21.69 -55.82 13.20
N THR E 362 21.69 -54.49 13.30
CA THR E 362 21.67 -53.63 12.14
C THR E 362 23.05 -53.38 11.53
N ASN E 363 24.13 -53.88 12.15
CA ASN E 363 25.41 -53.75 11.48
C ASN E 363 25.46 -54.81 10.38
N SER E 364 25.54 -56.08 10.79
CA SER E 364 25.43 -57.31 9.98
C SER E 364 26.07 -57.17 8.59
N SER E 365 27.35 -56.76 8.61
CA SER E 365 27.97 -55.97 7.55
C SER E 365 27.93 -56.59 6.16
N ALA E 366 27.11 -56.01 5.29
CA ALA E 366 27.13 -56.34 3.87
C ALA E 366 27.91 -55.29 3.09
N ASN E 367 27.48 -54.03 3.21
CA ASN E 367 28.24 -52.90 2.67
C ASN E 367 27.81 -51.64 3.43
N SER E 368 28.78 -50.93 3.99
CA SER E 368 28.48 -49.66 4.65
C SER E 368 28.21 -48.55 3.64
N THR E 369 28.66 -48.75 2.39
CA THR E 369 28.47 -47.77 1.33
C THR E 369 27.22 -48.02 0.52
N SER E 370 26.36 -48.95 0.93
CA SER E 370 25.10 -49.16 0.24
C SER E 370 24.12 -48.04 0.58
N THR E 371 23.50 -47.49 -0.47
CA THR E 371 22.61 -46.35 -0.35
C THR E 371 21.26 -46.66 -1.00
N ILE E 372 20.21 -46.05 -0.46
CA ILE E 372 18.93 -45.97 -1.12
C ILE E 372 18.82 -44.60 -1.81
N THR E 373 18.25 -44.62 -3.02
CA THR E 373 18.28 -43.47 -3.91
C THR E 373 16.86 -43.13 -4.33
N LEU E 374 16.53 -41.85 -4.23
CA LEU E 374 15.19 -41.34 -4.55
C LEU E 374 15.30 -40.48 -5.79
N GLN E 375 14.49 -40.78 -6.80
CA GLN E 375 14.42 -39.88 -7.95
C GLN E 375 13.61 -38.64 -7.58
N CYS E 376 14.08 -37.48 -8.03
CA CYS E 376 13.45 -36.22 -7.65
C CYS E 376 13.21 -35.36 -8.89
N ARG E 377 12.08 -34.66 -8.89
CA ARG E 377 11.74 -33.69 -9.92
C ARG E 377 11.79 -32.28 -9.35
N ILE E 378 11.85 -31.29 -10.24
CA ILE E 378 12.06 -29.90 -9.87
C ILE E 378 10.99 -29.04 -10.52
N LYS E 379 10.35 -28.20 -9.71
CA LYS E 379 9.41 -27.21 -10.19
C LYS E 379 9.97 -25.81 -9.99
N GLN E 380 9.67 -24.92 -10.94
CA GLN E 380 9.97 -23.51 -10.77
C GLN E 380 8.77 -22.73 -10.28
N ILE E 381 7.60 -22.89 -10.90
CA ILE E 381 6.38 -22.25 -10.45
C ILE E 381 5.93 -22.96 -9.18
N ILE E 382 5.79 -22.20 -8.10
CA ILE E 382 5.48 -22.76 -6.80
C ILE E 382 4.07 -22.31 -6.41
N ASN E 383 3.15 -23.27 -6.35
CA ASN E 383 1.82 -23.04 -5.80
C ASN E 383 1.92 -23.26 -4.28
N MET E 384 2.41 -22.23 -3.60
CA MET E 384 2.96 -22.41 -2.27
C MET E 384 1.87 -22.66 -1.23
N TRP E 385 1.02 -21.68 -0.99
CA TRP E 385 -0.04 -21.79 0.01
C TRP E 385 -1.30 -21.14 -0.51
N GLN E 386 -2.45 -21.70 -0.15
CA GLN E 386 -3.71 -21.12 -0.56
C GLN E 386 -4.04 -19.91 0.31
N GLY E 387 -4.00 -18.72 -0.28
CA GLY E 387 -4.36 -17.49 0.42
C GLY E 387 -3.20 -16.62 0.84
N VAL E 388 -2.07 -16.65 0.12
CA VAL E 388 -0.88 -15.96 0.58
C VAL E 388 -0.34 -14.99 -0.46
N GLY E 389 -0.92 -14.95 -1.65
CA GLY E 389 -0.13 -14.59 -2.81
C GLY E 389 0.32 -15.92 -3.36
N ARG E 390 -0.68 -16.78 -3.58
CA ARG E 390 -0.65 -18.24 -3.73
C ARG E 390 0.39 -18.78 -4.73
N CYS E 391 0.92 -17.91 -5.57
CA CYS E 391 1.88 -18.30 -6.58
C CYS E 391 3.21 -17.56 -6.43
N MET E 392 4.30 -18.27 -6.72
CA MET E 392 5.67 -17.75 -6.69
C MET E 392 6.48 -18.42 -7.78
N TYR E 393 7.29 -17.63 -8.48
CA TYR E 393 8.24 -18.18 -9.44
C TYR E 393 9.64 -18.11 -8.82
N ALA E 394 10.28 -19.27 -8.68
CA ALA E 394 11.64 -19.34 -8.16
C ALA E 394 12.62 -19.18 -9.31
N PRO E 395 13.50 -18.18 -9.28
CA PRO E 395 14.46 -18.03 -10.38
C PRO E 395 15.52 -19.10 -10.31
N PRO E 396 16.03 -19.56 -11.46
CA PRO E 396 17.08 -20.58 -11.44
C PRO E 396 18.40 -19.99 -11.00
N ILE E 397 19.21 -20.82 -10.36
CA ILE E 397 20.52 -20.42 -9.85
C ILE E 397 21.58 -21.28 -10.54
N ALA E 398 22.67 -20.63 -10.94
CA ALA E 398 23.61 -21.21 -11.89
C ALA E 398 24.47 -22.29 -11.25
N GLY E 399 24.95 -23.20 -12.08
CA GLY E 399 25.83 -24.26 -11.64
C GLY E 399 25.10 -25.40 -10.97
N ASN E 400 25.80 -26.48 -10.64
CA ASN E 400 25.20 -27.57 -9.89
C ASN E 400 25.07 -27.11 -8.45
N ILE E 401 23.88 -27.30 -7.87
CA ILE E 401 23.70 -26.97 -6.46
C ILE E 401 23.98 -28.22 -5.65
N THR E 402 24.34 -28.03 -4.38
CA THR E 402 24.49 -29.12 -3.43
C THR E 402 23.93 -28.69 -2.09
N CYS E 403 23.33 -29.64 -1.38
CA CYS E 403 22.86 -29.40 -0.03
C CYS E 403 22.91 -30.69 0.76
N ARG E 404 23.01 -30.55 2.08
CA ARG E 404 23.28 -31.64 2.99
C ARG E 404 22.68 -31.29 4.34
N SER E 405 21.96 -32.25 4.94
CA SER E 405 21.18 -31.95 6.13
C SER E 405 20.99 -33.20 6.97
N ASN E 406 20.31 -33.02 8.10
CA ASN E 406 19.99 -34.08 9.03
C ASN E 406 18.48 -34.31 9.05
N ILE E 407 18.07 -35.55 8.79
CA ILE E 407 16.71 -35.98 9.06
C ILE E 407 16.58 -36.28 10.54
N THR E 408 15.63 -35.62 11.20
CA THR E 408 15.36 -35.79 12.61
C THR E 408 13.91 -36.14 12.93
N GLY E 409 13.00 -36.09 11.96
CA GLY E 409 11.61 -36.33 12.27
C GLY E 409 10.84 -36.89 11.09
N LEU E 410 9.75 -37.58 11.42
CA LEU E 410 8.91 -38.23 10.42
C LEU E 410 7.45 -37.84 10.62
N LEU E 411 6.69 -37.86 9.53
CA LEU E 411 5.25 -37.66 9.57
C LEU E 411 4.57 -38.90 9.01
N LEU E 412 3.62 -39.45 9.76
CA LEU E 412 2.97 -40.71 9.40
C LEU E 412 1.47 -40.59 9.55
N THR E 413 0.76 -41.42 8.77
CA THR E 413 -0.68 -41.66 8.91
C THR E 413 -0.90 -43.16 8.88
N ARG E 414 -1.61 -43.67 9.88
CA ARG E 414 -1.91 -45.10 9.93
C ARG E 414 -2.93 -45.45 8.86
N ASP E 415 -2.57 -46.38 7.98
CA ASP E 415 -3.52 -46.92 7.02
C ASP E 415 -4.59 -47.70 7.79
N GLY E 416 -5.84 -47.61 7.31
CA GLY E 416 -7.01 -48.00 8.06
C GLY E 416 -7.06 -49.43 8.57
N GLY E 417 -7.24 -49.60 9.88
CA GLY E 417 -7.24 -50.90 10.50
C GLY E 417 -8.47 -51.72 10.18
N THR E 418 -8.30 -52.73 9.34
CA THR E 418 -9.41 -53.56 8.90
C THR E 418 -8.97 -55.02 8.96
N ASN E 419 -9.98 -55.90 9.03
CA ASN E 419 -9.85 -57.36 9.05
C ASN E 419 -9.07 -57.89 10.26
N SER E 420 -8.97 -57.09 11.34
CA SER E 420 -8.09 -57.35 12.50
C SER E 420 -6.67 -57.66 12.07
N ASN E 421 -6.10 -56.78 11.24
CA ASN E 421 -4.82 -57.02 10.58
C ASN E 421 -3.68 -57.02 11.58
N GLU E 422 -2.73 -57.93 11.38
CA GLU E 422 -1.61 -58.12 12.30
C GLU E 422 -0.42 -57.22 11.97
N THR E 423 -0.59 -56.24 11.10
CA THR E 423 0.43 -55.21 10.96
C THR E 423 -0.10 -53.82 11.30
N GLU E 424 -1.31 -53.47 10.82
CA GLU E 424 -1.86 -52.11 10.84
C GLU E 424 -0.85 -51.13 10.24
N THR E 425 -0.65 -51.31 8.92
CA THR E 425 0.43 -50.68 8.19
C THR E 425 0.26 -49.15 8.14
N PHE E 426 1.35 -48.49 7.78
CA PHE E 426 1.45 -47.04 7.83
C PHE E 426 1.80 -46.48 6.47
N ARG E 427 1.50 -45.20 6.27
CA ARG E 427 1.89 -44.43 5.12
C ARG E 427 2.55 -43.13 5.57
N PRO E 428 3.44 -42.57 4.77
CA PRO E 428 3.93 -41.22 5.07
C PRO E 428 2.84 -40.18 4.84
N ALA E 429 2.95 -39.08 5.57
CA ALA E 429 1.91 -38.05 5.57
C ALA E 429 2.53 -36.69 5.28
N GLY E 430 1.67 -35.70 5.17
CA GLY E 430 2.12 -34.34 4.93
C GLY E 430 0.93 -33.42 4.79
N GLY E 431 1.23 -32.18 4.44
CA GLY E 431 0.19 -31.19 4.23
C GLY E 431 0.48 -29.88 4.93
N ASP E 432 -0.39 -29.51 5.87
CA ASP E 432 -0.21 -28.28 6.62
C ASP E 432 0.96 -28.44 7.58
N MET E 433 1.98 -27.59 7.42
CA MET E 433 3.26 -27.68 8.09
C MET E 433 3.22 -27.24 9.56
N ARG E 434 2.03 -26.93 10.07
CA ARG E 434 1.81 -26.65 11.49
C ARG E 434 2.35 -27.77 12.37
N ASP E 435 2.03 -29.02 12.01
CA ASP E 435 2.56 -30.17 12.73
C ASP E 435 4.06 -30.36 12.50
N ASN E 436 4.64 -29.77 11.46
CA ASN E 436 6.08 -29.58 11.42
C ASN E 436 6.53 -28.72 12.58
N TRP E 437 5.93 -27.54 12.70
CA TRP E 437 6.40 -26.56 13.68
C TRP E 437 5.99 -26.98 15.08
N ARG E 438 4.88 -27.71 15.20
CA ARG E 438 4.48 -28.28 16.48
C ARG E 438 5.41 -29.42 16.90
N SER E 439 6.23 -29.93 15.97
CA SER E 439 7.29 -30.85 16.36
C SER E 439 8.44 -30.14 17.05
N GLU E 440 8.50 -28.81 16.99
CA GLU E 440 9.60 -28.06 17.59
C GLU E 440 9.18 -27.15 18.73
N LEU E 441 8.00 -26.54 18.65
CA LEU E 441 7.53 -25.65 19.71
C LEU E 441 6.80 -26.38 20.84
N TYR E 442 7.01 -27.68 21.00
CA TYR E 442 6.16 -28.45 21.89
C TYR E 442 6.53 -28.28 23.36
N LYS E 443 7.74 -27.83 23.64
CA LYS E 443 8.20 -27.75 25.03
C LYS E 443 7.74 -26.48 25.73
N TYR E 444 7.08 -25.57 25.03
CA TYR E 444 6.90 -24.21 25.53
C TYR E 444 5.44 -23.89 25.81
N LYS E 445 5.22 -23.10 26.85
CA LYS E 445 3.92 -22.51 27.14
C LYS E 445 4.14 -21.07 27.60
N VAL E 446 3.12 -20.24 27.40
CA VAL E 446 3.16 -18.84 27.82
C VAL E 446 2.15 -18.64 28.94
N VAL E 447 2.55 -17.91 29.98
CA VAL E 447 1.72 -17.68 31.15
C VAL E 447 1.64 -16.18 31.44
N LYS E 448 0.44 -15.73 31.79
CA LYS E 448 0.25 -14.43 32.43
C LYS E 448 0.81 -14.45 33.84
N ILE E 449 1.50 -13.38 34.22
CA ILE E 449 1.83 -13.16 35.61
C ILE E 449 0.64 -12.47 36.28
N GLU E 450 0.22 -13.01 37.42
CA GLU E 450 -0.85 -12.43 38.23
C GLU E 450 -0.20 -11.85 39.48
N PRO E 451 0.21 -10.58 39.45
CA PRO E 451 1.16 -10.09 40.46
C PRO E 451 0.53 -9.68 41.77
N LEU E 452 -0.78 -9.80 41.94
CA LEU E 452 -1.44 -9.31 43.15
C LEU E 452 -2.15 -10.46 43.85
N GLY E 453 -1.84 -10.65 45.14
CA GLY E 453 -2.42 -11.73 45.90
C GLY E 453 -2.91 -11.24 47.26
N VAL E 454 -3.72 -12.08 47.89
CA VAL E 454 -4.39 -11.75 49.15
C VAL E 454 -4.18 -12.90 50.13
N ALA E 455 -3.72 -12.58 51.33
CA ALA E 455 -3.51 -13.60 52.36
C ALA E 455 -3.94 -13.07 53.71
N PRO E 456 -4.40 -13.96 54.60
CA PRO E 456 -4.67 -13.52 55.98
C PRO E 456 -3.40 -13.52 56.83
N THR E 457 -3.23 -12.46 57.60
CA THR E 457 -2.03 -12.22 58.39
C THR E 457 -2.51 -11.58 59.69
N ARG E 458 -1.71 -11.71 60.75
CA ARG E 458 -2.03 -11.14 62.07
C ARG E 458 -1.68 -9.65 62.16
N CYS E 459 -1.55 -8.99 61.02
CA CYS E 459 -1.21 -7.57 60.96
C CYS E 459 -2.48 -6.74 60.95
N LYS E 460 -2.44 -5.59 61.64
CA LYS E 460 -3.53 -4.65 61.65
C LYS E 460 -2.97 -3.24 61.46
N ARG E 461 -3.61 -2.47 60.57
CA ARG E 461 -3.18 -1.10 60.34
C ARG E 461 -3.46 -0.23 61.55
N ARG E 462 -2.47 0.58 61.92
CA ARG E 462 -2.54 1.39 63.14
C ARG E 462 -2.91 2.82 62.80
N VAL E 463 -3.90 3.36 63.52
CA VAL E 463 -4.34 4.73 63.34
C VAL E 463 -3.42 5.68 64.11
N LEU F 9 16.76 -14.22 42.62
CA LEU F 9 15.74 -15.17 42.18
C LEU F 9 15.06 -14.78 40.86
N GLY F 10 15.25 -13.56 40.38
CA GLY F 10 14.86 -13.27 39.01
C GLY F 10 13.37 -13.11 38.84
N PHE F 11 12.92 -13.37 37.61
CA PHE F 11 11.55 -13.05 37.24
C PHE F 11 10.54 -14.04 37.80
N LEU F 12 10.87 -15.33 37.83
CA LEU F 12 9.91 -16.29 38.37
C LEU F 12 10.56 -17.41 39.18
N GLY F 13 11.77 -17.24 39.70
CA GLY F 13 12.44 -18.33 40.37
C GLY F 13 11.89 -18.62 41.75
N ALA F 14 11.03 -17.75 42.26
CA ALA F 14 10.45 -17.92 43.59
C ALA F 14 9.30 -18.91 43.63
N ALA F 15 8.84 -19.40 42.49
CA ALA F 15 7.68 -20.28 42.47
C ALA F 15 8.03 -21.64 43.07
N GLY F 16 7.11 -22.17 43.86
CA GLY F 16 7.33 -23.44 44.51
C GLY F 16 7.79 -23.29 45.94
N SER F 17 8.46 -22.19 46.25
CA SER F 17 8.83 -21.91 47.63
C SER F 17 7.60 -21.56 48.44
N THR F 18 7.71 -21.74 49.76
CA THR F 18 6.54 -21.66 50.62
C THR F 18 6.14 -20.21 50.88
N MET F 19 5.21 -20.04 51.82
CA MET F 19 4.69 -18.73 52.18
C MET F 19 5.77 -17.85 52.82
N GLY F 20 6.52 -18.42 53.76
CA GLY F 20 7.57 -17.70 54.44
C GLY F 20 8.75 -17.35 53.56
N ALA F 21 9.09 -18.25 52.64
CA ALA F 21 10.21 -18.02 51.75
C ALA F 21 9.87 -16.96 50.70
N ALA F 22 8.62 -16.94 50.24
CA ALA F 22 8.18 -15.97 49.25
C ALA F 22 7.48 -14.76 49.87
N SER F 23 7.53 -14.62 51.20
CA SER F 23 7.18 -13.35 51.81
C SER F 23 8.19 -12.29 51.45
N MET F 24 9.46 -12.68 51.33
CA MET F 24 10.51 -11.93 50.65
C MET F 24 10.37 -12.15 49.14
N THR F 25 11.47 -11.90 48.41
CA THR F 25 11.70 -12.07 46.97
C THR F 25 10.59 -11.51 46.08
N LEU F 26 10.16 -10.26 46.30
CA LEU F 26 9.04 -9.71 45.55
C LEU F 26 9.52 -8.80 44.42
N THR F 27 10.49 -7.91 44.69
CA THR F 27 10.80 -6.84 43.73
C THR F 27 11.57 -7.37 42.54
N VAL F 28 12.35 -8.44 42.69
CA VAL F 28 13.10 -8.97 41.56
C VAL F 28 12.15 -9.67 40.58
N GLN F 29 10.95 -10.04 41.04
CA GLN F 29 9.89 -10.47 40.13
C GLN F 29 9.11 -9.27 39.59
N ALA F 30 8.78 -8.33 40.46
CA ALA F 30 7.82 -7.29 40.09
C ALA F 30 8.47 -6.15 39.32
N ARG F 31 9.80 -6.09 39.28
CA ARG F 31 10.51 -5.00 38.61
C ARG F 31 10.62 -5.21 37.11
N ASN F 32 10.38 -6.43 36.63
CA ASN F 32 10.49 -6.74 35.21
C ASN F 32 9.15 -6.70 34.49
N LEU F 33 8.29 -5.76 34.83
CA LEU F 33 6.94 -5.68 34.27
C LEU F 33 6.79 -4.60 33.20
N LEU F 34 7.88 -4.17 32.55
CA LEU F 34 7.77 -3.13 31.52
C LEU F 34 8.90 -3.30 30.51
N SER F 35 8.53 -3.46 29.23
CA SER F 35 9.45 -3.72 28.12
C SER F 35 8.68 -3.49 26.81
N GLY F 36 9.38 -3.63 25.70
CA GLY F 36 8.74 -3.55 24.39
C GLY F 36 9.76 -3.33 23.30
N THR F 37 9.39 -3.75 22.09
CA THR F 37 10.24 -3.64 20.90
C THR F 37 9.37 -3.72 19.64
N VAL F 38 10.04 -3.95 18.48
CA VAL F 38 9.44 -3.82 17.16
C VAL F 38 9.35 -5.16 16.46
N TRP F 39 8.15 -5.50 15.98
CA TRP F 39 7.94 -6.38 14.84
C TRP F 39 6.80 -5.81 14.01
N GLY F 40 6.06 -4.87 14.60
CA GLY F 40 4.90 -4.29 13.95
C GLY F 40 4.11 -3.49 14.97
N ILE F 41 2.93 -3.08 14.53
CA ILE F 41 2.04 -2.33 15.41
C ILE F 41 1.37 -3.22 16.45
N LYS F 42 1.36 -4.53 16.22
CA LYS F 42 0.85 -5.47 17.20
C LYS F 42 1.70 -5.49 18.46
N GLN F 43 3.02 -5.32 18.30
CA GLN F 43 3.90 -5.24 19.46
C GLN F 43 3.67 -3.94 20.23
N LEU F 44 3.35 -2.86 19.51
CA LEU F 44 2.94 -1.61 20.17
C LEU F 44 1.66 -1.82 20.96
N GLN F 45 0.70 -2.57 20.40
CA GLN F 45 -0.55 -2.85 21.09
C GLN F 45 -0.31 -3.67 22.36
N ALA F 46 0.55 -4.69 22.27
CA ALA F 46 0.87 -5.50 23.43
C ALA F 46 1.67 -4.72 24.48
N ARG F 47 2.55 -3.82 24.04
CA ARG F 47 3.35 -3.01 24.95
C ARG F 47 2.48 -2.02 25.72
N VAL F 48 1.56 -1.35 25.02
CA VAL F 48 0.64 -0.42 25.68
C VAL F 48 -0.32 -1.18 26.59
N LEU F 49 -0.72 -2.41 26.20
CA LEU F 49 -1.54 -3.23 27.09
C LEU F 49 -0.79 -3.63 28.36
N ALA F 50 0.50 -3.93 28.25
CA ALA F 50 1.30 -4.26 29.42
C ALA F 50 1.45 -3.06 30.34
N VAL F 51 1.66 -1.87 29.77
CA VAL F 51 1.76 -0.64 30.56
C VAL F 51 0.44 -0.35 31.24
N GLU F 52 -0.67 -0.57 30.52
CA GLU F 52 -2.01 -0.37 31.08
C GLU F 52 -2.30 -1.32 32.24
N ARG F 53 -1.88 -2.58 32.10
CA ARG F 53 -2.07 -3.57 33.16
C ARG F 53 -1.28 -3.20 34.42
N TYR F 54 -0.01 -2.82 34.23
CA TYR F 54 0.84 -2.46 35.37
C TYR F 54 0.32 -1.20 36.05
N LEU F 55 -0.11 -0.22 35.26
CA LEU F 55 -0.65 1.02 35.81
C LEU F 55 -1.97 0.80 36.52
N ARG F 56 -2.81 -0.12 36.02
CA ARG F 56 -4.06 -0.44 36.68
C ARG F 56 -3.81 -1.12 38.02
N ASP F 57 -2.81 -2.00 38.09
CA ASP F 57 -2.50 -2.64 39.36
C ASP F 57 -1.90 -1.66 40.37
N GLN F 58 -1.05 -0.73 39.90
CA GLN F 58 -0.56 0.32 40.79
C GLN F 58 -1.67 1.24 41.27
N GLN F 59 -2.66 1.52 40.41
CA GLN F 59 -3.82 2.29 40.84
C GLN F 59 -4.61 1.55 41.91
N LEU F 60 -4.88 0.25 41.68
CA LEU F 60 -5.68 -0.55 42.58
C LEU F 60 -5.01 -0.72 43.94
N LEU F 61 -3.66 -0.73 43.95
CA LEU F 61 -2.97 -0.54 45.21
C LEU F 61 -3.08 0.90 45.72
N GLY F 62 -3.26 1.85 44.82
CA GLY F 62 -3.37 3.25 45.18
C GLY F 62 -4.59 3.66 45.97
N ILE F 63 -5.76 3.09 45.67
CA ILE F 63 -6.96 3.42 46.45
C ILE F 63 -6.82 2.96 47.90
N TRP F 64 -6.35 1.73 48.11
CA TRP F 64 -6.39 1.11 49.43
C TRP F 64 -5.38 1.66 50.43
N GLY F 65 -4.63 2.71 50.08
CA GLY F 65 -3.65 3.28 50.98
C GLY F 65 -2.36 2.51 51.09
N CYS F 66 -2.13 1.52 50.22
CA CYS F 66 -0.89 0.75 50.30
C CYS F 66 0.26 1.49 49.62
N SER F 67 0.16 1.69 48.31
CA SER F 67 1.04 2.50 47.47
C SER F 67 2.51 2.05 47.53
N GLY F 68 2.76 0.76 47.70
CA GLY F 68 4.11 0.26 47.68
C GLY F 68 4.17 -1.25 47.65
N LYS F 69 5.39 -1.76 47.64
CA LYS F 69 5.65 -3.20 47.68
C LYS F 69 5.46 -3.78 49.07
N LEU F 70 5.19 -2.93 50.06
CA LEU F 70 5.20 -3.29 51.47
C LEU F 70 4.08 -4.26 51.79
N ILE F 71 4.21 -4.91 52.93
CA ILE F 71 3.25 -5.94 53.32
C ILE F 71 2.08 -5.16 53.92
N CYS F 72 1.14 -4.76 53.07
CA CYS F 72 0.13 -3.77 53.43
C CYS F 72 -1.08 -4.43 54.07
N CYS F 73 -1.16 -4.38 55.39
CA CYS F 73 -2.30 -4.95 56.09
C CYS F 73 -3.35 -3.89 56.36
N THR F 74 -4.59 -4.21 56.01
CA THR F 74 -5.74 -3.37 56.34
C THR F 74 -6.40 -3.94 57.59
N ASN F 75 -7.62 -3.54 57.96
CA ASN F 75 -8.18 -3.94 59.24
C ASN F 75 -9.49 -4.73 59.16
N VAL F 76 -9.79 -5.30 58.00
CA VAL F 76 -10.97 -6.18 57.88
C VAL F 76 -10.68 -7.49 58.62
N PRO F 77 -11.58 -7.97 59.49
CA PRO F 77 -11.39 -9.31 60.04
C PRO F 77 -11.60 -10.38 58.97
N TRP F 78 -10.74 -11.40 59.01
CA TRP F 78 -10.82 -12.48 58.04
C TRP F 78 -12.03 -13.36 58.33
N ASN F 79 -12.79 -13.66 57.28
CA ASN F 79 -13.96 -14.53 57.38
C ASN F 79 -13.52 -15.95 57.08
N SER F 80 -14.11 -16.90 57.80
CA SER F 80 -13.66 -18.29 57.71
C SER F 80 -14.07 -18.94 56.40
N SER F 81 -15.08 -18.40 55.71
CA SER F 81 -15.56 -18.99 54.47
C SER F 81 -14.59 -18.79 53.31
N TRP F 82 -13.59 -17.94 53.47
CA TRP F 82 -12.61 -17.73 52.42
C TRP F 82 -11.47 -18.74 52.44
N SER F 83 -11.06 -19.23 53.61
CA SER F 83 -9.97 -20.19 53.65
C SER F 83 -10.32 -21.47 54.41
N ASN F 84 -11.02 -21.32 55.54
CA ASN F 84 -11.22 -22.36 56.55
C ASN F 84 -9.89 -22.99 56.97
N ARG F 85 -8.85 -22.19 57.10
CA ARG F 85 -7.51 -22.73 57.33
C ARG F 85 -6.90 -22.22 58.63
N ASN F 86 -6.13 -23.10 59.26
CA ASN F 86 -5.31 -22.74 60.40
C ASN F 86 -4.10 -21.93 59.93
N LEU F 87 -3.44 -21.27 60.89
CA LEU F 87 -2.24 -20.49 60.60
C LEU F 87 -1.10 -21.39 60.16
N SER F 88 -1.01 -22.57 60.78
CA SER F 88 0.03 -23.53 60.43
C SER F 88 -0.17 -24.10 59.02
N GLU F 89 -1.42 -24.37 58.64
CA GLU F 89 -1.65 -24.90 57.30
C GLU F 89 -1.78 -23.80 56.24
N ILE F 90 -1.47 -22.56 56.57
CA ILE F 90 -1.21 -21.51 55.58
C ILE F 90 0.28 -21.21 55.49
N TRP F 91 0.92 -20.87 56.60
CA TRP F 91 2.27 -20.33 56.51
C TRP F 91 3.34 -21.40 56.43
N ASP F 92 3.18 -22.50 57.17
CA ASP F 92 4.27 -23.45 57.32
C ASP F 92 4.46 -24.36 56.11
N ASN F 93 3.44 -24.53 55.28
CA ASN F 93 3.47 -25.54 54.23
C ASN F 93 3.14 -25.00 52.85
N MET F 94 2.22 -24.05 52.76
CA MET F 94 1.53 -23.76 51.52
C MET F 94 2.36 -22.82 50.65
N THR F 95 2.16 -22.92 49.34
CA THR F 95 2.76 -21.98 48.39
C THR F 95 1.64 -21.24 47.65
N TRP F 96 2.00 -20.16 46.95
CA TRP F 96 1.01 -19.19 46.53
C TRP F 96 0.11 -19.67 45.40
N LEU F 97 0.56 -20.67 44.63
CA LEU F 97 -0.19 -21.07 43.44
C LEU F 97 -1.48 -21.80 43.82
N GLN F 98 -1.35 -22.89 44.55
CA GLN F 98 -2.55 -23.60 45.03
C GLN F 98 -3.19 -22.93 46.23
N TRP F 99 -2.59 -21.84 46.74
CA TRP F 99 -3.35 -20.92 47.59
C TRP F 99 -4.30 -20.08 46.75
N ASP F 100 -3.83 -19.58 45.61
CA ASP F 100 -4.69 -18.82 44.70
C ASP F 100 -5.80 -19.70 44.14
N LYS F 101 -5.50 -20.98 43.90
CA LYS F 101 -6.51 -21.93 43.44
C LYS F 101 -7.63 -22.17 44.46
N GLU F 102 -7.46 -21.75 45.71
CA GLU F 102 -8.54 -21.70 46.68
C GLU F 102 -9.17 -20.30 46.78
N ILE F 103 -8.35 -19.26 46.89
CA ILE F 103 -8.89 -17.96 47.31
C ILE F 103 -9.49 -17.19 46.13
N SER F 104 -9.18 -17.59 44.88
CA SER F 104 -9.45 -16.75 43.71
C SER F 104 -10.94 -16.59 43.40
N ASN F 105 -11.81 -17.38 44.04
CA ASN F 105 -13.24 -17.25 43.79
C ASN F 105 -13.84 -16.04 44.49
N TYR F 106 -13.14 -15.46 45.46
CA TYR F 106 -13.66 -14.37 46.27
C TYR F 106 -12.99 -13.03 45.97
N THR F 107 -12.30 -12.91 44.84
CA THR F 107 -11.49 -11.71 44.57
C THR F 107 -12.35 -10.48 44.34
N GLN F 108 -13.50 -10.64 43.69
CA GLN F 108 -14.39 -9.50 43.48
C GLN F 108 -15.10 -9.08 44.76
N ILE F 109 -15.05 -9.90 45.81
CA ILE F 109 -15.51 -9.48 47.12
C ILE F 109 -14.39 -8.77 47.87
N ILE F 110 -13.20 -9.38 47.87
CA ILE F 110 -12.07 -8.87 48.66
C ILE F 110 -11.60 -7.53 48.13
N TYR F 111 -11.56 -7.36 46.80
CA TYR F 111 -11.18 -6.09 46.21
C TYR F 111 -12.21 -5.00 46.41
N GLY F 112 -13.43 -5.35 46.82
CA GLY F 112 -14.40 -4.36 47.23
C GLY F 112 -14.31 -4.03 48.70
N LEU F 113 -13.91 -5.01 49.51
CA LEU F 113 -13.85 -4.79 50.95
C LEU F 113 -12.71 -3.85 51.35
N LEU F 114 -11.62 -3.83 50.59
CA LEU F 114 -10.52 -2.94 50.93
C LEU F 114 -10.84 -1.49 50.59
N GLU F 115 -11.66 -1.27 49.55
CA GLU F 115 -12.19 0.05 49.30
C GLU F 115 -13.19 0.44 50.38
N GLU F 116 -13.92 -0.55 50.90
CA GLU F 116 -14.86 -0.33 52.00
C GLU F 116 -14.15 0.05 53.30
N SER F 117 -12.93 -0.43 53.52
CA SER F 117 -12.13 0.02 54.65
C SER F 117 -11.18 1.15 54.30
N GLN F 118 -11.19 1.62 53.05
CA GLN F 118 -10.75 2.98 52.81
C GLN F 118 -11.94 3.93 52.99
N ASN F 119 -13.14 3.37 53.07
CA ASN F 119 -14.37 4.13 53.29
C ASN F 119 -14.62 3.99 54.81
N GLN F 120 -13.54 3.94 55.60
CA GLN F 120 -13.64 4.03 57.05
C GLN F 120 -12.52 4.86 57.69
N GLN F 121 -11.60 5.42 56.91
CA GLN F 121 -10.42 5.97 57.57
C GLN F 121 -10.11 7.46 57.33
N GLU F 122 -10.19 7.96 56.09
CA GLU F 122 -9.58 9.27 55.86
C GLU F 122 -10.51 10.42 56.17
N LYS F 123 -11.82 10.22 56.15
CA LYS F 123 -12.73 11.27 56.60
C LYS F 123 -12.60 11.49 58.10
N ASN F 124 -12.38 10.40 58.84
CA ASN F 124 -12.03 10.52 60.26
C ASN F 124 -10.70 11.24 60.46
N GLU F 125 -9.69 10.92 59.64
CA GLU F 125 -8.45 11.67 59.72
C GLU F 125 -8.60 13.10 59.22
N GLN F 126 -9.52 13.35 58.28
CA GLN F 126 -9.77 14.71 57.82
C GLN F 126 -10.40 15.54 58.94
N ASP F 127 -11.31 14.93 59.70
CA ASP F 127 -11.88 15.62 60.87
C ASP F 127 -10.84 15.79 61.97
N LEU F 128 -9.89 14.85 62.07
CA LEU F 128 -8.82 14.99 63.04
C LEU F 128 -7.66 15.86 62.57
N LEU F 129 -7.71 16.38 61.34
CA LEU F 129 -6.81 17.44 60.92
C LEU F 129 -7.53 18.78 60.78
N ALA F 130 -8.86 18.82 60.91
CA ALA F 130 -9.61 20.06 60.78
C ALA F 130 -10.28 20.46 62.09
N LEU F 131 -11.07 19.56 62.66
CA LEU F 131 -11.83 19.86 63.87
C LEU F 131 -10.98 19.76 65.14
N ASP F 132 -9.74 19.30 65.02
CA ASP F 132 -8.83 19.25 66.17
C ASP F 132 -8.16 20.60 66.38
N GLN G 1 42.53 -56.69 -21.78
CA GLN G 1 41.37 -55.80 -21.80
C GLN G 1 40.69 -55.83 -23.16
N VAL G 2 40.29 -54.64 -23.64
CA VAL G 2 39.44 -54.51 -24.82
C VAL G 2 40.18 -53.71 -25.89
N GLN G 3 39.61 -53.68 -27.09
CA GLN G 3 40.27 -53.04 -28.22
C GLN G 3 39.26 -52.45 -29.18
N LEU G 4 39.60 -51.28 -29.73
CA LEU G 4 38.83 -50.59 -30.75
C LEU G 4 39.50 -50.80 -32.09
N VAL G 5 38.70 -50.78 -33.16
CA VAL G 5 39.20 -50.92 -34.53
C VAL G 5 38.60 -49.81 -35.38
N GLN G 6 39.44 -49.05 -36.06
CA GLN G 6 39.00 -47.95 -36.92
C GLN G 6 39.19 -48.30 -38.39
N SER G 7 38.93 -47.32 -39.24
CA SER G 7 38.98 -47.52 -40.69
C SER G 7 40.42 -47.66 -41.17
N GLY G 8 40.57 -48.17 -42.39
CA GLY G 8 41.90 -48.42 -42.92
C GLY G 8 42.63 -47.15 -43.32
N ALA G 9 42.12 -46.46 -44.33
CA ALA G 9 42.76 -45.25 -44.83
C ALA G 9 41.70 -44.32 -45.39
N GLN G 10 42.03 -43.03 -45.45
CA GLN G 10 41.15 -42.01 -46.05
C GLN G 10 42.00 -41.00 -46.85
N MET G 11 42.21 -41.29 -48.12
CA MET G 11 42.76 -40.29 -49.03
C MET G 11 41.61 -39.61 -49.77
N LYS G 12 41.60 -38.28 -49.78
CA LYS G 12 40.45 -37.54 -50.26
C LYS G 12 40.92 -36.26 -50.96
N ASN G 13 39.96 -35.39 -51.23
CA ASN G 13 40.12 -34.09 -51.87
C ASN G 13 39.25 -33.11 -51.10
N PRO G 14 39.54 -31.79 -51.20
CA PRO G 14 38.78 -30.83 -50.38
C PRO G 14 37.30 -30.76 -50.74
N GLY G 15 36.49 -30.55 -49.70
CA GLY G 15 35.04 -30.43 -49.84
C GLY G 15 34.29 -31.72 -50.05
N ALA G 16 34.76 -32.85 -49.52
CA ALA G 16 34.14 -34.13 -49.84
C ALA G 16 33.43 -34.76 -48.64
N SER G 17 33.85 -34.40 -47.41
CA SER G 17 33.40 -34.91 -46.11
C SER G 17 33.80 -36.37 -45.88
N VAL G 18 34.16 -36.71 -44.66
CA VAL G 18 34.83 -37.98 -44.36
C VAL G 18 34.12 -38.69 -43.22
N LYS G 19 33.80 -39.97 -43.40
CA LYS G 19 33.23 -40.81 -42.36
C LYS G 19 34.27 -41.81 -41.85
N VAL G 20 34.37 -41.93 -40.53
CA VAL G 20 35.31 -42.81 -39.83
C VAL G 20 34.49 -43.71 -38.90
N SER G 21 34.83 -44.99 -38.89
CA SER G 21 34.19 -45.97 -38.02
C SER G 21 35.04 -46.26 -36.79
N CYS G 22 34.39 -46.77 -35.75
CA CYS G 22 35.08 -47.15 -34.52
C CYS G 22 34.33 -48.33 -33.90
N ALA G 23 34.76 -49.54 -34.23
CA ALA G 23 34.07 -50.74 -33.77
C ALA G 23 34.75 -51.28 -32.52
N PRO G 24 34.04 -51.40 -31.40
CA PRO G 24 34.65 -51.96 -30.19
C PRO G 24 34.64 -53.47 -30.19
N SER G 25 35.49 -54.05 -29.35
CA SER G 25 35.56 -55.48 -29.15
C SER G 25 36.09 -55.77 -27.76
N GLY G 26 35.36 -56.63 -27.04
CA GLY G 26 35.71 -57.00 -25.69
C GLY G 26 34.75 -56.50 -24.62
N TYR G 27 34.05 -55.40 -24.88
CA TYR G 27 33.15 -54.79 -23.90
C TYR G 27 31.90 -54.28 -24.60
N THR G 28 30.85 -54.08 -23.81
CA THR G 28 29.59 -53.58 -24.34
C THR G 28 29.73 -52.12 -24.72
N PHE G 29 29.34 -51.80 -25.96
CA PHE G 29 29.59 -50.50 -26.55
C PHE G 29 28.85 -49.38 -25.82
N THR G 30 27.63 -49.66 -25.35
CA THR G 30 26.79 -48.64 -24.75
C THR G 30 27.03 -48.65 -23.24
N ASP G 31 28.29 -48.42 -22.87
CA ASP G 31 28.67 -48.41 -21.46
C ASP G 31 29.53 -47.18 -21.14
N PHE G 32 30.41 -46.79 -22.06
CA PHE G 32 31.37 -45.72 -21.82
C PHE G 32 31.17 -44.57 -22.80
N TYR G 33 31.62 -43.38 -22.39
CA TYR G 33 31.69 -42.25 -23.30
C TYR G 33 32.71 -42.52 -24.39
N ILE G 34 32.49 -41.96 -25.58
CA ILE G 34 33.41 -42.12 -26.70
C ILE G 34 33.94 -40.76 -27.10
N HIS G 35 35.27 -40.60 -27.10
CA HIS G 35 35.90 -39.35 -27.48
C HIS G 35 36.60 -39.49 -28.82
N TRP G 36 36.72 -38.37 -29.52
CA TRP G 36 37.37 -38.30 -30.82
C TRP G 36 38.46 -37.25 -30.78
N LEU G 37 39.65 -37.62 -31.27
CA LEU G 37 40.87 -36.84 -31.14
C LEU G 37 41.56 -36.75 -32.48
N ARG G 38 42.34 -35.67 -32.67
CA ARG G 38 43.03 -35.42 -33.93
C ARG G 38 44.48 -35.05 -33.66
N GLN G 39 45.40 -35.65 -34.43
CA GLN G 39 46.83 -35.39 -34.27
C GLN G 39 47.45 -35.11 -35.63
N ALA G 40 47.87 -33.87 -35.85
CA ALA G 40 48.56 -33.48 -37.07
C ALA G 40 50.00 -34.00 -37.04
N PRO G 41 50.62 -34.20 -38.22
CA PRO G 41 52.05 -34.57 -38.23
C PRO G 41 52.95 -33.43 -37.81
N GLY G 42 53.58 -33.55 -36.64
CA GLY G 42 54.44 -32.50 -36.15
C GLY G 42 53.73 -31.40 -35.39
N GLN G 43 52.51 -31.64 -34.94
CA GLN G 43 51.76 -30.69 -34.14
C GLN G 43 51.10 -31.47 -33.01
N GLY G 44 50.81 -30.78 -31.91
CA GLY G 44 50.25 -31.45 -30.74
C GLY G 44 48.83 -31.92 -30.93
N LEU G 45 48.32 -32.61 -29.91
CA LEU G 45 47.00 -33.21 -29.97
C LEU G 45 45.90 -32.16 -29.98
N GLN G 46 44.94 -32.34 -30.87
CA GLN G 46 43.72 -31.54 -30.92
C GLN G 46 42.55 -32.42 -30.51
N TRP G 47 41.77 -31.94 -29.54
CA TRP G 47 40.62 -32.68 -29.06
C TRP G 47 39.40 -32.26 -29.86
N MET G 48 38.70 -33.24 -30.41
CA MET G 48 37.70 -32.95 -31.42
C MET G 48 36.26 -33.16 -30.97
N GLY G 49 35.99 -34.13 -30.08
CA GLY G 49 34.64 -34.20 -29.54
C GLY G 49 34.45 -35.35 -28.58
N TRP G 50 33.25 -35.40 -28.00
CA TRP G 50 32.79 -36.53 -27.21
C TRP G 50 31.31 -36.80 -27.49
N MET G 51 30.95 -38.08 -27.36
CA MET G 51 29.61 -38.57 -27.62
C MET G 51 29.21 -39.57 -26.54
N ASN G 52 27.97 -39.45 -26.06
CA ASN G 52 27.33 -40.41 -25.16
C ASN G 52 26.52 -41.38 -26.00
N PRO G 53 26.88 -42.66 -26.03
CA PRO G 53 26.10 -43.63 -26.82
C PRO G 53 24.82 -44.07 -26.14
N GLN G 54 24.67 -43.86 -24.83
CA GLN G 54 23.42 -44.20 -24.14
C GLN G 54 22.28 -43.30 -24.61
N THR G 55 22.54 -42.00 -24.71
CA THR G 55 21.49 -41.03 -24.95
C THR G 55 21.58 -40.32 -26.30
N GLY G 56 22.70 -40.46 -27.01
CA GLY G 56 22.88 -39.79 -28.27
C GLY G 56 23.35 -38.36 -28.19
N ARG G 57 23.60 -37.85 -26.99
CA ARG G 57 24.07 -36.47 -26.84
C ARG G 57 25.53 -36.37 -27.25
N THR G 58 25.94 -35.16 -27.62
CA THR G 58 27.31 -34.94 -28.04
C THR G 58 27.75 -33.52 -27.73
N ASN G 59 29.07 -33.32 -27.73
CA ASN G 59 29.64 -31.99 -27.67
C ASN G 59 31.03 -32.02 -28.28
N THR G 60 31.27 -31.09 -29.20
CA THR G 60 32.55 -30.99 -29.89
C THR G 60 33.28 -29.77 -29.38
N ALA G 61 34.49 -29.56 -29.90
CA ALA G 61 35.29 -28.42 -29.49
C ALA G 61 34.72 -27.13 -30.05
N ARG G 62 35.15 -26.00 -29.46
CA ARG G 62 34.73 -24.69 -29.92
C ARG G 62 35.24 -24.41 -31.33
N ASN G 63 36.50 -24.76 -31.61
CA ASN G 63 37.07 -24.51 -32.94
C ASN G 63 36.54 -25.47 -34.00
N PHE G 64 35.87 -26.55 -33.60
CA PHE G 64 35.36 -27.54 -34.53
C PHE G 64 33.86 -27.45 -34.71
N GLN G 65 33.24 -26.31 -34.41
CA GLN G 65 31.79 -26.20 -34.44
C GLN G 65 31.28 -26.19 -35.88
N GLY G 66 30.33 -27.08 -36.17
CA GLY G 66 29.76 -27.20 -37.48
C GLY G 66 30.50 -28.12 -38.42
N ARG G 67 31.84 -28.14 -38.37
CA ARG G 67 32.62 -29.00 -39.26
C ARG G 67 32.56 -30.45 -38.81
N VAL G 68 32.54 -30.68 -37.51
CA VAL G 68 32.69 -32.00 -36.93
C VAL G 68 31.37 -32.46 -36.33
N THR G 69 30.81 -33.55 -36.84
CA THR G 69 29.59 -34.12 -36.29
C THR G 69 29.74 -35.63 -36.15
N MET G 70 28.95 -36.20 -35.24
CA MET G 70 29.13 -37.59 -34.84
C MET G 70 27.77 -38.24 -34.62
N THR G 71 27.70 -39.54 -34.91
CA THR G 71 26.49 -40.34 -34.68
C THR G 71 26.91 -41.69 -34.10
N ARG G 72 25.92 -42.56 -33.87
CA ARG G 72 26.12 -43.80 -33.15
C ARG G 72 25.42 -44.93 -33.90
N ASP G 73 25.69 -46.17 -33.47
CA ASP G 73 24.96 -47.34 -33.93
C ASP G 73 24.58 -48.21 -32.74
N THR G 74 23.36 -48.76 -32.80
CA THR G 74 22.84 -49.62 -31.74
C THR G 74 22.78 -51.08 -32.17
N SER G 75 22.57 -51.34 -33.46
CA SER G 75 22.37 -52.70 -33.96
C SER G 75 23.64 -53.56 -33.82
N ILE G 76 24.77 -53.04 -34.28
CA ILE G 76 26.06 -53.73 -34.11
C ILE G 76 26.84 -52.99 -33.05
N GLY G 77 26.83 -51.67 -33.11
CA GLY G 77 27.54 -50.86 -32.15
C GLY G 77 28.83 -50.30 -32.70
N THR G 78 28.80 -49.03 -33.11
CA THR G 78 29.99 -48.32 -33.55
C THR G 78 29.73 -46.83 -33.40
N ALA G 79 30.82 -46.06 -33.46
CA ALA G 79 30.76 -44.60 -33.41
C ALA G 79 31.15 -44.04 -34.76
N TYR G 80 30.24 -43.28 -35.37
CA TYR G 80 30.45 -42.71 -36.69
C TYR G 80 30.92 -41.27 -36.56
N MET G 81 32.06 -40.99 -37.19
CA MET G 81 32.61 -39.64 -37.28
C MET G 81 32.43 -39.11 -38.68
N GLU G 82 31.88 -37.91 -38.83
CA GLU G 82 31.84 -37.28 -40.14
C GLU G 82 32.32 -35.83 -40.04
N LEU G 83 33.30 -35.51 -40.86
CA LEU G 83 33.93 -34.19 -40.92
C LEU G 83 33.60 -33.54 -42.25
N ARG G 84 33.06 -32.33 -42.18
CA ARG G 84 32.63 -31.60 -43.36
C ARG G 84 33.35 -30.27 -43.44
N SER G 85 33.28 -29.65 -44.62
CA SER G 85 33.92 -28.38 -44.96
C SER G 85 35.43 -28.42 -44.71
N LEU G 86 36.04 -29.55 -45.04
CA LEU G 86 37.44 -29.77 -44.74
C LEU G 86 38.32 -29.20 -45.84
N THR G 87 39.57 -28.90 -45.48
CA THR G 87 40.57 -28.44 -46.42
C THR G 87 41.81 -29.31 -46.28
N SER G 88 42.90 -28.87 -46.89
CA SER G 88 44.12 -29.68 -46.96
C SER G 88 44.82 -29.81 -45.61
N ASP G 89 44.55 -28.87 -44.69
CA ASP G 89 45.27 -28.83 -43.43
C ASP G 89 44.82 -29.91 -42.45
N ASP G 90 43.72 -30.60 -42.76
CA ASP G 90 43.22 -31.65 -41.87
C ASP G 90 43.93 -32.99 -42.08
N THR G 91 44.93 -33.03 -42.97
CA THR G 91 45.73 -34.22 -43.23
C THR G 91 46.46 -34.62 -41.96
N ALA G 92 45.98 -35.68 -41.31
CA ALA G 92 46.35 -35.95 -39.93
C ALA G 92 45.92 -37.37 -39.58
N ILE G 93 46.23 -37.77 -38.36
CA ILE G 93 45.75 -39.04 -37.82
C ILE G 93 44.55 -38.76 -36.93
N TYR G 94 43.55 -39.64 -36.99
CA TYR G 94 42.31 -39.50 -36.24
C TYR G 94 42.13 -40.68 -35.32
N TYR G 95 41.81 -40.41 -34.06
CA TYR G 95 41.79 -41.41 -33.00
C TYR G 95 40.42 -41.46 -32.34
N CYS G 96 39.94 -42.68 -32.11
CA CYS G 96 38.74 -42.93 -31.33
C CYS G 96 39.12 -43.56 -30.00
N THR G 97 38.66 -42.96 -28.90
CA THR G 97 39.06 -43.41 -27.57
C THR G 97 37.84 -43.70 -26.72
N THR G 98 38.03 -44.60 -25.76
CA THR G 98 37.03 -44.91 -24.75
C THR G 98 37.23 -44.00 -23.54
N GLY G 99 36.19 -43.26 -23.16
CA GLY G 99 36.30 -42.27 -22.11
C GLY G 99 35.92 -42.78 -20.73
N GLY G 100 35.19 -41.97 -19.97
CA GLY G 100 34.78 -42.33 -18.63
C GLY G 100 33.54 -43.21 -18.61
N TRP G 101 33.07 -43.50 -17.40
CA TRP G 101 31.95 -44.43 -17.21
C TRP G 101 30.64 -43.65 -17.10
N ILE G 102 29.61 -44.16 -17.77
CA ILE G 102 28.33 -43.48 -17.85
C ILE G 102 27.50 -43.84 -16.62
N SER G 103 27.24 -42.85 -15.78
CA SER G 103 26.33 -43.00 -14.64
C SER G 103 25.25 -41.94 -14.73
N LEU G 104 24.07 -42.27 -14.20
CA LEU G 104 22.93 -41.38 -14.34
C LEU G 104 22.87 -40.33 -13.23
N TYR G 105 23.82 -40.34 -12.29
CA TYR G 105 23.72 -39.48 -11.11
C TYR G 105 24.76 -38.38 -11.07
N TYR G 106 25.79 -38.43 -11.91
CA TYR G 106 26.79 -37.37 -11.95
C TYR G 106 27.41 -37.33 -13.34
N ASP G 107 27.86 -36.15 -13.73
CA ASP G 107 28.44 -35.95 -15.05
C ASP G 107 29.86 -36.52 -15.07
N SER G 108 30.13 -37.36 -16.07
CA SER G 108 31.46 -37.94 -16.25
C SER G 108 31.94 -37.81 -17.69
N SER G 109 31.43 -36.83 -18.44
CA SER G 109 31.82 -36.69 -19.84
C SER G 109 33.23 -36.12 -19.97
N TYR G 110 33.54 -35.09 -19.20
CA TYR G 110 34.78 -34.35 -19.41
C TYR G 110 35.98 -34.95 -18.70
N TYR G 111 35.87 -36.17 -18.20
CA TYR G 111 37.01 -36.86 -17.63
C TYR G 111 37.92 -37.30 -18.76
N PRO G 112 39.18 -36.86 -18.80
CA PRO G 112 40.05 -37.23 -19.92
C PRO G 112 40.74 -38.56 -19.71
N ASN G 113 39.98 -39.58 -19.32
CA ASN G 113 40.56 -40.89 -18.99
C ASN G 113 40.42 -41.80 -20.20
N PHE G 114 41.25 -41.53 -21.21
CA PHE G 114 41.23 -42.30 -22.46
C PHE G 114 41.94 -43.63 -22.21
N ASP G 115 41.17 -44.58 -21.69
CA ASP G 115 41.77 -45.82 -21.20
C ASP G 115 42.12 -46.76 -22.36
N HIS G 116 41.33 -46.75 -23.42
CA HIS G 116 41.55 -47.61 -24.57
C HIS G 116 41.63 -46.77 -25.83
N TRP G 117 42.55 -47.13 -26.72
CA TRP G 117 42.82 -46.37 -27.93
C TRP G 117 42.67 -47.27 -29.15
N GLY G 118 42.06 -46.72 -30.19
CA GLY G 118 42.03 -47.40 -31.47
C GLY G 118 43.34 -47.23 -32.21
N GLN G 119 43.44 -47.89 -33.36
CA GLN G 119 44.63 -47.75 -34.19
C GLN G 119 44.61 -46.50 -35.06
N GLY G 120 43.50 -45.78 -35.09
CA GLY G 120 43.43 -44.51 -35.79
C GLY G 120 43.29 -44.69 -37.30
N THR G 121 43.16 -43.55 -37.98
CA THR G 121 43.14 -43.55 -39.43
C THR G 121 43.90 -42.34 -39.94
N LEU G 122 44.33 -42.42 -41.20
CA LEU G 122 45.06 -41.34 -41.86
C LEU G 122 44.13 -40.62 -42.82
N LEU G 123 44.01 -39.31 -42.68
CA LEU G 123 43.26 -38.50 -43.63
C LEU G 123 44.23 -37.62 -44.40
N THR G 124 44.35 -37.89 -45.70
CA THR G 124 45.29 -37.21 -46.57
C THR G 124 44.51 -36.41 -47.62
N VAL G 125 44.54 -35.10 -47.51
CA VAL G 125 43.84 -34.20 -48.43
C VAL G 125 44.85 -33.18 -48.95
N SER G 126 44.99 -33.10 -50.27
CA SER G 126 45.92 -32.17 -50.89
C SER G 126 45.45 -31.76 -52.28
N GLN H 1 43.96 -21.42 -31.44
CA GLN H 1 43.38 -21.96 -30.22
C GLN H 1 44.43 -21.92 -29.11
N SER H 2 43.99 -22.07 -27.86
CA SER H 2 44.90 -22.05 -26.72
C SER H 2 45.84 -23.25 -26.76
N ALA H 3 45.28 -24.46 -26.62
CA ALA H 3 46.00 -25.75 -26.59
C ALA H 3 47.09 -25.78 -25.51
N LEU H 4 46.83 -25.09 -24.38
CA LEU H 4 47.69 -24.98 -23.21
C LEU H 4 49.09 -24.43 -23.53
N THR H 5 49.98 -24.48 -22.53
CA THR H 5 51.38 -24.15 -22.72
C THR H 5 52.22 -25.37 -22.32
N GLN H 6 53.20 -25.70 -23.15
CA GLN H 6 53.99 -26.90 -22.93
C GLN H 6 55.36 -26.69 -23.58
N PRO H 7 56.45 -26.98 -22.86
CA PRO H 7 57.78 -26.80 -23.44
C PRO H 7 58.08 -27.81 -24.53
N ALA H 8 58.99 -27.42 -25.41
CA ALA H 8 59.29 -28.23 -26.60
C ALA H 8 59.98 -29.53 -26.24
N SER H 9 60.93 -29.50 -25.31
CA SER H 9 61.71 -30.69 -24.98
C SER H 9 62.23 -30.58 -23.55
N VAL H 10 62.68 -31.72 -23.04
CA VAL H 10 63.33 -31.81 -21.75
C VAL H 10 64.67 -32.52 -21.97
N SER H 11 65.61 -32.32 -21.05
CA SER H 11 66.91 -32.97 -21.12
C SER H 11 67.19 -33.63 -19.78
N GLY H 12 68.21 -34.48 -19.76
CA GLY H 12 68.61 -35.12 -18.52
C GLY H 12 69.66 -36.19 -18.78
N SER H 13 69.93 -36.96 -17.75
CA SER H 13 70.88 -38.06 -17.78
C SER H 13 70.23 -39.25 -17.09
N PRO H 14 70.72 -40.47 -17.35
CA PRO H 14 70.22 -41.64 -16.61
C PRO H 14 70.46 -41.53 -15.11
N GLY H 15 69.46 -41.94 -14.34
CA GLY H 15 69.47 -41.80 -12.90
C GLY H 15 68.82 -40.55 -12.36
N GLN H 16 68.60 -39.54 -13.20
CA GLN H 16 68.04 -38.28 -12.73
C GLN H 16 66.51 -38.33 -12.75
N SER H 17 65.90 -37.59 -11.83
CA SER H 17 64.46 -37.39 -11.84
C SER H 17 64.11 -36.07 -12.54
N ILE H 18 63.16 -36.14 -13.47
CA ILE H 18 62.79 -34.99 -14.28
C ILE H 18 61.29 -34.75 -14.15
N THR H 19 60.83 -33.63 -14.70
CA THR H 19 59.42 -33.29 -14.77
C THR H 19 59.06 -32.88 -16.19
N ILE H 20 57.91 -33.35 -16.65
CA ILE H 20 57.29 -32.89 -17.89
C ILE H 20 56.20 -31.91 -17.50
N SER H 21 56.29 -30.67 -17.96
CA SER H 21 55.48 -29.60 -17.41
C SER H 21 54.38 -29.16 -18.37
N CYS H 22 53.29 -28.67 -17.78
CA CYS H 22 52.18 -28.06 -18.49
C CYS H 22 51.59 -26.96 -17.62
N THR H 23 51.19 -25.85 -18.25
CA THR H 23 50.67 -24.71 -17.51
C THR H 23 49.56 -24.08 -18.34
N GLY H 24 48.50 -23.66 -17.67
CA GLY H 24 47.41 -23.01 -18.37
C GLY H 24 46.61 -22.13 -17.44
N THR H 25 45.37 -21.84 -17.85
CA THR H 25 44.49 -20.99 -17.07
C THR H 25 43.95 -21.74 -15.85
N LYS H 26 43.31 -20.99 -14.95
CA LYS H 26 42.84 -21.58 -13.70
C LYS H 26 41.60 -22.44 -13.92
N TYR H 27 40.87 -22.21 -15.01
CA TYR H 27 39.74 -23.08 -15.33
C TYR H 27 40.23 -24.42 -15.86
N ASP H 28 41.20 -24.37 -16.78
CA ASP H 28 41.60 -25.56 -17.51
C ASP H 28 42.48 -26.50 -16.71
N VAL H 29 43.29 -26.01 -15.78
CA VAL H 29 44.22 -26.88 -15.07
C VAL H 29 43.86 -26.90 -13.59
N GLY H 30 43.31 -25.80 -13.08
CA GLY H 30 43.19 -25.64 -11.64
C GLY H 30 41.81 -25.73 -11.05
N SER H 31 40.77 -25.48 -11.85
CA SER H 31 39.41 -25.54 -11.34
C SER H 31 39.00 -26.97 -11.03
N HIS H 32 39.55 -27.94 -11.75
CA HIS H 32 39.38 -29.35 -11.43
C HIS H 32 40.74 -30.03 -11.56
N ASP H 33 40.95 -31.08 -10.78
CA ASP H 33 42.22 -31.79 -10.79
C ASP H 33 42.24 -32.91 -11.81
N LEU H 34 41.35 -32.83 -12.81
CA LEU H 34 41.21 -33.86 -13.83
C LEU H 34 42.27 -33.65 -14.91
N VAL H 35 43.49 -34.07 -14.57
CA VAL H 35 44.65 -33.92 -15.46
C VAL H 35 45.17 -35.30 -15.79
N SER H 36 45.35 -35.58 -17.08
CA SER H 36 45.82 -36.87 -17.54
C SER H 36 47.03 -36.67 -18.45
N TRP H 37 47.83 -37.72 -18.58
CA TRP H 37 49.08 -37.65 -19.32
C TRP H 37 49.15 -38.83 -20.27
N TYR H 38 49.70 -38.59 -21.46
CA TYR H 38 49.76 -39.60 -22.51
C TYR H 38 51.13 -39.58 -23.15
N GLN H 39 51.58 -40.74 -23.60
CA GLN H 39 52.93 -40.95 -24.10
C GLN H 39 52.91 -41.58 -25.48
N GLN H 40 53.77 -41.08 -26.37
CA GLN H 40 53.73 -41.47 -27.78
C GLN H 40 55.14 -41.83 -28.24
N TYR H 41 55.37 -43.12 -28.46
CA TYR H 41 56.51 -43.58 -29.25
C TYR H 41 56.33 -43.15 -30.70
N PRO H 42 57.43 -43.00 -31.45
CA PRO H 42 57.31 -42.65 -32.88
C PRO H 42 56.66 -43.77 -33.69
N GLY H 43 55.49 -43.46 -34.26
CA GLY H 43 54.76 -44.42 -35.05
C GLY H 43 53.76 -45.26 -34.27
N LYS H 44 53.53 -44.95 -33.01
CA LYS H 44 52.61 -45.71 -32.18
C LYS H 44 51.44 -44.84 -31.74
N VAL H 45 50.47 -45.49 -31.11
CA VAL H 45 49.29 -44.81 -30.56
C VAL H 45 49.72 -44.10 -29.27
N PRO H 46 49.02 -43.05 -28.85
CA PRO H 46 49.29 -42.47 -27.53
C PRO H 46 48.91 -43.45 -26.42
N LYS H 47 49.80 -43.60 -25.45
CA LYS H 47 49.65 -44.60 -24.40
C LYS H 47 49.23 -43.93 -23.10
N TYR H 48 48.31 -44.57 -22.39
CA TYR H 48 47.68 -44.00 -21.22
C TYR H 48 48.45 -44.38 -19.95
N MET H 49 48.97 -43.37 -19.23
CA MET H 49 49.84 -43.67 -18.10
C MET H 49 49.55 -42.90 -16.82
N ILE H 50 48.90 -41.74 -16.87
CA ILE H 50 48.55 -40.98 -15.67
C ILE H 50 47.14 -40.43 -15.82
N TYR H 51 46.28 -40.68 -14.83
CA TYR H 51 44.96 -40.05 -14.76
C TYR H 51 44.72 -39.51 -13.36
N GLU H 52 43.81 -38.53 -13.29
CA GLU H 52 43.42 -37.83 -12.06
C GLU H 52 44.66 -37.30 -11.35
N VAL H 53 45.47 -36.59 -12.12
CA VAL H 53 46.77 -35.94 -11.88
C VAL H 53 47.84 -36.86 -11.26
N ASN H 54 47.48 -37.73 -10.32
CA ASN H 54 48.53 -38.49 -9.64
C ASN H 54 48.20 -39.96 -9.39
N LYS H 55 47.47 -40.60 -10.30
CA LYS H 55 47.12 -42.00 -10.13
C LYS H 55 47.57 -42.81 -11.34
N ARG H 56 47.67 -44.13 -11.14
CA ARG H 56 48.23 -44.98 -12.19
C ARG H 56 47.26 -46.07 -12.62
N PRO H 57 47.26 -46.40 -13.92
CA PRO H 57 46.42 -47.48 -14.43
C PRO H 57 47.01 -48.87 -14.20
N SER H 58 46.40 -49.86 -14.84
CA SER H 58 46.85 -51.25 -14.76
C SER H 58 48.24 -51.43 -15.36
N GLY H 59 49.15 -51.97 -14.54
CA GLY H 59 50.44 -52.43 -15.03
C GLY H 59 51.49 -51.34 -15.20
N VAL H 60 51.12 -50.09 -14.94
CA VAL H 60 52.06 -49.00 -15.13
C VAL H 60 53.04 -48.97 -13.97
N SER H 61 54.32 -48.80 -14.30
CA SER H 61 55.38 -48.77 -13.28
C SER H 61 55.23 -47.57 -12.37
N ASN H 62 55.54 -47.77 -11.09
CA ASN H 62 55.35 -46.74 -10.08
C ASN H 62 56.48 -45.71 -10.06
N ARG H 63 57.48 -45.85 -10.94
CA ARG H 63 58.48 -44.78 -11.08
C ARG H 63 57.85 -43.51 -11.62
N PHE H 64 56.91 -43.65 -12.56
CA PHE H 64 56.16 -42.50 -13.04
C PHE H 64 55.22 -41.99 -11.94
N SER H 65 55.10 -40.67 -11.84
CA SER H 65 54.22 -40.05 -10.86
C SER H 65 53.81 -38.67 -11.34
N GLY H 66 52.74 -38.15 -10.76
CA GLY H 66 52.23 -36.85 -11.14
C GLY H 66 52.43 -35.80 -10.06
N SER H 67 52.13 -34.56 -10.42
CA SER H 67 52.20 -33.42 -9.50
C SER H 67 51.39 -32.27 -10.08
N LYS H 68 50.99 -31.36 -9.20
CA LYS H 68 50.21 -30.18 -9.60
C LYS H 68 50.33 -29.14 -8.50
N SER H 69 50.56 -27.89 -8.91
CA SER H 69 50.61 -26.78 -7.98
C SER H 69 49.90 -25.59 -8.61
N GLY H 70 48.68 -25.33 -8.18
CA GLY H 70 47.91 -24.22 -8.72
C GLY H 70 47.43 -24.45 -10.14
N ASN H 71 48.00 -23.72 -11.09
CA ASN H 71 47.59 -23.83 -12.49
C ASN H 71 48.64 -24.51 -13.36
N THR H 72 49.57 -25.25 -12.76
CA THR H 72 50.54 -26.03 -13.51
C THR H 72 50.51 -27.48 -13.04
N ALA H 73 51.06 -28.35 -13.86
CA ALA H 73 51.19 -29.77 -13.55
C ALA H 73 52.48 -30.28 -14.17
N SER H 74 52.96 -31.40 -13.65
CA SER H 74 54.18 -32.01 -14.17
C SER H 74 54.15 -33.51 -13.90
N LEU H 75 54.22 -34.28 -14.98
CA LEU H 75 54.50 -35.70 -14.86
C LEU H 75 55.94 -35.89 -14.39
N THR H 76 56.10 -36.36 -13.17
CA THR H 76 57.41 -36.46 -12.52
C THR H 76 57.93 -37.88 -12.66
N ILE H 77 59.09 -38.01 -13.30
CA ILE H 77 59.70 -39.31 -13.55
C ILE H 77 60.91 -39.42 -12.64
N SER H 78 60.92 -40.45 -11.80
CA SER H 78 62.07 -40.71 -10.95
C SER H 78 62.97 -41.75 -11.62
N GLY H 79 64.26 -41.45 -11.72
CA GLY H 79 65.21 -42.41 -12.23
C GLY H 79 65.11 -42.74 -13.71
N LEU H 80 65.50 -41.79 -14.56
CA LEU H 80 65.48 -42.01 -16.00
C LEU H 80 66.43 -43.13 -16.42
N ARG H 81 66.02 -43.84 -17.46
CA ARG H 81 66.91 -44.65 -18.29
C ARG H 81 66.56 -44.36 -19.74
N ALA H 82 67.32 -44.97 -20.65
CA ALA H 82 67.17 -44.74 -22.08
C ALA H 82 65.96 -45.46 -22.70
N GLU H 83 64.98 -45.88 -21.88
CA GLU H 83 63.74 -46.40 -22.43
C GLU H 83 62.63 -45.36 -22.48
N ASP H 84 62.87 -44.16 -21.96
CA ASP H 84 61.81 -43.17 -21.79
C ASP H 84 61.67 -42.21 -22.98
N GLU H 85 62.42 -42.40 -24.08
CA GLU H 85 62.31 -41.43 -25.15
C GLU H 85 61.00 -41.54 -25.91
N ALA H 86 60.21 -40.47 -25.83
CA ALA H 86 58.91 -40.38 -26.45
C ALA H 86 58.50 -38.92 -26.49
N ASP H 87 57.44 -38.65 -27.25
CA ASP H 87 56.73 -37.39 -27.15
C ASP H 87 55.66 -37.49 -26.07
N TYR H 88 55.54 -36.46 -25.25
CA TYR H 88 54.62 -36.52 -24.13
C TYR H 88 53.59 -35.42 -24.24
N TYR H 89 52.36 -35.75 -23.84
CA TYR H 89 51.23 -34.85 -23.96
C TYR H 89 50.49 -34.80 -22.64
N CYS H 90 50.04 -33.61 -22.26
CA CYS H 90 49.08 -33.50 -21.18
C CYS H 90 47.73 -33.16 -21.75
N CYS H 91 46.69 -33.64 -21.07
CA CYS H 91 45.32 -33.25 -21.37
C CYS H 91 44.62 -32.96 -20.05
N SER H 92 43.60 -32.12 -20.13
CA SER H 92 42.93 -31.67 -18.91
C SER H 92 41.51 -31.26 -19.27
N PHE H 93 40.75 -30.96 -18.22
CA PHE H 93 39.38 -30.48 -18.36
C PHE H 93 39.36 -29.12 -19.05
N GLY H 94 38.57 -29.01 -20.10
CA GLY H 94 38.54 -27.81 -20.92
C GLY H 94 37.69 -26.72 -20.31
N GLY H 95 37.28 -25.77 -21.16
CA GLY H 95 36.53 -24.63 -20.68
C GLY H 95 35.12 -24.94 -20.24
N SER H 96 34.23 -25.25 -21.18
CA SER H 96 32.84 -25.45 -20.80
C SER H 96 32.58 -26.88 -20.32
N ALA H 97 32.63 -27.84 -21.24
CA ALA H 97 32.47 -29.24 -20.89
C ALA H 97 33.41 -30.09 -21.72
N THR H 98 34.60 -29.57 -22.00
CA THR H 98 35.45 -30.13 -23.04
C THR H 98 36.73 -30.69 -22.42
N VAL H 99 37.57 -31.22 -23.30
CA VAL H 99 38.93 -31.64 -22.96
C VAL H 99 39.88 -30.83 -23.82
N VAL H 100 40.98 -30.36 -23.23
CA VAL H 100 41.99 -29.61 -23.96
C VAL H 100 43.33 -30.29 -23.75
N CYS H 101 44.21 -30.20 -24.76
CA CYS H 101 45.48 -30.90 -24.70
C CYS H 101 46.61 -29.97 -25.13
N GLY H 102 47.84 -30.33 -24.69
CA GLY H 102 48.99 -29.48 -24.88
C GLY H 102 49.66 -29.65 -26.24
N GLY H 103 50.86 -29.08 -26.35
CA GLY H 103 51.60 -29.00 -27.60
C GLY H 103 52.72 -30.00 -27.80
N GLY H 104 52.94 -30.92 -26.86
CA GLY H 104 53.97 -31.94 -27.01
C GLY H 104 55.26 -31.58 -26.31
N THR H 105 55.99 -32.63 -25.91
CA THR H 105 57.28 -32.48 -25.25
C THR H 105 58.11 -33.73 -25.52
N LYS H 106 59.30 -33.55 -26.08
CA LYS H 106 60.17 -34.67 -26.41
C LYS H 106 61.11 -34.96 -25.25
N VAL H 107 61.11 -36.20 -24.77
CA VAL H 107 62.10 -36.61 -23.78
C VAL H 107 63.40 -36.94 -24.49
N THR H 108 64.48 -36.29 -24.08
CA THR H 108 65.80 -36.45 -24.71
C THR H 108 66.76 -36.90 -23.61
N VAL H 109 66.97 -38.22 -23.52
CA VAL H 109 67.94 -38.79 -22.61
C VAL H 109 69.30 -38.75 -23.31
N LEU H 110 70.19 -37.90 -22.83
CA LEU H 110 71.45 -37.61 -23.53
C LEU H 110 72.44 -38.75 -23.42
N GLU I 2 -11.11 31.19 62.58
CA GLU I 2 -10.05 30.73 61.70
C GLU I 2 -10.35 31.07 60.25
N ASN I 3 -9.33 30.98 59.40
CA ASN I 3 -9.52 31.17 57.96
C ASN I 3 -9.90 29.84 57.32
N LEU I 4 -9.84 29.77 56.00
CA LEU I 4 -9.98 28.52 55.26
C LEU I 4 -8.71 28.25 54.48
N TRP I 5 -8.51 26.99 54.12
CA TRP I 5 -7.29 26.56 53.47
C TRP I 5 -7.61 25.72 52.24
N VAL I 6 -6.74 25.85 51.23
CA VAL I 6 -6.96 25.22 49.94
C VAL I 6 -6.82 23.70 50.08
N THR I 7 -7.66 22.96 49.35
CA THR I 7 -7.68 21.51 49.42
C THR I 7 -8.03 20.98 48.03
N VAL I 8 -7.34 19.92 47.60
CA VAL I 8 -7.60 19.31 46.30
C VAL I 8 -8.46 18.08 46.50
N TYR I 9 -9.27 17.79 45.49
CA TYR I 9 -10.13 16.62 45.44
C TYR I 9 -9.93 15.95 44.10
N TYR I 10 -9.86 14.62 44.09
CA TYR I 10 -9.63 13.88 42.86
C TYR I 10 -10.77 12.90 42.67
N GLY I 11 -11.27 12.82 41.44
CA GLY I 11 -12.51 12.11 41.17
C GLY I 11 -13.72 13.01 41.13
N VAL I 12 -13.58 14.21 40.58
CA VAL I 12 -14.60 15.25 40.63
C VAL I 12 -15.42 15.29 39.35
N PRO I 13 -16.75 15.24 39.42
CA PRO I 13 -17.57 15.27 38.20
C PRO I 13 -17.63 16.66 37.55
N VAL I 14 -16.60 17.00 36.78
CA VAL I 14 -16.56 18.26 36.06
C VAL I 14 -16.29 17.97 34.59
N TRP I 15 -17.13 18.52 33.71
CA TRP I 15 -17.09 18.25 32.29
C TRP I 15 -16.50 19.42 31.53
N LYS I 16 -15.89 19.10 30.39
CA LYS I 16 -15.49 20.08 29.39
C LYS I 16 -15.96 19.58 28.03
N GLU I 17 -16.04 20.48 27.06
CA GLU I 17 -16.44 20.07 25.71
C GLU I 17 -15.25 20.16 24.78
N ALA I 18 -14.94 19.05 24.09
CA ALA I 18 -13.78 19.01 23.22
C ALA I 18 -13.99 17.95 22.16
N LYS I 19 -13.21 18.08 21.08
CA LYS I 19 -13.19 17.08 20.03
C LYS I 19 -12.37 15.87 20.47
N THR I 20 -12.79 14.68 20.01
CA THR I 20 -12.10 13.46 20.41
C THR I 20 -12.32 12.38 19.36
N THR I 21 -11.52 11.32 19.46
CA THR I 21 -11.66 10.19 18.55
C THR I 21 -12.38 9.03 19.24
N LEU I 22 -13.47 8.58 18.62
CA LEU I 22 -14.35 7.57 19.19
C LEU I 22 -14.27 6.30 18.35
N PHE I 23 -14.18 5.14 19.01
CA PHE I 23 -14.12 3.90 18.26
C PHE I 23 -15.50 3.25 18.12
N CYS I 24 -15.57 2.28 17.23
CA CYS I 24 -16.81 1.61 16.87
C CYS I 24 -16.92 0.29 17.60
N ALA I 25 -18.15 -0.10 17.93
CA ALA I 25 -18.48 -1.40 18.47
C ALA I 25 -19.62 -1.99 17.65
N SER I 26 -19.65 -3.31 17.55
CA SER I 26 -20.66 -3.99 16.75
C SER I 26 -21.40 -4.99 17.61
N ASP I 27 -22.57 -5.40 17.15
CA ASP I 27 -23.33 -6.44 17.82
C ASP I 27 -22.58 -7.76 17.77
N ALA I 28 -22.61 -8.49 18.88
CA ALA I 28 -21.70 -9.63 19.06
C ALA I 28 -22.04 -10.79 18.12
N ARG I 29 -23.30 -10.92 17.72
CA ARG I 29 -23.71 -11.98 16.80
C ARG I 29 -23.07 -11.82 15.42
N ALA I 30 -22.76 -10.58 15.03
CA ALA I 30 -22.04 -10.34 13.78
C ALA I 30 -20.58 -10.80 13.86
N TYR I 31 -20.08 -11.16 15.04
CA TYR I 31 -18.78 -11.81 15.15
C TYR I 31 -18.87 -13.32 14.98
N GLU I 32 -20.04 -13.87 14.66
CA GLU I 32 -20.10 -15.22 14.13
C GLU I 32 -19.56 -15.30 12.71
N LYS I 33 -19.53 -14.17 12.01
CA LYS I 33 -19.18 -14.14 10.61
C LYS I 33 -17.67 -14.24 10.43
N GLU I 34 -17.26 -14.45 9.18
CA GLU I 34 -15.87 -14.76 8.87
C GLU I 34 -14.99 -13.52 8.93
N VAL I 35 -13.68 -13.75 8.91
CA VAL I 35 -12.73 -12.63 8.87
C VAL I 35 -12.71 -12.06 7.45
N HIS I 36 -12.47 -10.75 7.36
CA HIS I 36 -12.48 -9.96 6.12
C HIS I 36 -13.80 -10.07 5.36
N ASN I 37 -14.92 -10.22 6.09
CA ASN I 37 -16.23 -10.33 5.48
C ASN I 37 -16.91 -8.97 5.43
N VAL I 38 -17.13 -8.36 6.60
CA VAL I 38 -17.83 -7.08 6.68
C VAL I 38 -17.24 -6.36 7.89
N TRP I 39 -17.59 -5.08 8.06
CA TRP I 39 -16.95 -4.12 8.96
C TRP I 39 -16.92 -4.54 10.43
N ALA I 40 -17.85 -5.40 10.83
CA ALA I 40 -17.97 -5.79 12.23
C ALA I 40 -16.77 -6.58 12.71
N THR I 41 -16.53 -7.74 12.08
CA THR I 41 -15.38 -8.57 12.45
C THR I 41 -14.08 -7.94 11.95
N HIS I 42 -14.17 -7.12 10.90
CA HIS I 42 -12.97 -6.61 10.24
C HIS I 42 -12.24 -5.57 11.09
N ALA I 43 -12.97 -4.62 11.67
CA ALA I 43 -12.29 -3.47 12.26
C ALA I 43 -12.77 -3.10 13.65
N CYS I 44 -14.02 -3.40 14.00
CA CYS I 44 -14.57 -2.89 15.25
C CYS I 44 -14.16 -3.79 16.43
N VAL I 45 -14.81 -3.56 17.57
CA VAL I 45 -14.61 -4.32 18.79
C VAL I 45 -15.94 -4.99 19.17
N PRO I 46 -15.93 -6.22 19.67
CA PRO I 46 -17.16 -6.81 20.21
C PRO I 46 -17.68 -6.03 21.41
N THR I 47 -19.00 -5.87 21.49
CA THR I 47 -19.59 -5.14 22.59
C THR I 47 -20.07 -6.09 23.68
N ASP I 48 -20.41 -5.50 24.82
CA ASP I 48 -21.04 -6.22 25.93
C ASP I 48 -21.83 -5.21 26.74
N PRO I 49 -23.17 -5.29 26.74
CA PRO I 49 -23.97 -4.29 27.46
C PRO I 49 -24.03 -4.49 28.97
N SER I 50 -22.89 -4.69 29.62
CA SER I 50 -22.86 -4.71 31.09
C SER I 50 -22.87 -3.31 31.71
N PRO I 51 -22.07 -2.30 31.23
CA PRO I 51 -22.30 -0.94 31.75
C PRO I 51 -23.46 -0.24 31.06
N GLN I 52 -24.67 -0.44 31.58
CA GLN I 52 -25.90 0.09 30.99
C GLN I 52 -25.97 1.62 31.12
N GLU I 53 -27.10 2.16 30.68
CA GLU I 53 -27.38 3.58 30.85
C GLU I 53 -27.47 3.93 32.33
N LEU I 54 -26.96 5.09 32.69
CA LEU I 54 -27.09 5.59 34.05
C LEU I 54 -27.70 6.97 34.02
N VAL I 55 -28.88 7.12 34.63
CA VAL I 55 -29.56 8.41 34.65
C VAL I 55 -28.82 9.35 35.59
N LEU I 56 -28.94 10.66 35.34
CA LEU I 56 -28.34 11.67 36.19
C LEU I 56 -29.44 12.45 36.89
N GLY I 57 -29.06 13.21 37.91
CA GLY I 57 -30.04 13.85 38.76
C GLY I 57 -30.32 15.29 38.40
N ASN I 58 -29.72 16.22 39.15
CA ASN I 58 -30.04 17.64 39.04
C ASN I 58 -29.20 18.33 37.96
N VAL I 59 -28.70 17.58 36.99
CA VAL I 59 -27.82 18.12 35.95
C VAL I 59 -28.64 18.97 34.98
N THR I 60 -27.93 19.79 34.20
CA THR I 60 -28.56 20.62 33.17
C THR I 60 -27.51 20.92 32.11
N GLU I 61 -27.74 20.49 30.89
CA GLU I 61 -26.76 20.60 29.82
C GLU I 61 -27.43 21.09 28.55
N ASN I 62 -26.73 21.96 27.82
CA ASN I 62 -27.21 22.53 26.57
C ASN I 62 -26.63 21.74 25.41
N PHE I 63 -27.50 21.16 24.60
CA PHE I 63 -27.07 20.43 23.40
C PHE I 63 -27.20 21.32 22.16
N ASN I 64 -26.44 20.94 21.13
CA ASN I 64 -26.46 21.62 19.84
C ASN I 64 -26.35 20.54 18.77
N MET I 65 -27.30 20.51 17.84
CA MET I 65 -27.36 19.41 16.88
C MET I 65 -26.46 19.69 15.69
N TRP I 66 -26.52 20.90 15.14
CA TRP I 66 -25.75 21.25 13.96
C TRP I 66 -24.30 21.63 14.25
N LYS I 67 -23.91 21.72 15.52
CA LYS I 67 -22.50 21.85 15.85
C LYS I 67 -21.88 20.54 16.33
N ASN I 68 -22.56 19.42 16.11
CA ASN I 68 -22.08 18.15 16.62
C ASN I 68 -20.92 17.64 15.79
N ASP I 69 -19.83 17.28 16.47
CA ASP I 69 -18.63 16.82 15.76
C ASP I 69 -18.67 15.32 15.51
N MET I 70 -19.61 14.62 16.14
CA MET I 70 -19.67 13.17 16.00
C MET I 70 -20.06 12.75 14.59
N VAL I 71 -21.00 13.46 13.97
CA VAL I 71 -21.36 13.15 12.58
C VAL I 71 -20.24 13.52 11.62
N ASP I 72 -19.53 14.62 11.91
CA ASP I 72 -18.42 15.04 11.06
C ASP I 72 -17.20 14.14 11.21
N GLN I 73 -17.13 13.34 12.27
CA GLN I 73 -16.14 12.28 12.36
C GLN I 73 -16.66 10.96 11.80
N MET I 74 -17.97 10.71 11.91
CA MET I 74 -18.59 9.52 11.35
C MET I 74 -18.47 9.49 9.83
N HIS I 75 -18.60 10.65 9.20
CA HIS I 75 -18.47 10.74 7.74
C HIS I 75 -17.08 10.33 7.27
N GLU I 76 -16.05 10.78 7.98
CA GLU I 76 -14.69 10.41 7.61
C GLU I 76 -14.37 8.97 7.98
N ASP I 77 -14.94 8.45 9.07
CA ASP I 77 -14.78 7.03 9.41
C ASP I 77 -15.37 6.13 8.34
N ILE I 78 -16.58 6.49 7.87
CA ILE I 78 -17.25 5.74 6.81
C ILE I 78 -16.45 5.84 5.51
N ILE I 79 -15.94 7.04 5.20
CA ILE I 79 -15.25 7.24 3.93
C ILE I 79 -13.94 6.46 3.89
N SER I 80 -13.25 6.37 5.04
CA SER I 80 -11.98 5.66 5.06
C SER I 80 -12.16 4.14 5.11
N LEU I 81 -13.12 3.65 5.90
CA LEU I 81 -13.38 2.21 5.94
C LEU I 81 -13.92 1.70 4.62
N TRP I 82 -14.78 2.50 3.98
CA TRP I 82 -15.40 2.10 2.72
C TRP I 82 -14.41 2.22 1.57
N ASP I 83 -13.44 3.13 1.67
CA ASP I 83 -12.35 3.15 0.69
C ASP I 83 -11.40 1.98 0.89
N GLN I 84 -11.18 1.57 2.15
CA GLN I 84 -10.30 0.43 2.41
C GLN I 84 -10.92 -0.88 1.94
N SER I 85 -12.25 -0.98 1.98
CA SER I 85 -12.92 -2.23 1.64
C SER I 85 -12.87 -2.58 0.16
N LEU I 86 -12.42 -1.69 -0.73
CA LEU I 86 -12.43 -1.95 -2.17
C LEU I 86 -11.08 -2.37 -2.72
N LYS I 87 -10.03 -2.41 -1.91
CA LYS I 87 -8.68 -2.64 -2.42
C LYS I 87 -8.40 -4.01 -3.05
N PRO I 88 -8.79 -5.17 -2.47
CA PRO I 88 -8.41 -6.45 -3.12
C PRO I 88 -9.19 -6.77 -4.38
N CYS I 89 -10.24 -6.00 -4.71
CA CYS I 89 -11.10 -6.34 -5.83
C CYS I 89 -10.45 -5.96 -7.16
N VAL I 90 -11.13 -6.36 -8.24
CA VAL I 90 -10.64 -6.10 -9.59
C VAL I 90 -10.75 -4.60 -9.89
N LYS I 91 -9.75 -4.06 -10.58
CA LYS I 91 -9.69 -2.64 -10.87
C LYS I 91 -10.27 -2.33 -12.25
N LEU I 92 -11.01 -3.30 -12.81
CA LEU I 92 -11.39 -3.34 -14.23
C LEU I 92 -10.17 -3.09 -15.09
N THR I 93 -10.28 -2.09 -16.02
CA THR I 93 -9.39 -1.40 -16.99
C THR I 93 -9.51 -1.94 -18.42
N PRO I 94 -9.44 -3.25 -18.73
CA PRO I 94 -9.66 -3.65 -20.14
C PRO I 94 -11.09 -3.56 -20.61
N LEU I 95 -12.04 -3.23 -19.73
CA LEU I 95 -13.44 -3.16 -20.10
C LEU I 95 -13.79 -1.81 -20.72
N CYS I 96 -12.84 -0.87 -20.79
CA CYS I 96 -13.05 0.46 -21.35
C CYS I 96 -13.08 0.48 -22.88
N VAL I 97 -13.20 -0.66 -23.54
CA VAL I 97 -13.13 -0.77 -24.99
C VAL I 97 -14.35 -0.16 -25.67
N THR I 98 -14.27 0.00 -26.98
CA THR I 98 -15.43 0.42 -27.77
C THR I 98 -16.49 -0.66 -27.74
N LEU I 99 -17.71 -0.29 -27.40
CA LEU I 99 -18.80 -1.25 -27.38
C LEU I 99 -19.67 -1.09 -28.61
N ILE I 100 -20.08 -2.22 -29.18
CA ILE I 100 -20.99 -2.26 -30.31
C ILE I 100 -22.32 -2.78 -29.81
N CYS I 101 -23.35 -1.93 -29.84
CA CYS I 101 -24.63 -2.27 -29.24
C CYS I 101 -25.70 -2.26 -30.31
N SER I 102 -26.44 -3.36 -30.41
CA SER I 102 -27.51 -3.52 -31.37
C SER I 102 -28.85 -3.16 -30.72
N ASN I 103 -29.93 -3.50 -31.42
CA ASN I 103 -31.26 -3.39 -30.84
C ASN I 103 -31.43 -4.35 -29.67
N ALA I 104 -32.33 -4.00 -28.76
CA ALA I 104 -32.51 -4.75 -27.52
C ALA I 104 -33.54 -5.88 -27.70
N THR I 105 -33.22 -6.79 -28.62
CA THR I 105 -34.09 -7.92 -28.92
C THR I 105 -33.81 -9.03 -27.91
N VAL I 106 -34.41 -8.90 -26.73
CA VAL I 106 -34.20 -9.87 -25.66
C VAL I 106 -34.93 -11.18 -25.95
N LYS I 107 -36.22 -11.13 -26.25
CA LYS I 107 -37.01 -12.31 -26.60
C LYS I 107 -38.01 -11.89 -27.67
N ASN I 108 -37.50 -11.17 -28.68
CA ASN I 108 -38.18 -10.17 -29.52
C ASN I 108 -38.70 -8.97 -28.74
N GLY I 109 -39.24 -8.00 -29.46
CA GLY I 109 -39.59 -6.75 -28.83
C GLY I 109 -38.33 -5.96 -28.52
N THR I 110 -38.52 -4.97 -27.65
CA THR I 110 -37.42 -4.14 -27.18
C THR I 110 -37.57 -3.92 -25.68
N VAL I 111 -36.54 -4.27 -24.92
CA VAL I 111 -36.46 -3.88 -23.52
C VAL I 111 -35.90 -2.45 -23.52
N GLU I 112 -36.65 -1.54 -22.90
CA GLU I 112 -36.41 -0.12 -23.10
C GLU I 112 -35.27 0.39 -22.23
N GLU I 113 -34.86 -0.41 -21.25
CA GLU I 113 -33.83 0.06 -20.32
C GLU I 113 -32.45 -0.52 -20.62
N MET I 114 -32.38 -1.74 -21.16
CA MET I 114 -31.12 -2.48 -21.22
C MET I 114 -30.72 -2.71 -22.67
N LYS I 115 -29.49 -2.33 -23.01
CA LYS I 115 -28.95 -2.52 -24.34
C LYS I 115 -28.06 -3.76 -24.40
N ASN I 116 -28.20 -4.55 -25.47
CA ASN I 116 -27.35 -5.70 -25.72
C ASN I 116 -26.10 -5.23 -26.45
N CYS I 117 -24.94 -5.36 -25.83
CA CYS I 117 -23.68 -4.89 -26.38
C CYS I 117 -22.70 -6.04 -26.44
N SER I 118 -21.76 -5.97 -27.39
CA SER I 118 -20.70 -6.95 -27.52
C SER I 118 -19.37 -6.25 -27.69
N PHE I 119 -18.32 -6.84 -27.13
CA PHE I 119 -17.03 -6.19 -27.08
C PHE I 119 -15.93 -7.22 -27.09
N ASN I 120 -14.74 -6.77 -27.49
CA ASN I 120 -13.57 -7.65 -27.54
C ASN I 120 -12.87 -7.65 -26.18
N THR I 121 -12.71 -8.83 -25.62
CA THR I 121 -12.09 -9.03 -24.32
C THR I 121 -10.68 -9.54 -24.52
N THR I 122 -9.71 -8.80 -23.98
CA THR I 122 -8.33 -9.29 -23.88
C THR I 122 -8.32 -10.36 -22.81
N THR I 123 -8.18 -11.61 -23.23
CA THR I 123 -8.32 -12.73 -22.33
C THR I 123 -7.08 -12.88 -21.44
N GLU I 124 -7.08 -13.93 -20.62
CA GLU I 124 -6.02 -14.14 -19.64
C GLU I 124 -4.71 -14.57 -20.28
N ILE I 125 -4.75 -14.97 -21.56
CA ILE I 125 -3.54 -15.37 -22.28
C ILE I 125 -2.94 -14.19 -23.03
N ARG I 126 -3.77 -13.19 -23.32
CA ARG I 126 -3.52 -11.83 -23.81
C ARG I 126 -3.20 -11.83 -25.31
N ASP I 127 -3.02 -13.01 -25.91
CA ASP I 127 -2.88 -13.08 -27.36
C ASP I 127 -3.96 -13.96 -28.00
N LYS I 128 -5.04 -14.25 -27.27
CA LYS I 128 -6.18 -14.99 -27.80
C LYS I 128 -7.47 -14.27 -27.42
N GLU I 129 -7.50 -12.95 -27.68
CA GLU I 129 -8.65 -12.11 -27.32
C GLU I 129 -9.91 -12.55 -28.07
N LYS I 130 -11.05 -12.46 -27.39
CA LYS I 130 -12.26 -13.09 -27.91
C LYS I 130 -13.45 -12.15 -27.77
N LYS I 131 -14.47 -12.41 -28.57
CA LYS I 131 -15.70 -11.63 -28.50
C LYS I 131 -16.55 -12.09 -27.33
N GLU I 132 -17.17 -11.13 -26.64
CA GLU I 132 -18.09 -11.43 -25.56
C GLU I 132 -19.28 -10.49 -25.67
N TYR I 133 -20.38 -10.84 -25.00
CA TYR I 133 -21.57 -10.00 -25.03
C TYR I 133 -22.15 -9.89 -23.63
N ALA I 134 -22.75 -8.73 -23.36
CA ALA I 134 -23.36 -8.44 -22.07
C ALA I 134 -24.48 -7.43 -22.27
N LEU I 135 -25.38 -7.37 -21.30
CA LEU I 135 -26.47 -6.41 -21.30
C LEU I 135 -26.18 -5.33 -20.27
N PHE I 136 -26.29 -4.07 -20.70
CA PHE I 136 -25.96 -2.94 -19.84
C PHE I 136 -27.15 -2.01 -19.70
N TYR I 137 -27.14 -1.23 -18.63
CA TYR I 137 -28.15 -0.20 -18.44
C TYR I 137 -27.75 1.08 -19.16
N LYS I 138 -28.73 1.72 -19.76
CA LYS I 138 -28.56 2.96 -20.51
C LYS I 138 -28.04 4.16 -19.73
N PRO I 139 -28.22 4.28 -18.40
CA PRO I 139 -27.37 5.22 -17.66
C PRO I 139 -25.88 4.90 -17.66
N ASP I 140 -25.47 3.65 -17.88
CA ASP I 140 -24.05 3.32 -17.90
C ASP I 140 -23.45 3.38 -19.30
N ILE I 141 -24.23 3.71 -20.32
CA ILE I 141 -23.80 3.63 -21.70
C ILE I 141 -23.85 5.03 -22.32
N VAL I 142 -22.74 5.45 -22.91
CA VAL I 142 -22.62 6.76 -23.53
C VAL I 142 -22.31 6.56 -25.01
N PRO I 143 -22.91 7.33 -25.92
CA PRO I 143 -22.46 7.32 -27.33
C PRO I 143 -21.03 7.81 -27.45
N LEU I 144 -20.27 7.16 -28.35
CA LEU I 144 -18.84 7.41 -28.44
C LEU I 144 -18.55 8.73 -29.12
N SER I 145 -19.27 9.04 -30.20
CA SER I 145 -19.06 10.27 -30.94
C SER I 145 -20.41 10.89 -31.28
N GLU I 146 -20.38 12.19 -31.59
CA GLU I 146 -21.60 12.91 -31.93
C GLU I 146 -22.03 12.68 -33.38
N THR I 147 -21.23 11.96 -34.17
CA THR I 147 -21.59 11.65 -35.54
C THR I 147 -22.69 10.57 -35.58
N ASN I 148 -23.07 10.21 -36.80
CA ASN I 148 -24.20 9.29 -36.99
C ASN I 148 -23.77 7.83 -36.97
N ASN I 149 -22.60 7.54 -36.41
CA ASN I 149 -22.19 6.17 -36.13
C ASN I 149 -22.79 5.66 -34.82
N THR I 150 -24.12 5.63 -34.72
CA THR I 150 -24.84 5.42 -33.46
C THR I 150 -24.88 3.97 -33.00
N SER I 151 -24.10 3.06 -33.58
CA SER I 151 -23.98 1.71 -33.07
C SER I 151 -22.68 1.48 -32.32
N GLU I 152 -21.98 2.55 -31.95
CA GLU I 152 -20.68 2.49 -31.30
C GLU I 152 -20.79 3.21 -29.97
N TYR I 153 -20.48 2.52 -28.87
CA TYR I 153 -20.75 3.04 -27.54
C TYR I 153 -19.58 2.84 -26.60
N ARG I 154 -19.72 3.38 -25.40
CA ARG I 154 -18.67 3.38 -24.39
C ARG I 154 -19.31 3.31 -23.00
N LEU I 155 -18.52 2.86 -22.02
CA LEU I 155 -18.93 2.99 -20.62
C LEU I 155 -18.84 4.45 -20.19
N ILE I 156 -19.63 4.81 -19.18
CA ILE I 156 -19.67 6.20 -18.74
C ILE I 156 -18.39 6.58 -18.01
N ASN I 157 -17.64 5.59 -17.53
CA ASN I 157 -16.32 5.83 -16.98
C ASN I 157 -15.26 5.98 -18.06
N CYS I 158 -14.00 5.86 -17.64
CA CYS I 158 -12.78 5.80 -18.43
C CYS I 158 -12.42 7.14 -19.06
N ASN I 159 -13.31 8.12 -19.03
CA ASN I 159 -12.93 9.47 -19.39
C ASN I 159 -12.75 10.33 -18.15
N THR I 160 -13.14 9.83 -17.00
CA THR I 160 -13.04 10.53 -15.73
C THR I 160 -12.25 9.74 -14.70
N SER I 161 -12.45 8.43 -14.61
CA SER I 161 -11.70 7.59 -13.68
C SER I 161 -11.71 6.15 -14.19
N ALA I 162 -10.74 5.38 -13.72
CA ALA I 162 -10.73 3.94 -13.94
C ALA I 162 -11.50 3.30 -12.80
N CYS I 163 -12.59 2.63 -13.13
CA CYS I 163 -13.59 2.30 -12.13
C CYS I 163 -13.24 0.97 -11.48
N THR I 164 -14.10 0.48 -10.59
CA THR I 164 -13.84 -0.78 -9.91
C THR I 164 -15.12 -1.53 -9.65
N GLN I 165 -15.01 -2.86 -9.57
CA GLN I 165 -16.15 -3.69 -9.20
C GLN I 165 -16.05 -4.06 -7.72
N ALA I 166 -17.16 -3.92 -7.00
CA ALA I 166 -17.19 -4.36 -5.61
C ALA I 166 -17.13 -5.88 -5.56
N CYS I 167 -16.41 -6.41 -4.57
CA CYS I 167 -16.22 -7.85 -4.43
C CYS I 167 -17.54 -8.51 -4.03
N PRO I 168 -18.02 -9.51 -4.76
CA PRO I 168 -19.30 -10.13 -4.40
C PRO I 168 -19.19 -11.19 -3.32
N LYS I 169 -18.47 -10.87 -2.24
CA LYS I 169 -18.52 -11.68 -1.02
C LYS I 169 -18.49 -10.80 0.22
N VAL I 170 -18.35 -9.48 0.07
CA VAL I 170 -18.67 -8.55 1.14
C VAL I 170 -20.14 -8.20 0.93
N THR I 171 -20.78 -7.64 1.95
CA THR I 171 -22.20 -7.33 1.85
C THR I 171 -22.43 -5.86 2.14
N PHE I 172 -23.60 -5.38 1.74
CA PHE I 172 -24.00 -3.99 1.95
C PHE I 172 -25.11 -3.89 2.98
N GLU I 173 -25.21 -4.88 3.86
CA GLU I 173 -26.20 -4.86 4.92
C GLU I 173 -25.87 -3.77 5.93
N PRO I 174 -26.81 -2.91 6.29
CA PRO I 174 -26.53 -1.86 7.28
C PRO I 174 -26.45 -2.40 8.70
N ILE I 175 -25.27 -2.89 9.06
CA ILE I 175 -24.97 -3.41 10.40
C ILE I 175 -25.10 -2.27 11.41
N PRO I 176 -25.86 -2.45 12.49
CA PRO I 176 -25.96 -1.41 13.53
C PRO I 176 -24.62 -1.23 14.24
N ILE I 177 -24.10 -0.01 14.21
CA ILE I 177 -22.78 0.30 14.72
C ILE I 177 -22.92 1.26 15.90
N HIS I 178 -22.39 0.88 17.05
CA HIS I 178 -22.42 1.68 18.26
C HIS I 178 -21.15 2.52 18.32
N TYR I 179 -21.30 3.80 18.67
CA TYR I 179 -20.14 4.60 19.01
C TYR I 179 -19.97 4.74 20.52
N CYS I 180 -18.74 4.53 20.96
CA CYS I 180 -18.42 4.37 22.37
C CYS I 180 -17.42 5.44 22.77
N ALA I 181 -17.26 5.62 24.08
CA ALA I 181 -16.33 6.62 24.59
C ALA I 181 -15.01 5.96 24.94
N PRO I 182 -13.87 6.60 24.66
CA PRO I 182 -12.58 6.02 25.06
C PRO I 182 -12.30 6.20 26.54
N ALA I 183 -11.07 5.88 26.96
CA ALA I 183 -10.68 6.06 28.36
C ALA I 183 -10.71 7.54 28.75
N GLY I 184 -11.27 7.81 29.92
CA GLY I 184 -11.37 9.17 30.40
C GLY I 184 -12.35 10.04 29.65
N TYR I 185 -13.47 9.48 29.21
CA TYR I 185 -14.49 10.22 28.47
C TYR I 185 -15.85 9.59 28.76
N ALA I 186 -16.91 10.33 28.43
CA ALA I 186 -18.25 9.81 28.61
C ALA I 186 -19.18 10.42 27.57
N ILE I 187 -20.31 9.75 27.36
CA ILE I 187 -21.31 10.18 26.39
C ILE I 187 -22.58 10.57 27.13
N LEU I 188 -22.96 11.84 27.00
CA LEU I 188 -24.23 12.33 27.51
C LEU I 188 -25.32 12.12 26.46
N LYS I 189 -26.48 11.65 26.92
CA LYS I 189 -27.64 11.42 26.09
C LYS I 189 -28.83 12.16 26.67
N CYS I 190 -29.55 12.89 25.83
CA CYS I 190 -30.71 13.65 26.27
C CYS I 190 -31.98 12.81 26.11
N ASN I 191 -32.69 12.62 27.22
CA ASN I 191 -33.92 11.82 27.19
C ASN I 191 -35.18 12.66 26.99
N ASP I 192 -35.05 13.97 26.79
CA ASP I 192 -36.21 14.80 26.47
C ASP I 192 -36.58 14.58 25.01
N GLU I 193 -37.79 14.06 24.77
CA GLU I 193 -38.28 13.92 23.41
C GLU I 193 -38.81 15.23 22.85
N THR I 194 -38.98 16.25 23.70
CA THR I 194 -39.42 17.56 23.25
C THR I 194 -38.28 18.42 22.75
N PHE I 195 -37.07 17.87 22.66
CA PHE I 195 -35.88 18.58 22.22
C PHE I 195 -35.98 18.99 20.76
N ASN I 196 -35.84 20.28 20.48
CA ASN I 196 -36.06 20.82 19.14
C ASN I 196 -34.78 21.26 18.44
N GLY I 197 -33.68 20.55 18.66
CA GLY I 197 -32.45 20.77 17.94
C GLY I 197 -31.37 21.50 18.70
N THR I 198 -31.72 22.57 19.41
CA THR I 198 -30.76 23.30 20.24
C THR I 198 -31.37 23.53 21.61
N GLY I 199 -30.50 23.75 22.60
CA GLY I 199 -30.95 24.26 23.87
C GLY I 199 -30.81 23.28 25.03
N PRO I 200 -31.40 23.62 26.17
CA PRO I 200 -31.19 22.81 27.37
C PRO I 200 -31.95 21.49 27.33
N CYS I 201 -31.43 20.53 28.09
CA CYS I 201 -32.09 19.25 28.30
C CYS I 201 -31.98 18.89 29.78
N SER I 202 -33.08 18.40 30.35
CA SER I 202 -33.12 18.08 31.77
C SER I 202 -32.97 16.60 32.07
N ASN I 203 -33.76 15.74 31.42
CA ASN I 203 -33.63 14.30 31.59
C ASN I 203 -32.39 13.85 30.82
N VAL I 204 -31.28 13.69 31.54
CA VAL I 204 -29.98 13.40 30.94
C VAL I 204 -29.44 12.10 31.54
N SER I 205 -28.96 11.22 30.67
CA SER I 205 -28.27 10.02 31.13
C SER I 205 -26.87 10.01 30.57
N THR I 206 -26.04 9.14 31.13
CA THR I 206 -24.71 8.87 30.59
C THR I 206 -24.65 7.41 30.15
N VAL I 207 -23.97 7.17 29.03
CA VAL I 207 -23.86 5.84 28.44
C VAL I 207 -22.40 5.59 28.09
N GLN I 208 -22.02 4.31 28.02
CA GLN I 208 -20.66 4.01 27.57
C GLN I 208 -20.61 3.81 26.06
N CYS I 209 -21.75 3.49 25.45
CA CYS I 209 -21.86 3.29 24.01
C CYS I 209 -23.22 3.80 23.56
N THR I 210 -23.29 4.26 22.32
CA THR I 210 -24.52 4.86 21.82
C THR I 210 -25.52 3.80 21.37
N HIS I 211 -26.66 4.28 20.89
CA HIS I 211 -27.64 3.44 20.20
C HIS I 211 -27.04 2.98 18.88
N GLY I 212 -27.43 1.80 18.42
CA GLY I 212 -26.96 1.28 17.16
C GLY I 212 -27.39 2.09 15.96
N ILE I 213 -26.43 2.76 15.33
CA ILE I 213 -26.71 3.61 14.17
C ILE I 213 -26.67 2.75 12.91
N ARG I 214 -27.70 2.89 12.07
CA ARG I 214 -27.72 2.19 10.79
C ARG I 214 -27.22 3.17 9.74
N PRO I 215 -26.03 2.98 9.17
CA PRO I 215 -25.48 3.92 8.19
C PRO I 215 -26.07 3.76 6.78
N VAL I 216 -27.38 3.99 6.67
CA VAL I 216 -28.05 3.84 5.38
C VAL I 216 -27.91 5.12 4.57
N VAL I 217 -27.34 5.00 3.37
CA VAL I 217 -27.23 6.14 2.48
C VAL I 217 -28.53 6.30 1.71
N SER I 218 -29.17 7.46 1.85
CA SER I 218 -30.47 7.67 1.22
C SER I 218 -30.66 9.15 0.95
N THR I 219 -31.56 9.43 0.01
CA THR I 219 -31.92 10.79 -0.36
C THR I 219 -33.44 10.87 -0.46
N GLN I 220 -33.98 12.01 -0.01
CA GLN I 220 -35.39 12.43 -0.05
C GLN I 220 -36.29 11.66 0.90
N LEU I 221 -35.77 10.60 1.51
CA LEU I 221 -36.47 9.80 2.51
C LEU I 221 -35.42 9.14 3.38
N LEU I 222 -35.78 8.87 4.63
CA LEU I 222 -34.89 8.16 5.54
C LEU I 222 -35.44 6.77 5.77
N LEU I 223 -34.57 5.78 5.59
CA LEU I 223 -34.90 4.36 5.73
C LEU I 223 -34.89 3.94 7.19
N ASN I 224 -34.70 2.64 7.44
CA ASN I 224 -34.64 2.04 8.77
C ASN I 224 -33.80 2.85 9.75
N GLY I 225 -34.45 3.30 10.82
CA GLY I 225 -33.84 4.16 11.81
C GLY I 225 -34.75 4.31 13.01
N SER I 226 -34.29 5.02 14.03
CA SER I 226 -35.05 5.15 15.26
C SER I 226 -36.28 6.04 15.05
N LEU I 227 -37.33 5.74 15.80
CA LEU I 227 -38.59 6.46 15.69
C LEU I 227 -38.66 7.52 16.78
N ALA I 228 -39.42 8.58 16.49
CA ALA I 228 -39.66 9.62 17.49
C ALA I 228 -40.54 9.08 18.61
N GLU I 229 -40.37 9.65 19.80
CA GLU I 229 -41.00 9.12 20.99
C GLU I 229 -42.41 9.64 21.25
N LYS I 230 -42.73 10.86 20.82
CA LYS I 230 -44.08 11.37 21.06
C LYS I 230 -44.82 11.75 19.78
N GLU I 231 -44.21 12.56 18.93
CA GLU I 231 -44.90 13.07 17.75
C GLU I 231 -43.88 13.43 16.69
N ILE I 232 -44.37 14.01 15.59
CA ILE I 232 -43.51 14.44 14.49
C ILE I 232 -42.70 15.65 14.94
N VAL I 233 -41.38 15.57 14.76
CA VAL I 233 -40.46 16.61 15.19
C VAL I 233 -39.90 17.31 13.97
N ILE I 234 -39.85 18.64 14.02
CA ILE I 234 -39.29 19.45 12.95
C ILE I 234 -37.99 20.08 13.45
N ARG I 235 -36.90 19.84 12.73
CA ARG I 235 -35.60 20.33 13.12
C ARG I 235 -35.01 21.18 11.99
N SER I 236 -34.61 22.40 12.32
CA SER I 236 -33.85 23.23 11.40
C SER I 236 -33.01 24.20 12.21
N GLU I 237 -31.79 24.45 11.73
CA GLU I 237 -30.89 25.37 12.42
C GLU I 237 -31.44 26.79 12.40
N ASN I 238 -31.93 27.23 11.24
CA ASN I 238 -32.75 28.44 11.15
C ASN I 238 -33.94 28.06 10.28
N LEU I 239 -35.12 27.97 10.89
CA LEU I 239 -36.31 27.55 10.14
C LEU I 239 -36.72 28.59 9.11
N THR I 240 -36.42 29.87 9.36
CA THR I 240 -36.74 30.92 8.40
C THR I 240 -35.82 30.88 7.18
N ASN I 241 -34.66 30.22 7.30
CA ASN I 241 -33.68 30.18 6.21
C ASN I 241 -34.17 29.20 5.15
N ASN I 242 -34.29 29.67 3.91
CA ASN I 242 -34.79 28.83 2.83
C ASN I 242 -33.72 27.91 2.25
N ALA I 243 -32.45 28.14 2.54
CA ALA I 243 -31.39 27.30 2.00
C ALA I 243 -31.02 26.15 2.93
N LYS I 244 -31.65 26.08 4.10
CA LYS I 244 -31.26 25.12 5.14
C LYS I 244 -32.17 23.91 5.07
N ILE I 245 -31.58 22.71 5.13
CA ILE I 245 -32.32 21.46 5.02
C ILE I 245 -33.10 21.26 6.31
N ILE I 246 -34.43 21.18 6.20
CA ILE I 246 -35.31 21.12 7.37
C ILE I 246 -35.76 19.67 7.52
N ILE I 247 -35.25 19.01 8.56
CA ILE I 247 -35.44 17.58 8.72
C ILE I 247 -36.72 17.30 9.51
N VAL I 248 -37.48 16.30 9.06
CA VAL I 248 -38.72 15.90 9.69
C VAL I 248 -38.57 14.48 10.20
N HIS I 249 -38.83 14.28 11.48
CA HIS I 249 -38.74 12.98 12.12
C HIS I 249 -40.15 12.50 12.47
N LEU I 250 -40.45 11.25 12.13
CA LEU I 250 -41.80 10.74 12.26
C LEU I 250 -41.97 9.91 13.52
N HIS I 251 -43.19 9.92 14.05
CA HIS I 251 -43.57 9.05 15.15
C HIS I 251 -44.19 7.76 14.63
N THR I 252 -45.20 7.88 13.80
CA THR I 252 -45.82 6.71 13.20
C THR I 252 -45.04 6.32 11.94
N PRO I 253 -44.53 5.09 11.85
CA PRO I 253 -43.71 4.71 10.71
C PRO I 253 -44.58 4.43 9.48
N VAL I 254 -43.95 4.51 8.32
CA VAL I 254 -44.61 4.11 7.07
C VAL I 254 -43.92 2.84 6.60
N GLU I 255 -44.68 1.93 6.00
CA GLU I 255 -44.10 0.70 5.47
C GLU I 255 -44.00 0.77 3.95
N ILE I 256 -42.79 0.60 3.44
CA ILE I 256 -42.53 0.59 2.01
C ILE I 256 -41.99 -0.78 1.63
N VAL I 257 -42.49 -1.33 0.53
CA VAL I 257 -42.03 -2.64 0.06
C VAL I 257 -41.94 -2.61 -1.45
N CYS I 258 -40.80 -3.03 -2.00
CA CYS I 258 -40.66 -3.09 -3.45
C CYS I 258 -39.61 -4.11 -3.85
N THR I 259 -39.27 -4.08 -5.14
CA THR I 259 -38.70 -5.22 -5.81
C THR I 259 -38.15 -4.80 -7.16
N ARG I 260 -37.48 -5.74 -7.81
CA ARG I 260 -37.20 -5.67 -9.24
C ARG I 260 -37.84 -6.90 -9.88
N PRO I 261 -39.05 -6.78 -10.41
CA PRO I 261 -39.75 -7.95 -10.95
C PRO I 261 -39.26 -8.37 -12.34
N ASN I 262 -37.96 -8.60 -12.45
CA ASN I 262 -37.34 -8.92 -13.73
C ASN I 262 -36.33 -10.02 -13.46
N ASN I 263 -36.61 -11.23 -13.94
CA ASN I 263 -35.83 -12.41 -13.59
C ASN I 263 -34.49 -12.39 -14.33
N ASN I 264 -33.53 -11.72 -13.70
CA ASN I 264 -32.22 -11.51 -14.31
C ASN I 264 -31.37 -12.78 -14.18
N THR I 265 -30.27 -12.81 -14.92
CA THR I 265 -29.32 -13.92 -14.89
C THR I 265 -27.89 -13.37 -14.88
N ARG I 266 -27.04 -13.93 -14.04
CA ARG I 266 -25.66 -13.48 -13.94
C ARG I 266 -24.78 -14.17 -14.98
N LYS I 267 -23.91 -13.39 -15.63
CA LYS I 267 -22.93 -13.90 -16.58
C LYS I 267 -21.53 -13.62 -16.05
N SER I 268 -20.62 -14.56 -16.26
CA SER I 268 -19.23 -14.45 -15.82
C SER I 268 -18.32 -14.29 -17.02
N VAL I 269 -17.47 -13.26 -16.99
CA VAL I 269 -16.49 -12.99 -18.02
C VAL I 269 -15.13 -12.95 -17.33
N ARG I 270 -14.11 -13.52 -17.97
CA ARG I 270 -12.76 -13.46 -17.43
C ARG I 270 -12.02 -12.29 -18.06
N ILE I 271 -11.64 -11.33 -17.23
CA ILE I 271 -10.94 -10.13 -17.67
C ILE I 271 -9.52 -10.23 -17.13
N GLY I 272 -8.59 -10.57 -18.00
CA GLY I 272 -7.20 -10.67 -17.61
C GLY I 272 -6.91 -11.90 -16.78
N PRO I 273 -5.71 -11.97 -16.22
CA PRO I 273 -5.28 -13.19 -15.53
C PRO I 273 -5.88 -13.33 -14.14
N GLY I 274 -6.56 -14.46 -13.92
CA GLY I 274 -6.98 -14.88 -12.60
C GLY I 274 -8.26 -14.27 -12.06
N GLN I 275 -8.56 -13.03 -12.46
CA GLN I 275 -9.66 -12.25 -11.89
C GLN I 275 -10.82 -12.18 -12.88
N THR I 276 -12.04 -12.18 -12.35
CA THR I 276 -13.23 -12.25 -13.18
C THR I 276 -14.04 -10.96 -13.06
N PHE I 277 -15.15 -10.93 -13.81
CA PHE I 277 -16.06 -9.80 -13.85
C PHE I 277 -17.47 -10.35 -14.10
N TYR I 278 -18.45 -9.76 -13.44
CA TYR I 278 -19.82 -10.24 -13.49
C TYR I 278 -20.71 -9.21 -14.17
N ALA I 279 -21.54 -9.68 -15.10
CA ALA I 279 -22.41 -8.79 -15.86
C ALA I 279 -23.79 -9.42 -16.00
N THR I 280 -24.67 -8.71 -16.70
CA THR I 280 -26.03 -9.18 -16.91
C THR I 280 -26.10 -9.92 -18.23
N GLY I 281 -26.51 -11.19 -18.19
CA GLY I 281 -26.65 -11.99 -19.38
C GLY I 281 -28.05 -11.93 -19.96
N ASP I 282 -28.68 -13.09 -20.12
CA ASP I 282 -30.03 -13.13 -20.64
C ASP I 282 -31.04 -12.73 -19.58
N ILE I 283 -32.25 -12.45 -20.02
CA ILE I 283 -33.39 -12.19 -19.14
C ILE I 283 -34.45 -13.24 -19.42
N ILE I 284 -34.87 -13.94 -18.41
CA ILE I 284 -35.86 -15.00 -18.55
C ILE I 284 -37.21 -14.48 -18.09
N GLY I 285 -38.25 -14.77 -18.88
CA GLY I 285 -39.56 -14.26 -18.58
C GLY I 285 -39.82 -12.92 -19.26
N ASP I 286 -40.99 -12.38 -18.98
CA ASP I 286 -41.40 -11.12 -19.58
C ASP I 286 -40.73 -9.94 -18.88
N ILE I 287 -40.71 -8.80 -19.56
CA ILE I 287 -40.10 -7.60 -19.01
C ILE I 287 -41.12 -6.82 -18.20
N LYS I 288 -40.75 -6.48 -16.97
CA LYS I 288 -41.62 -5.70 -16.09
C LYS I 288 -40.86 -4.51 -15.55
N GLN I 289 -41.59 -3.48 -15.14
CA GLN I 289 -41.00 -2.23 -14.68
C GLN I 289 -40.66 -2.29 -13.21
N ALA I 290 -39.45 -1.84 -12.86
CA ALA I 290 -39.07 -1.65 -11.48
C ALA I 290 -39.86 -0.48 -10.89
N HIS I 291 -40.43 -0.68 -9.71
CA HIS I 291 -41.37 0.26 -9.11
C HIS I 291 -41.35 0.11 -7.61
N CYS I 292 -41.82 1.14 -6.90
CA CYS I 292 -42.00 1.03 -5.45
C CYS I 292 -43.36 1.54 -5.01
N ASN I 293 -43.84 0.98 -3.89
CA ASN I 293 -45.22 1.11 -3.45
C ASN I 293 -45.30 1.72 -2.06
N ILE I 294 -46.21 2.67 -1.87
CA ILE I 294 -46.55 3.19 -0.54
C ILE I 294 -48.07 3.23 -0.44
N SER I 295 -48.61 2.77 0.68
CA SER I 295 -50.05 2.84 0.88
C SER I 295 -50.52 4.30 0.94
N GLU I 296 -51.61 4.59 0.23
CA GLU I 296 -51.98 5.98 -0.04
C GLU I 296 -52.55 6.69 1.18
N GLU I 297 -53.38 5.99 1.97
CA GLU I 297 -54.03 6.63 3.09
C GLU I 297 -53.03 6.96 4.20
N LYS I 298 -52.02 6.11 4.39
CA LYS I 298 -50.99 6.39 5.38
C LYS I 298 -50.10 7.53 4.94
N TRP I 299 -49.83 7.64 3.63
CA TRP I 299 -49.01 8.75 3.14
C TRP I 299 -49.75 10.07 3.26
N ASN I 300 -51.04 10.09 2.94
CA ASN I 300 -51.81 11.32 3.08
C ASN I 300 -51.99 11.71 4.55
N ASP I 301 -52.16 10.72 5.42
CA ASP I 301 -52.21 10.95 6.87
C ASP I 301 -50.90 11.52 7.38
N THR I 302 -49.78 10.97 6.90
CA THR I 302 -48.45 11.42 7.32
C THR I 302 -48.18 12.85 6.86
N LEU I 303 -48.53 13.17 5.61
CA LEU I 303 -48.26 14.52 5.14
C LEU I 303 -49.20 15.55 5.77
N GLN I 304 -50.42 15.13 6.11
CA GLN I 304 -51.31 16.04 6.84
C GLN I 304 -50.82 16.27 8.26
N LYS I 305 -50.25 15.24 8.90
CA LYS I 305 -49.68 15.45 10.23
C LYS I 305 -48.40 16.29 10.18
N VAL I 306 -47.62 16.16 9.11
CA VAL I 306 -46.46 17.02 8.91
C VAL I 306 -46.91 18.47 8.70
N GLY I 307 -48.03 18.66 8.00
CA GLY I 307 -48.60 20.00 7.89
C GLY I 307 -49.11 20.55 9.22
N ILE I 308 -49.66 19.67 10.06
CA ILE I 308 -50.08 20.03 11.40
C ILE I 308 -48.90 20.52 12.23
N GLU I 309 -47.77 19.81 12.15
CA GLU I 309 -46.60 20.25 12.89
C GLU I 309 -45.94 21.47 12.25
N LEU I 310 -46.09 21.63 10.94
CA LEU I 310 -45.58 22.84 10.27
C LEU I 310 -46.38 24.07 10.64
N GLN I 311 -47.67 23.88 10.99
CA GLN I 311 -48.48 25.00 11.43
C GLN I 311 -48.16 25.45 12.85
N LYS I 312 -47.29 24.74 13.57
CA LYS I 312 -46.79 25.19 14.86
C LYS I 312 -45.68 26.22 14.72
N HIS I 313 -45.21 26.50 13.51
CA HIS I 313 -44.27 27.59 13.26
C HIS I 313 -44.71 28.55 12.17
N PHE I 314 -45.72 28.21 11.38
CA PHE I 314 -46.29 29.12 10.39
C PHE I 314 -47.77 29.31 10.70
N PRO I 315 -48.22 30.55 10.98
CA PRO I 315 -49.47 30.78 11.72
C PRO I 315 -50.77 30.35 11.04
N ASN I 316 -51.04 30.89 9.86
CA ASN I 316 -52.33 30.75 9.21
C ASN I 316 -52.24 30.24 7.78
N LYS I 317 -51.03 30.10 7.25
CA LYS I 317 -50.85 29.63 5.89
C LYS I 317 -51.12 28.13 5.81
N THR I 318 -51.43 27.68 4.59
CA THR I 318 -51.52 26.25 4.33
C THR I 318 -50.14 25.69 3.99
N ILE I 319 -50.10 24.40 3.64
CA ILE I 319 -48.85 23.74 3.29
C ILE I 319 -49.03 23.02 1.96
N LYS I 320 -48.14 23.32 1.01
CA LYS I 320 -48.18 22.76 -0.32
C LYS I 320 -46.84 22.13 -0.64
N TYR I 321 -46.83 21.16 -1.55
CA TYR I 321 -45.60 20.49 -1.94
C TYR I 321 -45.50 20.43 -3.46
N ASN I 322 -44.28 20.21 -3.94
CA ASN I 322 -44.01 19.97 -5.35
C ASN I 322 -42.96 18.88 -5.45
N GLN I 323 -42.53 18.60 -6.67
CA GLN I 323 -41.39 17.71 -6.87
C GLN I 323 -40.08 18.51 -6.80
N SER I 324 -38.97 17.79 -6.96
CA SER I 324 -37.65 18.43 -6.96
C SER I 324 -37.43 19.22 -8.24
N ALA I 325 -36.49 20.16 -8.21
CA ALA I 325 -36.33 21.15 -9.28
C ALA I 325 -35.50 20.59 -10.44
N GLY I 326 -36.07 19.59 -11.12
CA GLY I 326 -35.45 19.02 -12.30
C GLY I 326 -34.29 18.09 -11.97
N GLY I 327 -33.17 18.66 -11.56
CA GLY I 327 -31.94 18.06 -11.08
C GLY I 327 -31.36 16.98 -11.97
N ASP I 328 -30.46 16.20 -11.38
CA ASP I 328 -29.89 15.03 -12.03
C ASP I 328 -30.25 13.81 -11.18
N MET I 329 -29.75 12.64 -11.62
CA MET I 329 -30.24 11.35 -11.14
C MET I 329 -29.99 11.15 -9.64
N GLU I 330 -28.83 11.56 -9.16
CA GLU I 330 -28.52 11.35 -7.75
C GLU I 330 -29.14 12.43 -6.86
N ILE I 331 -29.73 13.47 -7.46
CA ILE I 331 -30.26 14.58 -6.67
C ILE I 331 -31.78 14.59 -6.66
N THR I 332 -32.42 14.33 -7.81
CA THR I 332 -33.86 14.52 -7.93
C THR I 332 -34.68 13.29 -7.60
N THR I 333 -34.05 12.13 -7.38
CA THR I 333 -34.77 10.89 -7.19
C THR I 333 -34.36 10.22 -5.90
N HIS I 334 -35.31 9.52 -5.29
CA HIS I 334 -35.09 8.73 -4.09
C HIS I 334 -34.11 7.62 -4.42
N SER I 335 -32.88 7.75 -3.95
CA SER I 335 -31.78 6.86 -4.31
C SER I 335 -31.48 5.99 -3.11
N PHE I 336 -31.73 4.69 -3.23
CA PHE I 336 -31.49 3.84 -2.08
C PHE I 336 -31.01 2.46 -2.52
N ASN I 337 -30.34 1.80 -1.60
CA ASN I 337 -29.82 0.46 -1.84
C ASN I 337 -30.89 -0.57 -1.51
N CYS I 338 -30.94 -1.64 -2.31
CA CYS I 338 -31.88 -2.74 -2.11
C CYS I 338 -31.14 -4.02 -2.45
N GLY I 339 -30.66 -4.71 -1.42
CA GLY I 339 -30.01 -6.00 -1.55
C GLY I 339 -28.69 -6.01 -2.29
N GLY I 340 -28.12 -4.85 -2.60
CA GLY I 340 -26.98 -4.75 -3.49
C GLY I 340 -27.24 -3.94 -4.74
N GLU I 341 -28.49 -3.86 -5.18
CA GLU I 341 -28.81 -3.02 -6.34
C GLU I 341 -29.11 -1.60 -5.90
N PHE I 342 -29.03 -0.67 -6.85
CA PHE I 342 -29.24 0.75 -6.59
C PHE I 342 -30.50 1.20 -7.30
N PHE I 343 -31.46 1.72 -6.54
CA PHE I 343 -32.71 2.18 -7.10
C PHE I 343 -32.76 3.70 -7.07
N TYR I 344 -33.34 4.27 -8.13
CA TYR I 344 -33.64 5.69 -8.23
C TYR I 344 -35.10 5.84 -8.59
N CYS I 345 -35.91 6.31 -7.64
CA CYS I 345 -37.35 6.36 -7.79
C CYS I 345 -37.82 7.80 -7.92
N ASN I 346 -38.71 8.06 -8.88
CA ASN I 346 -39.25 9.39 -9.11
C ASN I 346 -40.29 9.69 -8.04
N THR I 347 -40.05 10.75 -7.26
CA THR I 347 -40.82 11.03 -6.05
C THR I 347 -42.01 11.93 -6.25
N SER I 348 -42.28 12.35 -7.51
CA SER I 348 -43.29 13.37 -7.78
C SER I 348 -44.69 12.93 -7.36
N ASN I 349 -45.01 11.66 -7.61
CA ASN I 349 -46.29 11.09 -7.20
C ASN I 349 -46.49 11.07 -5.69
N LEU I 350 -45.40 11.15 -4.91
CA LEU I 350 -45.55 11.23 -3.47
C LEU I 350 -46.05 12.60 -3.02
N PHE I 351 -45.78 13.66 -3.77
CA PHE I 351 -46.01 15.00 -3.26
C PHE I 351 -46.91 15.83 -4.16
N ASN I 352 -47.83 15.19 -4.89
CA ASN I 352 -48.87 15.88 -5.62
C ASN I 352 -50.09 16.03 -4.73
N GLY I 353 -49.95 16.78 -3.64
CA GLY I 353 -51.02 16.94 -2.68
C GLY I 353 -50.90 18.25 -1.93
N THR I 354 -51.95 18.55 -1.17
CA THR I 354 -52.04 19.81 -0.44
C THR I 354 -52.69 19.54 0.91
N TYR I 355 -52.21 20.25 1.94
CA TYR I 355 -52.86 20.29 3.25
C TYR I 355 -53.35 21.71 3.47
N ASN I 356 -54.66 21.88 3.63
CA ASN I 356 -55.34 23.17 3.66
C ASN I 356 -55.35 23.83 5.03
N GLY I 357 -54.66 23.29 6.03
CA GLY I 357 -54.69 23.87 7.36
C GLY I 357 -55.78 23.36 8.25
N THR I 358 -56.75 22.61 7.71
CA THR I 358 -57.80 21.99 8.50
C THR I 358 -57.76 20.49 8.16
N TYR I 359 -57.33 19.68 9.13
CA TYR I 359 -57.08 18.29 8.85
C TYR I 359 -58.38 17.50 8.75
N ILE I 360 -58.44 16.63 7.74
CA ILE I 360 -59.61 15.82 7.44
C ILE I 360 -59.36 14.43 7.98
N SER I 361 -60.42 13.76 8.45
CA SER I 361 -60.38 12.39 8.97
C SER I 361 -59.72 11.43 7.99
N THR I 362 -58.58 10.89 8.38
CA THR I 362 -57.70 10.18 7.46
C THR I 362 -58.14 8.76 7.19
N ASN I 363 -59.14 8.24 7.91
CA ASN I 363 -59.62 6.91 7.54
C ASN I 363 -60.51 7.07 6.31
N SER I 364 -61.68 7.69 6.51
CA SER I 364 -62.67 8.09 5.48
C SER I 364 -62.79 7.09 4.33
N SER I 365 -63.06 5.83 4.72
CA SER I 365 -62.65 4.64 3.98
C SER I 365 -63.16 4.56 2.54
N ALA I 366 -62.23 4.73 1.60
CA ALA I 366 -62.51 4.48 0.19
C ALA I 366 -61.93 3.13 -0.21
N ASN I 367 -60.62 2.95 -0.01
CA ASN I 367 -59.97 1.65 -0.17
C ASN I 367 -58.68 1.67 0.65
N SER I 368 -58.53 0.69 1.54
CA SER I 368 -57.28 0.55 2.28
C SER I 368 -56.16 0.02 1.40
N THR I 369 -56.51 -0.64 0.30
CA THR I 369 -55.54 -1.22 -0.62
C THR I 369 -55.12 -0.25 -1.72
N SER I 370 -55.55 1.00 -1.65
CA SER I 370 -55.10 1.99 -2.62
C SER I 370 -53.66 2.39 -2.33
N THR I 371 -52.83 2.35 -3.37
CA THR I 371 -51.40 2.60 -3.25
C THR I 371 -50.97 3.69 -4.22
N ILE I 372 -49.94 4.42 -3.82
CA ILE I 372 -49.20 5.30 -4.73
C ILE I 372 -47.94 4.56 -5.17
N THR I 373 -47.62 4.68 -6.46
CA THR I 373 -46.62 3.87 -7.12
C THR I 373 -45.59 4.77 -7.78
N LEU I 374 -44.32 4.48 -7.54
CA LEU I 374 -43.21 5.27 -8.06
C LEU I 374 -42.46 4.44 -9.08
N GLN I 375 -42.31 4.96 -10.28
CA GLN I 375 -41.44 4.32 -11.26
C GLN I 375 -39.98 4.50 -10.85
N CYS I 376 -39.20 3.44 -11.00
CA CYS I 376 -37.81 3.47 -10.57
C CYS I 376 -36.89 2.95 -11.66
N ARG I 377 -35.75 3.60 -11.82
CA ARG I 377 -34.69 3.17 -12.72
C ARG I 377 -33.51 2.64 -11.90
N ILE I 378 -32.64 1.88 -12.58
CA ILE I 378 -31.56 1.15 -11.92
C ILE I 378 -30.25 1.42 -12.64
N LYS I 379 -29.24 1.83 -11.88
CA LYS I 379 -27.88 2.01 -12.39
C LYS I 379 -26.97 0.93 -11.85
N GLN I 380 -25.93 0.62 -12.62
CA GLN I 380 -24.87 -0.27 -12.14
C GLN I 380 -23.58 0.47 -11.83
N ILE I 381 -23.07 1.25 -12.77
CA ILE I 381 -21.94 2.13 -12.51
C ILE I 381 -22.43 3.22 -11.56
N ILE I 382 -21.83 3.29 -10.37
CA ILE I 382 -22.28 4.21 -9.34
C ILE I 382 -21.20 5.28 -9.17
N ASN I 383 -21.61 6.54 -9.20
CA ASN I 383 -20.73 7.65 -8.90
C ASN I 383 -21.03 8.08 -7.46
N MET I 384 -20.48 7.29 -6.53
CA MET I 384 -21.09 7.15 -5.22
C MET I 384 -20.80 8.36 -4.34
N TRP I 385 -19.53 8.69 -4.16
CA TRP I 385 -19.18 9.88 -3.42
C TRP I 385 -18.02 10.59 -4.10
N GLN I 386 -17.99 11.92 -4.01
CA GLN I 386 -16.89 12.68 -4.57
C GLN I 386 -15.69 12.62 -3.62
N GLY I 387 -14.68 11.85 -4.00
CA GLY I 387 -13.46 11.72 -3.23
C GLY I 387 -13.30 10.41 -2.49
N VAL I 388 -13.89 9.33 -2.99
CA VAL I 388 -13.90 8.06 -2.27
C VAL I 388 -13.05 7.01 -2.98
N GLY I 389 -12.57 7.30 -4.19
CA GLY I 389 -12.38 6.22 -5.13
C GLY I 389 -13.64 6.23 -5.97
N ARG I 390 -13.87 7.38 -6.61
CA ARG I 390 -15.15 7.94 -7.01
C ARG I 390 -16.02 7.07 -7.93
N CYS I 391 -15.52 5.95 -8.41
CA CYS I 391 -16.39 5.03 -9.14
C CYS I 391 -16.47 3.68 -8.45
N MET I 392 -17.59 3.00 -8.64
CA MET I 392 -17.79 1.61 -8.26
C MET I 392 -18.77 0.98 -9.21
N TYR I 393 -18.53 -0.27 -9.58
CA TYR I 393 -19.48 -1.06 -10.36
C TYR I 393 -20.15 -2.06 -9.43
N ALA I 394 -21.48 -2.05 -9.40
CA ALA I 394 -22.22 -3.01 -8.59
C ALA I 394 -22.55 -4.24 -9.43
N PRO I 395 -22.12 -5.43 -9.04
CA PRO I 395 -22.41 -6.60 -9.84
C PRO I 395 -23.86 -6.99 -9.72
N PRO I 396 -24.47 -7.54 -10.78
CA PRO I 396 -25.87 -7.92 -10.71
C PRO I 396 -26.06 -9.19 -9.90
N ILE I 397 -27.27 -9.34 -9.36
CA ILE I 397 -27.62 -10.45 -8.49
C ILE I 397 -28.83 -11.16 -9.07
N ALA I 398 -28.79 -12.49 -9.12
CA ALA I 398 -29.73 -13.28 -9.89
C ALA I 398 -31.10 -13.30 -9.22
N GLY I 399 -32.13 -13.52 -10.05
CA GLY I 399 -33.49 -13.63 -9.56
C GLY I 399 -34.11 -12.29 -9.27
N ASN I 400 -35.40 -12.27 -8.96
CA ASN I 400 -36.07 -11.03 -8.58
C ASN I 400 -35.67 -10.71 -7.15
N ILE I 401 -35.15 -9.49 -6.94
CA ILE I 401 -34.85 -9.08 -5.57
C ILE I 401 -36.11 -8.52 -4.95
N THR I 402 -36.18 -8.55 -3.62
CA THR I 402 -37.25 -7.91 -2.86
C THR I 402 -36.66 -7.27 -1.62
N CYS I 403 -37.21 -6.12 -1.24
CA CYS I 403 -36.81 -5.48 0.00
C CYS I 403 -38.00 -4.71 0.56
N ARG I 404 -37.98 -4.52 1.87
CA ARG I 404 -39.09 -3.98 2.63
C ARG I 404 -38.54 -3.26 3.85
N SER I 405 -39.04 -2.06 4.11
CA SER I 405 -38.44 -1.21 5.13
C SER I 405 -39.46 -0.23 5.67
N ASN I 406 -39.01 0.58 6.64
CA ASN I 406 -39.82 1.59 7.28
C ASN I 406 -39.30 2.98 6.93
N ILE I 407 -40.19 3.82 6.40
CA ILE I 407 -39.92 5.25 6.29
C ILE I 407 -40.14 5.90 7.64
N THR I 408 -39.10 6.56 8.15
CA THR I 408 -39.17 7.26 9.43
C THR I 408 -38.78 8.73 9.36
N GLY I 409 -38.24 9.21 8.24
CA GLY I 409 -37.77 10.58 8.18
C GLY I 409 -37.84 11.16 6.79
N LEU I 410 -37.92 12.48 6.75
CA LEU I 410 -38.05 13.22 5.50
C LEU I 410 -36.98 14.31 5.43
N LEU I 411 -36.57 14.65 4.22
CA LEU I 411 -35.67 15.77 3.96
C LEU I 411 -36.39 16.78 3.06
N LEU I 412 -36.42 18.04 3.49
CA LEU I 412 -37.18 19.07 2.80
C LEU I 412 -36.36 20.33 2.62
N THR I 413 -36.69 21.09 1.58
CA THR I 413 -36.19 22.44 1.35
C THR I 413 -37.39 23.32 1.01
N ARG I 414 -37.53 24.43 1.74
CA ARG I 414 -38.62 25.35 1.48
C ARG I 414 -38.35 26.10 0.17
N ASP I 415 -39.29 26.00 -0.76
CA ASP I 415 -39.24 26.81 -1.97
C ASP I 415 -39.42 28.27 -1.58
N GLY I 416 -38.73 29.16 -2.28
CA GLY I 416 -38.54 30.55 -1.89
C GLY I 416 -39.80 31.36 -1.66
N GLY I 417 -39.94 31.90 -0.46
CA GLY I 417 -41.11 32.65 -0.07
C GLY I 417 -41.25 33.97 -0.78
N THR I 418 -42.18 34.05 -1.72
CA THR I 418 -42.36 35.24 -2.53
C THR I 418 -43.84 35.57 -2.63
N ASN I 419 -44.12 36.84 -2.90
CA ASN I 419 -45.46 37.43 -3.06
C ASN I 419 -46.34 37.31 -1.83
N SER I 420 -45.74 37.05 -0.66
CA SER I 420 -46.45 36.76 0.60
C SER I 420 -47.48 35.64 0.42
N ASN I 421 -47.07 34.55 -0.23
CA ASN I 421 -47.99 33.47 -0.56
C ASN I 421 -48.46 32.73 0.68
N GLU I 422 -49.70 32.24 0.63
CA GLU I 422 -50.31 31.57 1.76
C GLU I 422 -50.03 30.07 1.80
N THR I 423 -49.01 29.62 1.10
CA THR I 423 -48.56 28.23 1.21
C THR I 423 -47.13 28.13 1.69
N GLU I 424 -46.21 28.90 1.10
CA GLU I 424 -44.75 28.75 1.26
C GLU I 424 -44.36 27.32 0.98
N THR I 425 -44.52 26.90 -0.28
CA THR I 425 -44.50 25.48 -0.64
C THR I 425 -43.10 24.89 -0.46
N PHE I 426 -43.05 23.56 -0.45
CA PHE I 426 -41.84 22.82 -0.11
C PHE I 426 -41.49 21.86 -1.25
N ARG I 427 -40.21 21.49 -1.30
CA ARG I 427 -39.69 20.49 -2.20
C ARG I 427 -38.90 19.46 -1.42
N PRO I 428 -38.82 18.23 -1.88
CA PRO I 428 -37.90 17.27 -1.27
C PRO I 428 -36.45 17.64 -1.56
N ALA I 429 -35.56 17.22 -0.66
CA ALA I 429 -34.18 17.66 -0.69
C ALA I 429 -33.24 16.45 -0.60
N GLY I 430 -31.96 16.75 -0.73
CA GLY I 430 -30.93 15.71 -0.67
C GLY I 430 -29.58 16.35 -0.86
N GLY I 431 -28.57 15.49 -0.99
CA GLY I 431 -27.22 15.99 -1.17
C GLY I 431 -26.23 15.42 -0.19
N ASP I 432 -25.73 16.29 0.71
CA ASP I 432 -24.77 15.89 1.73
C ASP I 432 -25.41 14.90 2.69
N MET I 433 -24.81 13.72 2.78
CA MET I 433 -25.38 12.56 3.46
C MET I 433 -25.40 12.72 4.98
N ARG I 434 -24.67 13.72 5.49
CA ARG I 434 -24.43 13.95 6.91
C ARG I 434 -25.73 14.16 7.67
N ASP I 435 -26.67 14.90 7.07
CA ASP I 435 -27.96 15.14 7.70
C ASP I 435 -28.83 13.89 7.81
N ASN I 436 -28.50 12.82 7.08
CA ASN I 436 -29.06 11.52 7.40
C ASN I 436 -28.58 11.06 8.77
N TRP I 437 -27.26 11.05 8.96
CA TRP I 437 -26.70 10.58 10.23
C TRP I 437 -26.98 11.57 11.35
N ARG I 438 -27.10 12.85 11.01
CA ARG I 438 -27.47 13.85 12.00
C ARG I 438 -28.94 13.71 12.40
N SER I 439 -29.73 12.96 11.62
CA SER I 439 -31.07 12.61 12.07
C SER I 439 -31.05 11.52 13.14
N GLU I 440 -29.92 10.82 13.31
CA GLU I 440 -29.84 9.74 14.27
C GLU I 440 -28.90 10.03 15.44
N LEU I 441 -27.83 10.79 15.22
CA LEU I 441 -26.88 11.09 16.28
C LEU I 441 -27.26 12.34 17.07
N TYR I 442 -28.54 12.71 17.11
CA TYR I 442 -28.89 14.03 17.62
C TYR I 442 -28.94 14.09 19.13
N LYS I 443 -29.06 12.94 19.79
CA LYS I 443 -29.21 12.92 21.24
C LYS I 443 -27.90 12.96 22.00
N TYR I 444 -26.77 12.89 21.31
CA TYR I 444 -25.50 12.53 21.94
C TYR I 444 -24.51 13.68 21.95
N LYS I 445 -23.75 13.75 23.05
CA LYS I 445 -22.58 14.62 23.15
C LYS I 445 -21.49 13.86 23.89
N VAL I 446 -20.24 14.24 23.67
CA VAL I 446 -19.09 13.66 24.36
C VAL I 446 -18.51 14.70 25.30
N VAL I 447 -18.08 14.25 26.47
CA VAL I 447 -17.54 15.16 27.49
C VAL I 447 -16.13 14.74 27.88
N LYS I 448 -15.23 15.72 27.90
CA LYS I 448 -13.91 15.57 28.49
C LYS I 448 -14.03 15.57 30.01
N ILE I 449 -13.52 14.53 30.65
CA ILE I 449 -13.63 14.44 32.11
C ILE I 449 -12.49 15.24 32.73
N GLU I 450 -12.85 16.16 33.64
CA GLU I 450 -11.89 17.01 34.35
C GLU I 450 -11.94 16.57 35.81
N PRO I 451 -11.05 15.66 36.22
CA PRO I 451 -11.23 14.99 37.51
C PRO I 451 -10.71 15.75 38.71
N LEU I 452 -9.90 16.78 38.53
CA LEU I 452 -9.18 17.42 39.63
C LEU I 452 -9.85 18.73 39.99
N GLY I 453 -10.26 18.87 41.25
CA GLY I 453 -10.96 20.06 41.69
C GLY I 453 -10.32 20.65 42.93
N VAL I 454 -10.61 21.93 43.17
CA VAL I 454 -10.03 22.70 44.25
C VAL I 454 -11.15 23.35 45.07
N ALA I 455 -11.12 23.17 46.38
CA ALA I 455 -12.12 23.74 47.25
C ALA I 455 -11.47 24.25 48.54
N PRO I 456 -12.05 25.26 49.18
CA PRO I 456 -11.59 25.65 50.51
C PRO I 456 -12.21 24.78 51.60
N THR I 457 -11.38 24.40 52.56
CA THR I 457 -11.76 23.47 53.62
C THR I 457 -11.05 23.93 54.88
N ARG I 458 -11.62 23.57 56.05
CA ARG I 458 -11.08 23.89 57.36
C ARG I 458 -9.87 23.00 57.69
N CYS I 459 -9.59 22.02 56.82
CA CYS I 459 -8.47 21.10 56.98
C CYS I 459 -7.15 21.83 56.83
N LYS I 460 -6.17 21.44 57.65
CA LYS I 460 -4.82 21.97 57.59
C LYS I 460 -3.84 20.82 57.78
N ARG I 461 -2.78 20.80 56.97
CA ARG I 461 -1.79 19.74 57.07
C ARG I 461 -0.95 19.92 58.33
N ARG I 462 -0.72 18.82 59.03
CA ARG I 462 0.00 18.82 60.30
C ARG I 462 1.42 18.32 60.10
N VAL I 463 2.38 19.06 60.65
CA VAL I 463 3.79 18.69 60.58
C VAL I 463 4.15 17.77 61.73
N LEU J 9 -22.31 4.32 42.14
CA LEU J 9 -22.61 5.50 41.32
C LEU J 9 -21.85 5.56 40.00
N GLY J 10 -20.89 4.67 39.77
CA GLY J 10 -20.35 4.51 38.43
C GLY J 10 -19.47 5.66 38.00
N PHE J 11 -19.41 5.87 36.69
CA PHE J 11 -18.48 6.84 36.13
C PHE J 11 -18.92 8.29 36.34
N LEU J 12 -20.20 8.59 36.22
CA LEU J 12 -20.62 9.99 36.36
C LEU J 12 -21.92 10.17 37.11
N GLY J 13 -22.31 9.26 38.00
CA GLY J 13 -23.57 9.42 38.71
C GLY J 13 -23.50 10.44 39.83
N ALA J 14 -22.31 10.95 40.13
CA ALA J 14 -22.11 11.94 41.17
C ALA J 14 -22.54 13.34 40.76
N ALA J 15 -22.78 13.58 39.47
CA ALA J 15 -23.06 14.93 39.00
C ALA J 15 -24.46 15.37 39.45
N GLY J 16 -24.54 16.61 39.92
CA GLY J 16 -25.79 17.13 40.42
C GLY J 16 -25.90 17.05 41.92
N SER J 17 -25.33 16.00 42.51
CA SER J 17 -25.31 15.88 43.96
C SER J 17 -24.39 16.93 44.57
N THR J 18 -24.68 17.32 45.80
CA THR J 18 -24.03 18.47 46.41
C THR J 18 -22.59 18.14 46.85
N MET J 19 -22.00 19.10 47.55
CA MET J 19 -20.61 18.99 47.99
C MET J 19 -20.40 17.86 49.00
N GLY J 20 -21.32 17.75 49.96
CA GLY J 20 -21.26 16.72 50.98
C GLY J 20 -21.47 15.33 50.42
N ALA J 21 -22.35 15.22 49.42
CA ALA J 21 -22.59 13.93 48.78
C ALA J 21 -21.41 13.53 47.90
N ALA J 22 -20.79 14.49 47.24
CA ALA J 22 -19.67 14.23 46.35
C ALA J 22 -18.32 14.34 47.05
N SER J 23 -18.31 14.57 48.36
CA SER J 23 -17.08 14.36 49.14
C SER J 23 -16.72 12.88 49.16
N MET J 24 -17.74 12.03 49.19
CA MET J 24 -17.64 10.61 48.88
C MET J 24 -17.64 10.44 47.36
N THR J 25 -17.96 9.22 46.90
CA THR J 25 -18.14 8.73 45.53
C THR J 25 -17.01 9.14 44.57
N LEU J 26 -15.75 9.03 44.99
CA LEU J 26 -14.64 9.47 44.15
C LEU J 26 -14.09 8.32 43.31
N THR J 27 -13.83 7.17 43.94
CA THR J 27 -13.03 6.13 43.30
C THR J 27 -13.80 5.41 42.20
N VAL J 28 -15.12 5.30 42.33
CA VAL J 28 -15.90 4.63 41.29
C VAL J 28 -15.97 5.50 40.03
N GLN J 29 -15.71 6.80 40.17
CA GLN J 29 -15.53 7.66 39.00
C GLN J 29 -14.09 7.59 38.50
N ALA J 30 -13.13 7.64 39.42
CA ALA J 30 -11.73 7.82 39.02
C ALA J 30 -11.07 6.52 38.60
N ARG J 31 -11.70 5.38 38.85
CA ARG J 31 -11.11 4.09 38.53
C ARG J 31 -11.33 3.68 37.08
N ASN J 32 -12.26 4.33 36.38
CA ASN J 32 -12.58 4.02 35.00
C ASN J 32 -11.86 4.93 34.00
N LEU J 33 -10.61 5.30 34.29
CA LEU J 33 -9.86 6.21 33.43
C LEU J 33 -8.90 5.51 32.49
N LEU J 34 -8.94 4.17 32.38
CA LEU J 34 -7.96 3.44 31.59
C LEU J 34 -8.64 2.33 30.80
N SER J 35 -8.47 2.35 29.47
CA SER J 35 -9.07 1.41 28.54
C SER J 35 -8.42 1.60 27.17
N GLY J 36 -8.90 0.83 26.20
CA GLY J 36 -8.42 0.96 24.83
C GLY J 36 -8.75 -0.28 24.01
N THR J 37 -8.87 -0.07 22.71
CA THR J 37 -9.18 -1.15 21.77
C THR J 37 -8.71 -0.77 20.37
N VAL J 38 -9.18 -1.53 19.37
CA VAL J 38 -8.67 -1.47 18.00
C VAL J 38 -9.76 -1.02 17.03
N TRP J 39 -9.47 0.05 16.30
CA TRP J 39 -10.11 0.31 15.01
C TRP J 39 -9.02 0.77 14.04
N GLY J 40 -7.88 1.17 14.60
CA GLY J 40 -6.79 1.69 13.81
C GLY J 40 -5.73 2.32 14.70
N ILE J 41 -4.79 2.99 14.04
CA ILE J 41 -3.70 3.67 14.73
C ILE J 41 -4.21 4.87 15.53
N LYS J 42 -5.28 5.51 15.07
CA LYS J 42 -5.84 6.68 15.75
C LYS J 42 -6.37 6.32 17.14
N GLN J 43 -6.93 5.12 17.30
CA GLN J 43 -7.41 4.68 18.60
C GLN J 43 -6.25 4.39 19.54
N LEU J 44 -5.13 3.89 19.00
CA LEU J 44 -3.93 3.73 19.81
C LEU J 44 -3.38 5.08 20.23
N GLN J 45 -3.48 6.08 19.36
CA GLN J 45 -3.06 7.44 19.69
C GLN J 45 -3.92 8.02 20.81
N ALA J 46 -5.24 7.83 20.73
CA ALA J 46 -6.13 8.31 21.79
C ALA J 46 -5.94 7.55 23.09
N ARG J 47 -5.63 6.26 23.00
CA ARG J 47 -5.36 5.45 24.19
C ARG J 47 -4.09 5.92 24.91
N VAL J 48 -3.03 6.17 24.15
CA VAL J 48 -1.79 6.68 24.73
C VAL J 48 -1.99 8.09 25.29
N LEU J 49 -2.82 8.91 24.61
CA LEU J 49 -3.16 10.23 25.14
C LEU J 49 -3.90 10.14 26.47
N ALA J 50 -4.84 9.21 26.59
CA ALA J 50 -5.57 9.04 27.85
C ALA J 50 -4.65 8.55 28.97
N VAL J 51 -3.74 7.64 28.65
CA VAL J 51 -2.77 7.14 29.64
C VAL J 51 -1.86 8.28 30.09
N GLU J 52 -1.42 9.11 29.14
CA GLU J 52 -0.53 10.23 29.46
C GLU J 52 -1.26 11.30 30.27
N ARG J 53 -2.56 11.48 30.00
CA ARG J 53 -3.36 12.43 30.78
C ARG J 53 -3.50 11.98 32.23
N TYR J 54 -3.83 10.69 32.43
CA TYR J 54 -3.95 10.17 33.80
C TYR J 54 -2.61 10.22 34.52
N LEU J 55 -1.53 9.91 33.81
CA LEU J 55 -0.20 9.94 34.42
C LEU J 55 0.23 11.36 34.77
N ARG J 56 -0.16 12.34 33.94
CA ARG J 56 0.16 13.73 34.26
C ARG J 56 -0.61 14.21 35.48
N ASP J 57 -1.89 13.82 35.59
CA ASP J 57 -2.67 14.22 36.75
C ASP J 57 -2.16 13.56 38.02
N GLN J 58 -1.76 12.29 37.93
CA GLN J 58 -1.16 11.61 39.08
C GLN J 58 0.19 12.23 39.44
N GLN J 59 0.92 12.73 38.45
CA GLN J 59 2.16 13.45 38.74
C GLN J 59 1.88 14.75 39.49
N LEU J 60 0.91 15.54 39.00
CA LEU J 60 0.56 16.81 39.64
C LEU J 60 0.07 16.61 41.07
N LEU J 61 -0.62 15.50 41.33
CA LEU J 61 -0.82 15.11 42.72
C LEU J 61 0.48 14.66 43.39
N GLY J 62 1.43 14.17 42.61
CA GLY J 62 2.72 13.75 43.13
C GLY J 62 3.63 14.83 43.68
N ILE J 63 3.66 16.01 43.06
CA ILE J 63 4.51 17.09 43.59
C ILE J 63 4.02 17.55 44.96
N TRP J 64 2.71 17.79 45.11
CA TRP J 64 2.16 18.44 46.30
C TRP J 64 2.14 17.56 47.54
N GLY J 65 2.64 16.33 47.47
CA GLY J 65 2.61 15.45 48.62
C GLY J 65 1.28 14.80 48.91
N CYS J 66 0.32 14.87 47.99
CA CYS J 66 -0.98 14.25 48.21
C CYS J 66 -0.89 12.74 48.01
N SER J 67 -0.58 12.31 46.78
CA SER J 67 -0.28 10.93 46.39
C SER J 67 -1.40 9.94 46.70
N GLY J 68 -2.65 10.40 46.74
CA GLY J 68 -3.76 9.52 47.02
C GLY J 68 -5.09 10.18 46.74
N LYS J 69 -6.15 9.38 46.88
CA LYS J 69 -7.52 9.82 46.68
C LYS J 69 -8.06 10.57 47.89
N LEU J 70 -7.28 10.61 48.97
CA LEU J 70 -7.70 11.18 50.25
C LEU J 70 -7.89 12.69 50.13
N ILE J 71 -8.45 13.27 51.18
CA ILE J 71 -8.81 14.67 51.14
C ILE J 71 -7.54 15.43 51.49
N CYS J 72 -6.73 15.72 50.46
CA CYS J 72 -5.39 16.27 50.67
C CYS J 72 -5.44 17.77 50.90
N CYS J 73 -5.37 18.19 52.16
CA CYS J 73 -5.35 19.60 52.49
C CYS J 73 -3.91 20.06 52.75
N THR J 74 -3.57 21.20 52.17
CA THR J 74 -2.29 21.86 52.42
C THR J 74 -2.50 22.94 53.46
N ASN J 75 -1.57 23.87 53.69
CA ASN J 75 -1.70 24.86 54.75
C ASN J 75 -1.84 26.29 54.25
N VAL J 76 -1.91 26.47 52.94
CA VAL J 76 -2.01 27.82 52.36
C VAL J 76 -3.39 28.39 52.62
N PRO J 77 -3.50 29.61 53.15
CA PRO J 77 -4.83 30.18 53.44
C PRO J 77 -5.58 30.54 52.16
N TRP J 78 -6.91 30.52 52.28
CA TRP J 78 -7.77 30.81 51.14
C TRP J 78 -7.99 32.32 51.03
N ASN J 79 -7.51 32.91 49.93
CA ASN J 79 -7.77 34.32 49.65
C ASN J 79 -9.23 34.48 49.26
N SER J 80 -9.82 35.62 49.66
CA SER J 80 -11.25 35.81 49.49
C SER J 80 -11.64 36.05 48.04
N SER J 81 -10.69 36.51 47.21
CA SER J 81 -11.00 36.85 45.83
C SER J 81 -11.27 35.63 44.96
N TRP J 82 -10.90 34.44 45.42
CA TRP J 82 -11.16 33.24 44.66
C TRP J 82 -12.61 32.77 44.73
N SER J 83 -13.29 32.95 45.86
CA SER J 83 -14.67 32.50 45.94
C SER J 83 -15.63 33.60 46.38
N ASN J 84 -15.21 34.40 47.37
CA ASN J 84 -16.05 35.36 48.10
C ASN J 84 -17.31 34.68 48.65
N ARG J 85 -17.17 33.46 49.16
CA ARG J 85 -18.33 32.68 49.57
C ARG J 85 -18.27 32.27 51.03
N ASN J 86 -19.43 32.29 51.68
CA ASN J 86 -19.60 31.68 52.98
C ASN J 86 -19.50 30.17 52.89
N LEU J 87 -19.24 29.54 54.04
CA LEU J 87 -19.12 28.09 54.11
C LEU J 87 -20.46 27.42 53.83
N SER J 88 -21.55 28.06 54.27
CA SER J 88 -22.88 27.54 54.02
C SER J 88 -23.24 27.60 52.53
N GLU J 89 -22.82 28.66 51.85
CA GLU J 89 -23.06 28.72 50.40
C GLU J 89 -21.96 28.06 49.59
N ILE J 90 -21.13 27.21 50.19
CA ILE J 90 -20.27 26.28 49.46
C ILE J 90 -20.68 24.84 49.71
N TRP J 91 -20.84 24.45 50.98
CA TRP J 91 -21.02 23.03 51.25
C TRP J 91 -22.47 22.59 51.19
N ASP J 92 -23.40 23.45 51.64
CA ASP J 92 -24.78 23.02 51.81
C ASP J 92 -25.56 22.96 50.49
N ASN J 93 -25.17 23.75 49.50
CA ASN J 93 -25.99 23.94 48.30
C ASN J 93 -25.26 23.59 47.01
N MET J 94 -23.98 23.93 46.90
CA MET J 94 -23.28 23.94 45.63
C MET J 94 -23.00 22.51 45.16
N THR J 95 -22.88 22.34 43.85
CA THR J 95 -22.32 21.13 43.28
C THR J 95 -21.10 21.52 42.46
N TRP J 96 -20.33 20.51 42.03
CA TRP J 96 -18.96 20.76 41.57
C TRP J 96 -18.90 21.48 40.23
N LEU J 97 -19.94 21.37 39.41
CA LEU J 97 -19.88 21.91 38.05
C LEU J 97 -19.94 23.44 38.06
N GLN J 98 -20.94 24.01 38.72
CA GLN J 98 -21.01 25.45 38.84
C GLN J 98 -20.13 25.99 39.96
N TRP J 99 -19.46 25.12 40.73
CA TRP J 99 -18.32 25.56 41.51
C TRP J 99 -17.11 25.78 40.61
N ASP J 100 -16.87 24.84 39.68
CA ASP J 100 -15.77 24.99 38.73
C ASP J 100 -15.99 26.18 37.82
N LYS J 101 -17.24 26.47 37.48
CA LYS J 101 -17.58 27.63 36.67
C LYS J 101 -17.25 28.96 37.34
N GLU J 102 -16.97 28.97 38.65
CA GLU J 102 -16.42 30.12 39.33
C GLU J 102 -14.91 30.01 39.53
N ILE J 103 -14.41 28.85 39.97
CA ILE J 103 -13.04 28.80 40.47
C ILE J 103 -12.03 28.64 39.32
N SER J 104 -12.49 28.25 38.12
CA SER J 104 -11.58 27.77 37.06
C SER J 104 -10.68 28.85 36.48
N ASN J 105 -10.88 30.12 36.83
CA ASN J 105 -10.07 31.19 36.26
C ASN J 105 -8.74 31.38 36.97
N TYR J 106 -8.49 30.65 38.07
CA TYR J 106 -7.32 30.87 38.90
C TYR J 106 -6.38 29.67 38.93
N THR J 107 -6.22 28.98 37.79
CA THR J 107 -5.39 27.78 37.74
C THR J 107 -3.92 28.11 37.92
N GLN J 108 -3.43 29.16 37.25
CA GLN J 108 -2.02 29.54 37.37
C GLN J 108 -1.70 30.10 38.76
N ILE J 109 -2.72 30.46 39.53
CA ILE J 109 -2.52 30.83 40.92
C ILE J 109 -2.46 29.58 41.81
N ILE J 110 -3.50 28.74 41.74
CA ILE J 110 -3.63 27.65 42.70
C ILE J 110 -2.61 26.54 42.44
N TYR J 111 -2.44 26.15 41.18
CA TYR J 111 -1.53 25.08 40.85
C TYR J 111 -0.06 25.46 40.97
N GLY J 112 0.24 26.73 41.20
CA GLY J 112 1.57 27.15 41.60
C GLY J 112 1.66 27.31 43.11
N LEU J 113 0.54 27.67 43.74
CA LEU J 113 0.53 27.84 45.18
C LEU J 113 0.71 26.53 45.93
N LEU J 114 0.22 25.43 45.38
CA LEU J 114 0.49 24.16 46.06
C LEU J 114 1.93 23.69 45.86
N GLU J 115 2.56 24.05 44.74
CA GLU J 115 3.99 23.80 44.62
C GLU J 115 4.78 24.70 45.57
N GLU J 116 4.25 25.88 45.88
CA GLU J 116 4.84 26.70 46.95
C GLU J 116 4.56 26.10 48.32
N SER J 117 3.45 25.39 48.48
CA SER J 117 3.19 24.67 49.72
C SER J 117 4.14 23.50 49.92
N GLN J 118 4.61 22.90 48.84
CA GLN J 118 5.62 21.85 48.98
C GLN J 118 7.04 22.43 49.00
N ASN J 119 7.22 23.68 48.52
CA ASN J 119 8.39 24.46 48.91
C ASN J 119 8.46 24.62 50.42
N GLN J 120 7.35 25.05 51.03
CA GLN J 120 7.42 25.46 52.44
C GLN J 120 7.41 24.31 53.44
N GLN J 121 7.66 23.07 52.99
CA GLN J 121 7.60 21.94 53.89
C GLN J 121 8.71 20.89 53.68
N GLU J 122 9.74 21.17 52.90
CA GLU J 122 10.68 20.12 52.51
C GLU J 122 12.05 20.26 53.18
N LYS J 123 12.73 21.40 53.01
CA LYS J 123 14.07 21.54 53.60
C LYS J 123 13.99 21.68 55.11
N ASN J 124 12.88 22.22 55.61
CA ASN J 124 12.67 22.27 57.06
C ASN J 124 12.19 20.94 57.62
N GLU J 125 12.08 19.89 56.82
CA GLU J 125 11.99 18.53 57.28
C GLU J 125 13.30 17.77 57.07
N GLN J 126 14.05 18.14 56.04
CA GLN J 126 15.36 17.53 55.80
C GLN J 126 16.35 17.92 56.88
N ASP J 127 16.27 19.16 57.36
CA ASP J 127 17.11 19.58 58.48
C ASP J 127 16.69 18.89 59.78
N LEU J 128 15.39 18.67 59.96
CA LEU J 128 14.91 17.97 61.14
C LEU J 128 15.03 16.46 61.03
N LEU J 129 15.50 15.96 59.88
CA LEU J 129 15.86 14.56 59.74
C LEU J 129 17.37 14.37 59.75
N ALA J 130 18.15 15.45 59.74
CA ALA J 130 19.60 15.37 59.74
C ALA J 130 20.22 16.06 60.94
N LEU J 131 19.83 17.31 61.20
CA LEU J 131 20.44 18.08 62.28
C LEU J 131 19.89 17.72 63.66
N ASP J 132 18.80 16.97 63.72
CA ASP J 132 18.26 16.51 65.00
C ASP J 132 19.07 15.33 65.51
N GLN K 1 -69.40 -15.34 -21.15
CA GLN K 1 -68.07 -14.76 -21.28
C GLN K 1 -67.70 -14.53 -22.73
N VAL K 2 -66.45 -14.87 -23.09
CA VAL K 2 -65.87 -14.52 -24.38
C VAL K 2 -65.49 -15.81 -25.11
N GLN K 3 -65.15 -15.66 -26.40
CA GLN K 3 -64.88 -16.82 -27.23
C GLN K 3 -63.86 -16.49 -28.31
N LEU K 4 -62.95 -17.43 -28.53
CA LEU K 4 -61.97 -17.36 -29.61
C LEU K 4 -62.44 -18.25 -30.75
N VAL K 5 -62.01 -17.92 -31.97
CA VAL K 5 -62.21 -18.79 -33.14
C VAL K 5 -60.87 -19.00 -33.81
N GLN K 6 -60.71 -20.14 -34.49
CA GLN K 6 -59.48 -20.49 -35.18
C GLN K 6 -59.77 -20.88 -36.63
N SER K 7 -58.74 -21.40 -37.29
CA SER K 7 -58.85 -21.81 -38.68
C SER K 7 -59.69 -23.07 -38.81
N GLY K 8 -60.21 -23.29 -40.02
CA GLY K 8 -61.08 -24.44 -40.24
C GLY K 8 -60.34 -25.76 -40.28
N ALA K 9 -59.44 -25.93 -41.23
CA ALA K 9 -58.69 -27.17 -41.38
C ALA K 9 -57.33 -26.86 -41.98
N GLN K 10 -56.36 -27.76 -41.72
CA GLN K 10 -55.03 -27.66 -42.30
C GLN K 10 -54.54 -29.07 -42.70
N MET K 11 -54.81 -29.46 -43.94
CA MET K 11 -54.19 -30.64 -44.50
C MET K 11 -53.01 -30.23 -45.37
N LYS K 12 -51.83 -30.75 -45.05
CA LYS K 12 -50.61 -30.25 -45.66
C LYS K 12 -49.71 -31.44 -46.01
N ASN K 13 -48.48 -31.11 -46.39
CA ASN K 13 -47.41 -32.03 -46.74
C ASN K 13 -46.15 -31.53 -46.05
N PRO K 14 -45.14 -32.40 -45.84
CA PRO K 14 -43.95 -31.97 -45.10
C PRO K 14 -43.16 -30.87 -45.80
N GLY K 15 -42.63 -29.95 -44.99
CA GLY K 15 -41.82 -28.86 -45.47
C GLY K 15 -42.57 -27.66 -46.03
N ALA K 16 -43.81 -27.43 -45.60
CA ALA K 16 -44.62 -26.40 -46.25
C ALA K 16 -44.89 -25.20 -45.34
N SER K 17 -44.78 -25.40 -44.02
CA SER K 17 -45.03 -24.44 -42.92
C SER K 17 -46.52 -24.07 -42.81
N VAL K 18 -47.01 -23.89 -41.59
CA VAL K 18 -48.44 -23.84 -41.32
C VAL K 18 -48.78 -22.54 -40.58
N LYS K 19 -49.78 -21.81 -41.06
CA LYS K 19 -50.30 -20.65 -40.36
C LYS K 19 -51.65 -20.97 -39.74
N VAL K 20 -51.80 -20.64 -38.45
CA VAL K 20 -53.04 -20.79 -37.69
C VAL K 20 -53.46 -19.42 -37.19
N SER K 21 -54.73 -19.09 -37.34
CA SER K 21 -55.27 -17.82 -36.85
C SER K 21 -56.02 -18.04 -35.54
N CYS K 22 -56.20 -16.94 -34.80
CA CYS K 22 -56.93 -16.99 -33.53
C CYS K 22 -57.57 -15.62 -33.33
N ALA K 23 -58.84 -15.50 -33.69
CA ALA K 23 -59.56 -14.24 -33.59
C ALA K 23 -60.40 -14.21 -32.32
N PRO K 24 -60.20 -13.27 -31.41
CA PRO K 24 -61.03 -13.18 -30.22
C PRO K 24 -62.35 -12.47 -30.49
N SER K 25 -63.29 -12.66 -29.56
CA SER K 25 -64.57 -11.99 -29.61
C SER K 25 -65.15 -11.91 -28.20
N GLY K 26 -65.60 -10.70 -27.84
CA GLY K 26 -66.16 -10.44 -26.54
C GLY K 26 -65.30 -9.58 -25.64
N TYR K 27 -63.98 -9.56 -25.85
CA TYR K 27 -63.06 -8.83 -24.99
C TYR K 27 -61.95 -8.22 -25.83
N THR K 28 -61.28 -7.21 -25.25
CA THR K 28 -60.19 -6.54 -25.93
C THR K 28 -58.97 -7.45 -26.02
N PHE K 29 -58.45 -7.59 -27.24
CA PHE K 29 -57.40 -8.57 -27.51
C PHE K 29 -56.11 -8.25 -26.77
N THR K 30 -55.81 -6.97 -26.60
CA THR K 30 -54.54 -6.55 -25.99
C THR K 30 -54.77 -6.36 -24.49
N ASP K 31 -55.17 -7.46 -23.85
CA ASP K 31 -55.42 -7.44 -22.41
C ASP K 31 -54.79 -8.64 -21.71
N PHE K 32 -54.72 -9.79 -22.38
CA PHE K 32 -54.30 -11.04 -21.77
C PHE K 32 -53.18 -11.68 -22.57
N TYR K 33 -52.35 -12.47 -21.87
CA TYR K 33 -51.37 -13.32 -22.53
C TYR K 33 -52.08 -14.36 -23.39
N ILE K 34 -51.48 -14.72 -24.51
CA ILE K 34 -52.05 -15.72 -25.41
C ILE K 34 -51.11 -16.92 -25.47
N HIS K 35 -51.64 -18.10 -25.14
CA HIS K 35 -50.85 -19.32 -25.16
C HIS K 35 -51.28 -20.19 -26.33
N TRP K 36 -50.35 -21.00 -26.81
CA TRP K 36 -50.59 -21.94 -27.90
C TRP K 36 -50.17 -23.33 -27.43
N LEU K 37 -51.04 -24.31 -27.61
CA LEU K 37 -50.78 -25.68 -27.17
C LEU K 37 -51.11 -26.66 -28.28
N ARG K 38 -50.56 -27.87 -28.15
CA ARG K 38 -50.67 -28.91 -29.16
C ARG K 38 -51.11 -30.23 -28.50
N GLN K 39 -52.04 -30.94 -29.15
CA GLN K 39 -52.52 -32.21 -28.61
C GLN K 39 -52.53 -33.24 -29.74
N ALA K 40 -51.66 -34.25 -29.63
CA ALA K 40 -51.62 -35.33 -30.60
C ALA K 40 -52.78 -36.29 -30.36
N PRO K 41 -53.23 -37.02 -31.39
CA PRO K 41 -54.26 -38.05 -31.17
C PRO K 41 -53.74 -39.25 -30.39
N GLY K 42 -54.18 -39.40 -29.15
CA GLY K 42 -53.74 -40.51 -28.34
C GLY K 42 -52.45 -40.28 -27.58
N GLN K 43 -52.03 -39.03 -27.45
CA GLN K 43 -50.85 -38.69 -26.67
C GLN K 43 -51.22 -37.50 -25.78
N GLY K 44 -50.48 -37.34 -24.69
CA GLY K 44 -50.80 -36.30 -23.72
C GLY K 44 -50.58 -34.90 -24.26
N LEU K 45 -51.06 -33.93 -23.48
CA LEU K 45 -51.10 -32.55 -23.94
C LEU K 45 -49.72 -31.91 -23.95
N GLN K 46 -49.40 -31.26 -25.05
CA GLN K 46 -48.13 -30.56 -25.21
C GLN K 46 -48.34 -29.06 -25.19
N TRP K 47 -47.50 -28.36 -24.44
CA TRP K 47 -47.51 -26.91 -24.40
C TRP K 47 -46.46 -26.39 -25.37
N MET K 48 -46.84 -25.39 -26.17
CA MET K 48 -46.03 -24.97 -27.29
C MET K 48 -45.46 -23.56 -27.16
N GLY K 49 -46.23 -22.60 -26.64
CA GLY K 49 -45.65 -21.28 -26.45
C GLY K 49 -46.62 -20.31 -25.82
N TRP K 50 -46.08 -19.13 -25.49
CA TRP K 50 -46.87 -18.00 -25.02
C TRP K 50 -46.36 -16.72 -25.66
N MET K 51 -47.25 -15.74 -25.79
CA MET K 51 -46.93 -14.46 -26.40
C MET K 51 -47.73 -13.36 -25.72
N ASN K 52 -47.06 -12.22 -25.48
CA ASN K 52 -47.63 -10.99 -24.94
C ASN K 52 -48.02 -10.09 -26.10
N PRO K 53 -49.32 -9.84 -26.31
CA PRO K 53 -49.72 -8.98 -27.43
C PRO K 53 -49.49 -7.50 -27.18
N GLN K 54 -49.31 -7.09 -25.93
CA GLN K 54 -49.02 -5.69 -25.64
C GLN K 54 -47.62 -5.29 -26.13
N THR K 55 -46.64 -6.17 -25.93
CA THR K 55 -45.25 -5.84 -26.20
C THR K 55 -44.65 -6.63 -27.35
N GLY K 56 -45.28 -7.71 -27.79
CA GLY K 56 -44.75 -8.51 -28.86
C GLY K 56 -43.75 -9.57 -28.45
N ARG K 57 -43.41 -9.66 -27.17
CA ARG K 57 -42.48 -10.67 -26.70
C ARG K 57 -43.14 -12.04 -26.73
N THR K 58 -42.32 -13.07 -26.91
CA THR K 58 -42.84 -14.42 -26.93
C THR K 58 -41.79 -15.42 -26.49
N ASN K 59 -42.25 -16.56 -25.98
CA ASN K 59 -41.37 -17.66 -25.63
C ASN K 59 -42.04 -18.97 -26.03
N THR K 60 -41.22 -19.97 -26.35
CA THR K 60 -41.70 -21.29 -26.71
C THR K 60 -41.00 -22.32 -25.85
N ALA K 61 -41.42 -23.57 -26.00
CA ALA K 61 -40.78 -24.66 -25.27
C ALA K 61 -39.38 -24.91 -25.84
N ARG K 62 -38.55 -25.57 -25.04
CA ARG K 62 -37.16 -25.81 -25.44
C ARG K 62 -37.07 -26.82 -26.58
N ASN K 63 -38.02 -27.76 -26.67
CA ASN K 63 -38.03 -28.69 -27.78
C ASN K 63 -38.53 -28.04 -29.06
N PHE K 64 -39.27 -26.94 -28.95
CA PHE K 64 -39.86 -26.28 -30.10
C PHE K 64 -39.05 -25.10 -30.61
N GLN K 65 -37.76 -25.03 -30.28
CA GLN K 65 -36.96 -23.87 -30.65
C GLN K 65 -36.66 -23.86 -32.15
N GLY K 66 -36.99 -22.75 -32.79
CA GLY K 66 -36.80 -22.60 -34.21
C GLY K 66 -37.95 -23.07 -35.07
N ARG K 67 -38.62 -24.17 -34.70
CA ARG K 67 -39.73 -24.68 -35.49
C ARG K 67 -40.98 -23.84 -35.31
N VAL K 68 -41.16 -23.28 -34.11
CA VAL K 68 -42.41 -22.63 -33.75
C VAL K 68 -42.17 -21.13 -33.62
N THR K 69 -42.89 -20.34 -34.41
CA THR K 69 -42.82 -18.89 -34.26
C THR K 69 -44.23 -18.31 -34.31
N MET K 70 -44.39 -17.14 -33.66
CA MET K 70 -45.71 -16.56 -33.46
C MET K 70 -45.62 -15.05 -33.61
N THR K 71 -46.70 -14.45 -34.10
CA THR K 71 -46.82 -13.00 -34.21
C THR K 71 -48.23 -12.57 -33.80
N ARG K 72 -48.49 -11.28 -33.91
CA ARG K 72 -49.72 -10.67 -33.41
C ARG K 72 -50.30 -9.76 -34.49
N ASP K 73 -51.51 -9.27 -34.23
CA ASP K 73 -52.13 -8.25 -35.06
C ASP K 73 -52.74 -7.17 -34.18
N THR K 74 -52.64 -5.92 -34.63
CA THR K 74 -53.16 -4.78 -33.89
C THR K 74 -54.37 -4.15 -34.56
N SER K 75 -54.43 -4.19 -35.90
CA SER K 75 -55.48 -3.51 -36.66
C SER K 75 -56.86 -4.13 -36.40
N ILE K 76 -56.97 -5.45 -36.53
CA ILE K 76 -58.20 -6.15 -36.18
C ILE K 76 -57.98 -6.85 -34.86
N GLY K 77 -56.83 -7.50 -34.73
CA GLY K 77 -56.50 -8.22 -33.51
C GLY K 77 -56.68 -9.71 -33.66
N THR K 78 -55.59 -10.42 -33.90
CA THR K 78 -55.57 -11.88 -33.94
C THR K 78 -54.15 -12.36 -33.66
N ALA K 79 -54.04 -13.64 -33.35
CA ALA K 79 -52.76 -14.27 -33.04
C ALA K 79 -52.37 -15.20 -34.18
N TYR K 80 -51.13 -15.06 -34.66
CA TYR K 80 -50.65 -15.81 -35.80
C TYR K 80 -49.66 -16.85 -35.34
N MET K 81 -49.95 -18.11 -35.67
CA MET K 81 -49.03 -19.23 -35.48
C MET K 81 -48.43 -19.64 -36.81
N GLU K 82 -47.11 -19.75 -36.89
CA GLU K 82 -46.49 -20.38 -38.04
C GLU K 82 -45.50 -21.45 -37.56
N LEU K 83 -45.72 -22.66 -38.08
CA LEU K 83 -44.97 -23.86 -37.75
C LEU K 83 -44.05 -24.20 -38.90
N ARG K 84 -42.76 -24.33 -38.59
CA ARG K 84 -41.71 -24.49 -39.59
C ARG K 84 -41.00 -25.82 -39.39
N SER K 85 -40.45 -26.33 -40.50
CA SER K 85 -39.66 -27.56 -40.57
C SER K 85 -40.43 -28.77 -40.03
N LEU K 86 -41.71 -28.81 -40.37
CA LEU K 86 -42.61 -29.83 -39.83
C LEU K 86 -42.49 -31.14 -40.60
N THR K 87 -42.87 -32.22 -39.93
CA THR K 87 -42.92 -33.55 -40.53
C THR K 87 -44.29 -34.15 -40.27
N SER K 88 -44.40 -35.46 -40.53
CA SER K 88 -45.70 -36.12 -40.47
C SER K 88 -46.21 -36.28 -39.04
N ASP K 89 -45.31 -36.21 -38.06
CA ASP K 89 -45.70 -36.47 -36.67
C ASP K 89 -46.46 -35.31 -36.05
N ASP K 90 -46.52 -34.15 -36.73
CA ASP K 90 -47.24 -33.00 -36.21
C ASP K 90 -48.72 -33.04 -36.57
N THR K 91 -49.22 -34.16 -37.08
CA THR K 91 -50.65 -34.36 -37.32
C THR K 91 -51.35 -34.38 -35.97
N ALA K 92 -52.03 -33.29 -35.62
CA ALA K 92 -52.49 -33.08 -34.26
C ALA K 92 -53.53 -31.96 -34.25
N ILE K 93 -54.15 -31.76 -33.09
CA ILE K 93 -55.04 -30.64 -32.89
C ILE K 93 -54.26 -29.50 -32.24
N TYR K 94 -54.56 -28.27 -32.64
CA TYR K 94 -53.81 -27.09 -32.22
C TYR K 94 -54.77 -26.11 -31.58
N TYR K 95 -54.42 -25.63 -30.38
CA TYR K 95 -55.32 -24.86 -29.54
C TYR K 95 -54.73 -23.50 -29.19
N CYS K 96 -55.56 -22.47 -29.29
CA CYS K 96 -55.22 -21.11 -28.87
C CYS K 96 -56.01 -20.77 -27.60
N THR K 97 -55.30 -20.36 -26.55
CA THR K 97 -55.94 -20.13 -25.27
C THR K 97 -55.62 -18.73 -24.76
N THR K 98 -56.53 -18.21 -23.94
CA THR K 98 -56.34 -16.94 -23.23
C THR K 98 -55.71 -17.23 -21.87
N GLY K 99 -54.56 -16.60 -21.61
CA GLY K 99 -53.82 -16.86 -20.39
C GLY K 99 -54.12 -15.91 -19.25
N GLY K 100 -53.09 -15.48 -18.52
CA GLY K 100 -53.25 -14.59 -17.40
C GLY K 100 -53.39 -13.14 -17.84
N TRP K 101 -53.48 -12.26 -16.83
CA TRP K 101 -53.73 -10.85 -17.07
C TRP K 101 -52.42 -10.07 -17.11
N ILE K 102 -52.31 -9.15 -18.05
CA ILE K 102 -51.07 -8.41 -18.30
C ILE K 102 -51.01 -7.22 -17.35
N SER K 103 -50.06 -7.24 -16.42
CA SER K 103 -49.79 -6.11 -15.56
C SER K 103 -48.33 -5.72 -15.68
N LEU K 104 -48.06 -4.43 -15.52
CA LEU K 104 -46.71 -3.91 -15.73
C LEU K 104 -45.83 -4.04 -14.51
N TYR K 105 -46.34 -4.56 -13.39
CA TYR K 105 -45.59 -4.56 -12.14
C TYR K 105 -45.17 -5.95 -11.67
N TYR K 106 -45.67 -7.02 -12.28
CA TYR K 106 -45.25 -8.36 -11.92
C TYR K 106 -45.47 -9.28 -13.12
N ASP K 107 -44.66 -10.34 -13.18
CA ASP K 107 -44.73 -11.28 -14.28
C ASP K 107 -45.95 -12.19 -14.10
N SER K 108 -46.74 -12.33 -15.16
CA SER K 108 -47.91 -13.20 -15.17
C SER K 108 -47.97 -14.06 -16.42
N SER K 109 -46.83 -14.36 -17.03
CA SER K 109 -46.84 -15.14 -18.27
C SER K 109 -47.02 -16.61 -18.00
N TYR K 110 -46.29 -17.16 -17.02
CA TYR K 110 -46.25 -18.60 -16.80
C TYR K 110 -47.41 -19.11 -15.97
N TYR K 111 -48.43 -18.30 -15.73
CA TYR K 111 -49.63 -18.77 -15.05
C TYR K 111 -50.41 -19.66 -16.02
N PRO K 112 -50.65 -20.92 -15.69
CA PRO K 112 -51.34 -21.79 -16.64
C PRO K 112 -52.85 -21.70 -16.54
N ASN K 113 -53.39 -20.48 -16.50
CA ASN K 113 -54.82 -20.27 -16.30
C ASN K 113 -55.48 -20.05 -17.66
N PHE K 114 -55.62 -21.16 -18.40
CA PHE K 114 -56.24 -21.10 -19.72
C PHE K 114 -57.76 -21.02 -19.55
N ASP K 115 -58.22 -19.79 -19.37
CA ASP K 115 -59.62 -19.58 -18.98
C ASP K 115 -60.55 -19.75 -20.17
N HIS K 116 -60.12 -19.37 -21.36
CA HIS K 116 -60.94 -19.48 -22.56
C HIS K 116 -60.18 -20.27 -23.62
N TRP K 117 -60.91 -21.14 -24.31
CA TRP K 117 -60.33 -22.04 -25.29
C TRP K 117 -61.01 -21.84 -26.64
N GLY K 118 -60.20 -21.84 -27.69
CA GLY K 118 -60.73 -21.83 -29.04
C GLY K 118 -61.18 -23.22 -29.47
N GLN K 119 -61.74 -23.28 -30.67
CA GLN K 119 -62.18 -24.56 -31.20
C GLN K 119 -61.04 -25.39 -31.78
N GLY K 120 -59.85 -24.81 -31.94
CA GLY K 120 -58.69 -25.54 -32.41
C GLY K 120 -58.72 -25.78 -33.90
N THR K 121 -57.64 -26.38 -34.39
CA THR K 121 -57.58 -26.78 -35.79
C THR K 121 -56.89 -28.13 -35.90
N LEU K 122 -57.14 -28.80 -37.02
CA LEU K 122 -56.52 -30.09 -37.30
C LEU K 122 -55.41 -29.91 -38.32
N LEU K 123 -54.21 -30.38 -37.99
CA LEU K 123 -53.11 -30.42 -38.94
C LEU K 123 -52.83 -31.87 -39.31
N THR K 124 -53.09 -32.22 -40.56
CA THR K 124 -52.91 -33.58 -41.08
C THR K 124 -51.79 -33.54 -42.11
N VAL K 125 -50.65 -34.15 -41.77
CA VAL K 125 -49.48 -34.19 -42.64
C VAL K 125 -49.05 -35.65 -42.77
N SER K 126 -48.96 -36.13 -44.00
CA SER K 126 -48.58 -37.51 -44.26
C SER K 126 -47.93 -37.67 -45.64
N GLN L 1 -39.00 -35.51 -24.25
CA GLN L 1 -39.26 -34.49 -23.25
C GLN L 1 -39.79 -35.16 -21.98
N SER L 2 -39.77 -34.45 -20.85
CA SER L 2 -40.27 -35.01 -19.60
C SER L 2 -41.78 -35.14 -19.62
N ALA L 3 -42.48 -34.01 -19.75
CA ALA L 3 -43.94 -33.90 -19.76
C ALA L 3 -44.59 -34.52 -18.52
N LEU L 4 -43.92 -34.37 -17.37
CA LEU L 4 -44.33 -34.83 -16.04
C LEU L 4 -44.57 -36.33 -15.96
N THR L 5 -45.05 -36.80 -14.82
CA THR L 5 -45.47 -38.18 -14.63
C THR L 5 -46.95 -38.19 -14.27
N GLN L 6 -47.73 -39.02 -14.96
CA GLN L 6 -49.16 -39.06 -14.78
C GLN L 6 -49.62 -40.49 -15.06
N PRO L 7 -50.48 -41.06 -14.22
CA PRO L 7 -50.95 -42.43 -14.46
C PRO L 7 -51.87 -42.52 -15.66
N ALA L 8 -51.94 -43.73 -16.22
CA ALA L 8 -52.74 -43.96 -17.41
C ALA L 8 -54.24 -43.87 -17.12
N SER L 9 -54.69 -44.45 -16.01
CA SER L 9 -56.11 -44.51 -15.72
C SER L 9 -56.34 -44.56 -14.22
N VAL L 10 -57.59 -44.32 -13.84
CA VAL L 10 -58.04 -44.39 -12.46
C VAL L 10 -59.32 -45.22 -12.45
N SER L 11 -59.60 -45.88 -11.33
CA SER L 11 -60.79 -46.68 -11.18
C SER L 11 -61.57 -46.20 -9.96
N GLY L 12 -62.83 -46.60 -9.89
CA GLY L 12 -63.66 -46.26 -8.76
C GLY L 12 -65.08 -46.75 -8.96
N SER L 13 -65.93 -46.40 -8.01
CA SER L 13 -67.35 -46.70 -8.04
C SER L 13 -68.09 -45.43 -7.67
N PRO L 14 -69.38 -45.34 -8.03
CA PRO L 14 -70.18 -44.18 -7.60
C PRO L 14 -70.27 -44.04 -6.08
N GLY L 15 -70.17 -42.80 -5.61
CA GLY L 15 -70.13 -42.50 -4.20
C GLY L 15 -68.75 -42.38 -3.61
N GLN L 16 -67.72 -42.92 -4.26
CA GLN L 16 -66.36 -42.87 -3.74
C GLN L 16 -65.69 -41.56 -4.12
N SER L 17 -64.79 -41.10 -3.27
CA SER L 17 -63.90 -39.99 -3.62
C SER L 17 -62.58 -40.53 -4.14
N ILE L 18 -62.09 -39.92 -5.22
CA ILE L 18 -60.85 -40.36 -5.87
C ILE L 18 -59.92 -39.18 -6.02
N THR L 19 -58.68 -39.47 -6.43
CA THR L 19 -57.68 -38.45 -6.73
C THR L 19 -57.07 -38.72 -8.09
N ILE L 20 -56.83 -37.65 -8.85
CA ILE L 20 -56.13 -37.71 -10.12
C ILE L 20 -54.72 -37.18 -9.83
N SER L 21 -53.71 -37.99 -10.04
CA SER L 21 -52.37 -37.68 -9.53
C SER L 21 -51.45 -37.18 -10.64
N CYS L 22 -50.51 -36.34 -10.23
CA CYS L 22 -49.43 -35.85 -11.08
C CYS L 22 -48.20 -35.63 -10.20
N THR L 23 -47.03 -35.99 -10.70
CA THR L 23 -45.81 -35.90 -9.92
C THR L 23 -44.67 -35.50 -10.85
N GLY L 24 -43.79 -34.63 -10.37
CA GLY L 24 -42.66 -34.21 -11.16
C GLY L 24 -41.55 -33.68 -10.29
N THR L 25 -40.69 -32.85 -10.90
CA THR L 25 -39.56 -32.28 -10.20
C THR L 25 -40.02 -31.18 -9.24
N LYS L 26 -39.09 -30.74 -8.38
CA LYS L 26 -39.45 -29.71 -7.40
C LYS L 26 -39.56 -28.34 -8.04
N TYR L 27 -38.95 -28.14 -9.20
CA TYR L 27 -39.11 -26.88 -9.91
C TYR L 27 -40.50 -26.78 -10.54
N ASP L 28 -40.92 -27.86 -11.18
CA ASP L 28 -42.13 -27.84 -11.99
C ASP L 28 -43.41 -27.91 -11.17
N VAL L 29 -43.41 -28.57 -10.02
CA VAL L 29 -44.65 -28.77 -9.26
C VAL L 29 -44.55 -28.05 -7.92
N GLY L 30 -43.34 -27.97 -7.38
CA GLY L 30 -43.19 -27.55 -5.99
C GLY L 30 -42.59 -26.19 -5.74
N SER L 31 -41.78 -25.68 -6.67
CA SER L 31 -41.16 -24.37 -6.49
C SER L 31 -42.20 -23.26 -6.54
N HIS L 32 -43.24 -23.42 -7.33
CA HIS L 32 -44.38 -22.53 -7.32
C HIS L 32 -45.64 -23.38 -7.29
N ASP L 33 -46.67 -22.87 -6.63
CA ASP L 33 -47.91 -23.63 -6.45
C ASP L 33 -48.89 -23.41 -7.60
N LEU L 34 -48.38 -22.97 -8.75
CA LEU L 34 -49.21 -22.67 -9.91
C LEU L 34 -49.51 -23.96 -10.67
N VAL L 35 -50.50 -24.68 -10.16
CA VAL L 35 -50.92 -25.96 -10.72
C VAL L 35 -52.37 -25.84 -11.17
N SER L 36 -52.63 -26.18 -12.43
CA SER L 36 -53.97 -26.10 -13.00
C SER L 36 -54.34 -27.45 -13.58
N TRP L 37 -55.65 -27.66 -13.74
CA TRP L 37 -56.17 -28.95 -14.16
C TRP L 37 -57.18 -28.74 -15.27
N TYR L 38 -57.15 -29.64 -16.25
CA TYR L 38 -58.00 -29.52 -17.44
C TYR L 38 -58.61 -30.87 -17.76
N GLN L 39 -59.78 -30.84 -18.39
CA GLN L 39 -60.64 -32.00 -18.55
C GLN L 39 -61.19 -32.07 -19.97
N GLN L 40 -61.26 -33.30 -20.51
CA GLN L 40 -61.54 -33.50 -21.93
C GLN L 40 -62.55 -34.63 -22.12
N TYR L 41 -63.80 -34.28 -22.40
CA TYR L 41 -64.72 -35.19 -23.07
C TYR L 41 -64.17 -35.58 -24.45
N PRO L 42 -64.48 -36.80 -24.92
CA PRO L 42 -63.98 -37.22 -26.24
C PRO L 42 -64.58 -36.41 -27.37
N GLY L 43 -63.71 -35.75 -28.14
CA GLY L 43 -64.14 -34.89 -29.21
C GLY L 43 -64.41 -33.46 -28.83
N LYS L 44 -64.13 -33.07 -27.59
CA LYS L 44 -64.38 -31.71 -27.13
C LYS L 44 -63.07 -31.01 -26.79
N VAL L 45 -63.18 -29.72 -26.50
CA VAL L 45 -62.04 -28.90 -26.11
C VAL L 45 -61.67 -29.21 -24.66
N PRO L 46 -60.42 -28.97 -24.25
CA PRO L 46 -60.11 -29.06 -22.82
C PRO L 46 -60.82 -27.97 -22.04
N LYS L 47 -61.33 -28.32 -20.86
CA LYS L 47 -62.19 -27.45 -20.08
C LYS L 47 -61.48 -27.05 -18.78
N TYR L 48 -61.78 -25.84 -18.31
CA TYR L 48 -61.06 -25.24 -17.20
C TYR L 48 -61.81 -25.43 -15.89
N MET L 49 -61.24 -26.22 -14.97
CA MET L 49 -61.91 -26.45 -13.69
C MET L 49 -61.09 -26.21 -12.42
N ILE L 50 -59.77 -26.24 -12.48
CA ILE L 50 -58.95 -25.97 -11.28
C ILE L 50 -57.78 -25.08 -11.66
N TYR L 51 -57.62 -23.97 -10.92
CA TYR L 51 -56.45 -23.11 -11.06
C TYR L 51 -55.89 -22.78 -9.68
N GLU L 52 -54.59 -22.46 -9.67
CA GLU L 52 -53.81 -22.12 -8.47
C GLU L 52 -54.01 -23.20 -7.40
N VAL L 53 -53.71 -24.43 -7.81
CA VAL L 53 -53.76 -25.73 -7.13
C VAL L 53 -55.13 -26.06 -6.49
N ASN L 54 -55.80 -25.09 -5.84
CA ASN L 54 -57.02 -25.48 -5.14
C ASN L 54 -58.16 -24.48 -5.26
N LYS L 55 -58.32 -23.77 -6.37
CA LYS L 55 -59.40 -22.79 -6.51
C LYS L 55 -60.27 -23.13 -7.71
N ARG L 56 -61.49 -22.58 -7.71
CA ARG L 56 -62.44 -22.94 -8.75
C ARG L 56 -62.89 -21.72 -9.54
N PRO L 57 -63.06 -21.89 -10.86
CA PRO L 57 -63.57 -20.80 -11.71
C PRO L 57 -65.06 -20.60 -11.62
N SER L 58 -65.59 -19.78 -12.53
CA SER L 58 -67.01 -19.46 -12.64
C SER L 58 -67.86 -20.70 -12.87
N GLY L 59 -68.81 -20.94 -11.95
CA GLY L 59 -69.83 -21.95 -12.12
C GLY L 59 -69.40 -23.38 -11.90
N VAL L 60 -68.13 -23.62 -11.53
CA VAL L 60 -67.68 -24.99 -11.34
C VAL L 60 -68.19 -25.52 -10.01
N SER L 61 -68.68 -26.76 -10.02
CA SER L 61 -69.21 -27.41 -8.83
C SER L 61 -68.13 -27.58 -7.77
N ASN L 62 -68.51 -27.39 -6.51
CA ASN L 62 -67.58 -27.45 -5.39
C ASN L 62 -67.24 -28.87 -4.95
N ARG L 63 -67.78 -29.89 -5.62
CA ARG L 63 -67.36 -31.26 -5.35
C ARG L 63 -65.90 -31.47 -5.73
N PHE L 64 -65.47 -30.88 -6.84
CA PHE L 64 -64.09 -30.93 -7.26
C PHE L 64 -63.23 -30.09 -6.33
N SER L 65 -62.01 -30.56 -6.08
CA SER L 65 -61.06 -29.85 -5.23
C SER L 65 -59.65 -30.29 -5.58
N GLY L 66 -58.68 -29.45 -5.21
CA GLY L 66 -57.29 -29.76 -5.48
C GLY L 66 -56.52 -30.13 -4.22
N SER L 67 -55.28 -30.58 -4.43
CA SER L 67 -54.37 -30.92 -3.35
C SER L 67 -52.94 -30.91 -3.89
N LYS L 68 -51.98 -30.77 -2.97
CA LYS L 68 -50.57 -30.77 -3.31
C LYS L 68 -49.77 -31.07 -2.06
N SER L 69 -48.77 -31.93 -2.21
CA SER L 69 -47.87 -32.25 -1.11
C SER L 69 -46.47 -32.40 -1.68
N GLY L 70 -45.63 -31.38 -1.50
CA GLY L 70 -44.27 -31.42 -2.00
C GLY L 70 -44.20 -31.28 -3.51
N ASN L 71 -43.79 -32.36 -4.19
CA ASN L 71 -43.64 -32.36 -5.64
C ASN L 71 -44.73 -33.16 -6.34
N THR L 72 -45.86 -33.40 -5.69
CA THR L 72 -46.99 -34.06 -6.32
C THR L 72 -48.24 -33.23 -6.11
N ALA L 73 -49.27 -33.56 -6.89
CA ALA L 73 -50.57 -32.92 -6.80
C ALA L 73 -51.64 -33.92 -7.20
N SER L 74 -52.87 -33.66 -6.78
CA SER L 74 -53.97 -34.54 -7.11
C SER L 74 -55.28 -33.75 -7.11
N LEU L 75 -55.96 -33.77 -8.25
CA LEU L 75 -57.34 -33.30 -8.32
C LEU L 75 -58.23 -34.27 -7.56
N THR L 76 -58.77 -33.82 -6.43
CA THR L 76 -59.56 -34.66 -5.54
C THR L 76 -61.03 -34.47 -5.86
N ILE L 77 -61.69 -35.55 -6.25
CA ILE L 77 -63.11 -35.53 -6.61
C ILE L 77 -63.87 -36.28 -5.54
N SER L 78 -64.82 -35.60 -4.91
CA SER L 78 -65.66 -36.23 -3.91
C SER L 78 -66.98 -36.68 -4.54
N GLY L 79 -67.36 -37.94 -4.27
CA GLY L 79 -68.65 -38.42 -4.73
C GLY L 79 -68.80 -38.61 -6.22
N LEU L 80 -68.13 -39.63 -6.77
CA LEU L 80 -68.23 -39.91 -8.21
C LEU L 80 -69.65 -40.28 -8.63
N ARG L 81 -69.98 -39.86 -9.84
CA ARG L 81 -71.07 -40.42 -10.62
C ARG L 81 -70.53 -40.65 -12.02
N ALA L 82 -71.40 -41.17 -12.91
CA ALA L 82 -70.96 -41.56 -14.24
C ALA L 82 -70.66 -40.37 -15.16
N GLU L 83 -70.96 -39.14 -14.73
CA GLU L 83 -70.80 -37.97 -15.57
C GLU L 83 -69.33 -37.52 -15.66
N ASP L 84 -68.45 -38.13 -14.88
CA ASP L 84 -67.06 -37.72 -14.81
C ASP L 84 -66.22 -38.54 -15.81
N GLU L 85 -66.87 -39.33 -16.67
CA GLU L 85 -66.19 -40.13 -17.68
C GLU L 85 -65.55 -39.26 -18.76
N ALA L 86 -64.23 -39.07 -18.64
CA ALA L 86 -63.47 -38.20 -19.54
C ALA L 86 -61.99 -38.49 -19.35
N ASP L 87 -61.17 -37.76 -20.10
CA ASP L 87 -59.73 -37.75 -19.92
C ASP L 87 -59.34 -36.52 -19.10
N TYR L 88 -58.26 -36.63 -18.34
CA TYR L 88 -57.85 -35.54 -17.46
C TYR L 88 -56.37 -35.23 -17.65
N TYR L 89 -56.03 -33.96 -17.50
CA TYR L 89 -54.68 -33.47 -17.68
C TYR L 89 -54.34 -32.50 -16.56
N CYS L 90 -53.09 -32.52 -16.14
CA CYS L 90 -52.58 -31.46 -15.29
C CYS L 90 -51.57 -30.62 -16.05
N CYS L 91 -51.50 -29.34 -15.69
CA CYS L 91 -50.47 -28.46 -16.22
C CYS L 91 -49.93 -27.65 -15.06
N SER L 92 -48.70 -27.19 -15.20
CA SER L 92 -48.02 -26.50 -14.11
C SER L 92 -46.93 -25.61 -14.68
N PHE L 93 -46.37 -24.79 -13.79
CA PHE L 93 -45.26 -23.91 -14.14
C PHE L 93 -44.05 -24.71 -14.57
N GLY L 94 -43.52 -24.41 -15.75
CA GLY L 94 -42.44 -25.20 -16.30
C GLY L 94 -41.08 -24.85 -15.73
N GLY L 95 -40.03 -25.13 -16.49
CA GLY L 95 -38.67 -24.89 -16.04
C GLY L 95 -38.29 -23.43 -15.93
N SER L 96 -38.17 -22.75 -17.06
CA SER L 96 -37.65 -21.38 -17.03
C SER L 96 -38.79 -20.36 -16.96
N ALA L 97 -39.59 -20.25 -18.01
CA ALA L 97 -40.72 -19.34 -18.02
C ALA L 97 -41.89 -20.01 -18.73
N THR L 98 -41.95 -21.34 -18.64
CA THR L 98 -42.80 -22.12 -19.52
C THR L 98 -43.94 -22.75 -18.72
N VAL L 99 -44.79 -23.46 -19.44
CA VAL L 99 -45.83 -24.29 -18.87
C VAL L 99 -45.56 -25.71 -19.35
N VAL L 100 -45.71 -26.68 -18.44
CA VAL L 100 -45.52 -28.08 -18.79
C VAL L 100 -46.80 -28.84 -18.40
N CYS L 101 -47.09 -29.91 -19.14
CA CYS L 101 -48.33 -30.66 -18.93
C CYS L 101 -48.05 -32.16 -18.94
N GLY L 102 -48.98 -32.91 -18.34
CA GLY L 102 -48.82 -34.33 -18.14
C GLY L 102 -49.26 -35.18 -19.32
N GLY L 103 -49.36 -36.49 -19.08
CA GLY L 103 -49.61 -37.47 -20.11
C GLY L 103 -51.03 -37.97 -20.26
N GLY L 104 -51.95 -37.59 -19.38
CA GLY L 104 -53.35 -37.96 -19.51
C GLY L 104 -53.80 -39.12 -18.63
N THR L 105 -54.90 -38.94 -17.92
CA THR L 105 -55.48 -39.97 -17.06
C THR L 105 -56.95 -40.15 -17.40
N LYS L 106 -57.33 -41.38 -17.73
CA LYS L 106 -58.72 -41.67 -18.08
C LYS L 106 -59.52 -42.03 -16.83
N VAL L 107 -60.70 -41.42 -16.69
CA VAL L 107 -61.58 -41.77 -15.59
C VAL L 107 -62.46 -42.94 -16.00
N THR L 108 -62.39 -44.03 -15.22
CA THR L 108 -63.14 -45.24 -15.49
C THR L 108 -64.04 -45.50 -14.27
N VAL L 109 -65.29 -45.07 -14.36
CA VAL L 109 -66.28 -45.36 -13.33
C VAL L 109 -66.91 -46.70 -13.67
N LEU L 110 -66.60 -47.71 -12.87
CA LEU L 110 -66.94 -49.10 -13.18
C LEU L 110 -68.42 -49.37 -13.00
C1 NAG M . 3.35 34.73 -23.35
C2 NAG M . 2.64 35.94 -23.96
C3 NAG M . 1.16 35.98 -23.55
C4 NAG M . 0.48 34.64 -23.75
C5 NAG M . 1.30 33.51 -23.13
C6 NAG M . 0.78 32.14 -23.43
C7 NAG M . 4.34 37.69 -24.22
C8 NAG M . 4.89 38.97 -23.66
N2 NAG M . 3.30 37.18 -23.56
O3 NAG M . 0.50 36.99 -24.31
O4 NAG M . -0.78 34.64 -23.07
O5 NAG M . 2.63 33.55 -23.67
O6 NAG M . 1.36 31.17 -22.57
O7 NAG M . 4.82 37.16 -25.21
C1 NAG M . -1.87 34.74 -24.02
C2 NAG M . -3.05 33.94 -23.49
C3 NAG M . -4.25 34.09 -24.42
C4 NAG M . -4.56 35.57 -24.70
C5 NAG M . -3.29 36.30 -25.14
C6 NAG M . -3.49 37.80 -25.27
C7 NAG M . -2.58 31.93 -22.15
C8 NAG M . -2.25 30.47 -22.19
N2 NAG M . -2.71 32.54 -23.34
O3 NAG M . -5.37 33.47 -23.82
O4 NAG M . -5.48 35.66 -25.78
O5 NAG M . -2.24 36.10 -24.19
O6 NAG M . -2.32 38.50 -24.88
O7 NAG M . -2.73 32.53 -21.09
C1 BMA M . -6.81 36.01 -25.35
C2 BMA M . -7.55 36.43 -26.62
C3 BMA M . -9.07 36.52 -26.41
C4 BMA M . -9.62 35.31 -25.64
C5 BMA M . -8.80 35.08 -24.35
C6 BMA M . -9.23 33.84 -23.61
O2 BMA M . -7.35 35.46 -27.63
O3 BMA M . -9.79 36.62 -27.65
O4 BMA M . -10.99 35.50 -25.32
O5 BMA M . -7.44 34.90 -24.71
O6 BMA M . -10.32 34.21 -22.80
C1 MAN M . -9.86 37.96 -28.19
C2 MAN M . -11.17 38.08 -28.97
C3 MAN M . -11.11 37.04 -30.11
C4 MAN M . -9.88 37.26 -31.00
C5 MAN M . -8.62 37.26 -30.11
C6 MAN M . -7.35 37.61 -30.86
O2 MAN M . -11.25 39.35 -29.61
O3 MAN M . -12.29 36.99 -30.89
O4 MAN M . -9.78 36.23 -31.95
O5 MAN M . -8.79 38.23 -29.05
O6 MAN M . -6.25 37.12 -30.12
C1 MAN M . -12.57 39.92 -29.44
C2 MAN M . -12.85 40.84 -30.68
C3 MAN M . -12.07 42.14 -30.55
C4 MAN M . -12.41 42.83 -29.21
C5 MAN M . -11.97 41.89 -28.08
C6 MAN M . -12.30 42.45 -26.71
O2 MAN M . -14.21 41.24 -30.72
O3 MAN M . -12.34 43.02 -31.64
O4 MAN M . -11.74 44.08 -29.09
O5 MAN M . -12.68 40.63 -28.20
O6 MAN M . -13.69 42.73 -26.66
C1 NAG N . 21.72 39.40 -16.72
C2 NAG N . 20.42 40.13 -17.01
C3 NAG N . 20.44 40.69 -18.43
C4 NAG N . 21.71 41.47 -18.73
C5 NAG N . 22.95 40.67 -18.33
C6 NAG N . 24.23 41.47 -18.43
C7 NAG N . 18.33 39.48 -15.92
C8 NAG N . 17.23 38.47 -15.85
N2 NAG N . 19.28 39.25 -16.81
O3 NAG N . 19.30 41.54 -18.59
O4 NAG N . 21.78 41.71 -20.14
O5 NAG N . 22.83 40.26 -16.96
O6 NAG N . 25.33 40.75 -17.90
O7 NAG N . 18.35 40.46 -15.19
C1 NAG N . 21.61 43.12 -20.39
C2 NAG N . 22.14 43.38 -21.80
C3 NAG N . 22.00 44.85 -22.15
C4 NAG N . 20.55 45.31 -21.94
C5 NAG N . 20.05 44.92 -20.55
C6 NAG N . 18.59 45.21 -20.34
C7 NAG N . 23.96 42.15 -22.89
C8 NAG N . 25.42 41.82 -22.87
N2 NAG N . 23.53 42.96 -21.91
O3 NAG N . 22.39 45.04 -23.50
O4 NAG N . 20.49 46.73 -22.02
O5 NAG N . 20.24 43.52 -20.32
O6 NAG N . 18.35 46.60 -20.18
O7 NAG N . 23.21 41.70 -23.75
C1 BMA N . 19.97 47.17 -23.28
C2 BMA N . 19.20 48.48 -23.01
C3 BMA N . 19.03 49.31 -24.29
C4 BMA N . 20.32 49.38 -25.11
C5 BMA N . 20.75 47.96 -25.43
C6 BMA N . 21.98 47.89 -26.30
O2 BMA N . 19.92 49.29 -22.11
O3 BMA N . 18.54 50.60 -23.97
O4 BMA N . 20.15 50.09 -26.32
O5 BMA N . 21.05 47.32 -24.19
O6 BMA N . 22.76 49.03 -26.00
C1 MAN N . 17.38 50.86 -24.78
C2 MAN N . 16.97 52.36 -24.55
C3 MAN N . 16.20 52.51 -23.25
C4 MAN N . 15.02 51.54 -23.17
C5 MAN N . 15.55 50.10 -23.26
C6 MAN N . 14.45 49.07 -23.30
O2 MAN N . 16.08 52.80 -25.56
O3 MAN N . 15.73 53.83 -23.10
O4 MAN N . 14.34 51.70 -21.94
O5 MAN N . 16.30 49.93 -24.48
O6 MAN N . 14.80 48.09 -24.25
C1 MAN N . 16.79 53.55 -26.56
C2 MAN N . 15.80 54.46 -27.24
C3 MAN N . 14.75 53.55 -27.88
C4 MAN N . 15.38 52.65 -28.94
C5 MAN N . 16.49 51.81 -28.29
C6 MAN N . 17.31 51.04 -29.28
O2 MAN N . 16.45 55.16 -28.32
O3 MAN N . 13.62 54.23 -28.39
O4 MAN N . 14.41 51.78 -29.47
O5 MAN N . 17.39 52.70 -27.53
O6 MAN N . 17.93 49.95 -28.60
C1 MAN N . 15.97 56.50 -28.57
C2 MAN N . 16.91 57.11 -29.63
C3 MAN N . 18.24 57.45 -28.99
C4 MAN N . 18.01 58.49 -27.89
C5 MAN N . 17.11 57.89 -26.81
C6 MAN N . 16.67 58.91 -25.78
O2 MAN N . 16.41 58.36 -30.12
O3 MAN N . 19.18 57.93 -29.93
O4 MAN N . 19.26 58.87 -27.33
O5 MAN N . 15.88 57.31 -27.38
O6 MAN N . 15.26 58.75 -25.60
C1 MAN N . 24.09 48.84 -26.51
C2 MAN N . 25.02 49.70 -25.65
C3 MAN N . 24.63 51.17 -25.82
C4 MAN N . 24.67 51.57 -27.32
C5 MAN N . 23.76 50.63 -28.13
C6 MAN N . 23.83 50.83 -29.61
O2 MAN N . 26.37 49.61 -26.12
O3 MAN N . 25.44 52.03 -25.00
O4 MAN N . 24.24 52.91 -27.54
O5 MAN N . 24.15 49.25 -27.86
O6 MAN N . 25.21 50.69 -29.97
C1 MAN N . 24.59 52.96 -24.29
C2 MAN N . 25.30 54.40 -24.39
C3 MAN N . 26.31 54.63 -23.25
C4 MAN N . 25.79 54.14 -21.89
C5 MAN N . 25.39 52.67 -21.98
C6 MAN N . 24.87 52.13 -20.67
O2 MAN N . 24.42 55.59 -24.38
O3 MAN N . 26.67 56.00 -23.14
O4 MAN N . 26.81 54.28 -20.91
O5 MAN N . 24.32 52.55 -22.95
O6 MAN N . 23.60 52.72 -20.42
C1 MAN N . 23.00 55.36 -24.43
C2 MAN N . 22.49 55.58 -25.90
C3 MAN N . 22.17 57.07 -26.19
C4 MAN N . 21.41 57.73 -25.03
C5 MAN N . 22.24 57.58 -23.76
C6 MAN N . 21.64 58.28 -22.56
O2 MAN N . 21.29 54.86 -26.17
O3 MAN N . 21.44 57.22 -27.40
O4 MAN N . 21.19 59.11 -25.30
O5 MAN N . 22.32 56.16 -23.46
O6 MAN N . 22.69 58.98 -21.88
C1 MAN N . 25.44 51.17 -31.30
C2 MAN N . 26.84 50.65 -31.72
C3 MAN N . 27.94 51.38 -30.93
C4 MAN N . 27.78 52.91 -31.06
C5 MAN N . 26.38 53.33 -30.60
C6 MAN N . 26.09 54.81 -30.78
O2 MAN N . 27.14 50.92 -33.08
O3 MAN N . 29.23 50.98 -31.34
O4 MAN N . 28.76 53.56 -30.26
O5 MAN N . 25.37 52.59 -31.36
O6 MAN N . 24.71 55.03 -30.52
C1 MAN N . 26.38 50.07 -33.97
C2 MAN N . 26.92 48.61 -33.90
C3 MAN N . 28.32 48.54 -34.56
C4 MAN N . 28.38 49.25 -35.94
C5 MAN N . 27.80 50.67 -35.82
C6 MAN N . 27.71 51.38 -37.16
O2 MAN N . 26.10 47.72 -34.66
O3 MAN N . 28.77 47.18 -34.68
O4 MAN N . 29.71 49.31 -36.39
O5 MAN N . 26.46 50.60 -35.27
O6 MAN N . 27.24 52.69 -36.93
C1 NAG O . 5.69 20.45 -34.11
C2 NAG O . 5.34 21.88 -34.57
C3 NAG O . 3.89 21.96 -35.06
C4 NAG O . 3.56 20.85 -36.04
C5 NAG O . 3.94 19.51 -35.45
C6 NAG O . 3.74 18.34 -36.38
C7 NAG O . 6.73 23.38 -33.19
C8 NAG O . 6.74 24.34 -32.04
N2 NAG O . 5.55 22.82 -33.47
O3 NAG O . 3.68 23.23 -35.66
O4 NAG O . 2.15 20.89 -36.30
O5 NAG O . 5.34 19.52 -35.13
O6 NAG O . 3.11 17.24 -35.72
O7 NAG O . 7.75 23.11 -33.82
C1 NAG O . 1.81 21.12 -37.70
C2 NAG O . 0.31 21.40 -37.77
C3 NAG O . -0.12 21.61 -39.22
C4 NAG O . 0.77 22.64 -39.93
C5 NAG O . 2.26 22.37 -39.69
C6 NAG O . 3.15 23.48 -40.20
C7 NAG O . -1.10 20.45 -36.00
C8 NAG O . -1.82 19.23 -35.52
N2 NAG O . -0.45 20.32 -37.16
O3 NAG O . -1.47 22.05 -39.25
O4 NAG O . 0.53 22.53 -41.33
O5 NAG O . 2.53 22.22 -38.28
O6 NAG O . 2.60 24.76 -39.93
O7 NAG O . -1.09 21.49 -35.37
C1 NAG P . 8.50 37.92 -17.68
C2 NAG P . 8.41 38.16 -16.16
C3 NAG P . 8.02 39.61 -15.84
C4 NAG P . 8.89 40.61 -16.61
C5 NAG P . 8.84 40.27 -18.10
C6 NAG P . 9.72 41.15 -18.95
C7 NAG P . 7.44 36.87 -14.28
C8 NAG P . 6.36 35.92 -13.87
N2 NAG P . 7.44 37.24 -15.57
O3 NAG P . 8.15 39.86 -14.45
O4 NAG P . 8.41 41.92 -16.36
O5 NAG P . 9.32 38.93 -18.27
O6 NAG P . 11.06 40.67 -18.97
O7 NAG P . 8.27 37.30 -13.49
C1 NAG P . 9.45 42.73 -15.73
C2 NAG P . 8.90 44.16 -15.53
C3 NAG P . 9.97 45.06 -14.91
C4 NAG P . 10.54 44.43 -13.65
C5 NAG P . 10.99 42.99 -13.91
C6 NAG P . 11.45 42.27 -12.65
C7 NAG P . 8.97 44.96 -17.91
C8 NAG P . 8.11 45.55 -19.00
N2 NAG P . 8.33 44.72 -16.75
O3 NAG P . 9.39 46.32 -14.63
O4 NAG P . 11.67 45.16 -13.18
O5 NAG P . 9.91 42.21 -14.46
O6 NAG P . 12.62 42.87 -12.12
O7 NAG P . 10.16 44.73 -18.09
C1 BMA P . 11.47 46.14 -12.11
C2 BMA P . 10.18 45.94 -11.22
C3 BMA P . 10.11 47.07 -10.23
C4 BMA P . 11.39 47.10 -9.35
C5 BMA P . 12.65 47.20 -10.24
C6 BMA P . 13.93 47.08 -9.46
O2 BMA P . 10.27 44.77 -10.42
O3 BMA P . 8.94 46.95 -9.43
O4 BMA P . 11.39 48.18 -8.43
O5 BMA P . 12.63 46.15 -11.24
O6 BMA P . 14.99 47.60 -10.24
C1 NAG Q . 29.44 -25.31 -15.83
C2 NAG Q . 30.86 -25.48 -16.39
C3 NAG Q . 31.63 -24.15 -16.34
C4 NAG Q . 30.81 -23.01 -16.93
C5 NAG Q . 29.42 -22.98 -16.30
C6 NAG Q . 28.51 -21.96 -16.93
C7 NAG Q . 31.53 -27.80 -15.93
C8 NAG Q . 32.35 -28.71 -15.06
N2 NAG Q . 31.58 -26.49 -15.64
O3 NAG Q . 32.84 -24.33 -17.06
O4 NAG Q . 31.43 -21.76 -16.63
O5 NAG Q . 28.79 -24.25 -16.49
O6 NAG Q . 27.34 -21.76 -16.15
O7 NAG Q . 30.85 -28.23 -16.85
C1 NAG Q . 32.16 -21.24 -17.75
C2 NAG Q . 32.06 -19.71 -17.78
C3 NAG Q . 32.93 -19.15 -18.90
C4 NAG Q . 34.36 -19.65 -18.81
C5 NAG Q . 34.37 -21.18 -18.72
C6 NAG Q . 35.75 -21.74 -18.45
C7 NAG Q . 29.96 -18.75 -16.95
C8 NAG Q . 28.56 -18.32 -17.30
N2 NAG Q . 30.68 -19.27 -17.95
O3 NAG Q . 32.89 -17.72 -18.84
O4 NAG Q . 35.09 -19.28 -19.97
O5 NAG Q . 33.53 -21.62 -17.63
O6 NAG Q . 35.67 -22.99 -17.79
O7 NAG Q . 30.41 -18.61 -15.82
C1 BMA Q . 36.01 -18.20 -19.77
C2 BMA Q . 36.78 -18.04 -21.08
C3 BMA Q . 37.53 -16.69 -21.17
C4 BMA Q . 36.68 -15.51 -20.69
C5 BMA Q . 36.08 -15.81 -19.31
C6 BMA Q . 35.13 -14.74 -18.84
O2 BMA Q . 35.87 -18.07 -22.17
O3 BMA Q . 37.95 -16.40 -22.52
O4 BMA Q . 37.45 -14.33 -20.63
O5 BMA Q . 35.31 -17.01 -19.41
O6 BMA Q . 35.88 -13.77 -18.17
C1 MAN Q . 39.09 -17.17 -22.96
C2 MAN Q . 39.95 -16.24 -23.81
C3 MAN Q . 39.07 -15.79 -24.99
C4 MAN Q . 38.59 -16.99 -25.81
C5 MAN Q . 37.83 -17.95 -24.87
C6 MAN Q . 37.42 -19.25 -25.53
O2 MAN Q . 41.05 -16.98 -24.38
O3 MAN Q . 39.68 -14.82 -25.85
O4 MAN Q . 37.72 -16.55 -26.84
O5 MAN Q . 38.68 -18.28 -23.73
O6 MAN Q . 36.57 -19.95 -24.63
C1 MAN Q . 42.27 -16.19 -24.40
C2 MAN Q . 42.95 -16.46 -25.78
C3 MAN Q . 43.57 -17.84 -25.76
C4 MAN Q . 44.61 -17.89 -24.64
C5 MAN Q . 43.89 -17.73 -23.29
C6 MAN Q . 44.85 -17.70 -22.13
O2 MAN Q . 44.07 -15.60 -25.96
O3 MAN Q . 44.14 -18.19 -27.00
O4 MAN Q . 45.33 -19.11 -24.67
O5 MAN Q . 43.13 -16.48 -23.28
O6 MAN Q . 45.98 -16.93 -22.52
C1 NAG R . 24.14 -41.22 -4.65
C2 NAG R . 25.44 -40.54 -5.07
C3 NAG R . 25.99 -41.18 -6.35
C4 NAG R . 26.06 -42.70 -6.23
C5 NAG R . 24.74 -43.27 -5.72
C6 NAG R . 24.80 -44.74 -5.40
C7 NAG R . 25.86 -38.17 -4.57
C8 NAG R . 25.52 -36.76 -4.92
N2 NAG R . 25.23 -39.12 -5.27
O3 NAG R . 27.28 -40.65 -6.61
O4 NAG R . 26.31 -43.25 -7.52
O5 NAG R . 24.36 -42.61 -4.50
O6 NAG R . 23.64 -45.19 -4.73
O7 NAG R . 26.67 -38.45 -3.70
C1 NAG R . 27.63 -43.84 -7.55
C2 NAG R . 27.65 -44.79 -8.74
C3 NAG R . 29.03 -45.45 -8.84
C4 NAG R . 30.13 -44.39 -8.88
C5 NAG R . 29.97 -43.40 -7.73
C6 NAG R . 30.93 -42.24 -7.81
C7 NAG R . 25.70 -46.04 -9.56
C8 NAG R . 24.71 -47.12 -9.27
N2 NAG R . 26.61 -45.81 -8.61
O3 NAG R . 29.05 -46.24 -10.02
O4 NAG R . 31.39 -45.00 -8.72
O5 NAG R . 28.64 -42.85 -7.72
O6 NAG R . 32.25 -42.64 -7.46
O7 NAG R . 25.68 -45.39 -10.60
C1 BMA R . 32.10 -45.12 -9.97
C2 BMA R . 33.60 -45.03 -9.65
C3 BMA R . 34.45 -45.60 -10.79
C4 BMA R . 33.91 -46.95 -11.30
C5 BMA R . 32.47 -46.73 -11.74
C6 BMA R . 31.84 -47.97 -12.31
O2 BMA R . 33.91 -45.79 -8.50
O3 BMA R . 35.81 -45.71 -10.40
O4 BMA R . 34.65 -47.45 -12.39
O5 BMA R . 31.73 -46.35 -10.58
O6 BMA R . 32.40 -49.07 -11.63
C1 MAN R . 36.63 -45.07 -11.39
C2 MAN R . 38.13 -45.36 -11.02
C3 MAN R . 38.62 -44.42 -9.92
C4 MAN R . 38.33 -42.96 -10.26
C5 MAN R . 36.83 -42.77 -10.45
C6 MAN R . 36.47 -41.37 -10.88
O2 MAN R . 38.99 -45.12 -12.13
O3 MAN R . 40.01 -44.60 -9.69
O4 MAN R . 38.79 -42.13 -9.22
O5 MAN R . 36.35 -43.66 -11.48
O6 MAN R . 35.52 -41.46 -11.94
C1 MAN R . 39.29 -46.36 -12.79
C2 MAN R . 40.61 -46.17 -13.52
C3 MAN R . 40.37 -45.06 -14.55
C4 MAN R . 39.30 -45.49 -15.56
C5 MAN R . 38.01 -45.77 -14.80
C6 MAN R . 36.93 -46.35 -15.68
O2 MAN R . 40.92 -47.37 -14.26
O3 MAN R . 41.54 -44.61 -15.19
O4 MAN R . 39.09 -44.44 -16.49
O5 MAN R . 38.29 -46.72 -13.72
O6 MAN R . 35.68 -46.09 -15.06
C1 MAN R . 42.33 -47.66 -14.38
C2 MAN R . 42.43 -49.04 -15.09
C3 MAN R . 42.04 -50.12 -14.11
C4 MAN R . 43.01 -50.12 -12.94
C5 MAN R . 42.88 -48.78 -12.19
C6 MAN R . 43.92 -48.60 -11.12
O2 MAN R . 43.78 -49.34 -15.45
O3 MAN R . 42.01 -51.41 -14.73
O4 MAN R . 42.70 -51.18 -12.06
O5 MAN R . 43.04 -47.65 -13.12
O6 MAN R . 44.39 -47.26 -11.20
C1 MAN R . 31.61 -50.25 -11.88
C2 MAN R . 31.86 -51.21 -10.71
C3 MAN R . 33.33 -51.62 -10.71
C4 MAN R . 33.71 -52.26 -12.09
C5 MAN R . 33.39 -51.24 -13.21
C6 MAN R . 33.60 -51.80 -14.59
O2 MAN R . 31.12 -52.42 -10.88
O3 MAN R . 33.63 -52.50 -9.61
O4 MAN R . 35.09 -52.60 -12.16
O5 MAN R . 32.00 -50.84 -13.10
O6 MAN R . 32.78 -52.96 -14.67
C1 MAN R . 33.14 -53.76 -15.82
C2 MAN R . 31.98 -54.77 -16.02
C3 MAN R . 31.99 -55.80 -14.89
C4 MAN R . 33.37 -56.47 -14.75
C5 MAN R . 34.45 -55.40 -14.54
C6 MAN R . 35.86 -55.95 -14.51
O2 MAN R . 32.14 -55.53 -17.21
O3 MAN R . 30.98 -56.78 -15.07
O4 MAN R . 33.36 -57.35 -13.64
O5 MAN R . 34.38 -54.41 -15.61
O6 MAN R . 36.78 -54.85 -14.57
C1 MAN R . 31.82 -54.74 -18.37
C2 MAN R . 30.27 -54.55 -18.46
C3 MAN R . 29.57 -55.88 -18.78
C4 MAN R . 30.26 -56.64 -19.96
C5 MAN R . 31.78 -56.74 -19.73
C6 MAN R . 32.51 -57.34 -20.91
O2 MAN R . 29.92 -53.66 -19.52
O3 MAN R . 28.19 -55.69 -19.06
O4 MAN R . 29.72 -57.95 -20.06
O5 MAN R . 32.31 -55.40 -19.52
O6 MAN R . 33.89 -57.45 -20.55
C1 MAN R . 34.85 -52.05 -8.95
C2 MAN R . 35.72 -53.36 -8.63
C3 MAN R . 35.37 -53.96 -7.25
C4 MAN R . 35.19 -52.90 -6.17
C5 MAN R . 34.12 -51.89 -6.61
C6 MAN R . 33.89 -50.82 -5.57
O2 MAN R . 37.20 -53.21 -8.64
O3 MAN R . 36.36 -54.89 -6.85
O4 MAN R . 34.77 -53.52 -4.96
O5 MAN R . 34.58 -51.23 -7.81
O6 MAN R . 35.04 -49.99 -5.52
C1 NAG S . 16.33 -23.64 -28.05
C2 NAG S . 17.76 -24.13 -28.32
C3 NAG S . 18.57 -23.08 -29.11
C4 NAG S . 17.80 -22.56 -30.32
C5 NAG S . 16.42 -22.09 -29.89
C6 NAG S . 15.55 -21.61 -31.02
C7 NAG S . 18.34 -25.61 -26.45
C8 NAG S . 19.12 -25.74 -25.17
N2 NAG S . 18.43 -24.43 -27.08
O3 NAG S . 19.79 -23.67 -29.53
O4 NAG S . 18.54 -21.47 -30.87
O5 NAG S . 15.73 -23.19 -29.27
O6 NAG S . 14.85 -20.43 -30.67
O7 NAG S . 17.65 -26.53 -26.88
C1 NAG S . 18.95 -21.70 -32.25
C2 NAG S . 19.92 -20.57 -32.64
C3 NAG S . 20.34 -20.73 -34.10
C4 NAG S . 20.85 -22.15 -34.40
C5 NAG S . 19.91 -23.23 -33.83
C6 NAG S . 20.48 -24.62 -33.91
C7 NAG S . 19.66 -18.46 -31.44
C8 NAG S . 18.93 -17.15 -31.36
N2 NAG S . 19.30 -19.28 -32.43
O3 NAG S . 21.35 -19.79 -34.40
O4 NAG S . 20.90 -22.33 -35.80
O5 NAG S . 19.60 -22.97 -32.45
O6 NAG S . 21.84 -24.65 -33.52
O7 NAG S . 20.55 -18.75 -30.64
C1 NAG T . 29.48 -29.66 -8.74
C2 NAG T . 29.64 -29.30 -7.25
C3 NAG T . 31.07 -29.57 -6.76
C4 NAG T . 31.54 -30.96 -7.15
C5 NAG T . 31.37 -31.15 -8.66
C6 NAG T . 31.74 -32.53 -9.15
C7 NAG T . 28.86 -27.41 -5.87
C8 NAG T . 28.55 -25.95 -5.84
N2 NAG T . 29.28 -27.90 -7.03
O3 NAG T . 31.12 -29.44 -5.34
O4 NAG T . 32.92 -31.08 -6.78
O5 NAG T . 29.98 -30.97 -8.97
O6 NAG T . 30.67 -33.45 -8.94
O7 NAG T . 28.74 -28.12 -4.87
C1 NAG T . 33.08 -32.17 -5.82
C2 NAG T . 34.58 -32.33 -5.51
C3 NAG T . 34.81 -33.49 -4.54
C4 NAG T . 33.94 -33.33 -3.30
C5 NAG T . 32.47 -33.10 -3.70
C6 NAG T . 31.57 -32.82 -2.51
C7 NAG T . 35.34 -33.43 -7.65
C8 NAG T . 36.30 -33.29 -8.79
N2 NAG T . 35.39 -32.46 -6.72
O3 NAG T . 36.18 -33.52 -4.17
O4 NAG T . 33.99 -34.49 -2.47
O5 NAG T . 32.35 -31.98 -4.59
O6 NAG T . 31.49 -33.94 -1.64
O7 NAG T . 34.53 -34.37 -7.59
C1 NAG U . -35.98 -17.24 -12.99
C2 NAG U . -36.80 -18.51 -13.25
C3 NAG U . -36.01 -19.75 -12.81
C4 NAG U . -34.57 -19.74 -13.34
C5 NAG U . -33.91 -18.40 -13.05
C6 NAG U . -32.54 -18.26 -13.68
C7 NAG U . -39.15 -17.89 -13.07
C8 NAG U . -40.38 -17.92 -12.22
N2 NAG U . -38.07 -18.46 -12.56
O3 NAG U . -36.69 -20.90 -13.28
O4 NAG U . -33.81 -20.74 -12.66
O5 NAG U . -34.71 -17.35 -13.59
O6 NAG U . -31.86 -17.13 -13.18
O7 NAG U . -39.15 -17.34 -14.17
C1 NAG U . -33.57 -21.87 -13.49
C2 NAG U . -32.20 -22.45 -13.17
C3 NAG U . -31.96 -23.72 -13.99
C4 NAG U . -33.11 -24.71 -13.84
C5 NAG U . -34.45 -24.02 -14.12
C6 NAG U . -35.63 -24.91 -13.82
C7 NAG U . -30.46 -20.89 -12.44
C8 NAG U . -29.39 -19.93 -12.87
N2 NAG U . -31.14 -21.49 -13.42
O3 NAG U . -30.74 -24.32 -13.56
O4 NAG U . -32.97 -25.74 -14.82
O5 NAG U . -34.58 -22.86 -13.28
O6 NAG U . -36.71 -24.16 -13.28
O7 NAG U . -30.67 -21.13 -11.25
C1 BMA U . -32.53 -26.99 -14.25
C2 BMA U . -32.77 -28.06 -15.33
C3 BMA U . -32.02 -29.38 -15.03
C4 BMA U . -30.57 -29.13 -14.55
C5 BMA U . -30.56 -28.11 -13.41
C6 BMA U . -29.16 -27.77 -12.95
O2 BMA U . -32.27 -27.61 -16.59
O3 BMA U . -31.98 -30.22 -16.19
O4 BMA U . -29.99 -30.35 -14.12
O5 BMA U . -31.16 -26.90 -13.88
O6 BMA U . -28.78 -28.75 -12.03
C1 MAN U . -33.19 -30.97 -16.40
C2 MAN U . -32.78 -32.33 -16.96
C3 MAN U . -32.02 -32.08 -18.27
C4 MAN U . -32.91 -31.32 -19.28
C5 MAN U . -33.39 -30.01 -18.61
C6 MAN U . -34.40 -29.24 -19.46
O2 MAN U . -33.94 -33.10 -17.30
O3 MAN U . -31.49 -33.25 -18.89
O4 MAN U . -32.17 -31.02 -20.44
O5 MAN U . -34.02 -30.33 -17.34
O6 MAN U . -34.57 -27.96 -18.87
C1 MAN U . -33.78 -34.49 -16.91
C2 MAN U . -34.70 -35.35 -17.82
C3 MAN U . -36.15 -35.22 -17.37
C4 MAN U . -36.26 -35.61 -15.88
C5 MAN U . -35.43 -34.62 -15.07
C6 MAN U . -35.44 -34.93 -13.59
O2 MAN U . -34.41 -36.73 -17.70
O3 MAN U . -37.03 -36.01 -18.17
O4 MAN U . -37.62 -35.57 -15.45
O5 MAN U . -34.05 -34.68 -15.51
O6 MAN U . -34.98 -36.26 -13.42
C1 NAG V . -47.54 -2.33 -6.09
C2 NAG V . -47.58 -3.85 -6.11
C3 NAG V . -48.35 -4.35 -7.32
C4 NAG V . -49.71 -3.67 -7.45
C5 NAG V . -49.58 -2.15 -7.34
C6 NAG V . -50.91 -1.44 -7.26
C7 NAG V . -45.80 -5.24 -5.16
C8 NAG V . -44.38 -5.70 -5.30
N2 NAG V . -46.23 -4.39 -6.10
O3 NAG V . -48.52 -5.76 -7.20
O4 NAG V . -50.25 -3.97 -8.73
O5 NAG V . -48.87 -1.82 -6.14
O6 NAG V . -50.75 -0.05 -7.00
O7 NAG V . -46.51 -5.61 -4.23
C1 NAG V . -51.41 -4.81 -8.59
C2 NAG V . -52.20 -4.71 -9.89
C3 NAG V . -53.44 -5.59 -9.82
C4 NAG V . -53.07 -7.03 -9.43
C5 NAG V . -52.19 -7.04 -8.18
C6 NAG V . -51.65 -8.41 -7.84
C7 NAG V . -52.32 -2.74 -11.33
C8 NAG V . -52.78 -1.31 -11.45
N2 NAG V . -52.56 -3.34 -10.17
O3 NAG V . -54.08 -5.56 -11.08
O4 NAG V . -54.24 -7.76 -9.11
O5 NAG V . -51.05 -6.19 -8.36
O6 NAG V . -52.66 -9.23 -7.26
O7 NAG V . -51.76 -3.32 -12.25
C1 BMA V . -54.63 -8.64 -10.19
C2 BMA V . -55.31 -9.87 -9.54
C3 BMA V . -56.18 -10.62 -10.56
C4 BMA V . -57.06 -9.66 -11.38
C5 BMA V . -56.14 -8.68 -12.07
C6 BMA V . -56.88 -7.71 -12.97
O2 BMA V . -56.16 -9.46 -8.50
O3 BMA V . -56.97 -11.60 -9.90
O4 BMA V . -57.82 -10.34 -12.36
O5 BMA V . -55.48 -7.91 -11.06
O6 BMA V . -58.15 -7.50 -12.39
C1 MAN V . -56.78 -12.87 -10.56
C2 MAN V . -57.80 -13.88 -9.91
C3 MAN V . -57.27 -14.42 -8.59
C4 MAN V . -55.85 -14.96 -8.73
C5 MAN V . -54.93 -13.85 -9.22
C6 MAN V . -53.51 -14.33 -9.48
O2 MAN V . -57.97 -15.03 -10.75
O3 MAN V . -58.12 -15.42 -8.08
O4 MAN V . -55.39 -15.44 -7.48
O5 MAN V . -55.42 -13.33 -10.48
O6 MAN V . -53.03 -13.67 -10.65
C1 MAN V . -59.17 -14.90 -11.53
C2 MAN V . -59.63 -16.30 -11.90
C3 MAN V . -58.50 -16.91 -12.73
C4 MAN V . -58.30 -16.10 -14.03
C5 MAN V . -57.94 -14.67 -13.65
C6 MAN V . -57.88 -13.73 -14.84
O2 MAN V . -60.78 -16.21 -12.75
O3 MAN V . -58.66 -18.29 -13.00
O4 MAN V . -57.24 -16.66 -14.78
O5 MAN V . -58.95 -14.14 -12.71
O6 MAN V . -57.12 -12.60 -14.46
C1 MAN V . -61.72 -17.29 -12.62
C2 MAN V . -62.95 -16.92 -13.51
C3 MAN V . -63.74 -15.83 -12.83
C4 MAN V . -64.26 -16.33 -11.50
C5 MAN V . -63.07 -16.64 -10.58
C6 MAN V . -63.47 -17.33 -9.29
O2 MAN V . -63.86 -18.01 -13.62
O3 MAN V . -64.81 -15.37 -13.63
O4 MAN V . -65.07 -15.35 -10.88
O5 MAN V . -62.11 -17.55 -11.25
O6 MAN V . -62.54 -18.39 -9.07
C1 MAN V . -58.77 -6.35 -12.99
C2 MAN V . -59.77 -5.80 -11.97
C3 MAN V . -60.86 -6.85 -11.74
C4 MAN V . -61.53 -7.23 -13.10
C5 MAN V . -60.44 -7.74 -14.07
C6 MAN V . -60.96 -8.02 -15.45
O2 MAN V . -60.44 -4.66 -12.49
O3 MAN V . -61.82 -6.40 -10.77
O4 MAN V . -62.52 -8.24 -12.94
O5 MAN V . -59.41 -6.72 -14.20
O6 MAN V . -61.61 -6.83 -15.88
C1 MAN V . -62.04 -7.46 -9.80
C2 MAN V . -63.63 -7.51 -9.51
C3 MAN V . -64.04 -6.59 -8.35
C4 MAN V . -63.05 -6.64 -7.17
C5 MAN V . -61.65 -6.29 -7.67
C6 MAN V . -60.64 -6.32 -6.54
O2 MAN V . -64.22 -8.84 -9.21
O3 MAN V . -65.35 -6.92 -7.88
O4 MAN V . -63.44 -5.68 -6.20
O5 MAN V . -61.24 -7.30 -8.62
O6 MAN V . -60.51 -7.66 -6.08
C1 MAN V . -63.31 -9.96 -9.21
C2 MAN V . -63.52 -10.80 -10.54
C3 MAN V . -64.65 -11.84 -10.40
C4 MAN V . -64.59 -12.59 -9.06
C5 MAN V . -64.67 -11.56 -7.94
C6 MAN V . -64.72 -12.19 -6.55
O2 MAN V . -62.34 -11.52 -10.89
O3 MAN V . -64.64 -12.78 -11.47
O4 MAN V . -65.67 -13.49 -8.95
O5 MAN V . -63.48 -10.74 -8.00
O6 MAN V . -65.60 -11.42 -5.74
C1 MAN V . -62.44 -7.10 -17.03
C2 MAN V . -62.80 -5.71 -17.63
C3 MAN V . -63.79 -4.99 -16.70
C4 MAN V . -65.02 -5.87 -16.39
C5 MAN V . -64.55 -7.21 -15.78
C6 MAN V . -65.68 -8.20 -15.53
O2 MAN V . -63.49 -5.83 -18.87
O3 MAN V . -64.21 -3.75 -17.26
O4 MAN V . -65.86 -5.22 -15.47
O5 MAN V . -63.60 -7.85 -16.68
O6 MAN V . -65.10 -9.46 -15.21
C1 MAN V . -62.58 -6.22 -19.92
C2 MAN V . -61.64 -5.04 -20.29
C3 MAN V . -62.43 -3.92 -20.99
C4 MAN V . -63.33 -4.46 -22.13
C5 MAN V . -64.19 -5.63 -21.62
C6 MAN V . -64.99 -6.28 -22.71
O2 MAN V . -60.63 -5.43 -21.22
O3 MAN V . -61.57 -2.90 -21.49
O4 MAN V . -64.18 -3.43 -22.61
O5 MAN V . -63.33 -6.64 -21.04
O6 MAN V . -65.86 -7.25 -22.11
C1 NAG W . -27.48 -10.38 -27.36
C2 NAG W . -28.60 -11.44 -27.41
C3 NAG W . -28.04 -12.81 -27.82
C4 NAG W . -27.15 -12.73 -29.05
C5 NAG W . -26.08 -11.66 -28.83
C6 NAG W . -25.19 -11.43 -30.04
C7 NAG W . -30.26 -10.73 -25.74
C8 NAG W . -30.81 -10.99 -24.37
N2 NAG W . -29.26 -11.54 -26.12
O3 NAG W . -29.13 -13.70 -28.06
O4 NAG W . -26.54 -14.00 -29.24
O5 NAG W . -26.73 -10.41 -28.58
O6 NAG W . -23.83 -11.27 -29.64
O7 NAG W . -30.69 -9.84 -26.45
C1 NAG W . -26.86 -14.61 -30.54
C2 NAG W . -26.33 -16.04 -30.53
C3 NAG W . -26.58 -16.69 -31.89
C4 NAG W . -28.05 -16.56 -32.32
C5 NAG W . -28.55 -15.12 -32.16
C6 NAG W . -30.04 -14.98 -32.36
C7 NAG W . -24.46 -16.49 -29.02
C8 NAG W . -22.97 -16.47 -28.85
N2 NAG W . -24.91 -16.07 -30.20
O3 NAG W . -26.22 -18.07 -31.82
O4 NAG W . -28.15 -16.89 -33.70
O5 NAG W . -28.27 -14.62 -30.83
O6 NAG W . -30.76 -16.05 -31.78
O7 NAG W . -25.20 -16.89 -28.13
C1 NAG X . -40.11 -13.30 -6.95
C2 NAG X . -39.95 -13.23 -5.42
C3 NAG X . -40.90 -14.21 -4.72
C4 NAG X . -42.33 -14.12 -5.25
C5 NAG X . -42.33 -14.21 -6.77
C6 NAG X . -43.68 -14.00 -7.41
C7 NAG X . -38.02 -13.08 -3.90
C8 NAG X . -36.59 -13.48 -3.68
N2 NAG X . -38.58 -13.51 -5.04
O3 NAG X . -40.91 -13.96 -3.32
O4 NAG X . -43.09 -15.17 -4.68
O5 NAG X . -41.48 -13.17 -7.30
O6 NAG X . -43.97 -12.61 -7.56
O7 NAG X . -38.65 -12.42 -3.08
C1 NAG X . -44.21 -14.67 -3.91
C2 NAG X . -44.93 -15.88 -3.26
C3 NAG X . -46.14 -15.41 -2.43
C4 NAG X . -45.73 -14.30 -1.46
C5 NAG X . -44.98 -13.19 -2.18
C6 NAG X . -44.45 -12.12 -1.24
C7 NAG X . -46.12 -16.80 -5.27
C8 NAG X . -46.30 -18.05 -6.08
N2 NAG X . -45.29 -16.92 -4.21
O3 NAG X . -46.69 -16.50 -1.73
O4 NAG X . -46.88 -13.73 -0.85
O5 NAG X . -43.84 -13.72 -2.88
O6 NAG X . -45.52 -11.39 -0.65
O7 NAG X . -46.70 -15.75 -5.56
C1 NAG Y . 10.29 29.47 -43.27
C2 NAG Y . 8.89 28.89 -43.05
C3 NAG Y . 8.11 28.98 -44.37
C4 NAG Y . 8.13 30.40 -44.92
C5 NAG Y . 9.55 31.00 -44.93
C6 NAG Y . 9.55 32.47 -45.26
C7 NAG Y . 8.23 27.12 -41.50
C8 NAG Y . 8.39 25.68 -41.12
N2 NAG Y . 8.93 27.53 -42.55
O3 NAG Y . 6.76 28.56 -44.14
O4 NAG Y . 7.55 30.47 -46.23
O5 NAG Y . 10.18 30.85 -43.65
O6 NAG Y . 8.63 33.19 -44.43
O7 NAG Y . 7.50 27.89 -40.87
C1 NAG Z . 22.98 -33.76 -34.21
C2 NAG Z . 23.18 -32.29 -34.66
C3 NAG Z . 23.34 -32.23 -36.19
C4 NAG Z . 24.45 -33.18 -36.65
C5 NAG Z . 24.16 -34.60 -36.14
C6 NAG Z . 25.23 -35.59 -36.48
C7 NAG Z . 22.19 -30.17 -33.91
C8 NAG Z . 20.94 -29.47 -33.49
N2 NAG Z . 22.07 -31.47 -34.24
O3 NAG Z . 23.66 -30.90 -36.59
O4 NAG Z . 24.70 -33.14 -38.05
O5 NAG Z . 24.06 -34.57 -34.71
O6 NAG Z . 26.21 -35.66 -35.46
O7 NAG Z . 23.28 -29.60 -33.96
C1 NAG AA . -39.34 -12.85 -33.50
C2 NAG AA . -38.15 -13.81 -33.68
C3 NAG AA . -38.12 -14.37 -35.11
C4 NAG AA . -39.47 -15.00 -35.44
C5 NAG AA . -40.59 -13.97 -35.26
C6 NAG AA . -41.96 -14.54 -35.50
C7 NAG AA . -36.20 -13.38 -32.24
C8 NAG AA . -34.92 -12.62 -32.09
N2 NAG AA . -36.89 -13.16 -33.37
O3 NAG AA . -37.09 -15.34 -35.23
O4 NAG AA . -39.51 -15.67 -36.70
O5 NAG AA . -40.57 -13.50 -33.90
O6 NAG AA . -42.50 -15.13 -34.33
O7 NAG AA . -36.60 -14.17 -31.39
#